data_3HT4
#
_entry.id   3HT4
#
_cell.length_a   91.406
_cell.length_b   144.993
_cell.length_c   131.973
_cell.angle_alpha   90.00
_cell.angle_beta   106.24
_cell.angle_gamma   90.00
#
_symmetry.space_group_name_H-M   'P 1 21 1'
#
loop_
_entity.id
_entity.type
_entity.pdbx_description
1 polymer 'Aluminum resistance protein'
2 water water
#
_entity_poly.entity_id   1
_entity_poly.type   'polypeptide(L)'
_entity_poly.pdbx_seq_one_letter_code
;(MSE)FDRLKNGEKIAPIVKEVESQITEVHKRADEVIESNQFRVLESFGKHKISDSHFIPTTGYGYDDIGRDTLEKVYAD
VFGAEAGLVRPQIISGTHAISTALFGILRPGDELLYITGKPYDTLEEIVGVRGKGVGSFKEYNIGYNAVPLTEGGLVDFE
AVAAAIHSNTK(MSE)IGIQRSKGYATRPSFTISQIKE(MSE)IAFVKEIKPDVVVFVDNCYGEFIEEQEPCHVGADL
(MSE)AGSLIKNPGGGIVKTGGYIVGKEQYVEACAYRLTSPGIGAEAGASLYSLQE(MSE)YQGFFLAPHVAGQALKGAI
FTAAFLEKLG(MSE)NTSPAWNAPRTDLIQSVQFDDKDR(MSE)IAFCQAIQYASPINSHFTPYANY(MSE)PGYEDDVI
(MSE)AAGTFIQGASIELSADGPIRPPYVAYVQGGLTYSHVKIAICSAIDELIEKNLLTISLEHHHHHH
;
_entity_poly.pdbx_strand_id   A,B,C,D,E,F,G,H
#
# COMPACT_ATOMS: atom_id res chain seq x y z
N MSE A 1 3.79 -7.38 -37.62
CA MSE A 1 3.86 -7.77 -36.18
C MSE A 1 4.36 -9.20 -36.02
O MSE A 1 5.55 -9.47 -36.18
CB MSE A 1 2.50 -7.58 -35.52
CG MSE A 1 1.37 -8.40 -36.14
SE MSE A 1 -0.07 -8.79 -34.89
CE MSE A 1 -0.70 -10.46 -35.68
N PHE A 2 3.46 -10.11 -35.65
CA PHE A 2 3.81 -11.52 -35.48
C PHE A 2 2.68 -12.45 -35.91
N ASP A 3 2.34 -12.40 -37.19
CA ASP A 3 1.24 -13.20 -37.72
C ASP A 3 1.64 -14.66 -37.83
N ARG A 4 2.74 -15.02 -37.16
CA ARG A 4 3.23 -16.39 -37.18
C ARG A 4 2.40 -17.30 -36.29
N LEU A 5 1.08 -17.18 -36.38
CA LEU A 5 0.17 -18.02 -35.61
C LEU A 5 -0.96 -18.66 -36.44
N LYS A 6 -0.91 -19.99 -36.55
CA LYS A 6 -2.06 -20.76 -37.02
C LYS A 6 -2.54 -20.33 -38.40
N ASN A 7 -3.85 -20.31 -38.60
CA ASN A 7 -4.43 -19.92 -39.87
C ASN A 7 -3.90 -18.57 -40.36
N GLY A 8 -3.41 -17.77 -39.42
CA GLY A 8 -3.15 -16.36 -39.67
C GLY A 8 -2.04 -16.11 -40.67
N GLU A 9 -2.21 -16.63 -41.88
CA GLU A 9 -1.27 -16.38 -42.96
C GLU A 9 -1.99 -15.86 -44.20
N LYS A 10 -3.21 -16.34 -44.42
CA LYS A 10 -4.17 -15.63 -45.24
C LYS A 10 -4.57 -14.33 -44.56
N ILE A 11 -4.44 -14.30 -43.24
CA ILE A 11 -4.78 -13.11 -42.46
C ILE A 11 -3.73 -12.02 -42.63
N ALA A 12 -2.46 -12.41 -42.62
CA ALA A 12 -1.36 -11.45 -42.59
C ALA A 12 -1.46 -10.38 -43.67
N PRO A 13 -1.79 -10.79 -44.91
CA PRO A 13 -1.85 -9.87 -46.04
C PRO A 13 -2.95 -8.82 -45.90
N ILE A 14 -4.01 -9.16 -45.18
CA ILE A 14 -5.17 -8.29 -45.09
C ILE A 14 -5.00 -7.20 -44.03
N VAL A 15 -4.44 -7.58 -42.88
CA VAL A 15 -4.03 -6.61 -41.87
C VAL A 15 -2.99 -5.65 -42.44
N LYS A 16 -2.02 -6.20 -43.18
CA LYS A 16 -1.00 -5.39 -43.85
C LYS A 16 -1.63 -4.41 -44.83
N GLU A 17 -2.80 -4.75 -45.35
CA GLU A 17 -3.53 -3.89 -46.28
C GLU A 17 -4.42 -2.91 -45.53
N VAL A 18 -5.02 -3.38 -44.44
CA VAL A 18 -5.85 -2.52 -43.60
C VAL A 18 -5.03 -1.39 -42.99
N GLU A 19 -3.94 -1.73 -42.32
CA GLU A 19 -3.12 -0.73 -41.65
C GLU A 19 -2.70 0.37 -42.63
N SER A 20 -2.43 -0.02 -43.87
CA SER A 20 -2.06 0.94 -44.90
C SER A 20 -3.24 1.82 -45.30
N GLN A 21 -4.44 1.32 -45.07
CA GLN A 21 -5.66 2.06 -45.41
C GLN A 21 -5.99 3.13 -44.36
N ILE A 22 -5.84 2.77 -43.09
CA ILE A 22 -6.27 3.63 -41.99
C ILE A 22 -5.11 4.47 -41.44
N THR A 23 -3.96 4.39 -42.11
CA THR A 23 -2.82 5.25 -41.81
C THR A 23 -3.24 6.70 -41.64
N GLU A 24 -4.19 7.15 -42.47
CA GLU A 24 -4.65 8.52 -42.46
C GLU A 24 -5.21 8.93 -41.09
N VAL A 25 -6.17 8.15 -40.59
CA VAL A 25 -6.83 8.48 -39.33
C VAL A 25 -5.95 8.20 -38.11
N HIS A 26 -5.07 7.21 -38.25
CA HIS A 26 -4.10 6.90 -37.20
C HIS A 26 -3.15 8.07 -36.96
N LYS A 27 -2.65 8.65 -38.04
CA LYS A 27 -1.81 9.84 -37.96
C LYS A 27 -2.49 10.92 -37.13
N ARG A 28 -3.79 11.13 -37.38
CA ARG A 28 -4.51 12.26 -36.81
C ARG A 28 -4.89 12.02 -35.35
N ALA A 29 -5.22 10.78 -35.02
CA ALA A 29 -5.41 10.38 -33.64
C ALA A 29 -4.14 10.61 -32.85
N ASP A 30 -3.01 10.19 -33.44
CA ASP A 30 -1.70 10.45 -32.85
C ASP A 30 -1.50 11.93 -32.56
N GLU A 31 -2.11 12.77 -33.40
CA GLU A 31 -1.95 14.22 -33.28
C GLU A 31 -2.68 14.80 -32.07
N VAL A 32 -3.97 14.46 -31.95
CA VAL A 32 -4.76 14.91 -30.82
C VAL A 32 -4.27 14.29 -29.52
N ILE A 33 -3.65 13.12 -29.63
CA ILE A 33 -2.91 12.54 -28.52
C ILE A 33 -1.72 13.41 -28.13
N GLU A 34 -1.03 13.96 -29.12
CA GLU A 34 -0.03 15.00 -28.87
C GLU A 34 -0.69 16.22 -28.25
N SER A 35 -1.61 16.83 -29.01
CA SER A 35 -2.35 17.98 -28.53
C SER A 35 -2.77 17.79 -27.07
N ASN A 36 -3.62 16.81 -26.83
CA ASN A 36 -4.09 16.49 -25.48
C ASN A 36 -2.95 16.23 -24.51
N GLN A 37 -1.99 15.41 -24.91
CA GLN A 37 -0.81 15.16 -24.08
C GLN A 37 -0.16 16.48 -23.66
N PHE A 38 -0.14 17.44 -24.57
CA PHE A 38 0.58 18.70 -24.34
C PHE A 38 -0.16 19.59 -23.34
N ARG A 39 -1.47 19.68 -23.46
CA ARG A 39 -2.28 20.39 -22.48
C ARG A 39 -2.07 19.84 -21.08
N VAL A 40 -1.92 18.52 -20.98
CA VAL A 40 -1.71 17.88 -19.68
C VAL A 40 -0.36 18.29 -19.09
N LEU A 41 0.66 18.36 -19.95
CA LEU A 41 1.99 18.71 -19.49
C LEU A 41 2.05 20.14 -18.95
N GLU A 42 1.46 21.07 -19.70
CA GLU A 42 1.54 22.48 -19.34
C GLU A 42 0.68 22.81 -18.11
N SER A 43 -0.40 22.06 -17.92
CA SER A 43 -1.17 22.17 -16.69
C SER A 43 -0.38 21.68 -15.49
N PHE A 44 0.31 20.57 -15.65
CA PHE A 44 1.22 20.07 -14.61
C PHE A 44 2.30 21.09 -14.27
N GLY A 45 2.78 21.80 -15.29
CA GLY A 45 3.76 22.86 -15.08
C GLY A 45 3.21 24.02 -14.28
N LYS A 46 1.98 24.43 -14.63
CA LYS A 46 1.32 25.55 -13.96
C LYS A 46 1.10 25.28 -12.48
N HIS A 47 0.88 24.02 -12.14
CA HIS A 47 0.60 23.63 -10.76
C HIS A 47 1.82 23.01 -10.09
N LYS A 48 2.97 23.12 -10.77
CA LYS A 48 4.27 22.78 -10.18
C LYS A 48 4.26 21.45 -9.44
N ILE A 49 3.48 20.50 -9.93
CA ILE A 49 3.30 19.24 -9.22
C ILE A 49 4.63 18.60 -8.88
N SER A 50 4.77 18.16 -7.63
CA SER A 50 5.94 17.40 -7.21
C SER A 50 5.50 16.05 -6.63
N ASP A 51 6.47 15.19 -6.32
CA ASP A 51 6.20 13.98 -5.56
C ASP A 51 5.73 14.31 -4.14
N SER A 52 5.94 15.56 -3.74
CA SER A 52 5.27 16.11 -2.57
C SER A 52 3.75 16.03 -2.71
N HIS A 53 3.28 15.88 -3.95
CA HIS A 53 1.86 15.78 -4.23
C HIS A 53 1.36 14.34 -4.09
N PHE A 54 2.28 13.39 -4.11
CA PHE A 54 1.91 11.99 -3.93
C PHE A 54 1.80 11.64 -2.45
N ILE A 55 1.98 12.63 -1.58
CA ILE A 55 2.07 12.37 -0.15
C ILE A 55 0.73 11.90 0.39
N PRO A 56 0.74 10.78 1.13
CA PRO A 56 -0.49 10.27 1.73
C PRO A 56 -0.96 11.16 2.89
N THR A 57 -2.28 11.37 2.96
CA THR A 57 -2.91 11.87 4.18
C THR A 57 -3.79 10.80 4.82
N THR A 58 -4.09 10.96 6.10
CA THR A 58 -4.95 10.04 6.81
C THR A 58 -5.97 10.77 7.68
N GLY A 59 -6.69 10.00 8.50
CA GLY A 59 -7.61 10.56 9.48
C GLY A 59 -8.78 11.29 8.85
N TYR A 60 -8.88 12.59 9.14
CA TYR A 60 -9.97 13.42 8.64
C TYR A 60 -9.76 13.77 7.17
N GLY A 61 -8.50 13.97 6.80
CA GLY A 61 -8.18 14.35 5.43
C GLY A 61 -8.31 15.84 5.20
N TYR A 62 -7.83 16.64 6.15
CA TYR A 62 -7.69 18.07 5.96
C TYR A 62 -6.28 18.41 5.52
N ASP A 63 -6.15 19.46 4.71
CA ASP A 63 -4.83 19.99 4.34
C ASP A 63 -4.14 19.11 3.29
N ASP A 64 -4.92 18.44 2.45
CA ASP A 64 -4.35 17.57 1.43
C ASP A 64 -4.01 18.32 0.15
N ILE A 65 -2.80 18.86 0.10
CA ILE A 65 -2.36 19.67 -1.05
C ILE A 65 -2.38 18.85 -2.33
N GLY A 66 -1.89 17.62 -2.25
CA GLY A 66 -1.89 16.72 -3.39
C GLY A 66 -3.28 16.45 -3.96
N ARG A 67 -4.26 16.33 -3.06
CA ARG A 67 -5.64 16.07 -3.46
C ARG A 67 -6.27 17.31 -4.09
N ASP A 68 -6.32 18.40 -3.34
CA ASP A 68 -6.88 19.65 -3.84
C ASP A 68 -6.34 19.98 -5.22
N THR A 69 -5.07 19.64 -5.45
CA THR A 69 -4.32 20.16 -6.59
C THR A 69 -4.53 19.31 -7.84
N LEU A 70 -4.47 18.00 -7.67
CA LEU A 70 -5.03 17.07 -8.64
C LEU A 70 -6.40 17.56 -9.09
N GLU A 71 -7.18 18.04 -8.13
CA GLU A 71 -8.53 18.52 -8.43
C GLU A 71 -8.50 19.70 -9.38
N LYS A 72 -7.70 20.72 -9.05
CA LYS A 72 -7.62 21.91 -9.89
C LYS A 72 -6.82 21.67 -11.17
N VAL A 73 -6.28 20.47 -11.32
CA VAL A 73 -5.58 20.07 -12.54
C VAL A 73 -6.52 19.38 -13.52
N TYR A 74 -7.35 18.47 -13.00
CA TYR A 74 -8.44 17.89 -13.78
C TYR A 74 -9.36 18.97 -14.32
N ALA A 75 -9.72 19.93 -13.48
CA ALA A 75 -10.54 21.06 -13.88
C ALA A 75 -9.84 21.89 -14.95
N ASP A 76 -8.54 22.13 -14.76
CA ASP A 76 -7.77 22.94 -15.68
C ASP A 76 -7.77 22.34 -17.09
N VAL A 77 -7.72 21.01 -17.17
CA VAL A 77 -7.58 20.34 -18.45
C VAL A 77 -8.95 20.05 -19.07
N PHE A 78 -9.93 19.79 -18.22
CA PHE A 78 -11.31 19.60 -18.67
C PHE A 78 -12.05 20.93 -18.82
N GLY A 79 -11.31 22.03 -18.64
CA GLY A 79 -11.81 23.35 -19.04
C GLY A 79 -12.78 23.98 -18.05
N ALA A 80 -12.76 23.49 -16.81
CA ALA A 80 -13.62 24.03 -15.77
C ALA A 80 -12.80 24.75 -14.70
N GLU A 81 -13.48 25.31 -13.70
CA GLU A 81 -12.82 26.02 -12.62
C GLU A 81 -12.56 25.12 -11.42
N ALA A 82 -13.59 24.36 -11.03
CA ALA A 82 -13.49 23.49 -9.87
C ALA A 82 -13.72 22.03 -10.27
N GLY A 83 -13.20 21.12 -9.46
CA GLY A 83 -13.37 19.70 -9.70
C GLY A 83 -13.45 18.90 -8.42
N LEU A 84 -13.82 17.63 -8.54
CA LEU A 84 -13.83 16.73 -7.41
C LEU A 84 -13.51 15.31 -7.84
N VAL A 85 -12.23 15.01 -7.96
CA VAL A 85 -11.78 13.66 -8.29
C VAL A 85 -11.07 13.02 -7.11
N ARG A 86 -11.75 12.07 -6.47
CA ARG A 86 -11.25 11.42 -5.27
C ARG A 86 -11.92 10.06 -5.07
N PRO A 87 -11.22 9.13 -4.41
CA PRO A 87 -11.67 7.75 -4.19
C PRO A 87 -13.09 7.66 -3.63
N GLN A 88 -13.51 8.69 -2.90
CA GLN A 88 -14.84 8.71 -2.28
C GLN A 88 -15.92 8.39 -3.29
N ILE A 89 -15.95 9.15 -4.39
CA ILE A 89 -16.74 8.77 -5.56
C ILE A 89 -16.27 7.43 -6.10
N ILE A 90 -17.09 6.40 -5.92
CA ILE A 90 -16.63 5.02 -6.06
C ILE A 90 -16.82 4.47 -7.48
N SER A 91 -17.18 5.36 -8.41
CA SER A 91 -17.41 4.94 -9.79
C SER A 91 -17.93 6.09 -10.65
N GLY A 92 -18.20 5.80 -11.91
CA GLY A 92 -18.79 6.78 -12.82
C GLY A 92 -20.25 7.06 -12.51
N THR A 93 -21.00 6.01 -12.20
CA THR A 93 -22.43 6.15 -11.93
C THR A 93 -22.66 6.87 -10.61
N HIS A 94 -21.72 6.75 -9.68
CA HIS A 94 -21.78 7.49 -8.43
C HIS A 94 -21.70 9.01 -8.68
N ALA A 95 -20.70 9.41 -9.46
CA ALA A 95 -20.45 10.82 -9.75
C ALA A 95 -21.70 11.49 -10.33
N ILE A 96 -22.39 10.79 -11.21
CA ILE A 96 -23.54 11.38 -11.90
C ILE A 96 -24.71 11.53 -10.94
N SER A 97 -24.98 10.49 -10.15
CA SER A 97 -25.86 10.64 -9.00
C SER A 97 -25.45 11.87 -8.20
N THR A 98 -24.36 11.74 -7.47
CA THR A 98 -23.78 12.87 -6.74
C THR A 98 -24.04 14.19 -7.44
N ALA A 99 -23.70 14.25 -8.72
CA ALA A 99 -23.87 15.47 -9.50
C ALA A 99 -25.32 15.94 -9.48
N LEU A 100 -26.23 15.03 -9.81
CA LEU A 100 -27.64 15.38 -9.95
C LEU A 100 -28.24 15.81 -8.61
N PHE A 101 -28.09 14.96 -7.61
CA PHE A 101 -28.60 15.23 -6.27
C PHE A 101 -27.94 16.46 -5.66
N GLY A 102 -26.64 16.60 -5.89
CA GLY A 102 -25.88 17.71 -5.34
C GLY A 102 -26.41 19.06 -5.79
N ILE A 103 -27.34 19.04 -6.74
CA ILE A 103 -27.82 20.28 -7.35
C ILE A 103 -29.36 20.34 -7.36
N LEU A 104 -29.99 19.17 -7.42
CA LEU A 104 -31.44 19.09 -7.55
C LEU A 104 -32.14 19.11 -6.20
N ARG A 105 -33.20 19.92 -6.09
CA ARG A 105 -33.96 20.05 -4.85
C ARG A 105 -35.45 19.86 -5.12
N PRO A 106 -36.22 19.56 -4.06
CA PRO A 106 -37.65 19.31 -4.19
C PRO A 106 -38.38 20.42 -4.92
N GLY A 107 -39.11 20.07 -5.97
CA GLY A 107 -39.82 21.05 -6.78
C GLY A 107 -39.24 21.17 -8.17
N ASP A 108 -38.03 20.68 -8.33
CA ASP A 108 -37.29 20.84 -9.58
C ASP A 108 -37.68 19.79 -10.63
N GLU A 109 -37.19 19.97 -11.85
CA GLU A 109 -37.24 18.92 -12.87
C GLU A 109 -35.89 18.79 -13.57
N LEU A 110 -35.36 17.57 -13.57
CA LEU A 110 -34.27 17.23 -14.49
C LEU A 110 -34.82 16.96 -15.88
N LEU A 111 -34.13 17.47 -16.90
CA LEU A 111 -34.55 17.29 -18.28
C LEU A 111 -33.45 16.69 -19.13
N TYR A 112 -33.56 15.40 -19.41
CA TYR A 112 -32.69 14.75 -20.39
C TYR A 112 -33.18 14.97 -21.81
N ILE A 113 -32.32 15.52 -22.66
CA ILE A 113 -32.69 15.90 -24.02
C ILE A 113 -32.00 15.01 -25.06
N THR A 114 -31.02 14.24 -24.62
CA THR A 114 -30.30 13.34 -25.51
C THR A 114 -31.03 12.01 -25.64
N GLY A 115 -32.32 12.02 -25.33
CA GLY A 115 -33.13 10.81 -25.38
C GLY A 115 -33.00 9.98 -24.12
N LYS A 116 -33.44 8.73 -24.20
CA LYS A 116 -33.42 7.83 -23.06
C LYS A 116 -32.00 7.58 -22.57
N PRO A 117 -31.72 7.89 -21.29
CA PRO A 117 -30.41 7.70 -20.70
C PRO A 117 -30.15 6.23 -20.36
N TYR A 118 -28.89 5.83 -20.38
CA TYR A 118 -28.52 4.43 -20.21
C TYR A 118 -29.23 3.81 -19.01
N ASP A 119 -29.22 2.49 -18.92
CA ASP A 119 -30.13 1.77 -18.04
C ASP A 119 -30.21 2.39 -16.64
N THR A 120 -29.05 2.64 -16.02
CA THR A 120 -28.98 2.76 -14.57
C THR A 120 -29.35 4.15 -14.04
N LEU A 121 -29.52 5.11 -14.96
CA LEU A 121 -30.13 6.39 -14.60
C LEU A 121 -31.58 6.21 -14.21
N GLU A 122 -32.21 5.17 -14.75
CA GLU A 122 -33.58 4.80 -14.38
C GLU A 122 -33.74 4.71 -12.87
N GLU A 123 -32.88 3.92 -12.23
CA GLU A 123 -32.94 3.71 -10.79
C GLU A 123 -32.72 5.01 -10.02
N ILE A 124 -31.73 5.79 -10.45
CA ILE A 124 -31.51 7.11 -9.90
C ILE A 124 -32.79 7.96 -9.96
N VAL A 125 -33.32 8.13 -11.16
CA VAL A 125 -34.52 8.95 -11.35
C VAL A 125 -35.78 8.24 -10.87
N GLY A 126 -35.61 7.02 -10.37
CA GLY A 126 -36.65 6.36 -9.58
C GLY A 126 -37.85 5.95 -10.40
N VAL A 127 -37.61 5.50 -11.62
CA VAL A 127 -38.65 4.90 -12.45
C VAL A 127 -38.38 3.41 -12.67
N ARG A 128 -37.42 2.86 -11.93
CA ARG A 128 -37.10 1.45 -12.02
C ARG A 128 -37.46 0.71 -10.73
N GLY A 129 -36.51 0.67 -9.78
CA GLY A 129 -36.82 0.29 -8.41
C GLY A 129 -37.70 1.32 -7.72
N LYS A 130 -37.67 1.35 -6.40
CA LYS A 130 -38.36 2.38 -5.63
C LYS A 130 -38.03 2.31 -4.14
N GLY A 131 -38.34 3.38 -3.42
CA GLY A 131 -38.01 3.47 -2.00
C GLY A 131 -36.52 3.42 -1.78
N VAL A 132 -35.77 3.81 -2.81
CA VAL A 132 -34.33 3.60 -2.83
C VAL A 132 -33.60 4.93 -2.68
N GLY A 133 -34.30 5.92 -2.13
CA GLY A 133 -33.81 7.29 -2.10
C GLY A 133 -33.69 7.88 -3.50
N SER A 134 -34.73 7.68 -4.30
CA SER A 134 -34.76 8.16 -5.67
C SER A 134 -35.34 9.57 -5.76
N PHE A 135 -35.44 10.09 -6.99
CA PHE A 135 -36.16 11.33 -7.23
C PHE A 135 -37.61 11.23 -6.77
N LYS A 136 -38.20 10.07 -6.99
CA LYS A 136 -39.57 9.78 -6.56
C LYS A 136 -39.87 10.35 -5.17
N GLU A 137 -39.04 9.99 -4.20
CA GLU A 137 -39.31 10.33 -2.81
C GLU A 137 -38.83 11.74 -2.44
N TYR A 138 -38.33 12.47 -3.44
CA TYR A 138 -37.80 13.81 -3.21
C TYR A 138 -38.54 14.85 -4.02
N ASN A 139 -39.54 14.41 -4.79
CA ASN A 139 -40.35 15.29 -5.62
C ASN A 139 -39.55 16.00 -6.70
N ILE A 140 -38.45 15.37 -7.13
CA ILE A 140 -37.61 15.92 -8.18
C ILE A 140 -38.01 15.40 -9.56
N GLY A 141 -38.53 16.29 -10.39
CA GLY A 141 -39.08 15.90 -11.69
C GLY A 141 -38.01 15.38 -12.63
N TYR A 142 -38.43 14.62 -13.64
CA TYR A 142 -37.52 14.11 -14.65
C TYR A 142 -38.26 13.85 -15.97
N ASN A 143 -37.58 14.13 -17.08
CA ASN A 143 -38.10 13.78 -18.40
C ASN A 143 -37.00 13.49 -19.43
N ALA A 144 -37.04 12.30 -19.99
CA ALA A 144 -36.24 11.98 -21.17
C ALA A 144 -36.94 12.44 -22.44
N VAL A 145 -36.45 13.51 -23.04
CA VAL A 145 -36.88 13.93 -24.36
C VAL A 145 -36.20 13.08 -25.44
N PRO A 146 -37.00 12.35 -26.23
CA PRO A 146 -36.45 11.45 -27.23
C PRO A 146 -35.74 12.22 -28.36
N LEU A 147 -34.86 11.54 -29.07
CA LEU A 147 -34.14 12.15 -30.19
C LEU A 147 -34.95 12.03 -31.47
N THR A 148 -34.42 12.62 -32.54
CA THR A 148 -35.00 12.43 -33.88
C THR A 148 -34.88 10.97 -34.31
N GLU A 149 -35.75 10.56 -35.23
CA GLU A 149 -35.62 9.26 -35.86
C GLU A 149 -34.24 9.10 -36.47
N GLY A 150 -33.61 10.23 -36.80
CA GLY A 150 -32.27 10.23 -37.35
C GLY A 150 -31.18 10.26 -36.30
N GLY A 151 -31.59 10.30 -35.03
CA GLY A 151 -30.65 10.30 -33.92
C GLY A 151 -30.02 11.66 -33.67
N LEU A 152 -30.75 12.72 -34.02
CA LEU A 152 -30.37 14.06 -33.60
C LEU A 152 -31.24 14.52 -32.44
N VAL A 153 -30.84 15.60 -31.79
CA VAL A 153 -31.66 16.20 -30.73
C VAL A 153 -32.88 16.92 -31.30
N ASP A 154 -34.06 16.50 -30.86
CA ASP A 154 -35.31 17.12 -31.31
C ASP A 154 -35.44 18.52 -30.72
N PHE A 155 -34.89 19.51 -31.41
CA PHE A 155 -34.74 20.85 -30.85
C PHE A 155 -36.09 21.50 -30.57
N GLU A 156 -37.08 21.19 -31.38
CA GLU A 156 -38.43 21.69 -31.17
C GLU A 156 -39.02 21.13 -29.88
N ALA A 157 -38.82 19.84 -29.66
CA ALA A 157 -39.31 19.17 -28.46
C ALA A 157 -38.59 19.70 -27.21
N VAL A 158 -37.30 19.99 -27.35
CA VAL A 158 -36.51 20.49 -26.23
C VAL A 158 -37.07 21.81 -25.70
N ALA A 159 -37.21 22.79 -26.58
CA ALA A 159 -37.84 24.05 -26.22
C ALA A 159 -39.22 23.83 -25.62
N ALA A 160 -39.97 22.91 -26.21
CA ALA A 160 -41.35 22.64 -25.79
C ALA A 160 -41.40 22.09 -24.37
N ALA A 161 -40.27 21.60 -23.88
CA ALA A 161 -40.24 20.83 -22.64
C ALA A 161 -39.52 21.57 -21.51
N ILE A 162 -38.94 22.72 -21.84
CA ILE A 162 -38.24 23.52 -20.84
C ILE A 162 -39.12 24.61 -20.24
N HIS A 163 -39.63 24.35 -19.05
CA HIS A 163 -40.32 25.39 -18.28
C HIS A 163 -39.49 25.82 -17.07
N SER A 164 -40.04 26.75 -16.28
CA SER A 164 -39.28 27.43 -15.25
C SER A 164 -38.85 26.47 -14.14
N ASN A 165 -39.49 25.31 -14.11
CA ASN A 165 -39.12 24.27 -13.15
C ASN A 165 -37.85 23.53 -13.56
N THR A 166 -37.59 23.49 -14.86
CA THR A 166 -36.38 22.86 -15.36
C THR A 166 -35.15 23.48 -14.74
N LYS A 167 -34.63 22.82 -13.71
CA LYS A 167 -33.45 23.30 -13.00
C LYS A 167 -32.18 22.79 -13.67
N MSE A 168 -32.26 21.60 -14.28
CA MSE A 168 -31.07 20.88 -14.74
C MSE A 168 -31.33 20.13 -16.04
O MSE A 168 -32.26 19.33 -16.13
CB MSE A 168 -30.59 19.93 -13.65
CG MSE A 168 -29.42 19.05 -14.05
SE MSE A 168 -28.54 18.20 -12.52
CE MSE A 168 -27.13 19.51 -12.24
N ILE A 169 -30.46 20.35 -17.03
CA ILE A 169 -30.60 19.71 -18.33
C ILE A 169 -29.58 18.58 -18.48
N GLY A 170 -30.01 17.50 -19.13
CA GLY A 170 -29.17 16.31 -19.25
C GLY A 170 -28.61 16.10 -20.65
N ILE A 171 -27.35 15.71 -20.72
CA ILE A 171 -26.69 15.43 -21.99
C ILE A 171 -25.80 14.19 -21.88
N GLN A 172 -26.20 13.11 -22.52
CA GLN A 172 -25.36 11.91 -22.56
C GLN A 172 -24.57 11.83 -23.87
N ARG A 173 -23.26 11.84 -23.74
CA ARG A 173 -22.36 12.03 -24.87
C ARG A 173 -22.20 10.73 -25.64
N SER A 174 -21.84 9.66 -24.91
CA SER A 174 -21.65 8.35 -25.50
C SER A 174 -22.99 7.64 -25.74
N LYS A 175 -23.17 7.11 -26.94
CA LYS A 175 -24.42 6.48 -27.33
C LYS A 175 -24.75 5.28 -26.44
N GLY A 176 -23.72 4.62 -25.94
CA GLY A 176 -23.89 3.34 -25.26
C GLY A 176 -24.48 2.29 -26.19
N TYR A 177 -25.48 1.58 -25.71
CA TYR A 177 -26.19 0.60 -26.52
C TYR A 177 -27.30 1.25 -27.34
N ALA A 178 -27.42 2.57 -27.23
CA ALA A 178 -28.41 3.31 -28.00
C ALA A 178 -28.09 3.29 -29.48
N THR A 179 -29.11 3.10 -30.31
CA THR A 179 -28.95 3.08 -31.76
C THR A 179 -28.87 4.51 -32.32
N ARG A 180 -27.77 5.18 -32.01
CA ARG A 180 -27.60 6.59 -32.39
C ARG A 180 -26.14 7.02 -32.23
N PRO A 181 -25.69 7.96 -33.08
CA PRO A 181 -24.32 8.47 -33.00
C PRO A 181 -23.99 9.05 -31.62
N SER A 182 -22.77 8.77 -31.15
CA SER A 182 -22.24 9.41 -29.95
C SER A 182 -21.98 10.89 -30.18
N PHE A 183 -22.78 11.74 -29.53
CA PHE A 183 -22.80 13.16 -29.86
C PHE A 183 -21.42 13.81 -29.74
N THR A 184 -21.15 14.76 -30.63
CA THR A 184 -19.83 15.39 -30.72
C THR A 184 -19.81 16.69 -29.91
N ILE A 185 -18.61 17.11 -29.52
CA ILE A 185 -18.44 18.43 -28.91
C ILE A 185 -19.16 19.50 -29.73
N SER A 186 -18.99 19.44 -31.04
CA SER A 186 -19.71 20.33 -31.94
C SER A 186 -21.22 20.22 -31.74
N GLN A 187 -21.74 19.00 -31.86
CA GLN A 187 -23.15 18.73 -31.60
C GLN A 187 -23.53 19.16 -30.19
N ILE A 188 -22.53 19.31 -29.32
CA ILE A 188 -22.79 19.63 -27.92
C ILE A 188 -22.60 21.11 -27.61
N LYS A 189 -21.83 21.80 -28.46
CA LYS A 189 -21.67 23.24 -28.33
C LYS A 189 -22.89 23.99 -28.84
N GLU A 190 -23.50 23.45 -29.89
CA GLU A 190 -24.76 23.98 -30.41
C GLU A 190 -25.91 23.57 -29.51
N MSE A 191 -25.74 22.44 -28.82
CA MSE A 191 -26.79 21.84 -28.00
C MSE A 191 -27.08 22.71 -26.78
O MSE A 191 -28.24 23.02 -26.49
CB MSE A 191 -26.34 20.45 -27.54
CG MSE A 191 -27.46 19.44 -27.39
SE MSE A 191 -26.75 17.68 -26.96
CE MSE A 191 -26.42 17.01 -28.77
N ILE A 192 -26.03 23.07 -26.05
CA ILE A 192 -26.19 23.76 -24.77
C ILE A 192 -26.45 25.24 -24.97
N ALA A 193 -25.93 25.79 -26.06
CA ALA A 193 -26.18 27.19 -26.40
C ALA A 193 -27.63 27.40 -26.81
N PHE A 194 -28.29 26.31 -27.22
CA PHE A 194 -29.71 26.37 -27.54
C PHE A 194 -30.56 26.63 -26.31
N VAL A 195 -30.53 25.68 -25.37
CA VAL A 195 -31.36 25.77 -24.16
C VAL A 195 -30.95 26.98 -23.32
N LYS A 196 -29.66 27.25 -23.28
CA LYS A 196 -29.16 28.43 -22.58
C LYS A 196 -29.94 29.67 -22.98
N GLU A 197 -30.36 29.73 -24.24
CA GLU A 197 -31.13 30.87 -24.73
C GLU A 197 -32.52 30.89 -24.12
N ILE A 198 -33.24 29.77 -24.25
CA ILE A 198 -34.60 29.66 -23.74
C ILE A 198 -34.66 29.88 -22.23
N LYS A 199 -33.55 29.56 -21.55
CA LYS A 199 -33.51 29.58 -20.09
C LYS A 199 -32.09 29.79 -19.59
N PRO A 200 -31.62 31.05 -19.59
CA PRO A 200 -30.24 31.36 -19.19
C PRO A 200 -29.96 30.92 -17.76
N ASP A 201 -30.92 30.25 -17.15
CA ASP A 201 -30.77 29.77 -15.78
C ASP A 201 -30.36 28.29 -15.75
N VAL A 202 -30.86 27.53 -16.72
CA VAL A 202 -30.66 26.07 -16.70
C VAL A 202 -29.20 25.73 -16.44
N VAL A 203 -28.99 24.73 -15.58
CA VAL A 203 -27.66 24.17 -15.39
C VAL A 203 -27.45 22.96 -16.30
N VAL A 204 -26.57 23.13 -17.28
CA VAL A 204 -26.30 22.08 -18.26
C VAL A 204 -25.34 21.04 -17.70
N PHE A 205 -25.77 19.79 -17.69
CA PHE A 205 -24.93 18.70 -17.22
C PHE A 205 -24.71 17.66 -18.30
N VAL A 206 -23.44 17.33 -18.53
CA VAL A 206 -23.09 16.33 -19.53
C VAL A 206 -22.46 15.10 -18.88
N ASP A 207 -22.78 13.92 -19.41
CA ASP A 207 -22.20 12.66 -18.93
C ASP A 207 -21.10 12.15 -19.85
N ASN A 208 -19.85 12.30 -19.42
CA ASN A 208 -18.72 12.34 -20.34
C ASN A 208 -17.97 11.01 -20.47
N CYS A 209 -18.60 9.94 -20.03
CA CYS A 209 -17.99 8.60 -20.07
C CYS A 209 -17.65 8.07 -21.46
N TYR A 210 -16.40 7.63 -21.63
CA TYR A 210 -15.90 7.12 -22.91
C TYR A 210 -15.47 8.20 -23.91
N GLY A 211 -15.76 9.45 -23.59
CA GLY A 211 -15.52 10.53 -24.53
C GLY A 211 -14.27 11.33 -24.23
N GLU A 212 -13.58 10.97 -23.16
CA GLU A 212 -12.54 11.83 -22.61
C GLU A 212 -11.21 11.75 -23.37
N PHE A 213 -10.74 12.90 -23.83
CA PHE A 213 -9.45 12.99 -24.52
C PHE A 213 -9.50 12.35 -25.90
N ILE A 214 -10.67 12.32 -26.51
CA ILE A 214 -10.83 11.78 -27.85
C ILE A 214 -11.26 12.83 -28.88
N GLU A 215 -11.74 13.96 -28.39
CA GLU A 215 -11.62 15.22 -29.13
C GLU A 215 -10.65 16.14 -28.40
N GLU A 216 -10.32 17.27 -29.02
CA GLU A 216 -9.33 18.19 -28.45
C GLU A 216 -9.95 19.05 -27.34
N GLN A 217 -11.21 18.79 -27.04
CA GLN A 217 -11.97 19.61 -26.08
C GLN A 217 -13.04 18.77 -25.37
N GLU A 218 -13.30 19.09 -24.11
CA GLU A 218 -14.36 18.44 -23.36
C GLU A 218 -15.53 19.39 -23.13
N PRO A 219 -16.69 18.85 -22.73
CA PRO A 219 -17.92 19.62 -22.58
C PRO A 219 -17.73 20.95 -21.86
N CYS A 220 -16.97 20.95 -20.76
CA CYS A 220 -16.76 22.17 -19.99
C CYS A 220 -16.06 23.26 -20.80
N HIS A 221 -15.60 22.90 -22.00
CA HIS A 221 -14.96 23.86 -22.89
C HIS A 221 -15.96 24.64 -23.72
N VAL A 222 -17.22 24.20 -23.69
CA VAL A 222 -18.20 24.66 -24.67
C VAL A 222 -19.51 25.15 -24.04
N GLY A 223 -19.58 25.12 -22.72
CA GLY A 223 -20.62 25.84 -22.00
C GLY A 223 -21.25 25.06 -20.86
N ALA A 224 -21.12 23.73 -20.89
CA ALA A 224 -21.63 22.89 -19.83
C ALA A 224 -21.19 23.40 -18.46
N ASP A 225 -22.02 23.16 -17.44
CA ASP A 225 -21.78 23.69 -16.11
C ASP A 225 -21.32 22.61 -15.16
N LEU A 226 -21.15 21.40 -15.68
CA LEU A 226 -20.92 20.23 -14.83
C LEU A 226 -20.82 18.98 -15.69
N MSE A 227 -19.75 18.22 -15.51
CA MSE A 227 -19.64 16.89 -16.10
C MSE A 227 -18.91 15.94 -15.16
O MSE A 227 -18.35 16.37 -14.16
CB MSE A 227 -18.90 16.97 -17.44
CG MSE A 227 -17.39 17.04 -17.32
SE MSE A 227 -16.61 18.25 -18.63
CE MSE A 227 -14.85 17.43 -18.80
N ALA A 228 -18.99 14.65 -15.46
CA ALA A 228 -18.38 13.63 -14.63
C ALA A 228 -18.07 12.36 -15.42
N GLY A 229 -17.49 11.37 -14.74
CA GLY A 229 -17.15 10.12 -15.38
C GLY A 229 -16.57 9.15 -14.36
N SER A 230 -16.07 8.02 -14.85
CA SER A 230 -15.34 7.08 -14.00
C SER A 230 -13.84 7.17 -14.27
N LEU A 231 -13.04 6.96 -13.23
CA LEU A 231 -11.59 7.00 -13.37
C LEU A 231 -11.02 5.65 -13.83
N ILE A 232 -11.76 4.57 -13.59
CA ILE A 232 -11.41 3.30 -14.19
C ILE A 232 -11.68 3.31 -15.69
N LYS A 233 -12.01 4.49 -16.21
CA LYS A 233 -12.10 4.69 -17.65
C LYS A 233 -10.97 5.59 -18.16
N ASN A 234 -11.24 6.32 -19.24
CA ASN A 234 -10.20 7.01 -19.99
C ASN A 234 -9.18 7.77 -19.12
N PRO A 235 -9.64 8.82 -18.42
CA PRO A 235 -8.70 9.72 -17.75
C PRO A 235 -7.83 8.98 -16.74
N GLY A 236 -8.03 7.66 -16.61
CA GLY A 236 -7.35 6.87 -15.60
C GLY A 236 -6.01 6.32 -16.05
N GLY A 237 -5.79 6.30 -17.37
CA GLY A 237 -4.57 5.73 -17.94
C GLY A 237 -4.49 4.22 -17.71
N GLY A 238 -5.64 3.60 -17.45
CA GLY A 238 -5.68 2.18 -17.11
C GLY A 238 -4.89 1.85 -15.86
N ILE A 239 -4.69 2.86 -15.02
CA ILE A 239 -3.77 2.75 -13.90
C ILE A 239 -4.50 2.93 -12.57
N VAL A 240 -5.60 3.68 -12.60
CA VAL A 240 -6.32 4.01 -11.37
C VAL A 240 -7.30 2.89 -11.00
N LYS A 241 -7.24 2.46 -9.75
CA LYS A 241 -7.95 1.28 -9.29
C LYS A 241 -9.42 1.57 -9.02
N THR A 242 -9.77 2.86 -9.00
CA THR A 242 -11.16 3.25 -8.79
C THR A 242 -11.33 4.76 -8.64
N GLY A 243 -12.50 5.26 -8.99
CA GLY A 243 -12.86 6.64 -8.66
C GLY A 243 -13.93 7.22 -9.56
N GLY A 244 -14.19 8.51 -9.37
CA GLY A 244 -15.16 9.23 -10.19
C GLY A 244 -14.97 10.72 -10.05
N TYR A 245 -14.75 11.40 -11.16
CA TYR A 245 -14.47 12.83 -11.13
C TYR A 245 -15.76 13.63 -11.30
N ILE A 246 -15.78 14.82 -10.70
CA ILE A 246 -16.75 15.85 -11.07
C ILE A 246 -16.04 17.16 -11.32
N VAL A 247 -16.27 17.74 -12.50
CA VAL A 247 -15.68 19.02 -12.84
C VAL A 247 -16.74 20.00 -13.35
N GLY A 248 -16.48 21.29 -13.19
CA GLY A 248 -17.43 22.30 -13.61
C GLY A 248 -17.29 23.60 -12.82
N LYS A 249 -18.39 24.33 -12.71
CA LYS A 249 -18.35 25.72 -12.26
C LYS A 249 -18.27 25.81 -10.73
N GLU A 250 -17.39 26.69 -10.25
CA GLU A 250 -16.97 26.68 -8.85
C GLU A 250 -18.05 26.20 -7.89
N GLN A 251 -19.28 26.67 -8.09
CA GLN A 251 -20.30 26.58 -7.06
C GLN A 251 -21.25 25.39 -7.25
N TYR A 252 -21.42 24.95 -8.50
CA TYR A 252 -22.15 23.71 -8.78
C TYR A 252 -21.36 22.52 -8.25
N VAL A 253 -20.07 22.48 -8.57
CA VAL A 253 -19.15 21.53 -7.95
C VAL A 253 -19.28 21.56 -6.43
N GLU A 254 -19.25 22.76 -5.86
CA GLU A 254 -19.37 22.94 -4.42
C GLU A 254 -20.55 22.15 -3.85
N ALA A 255 -21.72 22.33 -4.45
CA ALA A 255 -22.94 21.69 -3.98
C ALA A 255 -22.87 20.18 -4.13
N CYS A 256 -22.23 19.73 -5.20
CA CYS A 256 -21.90 18.31 -5.36
C CYS A 256 -21.07 17.81 -4.17
N ALA A 257 -20.07 18.58 -3.79
CA ALA A 257 -19.13 18.17 -2.75
C ALA A 257 -19.82 17.96 -1.42
N TYR A 258 -20.68 18.92 -1.04
CA TYR A 258 -21.50 18.79 0.16
C TYR A 258 -22.42 17.58 0.07
N ARG A 259 -22.78 17.19 -1.16
CA ARG A 259 -23.61 16.01 -1.36
C ARG A 259 -22.81 14.72 -1.16
N LEU A 260 -21.60 14.69 -1.68
CA LEU A 260 -20.66 13.62 -1.39
C LEU A 260 -20.55 13.44 0.12
N THR A 261 -19.96 14.43 0.79
CA THR A 261 -19.55 14.29 2.16
C THR A 261 -20.67 14.68 3.13
N SER A 262 -20.84 15.98 3.34
CA SER A 262 -21.89 16.48 4.21
C SER A 262 -21.79 18.01 4.28
N PRO A 263 -22.92 18.67 4.63
CA PRO A 263 -22.89 20.09 4.90
C PRO A 263 -21.81 20.43 5.91
N GLY A 264 -21.16 21.58 5.72
CA GLY A 264 -20.10 22.01 6.61
C GLY A 264 -18.76 21.37 6.30
N ILE A 265 -18.75 20.03 6.20
CA ILE A 265 -17.56 19.32 5.77
C ILE A 265 -17.10 19.77 4.39
N GLY A 266 -18.03 19.83 3.45
CA GLY A 266 -17.70 20.15 2.06
C GLY A 266 -16.67 19.21 1.49
N ALA A 267 -15.78 19.73 0.65
CA ALA A 267 -14.85 18.90 -0.11
C ALA A 267 -13.52 18.75 0.62
N GLU A 268 -13.31 19.56 1.65
CA GLU A 268 -11.98 19.78 2.20
C GLU A 268 -11.55 18.67 3.17
N ALA A 269 -12.21 17.51 3.07
CA ALA A 269 -11.87 16.36 3.92
C ALA A 269 -12.02 15.04 3.18
N GLY A 270 -11.80 13.94 3.90
CA GLY A 270 -11.67 12.63 3.27
C GLY A 270 -10.24 12.31 2.91
N ALA A 271 -9.64 11.37 3.63
CA ALA A 271 -8.22 11.05 3.46
C ALA A 271 -7.93 10.58 2.05
N SER A 272 -6.67 10.78 1.62
CA SER A 272 -6.26 10.33 0.30
C SER A 272 -6.01 8.83 0.42
N LEU A 273 -5.29 8.45 1.48
CA LEU A 273 -4.50 7.23 1.53
C LEU A 273 -3.58 7.33 0.32
N TYR A 274 -3.37 6.21 -0.37
CA TYR A 274 -2.22 5.99 -1.24
C TYR A 274 -2.58 6.14 -2.71
N SER A 275 -3.67 6.86 -2.99
CA SER A 275 -4.32 6.81 -4.30
C SER A 275 -3.85 7.91 -5.25
N LEU A 276 -3.00 8.81 -4.75
CA LEU A 276 -2.76 10.07 -5.42
C LEU A 276 -1.77 10.00 -6.58
N GLN A 277 -0.81 9.08 -6.51
CA GLN A 277 0.12 8.90 -7.62
C GLN A 277 -0.58 8.33 -8.86
N GLU A 278 -1.12 7.13 -8.72
CA GLU A 278 -1.78 6.46 -9.84
C GLU A 278 -2.75 7.37 -10.58
N MSE A 279 -3.15 8.45 -9.92
CA MSE A 279 -4.13 9.36 -10.50
C MSE A 279 -3.46 10.49 -11.28
O MSE A 279 -3.81 10.72 -12.44
CB MSE A 279 -5.06 9.92 -9.41
CG MSE A 279 -6.13 8.95 -8.95
SE MSE A 279 -7.42 9.78 -7.76
CE MSE A 279 -6.21 10.52 -6.44
N TYR A 280 -2.52 11.18 -10.66
CA TYR A 280 -1.67 12.09 -11.40
C TYR A 280 -1.16 11.38 -12.65
N GLN A 281 -0.74 10.13 -12.46
CA GLN A 281 -0.01 9.40 -13.49
C GLN A 281 -0.92 8.79 -14.56
N GLY A 282 -2.07 8.27 -14.13
CA GLY A 282 -3.11 7.88 -15.06
C GLY A 282 -3.52 9.04 -15.95
N PHE A 283 -3.60 10.23 -15.36
CA PHE A 283 -3.98 11.43 -16.09
C PHE A 283 -2.94 11.79 -17.15
N PHE A 284 -1.67 11.77 -16.76
CA PHE A 284 -0.60 12.14 -17.68
C PHE A 284 -0.48 11.17 -18.85
N LEU A 285 -0.70 9.89 -18.57
CA LEU A 285 -0.70 8.86 -19.61
C LEU A 285 -2.03 8.84 -20.36
N ALA A 286 -3.07 9.36 -19.71
CA ALA A 286 -4.44 9.16 -20.18
C ALA A 286 -4.57 9.40 -21.68
N PRO A 287 -4.40 10.65 -22.12
CA PRO A 287 -4.66 11.01 -23.52
C PRO A 287 -3.99 10.06 -24.50
N HIS A 288 -3.00 9.31 -24.02
CA HIS A 288 -2.34 8.31 -24.84
C HIS A 288 -3.00 6.93 -24.75
N VAL A 289 -3.37 6.52 -23.53
CA VAL A 289 -3.96 5.21 -23.33
C VAL A 289 -5.33 5.11 -24.00
N ALA A 290 -6.09 6.19 -23.95
CA ALA A 290 -7.32 6.29 -24.73
C ALA A 290 -7.01 6.32 -26.22
N GLY A 291 -5.90 6.97 -26.57
CA GLY A 291 -5.45 7.01 -27.95
C GLY A 291 -5.26 5.62 -28.54
N GLN A 292 -4.69 4.74 -27.74
CA GLN A 292 -4.48 3.36 -28.15
C GLN A 292 -5.79 2.61 -28.33
N ALA A 293 -6.72 2.85 -27.42
CA ALA A 293 -8.03 2.21 -27.50
C ALA A 293 -8.88 2.80 -28.62
N LEU A 294 -8.63 4.06 -28.96
CA LEU A 294 -9.35 4.71 -30.05
C LEU A 294 -8.90 4.18 -31.41
N LYS A 295 -7.59 4.05 -31.59
CA LYS A 295 -7.05 3.48 -32.81
C LYS A 295 -7.46 2.02 -32.94
N GLY A 296 -7.67 1.36 -31.80
CA GLY A 296 -8.23 0.02 -31.78
C GLY A 296 -9.57 -0.06 -32.47
N ALA A 297 -10.51 0.81 -32.05
CA ALA A 297 -11.81 0.90 -32.68
C ALA A 297 -11.70 1.05 -34.19
N ILE A 298 -10.64 1.74 -34.62
CA ILE A 298 -10.45 2.03 -36.04
C ILE A 298 -9.93 0.81 -36.80
N PHE A 299 -9.08 0.03 -36.15
CA PHE A 299 -8.53 -1.17 -36.77
C PHE A 299 -9.58 -2.28 -36.86
N THR A 300 -10.35 -2.45 -35.79
CA THR A 300 -11.49 -3.37 -35.80
C THR A 300 -12.54 -2.93 -36.81
N ALA A 301 -12.68 -1.62 -36.98
CA ALA A 301 -13.64 -1.07 -37.93
C ALA A 301 -13.27 -1.39 -39.38
N ALA A 302 -12.00 -1.18 -39.72
CA ALA A 302 -11.53 -1.43 -41.08
C ALA A 302 -11.45 -2.93 -41.37
N PHE A 303 -11.02 -3.70 -40.39
CA PHE A 303 -10.75 -5.12 -40.58
C PHE A 303 -12.03 -5.91 -40.80
N LEU A 304 -12.97 -5.79 -39.85
CA LEU A 304 -14.24 -6.49 -39.95
C LEU A 304 -15.01 -6.05 -41.20
N GLU A 305 -14.89 -4.77 -41.54
CA GLU A 305 -15.46 -4.25 -42.77
C GLU A 305 -15.03 -5.09 -43.96
N LYS A 306 -13.72 -5.18 -44.17
CA LYS A 306 -13.16 -6.03 -45.21
C LYS A 306 -13.79 -7.42 -45.14
N LEU A 307 -13.66 -8.07 -43.99
CA LEU A 307 -14.10 -9.45 -43.83
C LEU A 307 -15.59 -9.62 -44.06
N GLY A 308 -16.32 -8.51 -44.01
CA GLY A 308 -17.65 -8.43 -44.59
C GLY A 308 -18.75 -8.21 -43.57
N MSE A 309 -18.47 -7.38 -42.57
CA MSE A 309 -19.44 -7.08 -41.54
C MSE A 309 -19.63 -5.59 -41.34
O MSE A 309 -18.66 -4.83 -41.31
CB MSE A 309 -19.04 -7.74 -40.22
CG MSE A 309 -19.52 -9.17 -40.08
SE MSE A 309 -18.13 -10.35 -39.40
CE MSE A 309 -17.17 -10.68 -41.07
N ASN A 310 -20.88 -5.15 -41.24
CA ASN A 310 -21.20 -3.79 -40.84
C ASN A 310 -20.54 -3.41 -39.51
N THR A 311 -19.58 -2.50 -39.57
CA THR A 311 -18.99 -1.94 -38.36
C THR A 311 -19.61 -0.59 -38.04
N SER A 312 -19.32 -0.09 -36.85
CA SER A 312 -19.98 1.12 -36.35
C SER A 312 -19.31 1.55 -35.05
N PRO A 313 -18.75 2.77 -35.03
CA PRO A 313 -18.66 3.62 -36.20
C PRO A 313 -17.67 3.09 -37.24
N ALA A 314 -17.90 3.43 -38.51
CA ALA A 314 -16.97 3.10 -39.58
C ALA A 314 -15.61 3.76 -39.32
N TRP A 315 -14.56 3.17 -39.86
CA TRP A 315 -13.20 3.63 -39.57
C TRP A 315 -13.01 5.11 -39.94
N ASN A 316 -13.50 5.49 -41.11
CA ASN A 316 -13.35 6.86 -41.59
C ASN A 316 -14.29 7.86 -40.92
N ALA A 317 -15.27 7.34 -40.17
CA ALA A 317 -16.20 8.19 -39.45
C ALA A 317 -15.49 8.99 -38.36
N PRO A 318 -15.99 10.20 -38.08
CA PRO A 318 -15.45 11.01 -36.99
C PRO A 318 -15.81 10.44 -35.63
N ARG A 319 -15.05 10.81 -34.60
CA ARG A 319 -15.08 10.08 -33.33
C ARG A 319 -15.09 11.02 -32.13
N THR A 320 -16.02 10.81 -31.22
CA THR A 320 -16.08 11.58 -29.99
C THR A 320 -15.87 10.71 -28.76
N ASP A 321 -16.01 9.39 -28.92
CA ASP A 321 -15.72 8.45 -27.84
C ASP A 321 -15.19 7.12 -28.37
N LEU A 322 -15.13 6.12 -27.50
CA LEU A 322 -14.37 4.90 -27.78
C LEU A 322 -15.28 3.76 -28.19
N ILE A 323 -16.59 4.02 -28.24
CA ILE A 323 -17.57 3.01 -28.61
C ILE A 323 -17.33 2.47 -30.02
N GLN A 324 -17.62 1.18 -30.21
CA GLN A 324 -17.39 0.52 -31.48
C GLN A 324 -18.13 -0.81 -31.48
N SER A 325 -18.74 -1.16 -32.60
CA SER A 325 -19.47 -2.40 -32.71
C SER A 325 -19.28 -3.03 -34.08
N VAL A 326 -19.36 -4.36 -34.13
CA VAL A 326 -19.33 -5.08 -35.40
C VAL A 326 -20.55 -5.99 -35.53
N GLN A 327 -21.13 -6.02 -36.72
CA GLN A 327 -22.34 -6.79 -36.97
C GLN A 327 -22.01 -8.17 -37.53
N PHE A 328 -21.95 -9.16 -36.65
CA PHE A 328 -21.53 -10.51 -37.03
C PHE A 328 -22.65 -11.26 -37.74
N ASP A 329 -23.89 -10.95 -37.38
CA ASP A 329 -25.05 -11.48 -38.09
C ASP A 329 -25.32 -12.95 -37.75
N ASP A 330 -24.51 -13.52 -36.88
CA ASP A 330 -24.65 -14.92 -36.51
C ASP A 330 -24.33 -15.18 -35.04
N LYS A 331 -25.21 -15.93 -34.39
CA LYS A 331 -25.14 -16.16 -32.95
C LYS A 331 -23.87 -16.92 -32.57
N ASP A 332 -23.57 -17.98 -33.30
CA ASP A 332 -22.42 -18.83 -32.98
C ASP A 332 -21.11 -18.16 -33.38
N ARG A 333 -21.17 -17.29 -34.39
CA ARG A 333 -20.03 -16.49 -34.80
C ARG A 333 -19.75 -15.38 -33.78
N MSE A 334 -20.78 -14.67 -33.38
CA MSE A 334 -20.65 -13.62 -32.38
C MSE A 334 -20.02 -14.17 -31.11
O MSE A 334 -19.03 -13.64 -30.61
CB MSE A 334 -22.01 -12.98 -32.08
CG MSE A 334 -22.03 -12.14 -30.81
SE MSE A 334 -23.76 -11.29 -30.50
CE MSE A 334 -24.02 -11.77 -28.63
N ILE A 335 -20.58 -15.27 -30.60
CA ILE A 335 -20.17 -15.82 -29.31
C ILE A 335 -18.73 -16.34 -29.37
N ALA A 336 -18.40 -17.09 -30.42
CA ALA A 336 -17.04 -17.56 -30.62
C ALA A 336 -16.05 -16.40 -30.58
N PHE A 337 -16.48 -15.27 -31.10
CA PHE A 337 -15.64 -14.07 -31.17
C PHE A 337 -15.43 -13.46 -29.79
N CYS A 338 -16.52 -13.09 -29.13
CA CYS A 338 -16.46 -12.52 -27.79
C CYS A 338 -15.63 -13.42 -26.87
N GLN A 339 -15.81 -14.73 -27.02
CA GLN A 339 -15.06 -15.69 -26.24
C GLN A 339 -13.57 -15.59 -26.54
N ALA A 340 -13.25 -15.55 -27.83
CA ALA A 340 -11.86 -15.41 -28.28
C ALA A 340 -11.22 -14.15 -27.72
N ILE A 341 -12.00 -13.10 -27.57
CA ILE A 341 -11.51 -11.85 -27.00
C ILE A 341 -11.19 -12.01 -25.52
N GLN A 342 -12.08 -12.66 -24.79
CA GLN A 342 -11.80 -13.01 -23.39
C GLN A 342 -10.52 -13.81 -23.28
N TYR A 343 -10.27 -14.68 -24.25
CA TYR A 343 -9.09 -15.52 -24.23
C TYR A 343 -7.83 -14.77 -24.64
N ALA A 344 -8.02 -13.62 -25.29
CA ALA A 344 -6.89 -12.84 -25.80
C ALA A 344 -6.39 -11.82 -24.77
N SER A 345 -7.05 -11.77 -23.62
CA SER A 345 -6.72 -10.79 -22.58
C SER A 345 -5.59 -11.28 -21.67
N PRO A 346 -5.06 -10.39 -20.83
CA PRO A 346 -3.93 -10.75 -19.98
C PRO A 346 -4.34 -11.60 -18.78
N ILE A 347 -5.41 -11.22 -18.10
CA ILE A 347 -5.82 -11.95 -16.90
C ILE A 347 -7.19 -12.61 -17.06
N ASN A 348 -7.29 -13.84 -16.56
CA ASN A 348 -8.54 -14.60 -16.60
C ASN A 348 -8.89 -15.11 -18.01
N SER A 349 -7.89 -15.17 -18.88
CA SER A 349 -8.11 -15.56 -20.27
C SER A 349 -8.89 -16.87 -20.36
N HIS A 350 -8.93 -17.61 -19.25
CA HIS A 350 -9.33 -19.01 -19.28
C HIS A 350 -10.75 -19.21 -18.76
N PHE A 351 -11.22 -18.30 -17.92
CA PHE A 351 -12.65 -18.17 -17.69
C PHE A 351 -13.33 -17.75 -18.99
N THR A 352 -13.66 -18.73 -19.83
CA THR A 352 -14.36 -18.42 -21.07
C THR A 352 -15.84 -18.12 -20.83
N PRO A 353 -16.33 -17.01 -21.40
CA PRO A 353 -17.68 -16.50 -21.17
C PRO A 353 -18.74 -17.27 -21.95
N TYR A 354 -19.93 -17.41 -21.35
CA TYR A 354 -21.08 -17.95 -22.06
C TYR A 354 -22.29 -17.02 -21.93
N ALA A 355 -23.36 -17.35 -22.64
CA ALA A 355 -24.60 -16.58 -22.57
C ALA A 355 -25.25 -16.68 -21.19
N ASN A 356 -25.45 -15.54 -20.56
CA ASN A 356 -26.19 -15.48 -19.30
C ASN A 356 -27.34 -14.46 -19.34
N TYR A 357 -28.46 -14.82 -18.71
CA TYR A 357 -29.68 -14.02 -18.80
C TYR A 357 -29.47 -12.64 -18.20
N MSE A 358 -29.77 -11.61 -19.00
CA MSE A 358 -29.64 -10.23 -18.56
C MSE A 358 -30.91 -9.79 -17.85
O MSE A 358 -31.98 -9.75 -18.45
CB MSE A 358 -29.38 -9.31 -19.77
CG MSE A 358 -28.01 -8.67 -19.78
SE MSE A 358 -27.76 -7.40 -18.32
CE MSE A 358 -26.59 -8.47 -17.18
N PRO A 359 -30.81 -9.49 -16.54
CA PRO A 359 -31.94 -8.93 -15.82
C PRO A 359 -32.50 -7.69 -16.52
N GLY A 360 -33.81 -7.64 -16.69
CA GLY A 360 -34.47 -6.51 -17.31
C GLY A 360 -34.58 -6.63 -18.82
N TYR A 361 -33.59 -7.25 -19.43
CA TYR A 361 -33.58 -7.43 -20.88
C TYR A 361 -34.08 -8.82 -21.25
N GLU A 362 -35.05 -8.87 -22.17
CA GLU A 362 -35.71 -10.13 -22.53
C GLU A 362 -34.82 -10.99 -23.43
N ASP A 363 -33.52 -10.70 -23.41
CA ASP A 363 -32.56 -11.49 -24.16
C ASP A 363 -31.34 -11.82 -23.31
N ASP A 364 -30.70 -12.94 -23.61
CA ASP A 364 -29.42 -13.27 -22.99
C ASP A 364 -28.32 -12.39 -23.56
N VAL A 365 -27.25 -12.24 -22.80
CA VAL A 365 -26.08 -11.51 -23.27
C VAL A 365 -24.81 -12.30 -23.01
N ILE A 366 -23.74 -11.92 -23.69
CA ILE A 366 -22.43 -12.51 -23.45
C ILE A 366 -21.39 -11.41 -23.22
N MSE A 367 -20.44 -11.67 -22.34
CA MSE A 367 -19.47 -10.64 -21.94
C MSE A 367 -18.04 -11.17 -21.85
O MSE A 367 -17.70 -11.90 -20.92
CB MSE A 367 -19.89 -10.01 -20.61
CG MSE A 367 -21.22 -9.32 -20.66
SE MSE A 367 -21.57 -8.33 -19.02
CE MSE A 367 -19.91 -7.31 -18.91
N ALA A 368 -17.21 -10.75 -22.78
CA ALA A 368 -15.76 -10.85 -22.62
C ALA A 368 -15.23 -9.69 -21.78
N ALA A 369 -14.32 -10.00 -20.86
CA ALA A 369 -13.71 -8.99 -20.00
C ALA A 369 -12.56 -9.57 -19.18
N GLY A 370 -11.36 -9.51 -19.75
CA GLY A 370 -10.15 -9.86 -19.01
C GLY A 370 -9.33 -8.63 -18.70
N THR A 371 -9.73 -7.91 -17.66
CA THR A 371 -9.22 -6.58 -17.38
C THR A 371 -8.35 -6.60 -16.12
N PHE A 372 -7.29 -5.79 -16.11
CA PHE A 372 -6.43 -5.69 -14.94
C PHE A 372 -7.16 -5.18 -13.70
N ILE A 373 -8.20 -4.39 -13.92
CA ILE A 373 -9.07 -3.96 -12.84
C ILE A 373 -10.47 -4.54 -13.07
N GLN A 374 -11.25 -4.64 -11.99
CA GLN A 374 -12.64 -5.11 -12.10
C GLN A 374 -13.55 -4.04 -12.70
N GLY A 375 -13.74 -4.10 -14.02
CA GLY A 375 -14.76 -3.30 -14.68
C GLY A 375 -14.22 -2.04 -15.34
N ALA A 376 -12.90 -1.86 -15.30
CA ALA A 376 -12.26 -0.75 -15.98
C ALA A 376 -12.39 -0.90 -17.50
N SER A 377 -13.25 -0.09 -18.11
CA SER A 377 -13.58 -0.25 -19.52
C SER A 377 -12.72 0.65 -20.41
N ILE A 378 -11.51 0.95 -19.95
CA ILE A 378 -10.46 1.49 -20.80
C ILE A 378 -9.63 0.35 -21.37
N GLU A 379 -9.83 -0.84 -20.79
CA GLU A 379 -9.14 -2.04 -21.23
C GLU A 379 -9.99 -2.81 -22.22
N LEU A 380 -9.34 -3.62 -23.05
CA LEU A 380 -10.04 -4.43 -24.04
C LEU A 380 -11.19 -5.22 -23.41
N SER A 381 -12.32 -5.23 -24.09
CA SER A 381 -13.52 -5.89 -23.59
C SER A 381 -14.54 -6.00 -24.71
N ALA A 382 -15.48 -6.93 -24.56
CA ALA A 382 -16.52 -7.13 -25.56
C ALA A 382 -17.76 -7.74 -24.95
N ASP A 383 -18.92 -7.30 -25.42
CA ASP A 383 -20.19 -7.93 -25.07
C ASP A 383 -21.27 -7.57 -26.08
N GLY A 384 -22.49 -8.03 -25.83
CA GLY A 384 -23.63 -7.63 -26.63
C GLY A 384 -24.86 -8.46 -26.35
N PRO A 385 -26.05 -7.90 -26.61
CA PRO A 385 -27.29 -8.65 -26.59
C PRO A 385 -27.27 -9.76 -27.65
N ILE A 386 -27.66 -10.97 -27.26
CA ILE A 386 -27.83 -12.06 -28.20
C ILE A 386 -29.16 -11.94 -28.94
N ARG A 387 -29.21 -11.03 -29.89
CA ARG A 387 -30.40 -10.84 -30.71
C ARG A 387 -29.99 -10.36 -32.11
N PRO A 388 -30.57 -10.96 -33.14
CA PRO A 388 -30.24 -10.53 -34.50
C PRO A 388 -30.22 -9.00 -34.58
N PRO A 389 -29.31 -8.45 -35.41
CA PRO A 389 -28.40 -9.21 -36.25
C PRO A 389 -27.08 -9.50 -35.56
N TYR A 390 -27.11 -9.65 -34.23
CA TYR A 390 -25.94 -10.07 -33.47
C TYR A 390 -24.82 -9.04 -33.51
N VAL A 391 -25.08 -7.86 -32.96
CA VAL A 391 -24.07 -6.82 -32.80
C VAL A 391 -23.36 -6.97 -31.46
N ALA A 392 -22.03 -7.05 -31.49
CA ALA A 392 -21.24 -7.08 -30.27
C ALA A 392 -20.36 -5.84 -30.15
N TYR A 393 -20.41 -5.18 -29.00
CA TYR A 393 -19.60 -3.99 -28.76
C TYR A 393 -18.18 -4.38 -28.42
N VAL A 394 -17.27 -4.18 -29.37
CA VAL A 394 -15.87 -4.45 -29.16
C VAL A 394 -15.09 -3.15 -29.10
N GLN A 395 -14.69 -2.76 -27.89
CA GLN A 395 -14.02 -1.48 -27.67
C GLN A 395 -13.03 -1.56 -26.52
N GLY A 396 -12.14 -0.58 -26.45
CA GLY A 396 -11.18 -0.51 -25.36
C GLY A 396 -9.85 -1.18 -25.71
N GLY A 397 -8.84 -0.89 -24.91
CA GLY A 397 -7.48 -1.32 -25.23
C GLY A 397 -6.47 -0.45 -24.51
N LEU A 398 -5.54 -1.08 -23.81
CA LEU A 398 -4.47 -0.35 -23.13
C LEU A 398 -3.36 -0.02 -24.11
N THR A 399 -3.00 -0.99 -24.95
CA THR A 399 -2.00 -0.77 -26.00
C THR A 399 -2.54 -1.24 -27.34
N TYR A 400 -2.20 -0.50 -28.40
CA TYR A 400 -2.71 -0.81 -29.72
C TYR A 400 -2.36 -2.23 -30.14
N SER A 401 -1.12 -2.63 -29.88
CA SER A 401 -0.71 -4.03 -30.02
C SER A 401 -1.78 -4.98 -29.50
N HIS A 402 -2.14 -4.81 -28.23
CA HIS A 402 -3.08 -5.73 -27.59
C HIS A 402 -4.40 -5.84 -28.33
N VAL A 403 -4.96 -4.70 -28.73
CA VAL A 403 -6.17 -4.70 -29.54
C VAL A 403 -5.92 -5.43 -30.85
N LYS A 404 -4.86 -5.03 -31.55
CA LYS A 404 -4.51 -5.65 -32.82
C LYS A 404 -4.36 -7.16 -32.65
N ILE A 405 -3.36 -7.57 -31.88
CA ILE A 405 -3.18 -8.97 -31.54
C ILE A 405 -4.52 -9.64 -31.18
N ALA A 406 -5.33 -8.93 -30.40
CA ALA A 406 -6.53 -9.52 -29.82
C ALA A 406 -7.56 -9.92 -30.88
N ILE A 407 -8.04 -8.94 -31.64
CA ILE A 407 -9.12 -9.20 -32.59
C ILE A 407 -8.62 -10.01 -33.79
N CYS A 408 -7.31 -10.01 -34.00
CA CYS A 408 -6.70 -10.98 -34.90
C CYS A 408 -6.89 -12.39 -34.37
N SER A 409 -6.47 -12.61 -33.12
CA SER A 409 -6.63 -13.90 -32.47
C SER A 409 -8.06 -14.42 -32.61
N ALA A 410 -9.02 -13.50 -32.56
CA ALA A 410 -10.42 -13.87 -32.67
C ALA A 410 -10.75 -14.43 -34.04
N ILE A 411 -10.27 -13.75 -35.07
CA ILE A 411 -10.51 -14.17 -36.45
C ILE A 411 -9.85 -15.51 -36.75
N ASP A 412 -8.61 -15.67 -36.28
CA ASP A 412 -7.95 -16.96 -36.29
C ASP A 412 -8.85 -18.03 -35.68
N GLU A 413 -9.33 -17.77 -34.46
CA GLU A 413 -10.21 -18.70 -33.76
C GLU A 413 -11.56 -18.84 -34.46
N LEU A 414 -11.85 -17.93 -35.37
CA LEU A 414 -13.02 -18.06 -36.24
C LEU A 414 -12.73 -18.98 -37.42
N ILE A 415 -11.70 -19.81 -37.28
CA ILE A 415 -11.46 -20.92 -38.20
C ILE A 415 -12.23 -22.16 -37.75
N GLU A 416 -13.55 -22.08 -37.90
CA GLU A 416 -14.43 -23.21 -37.60
C GLU A 416 -15.68 -23.12 -38.46
N GLU B 9 11.36 10.32 44.27
CA GLU B 9 11.09 11.78 44.30
C GLU B 9 9.70 12.09 44.84
N LYS B 10 9.23 13.31 44.58
CA LYS B 10 8.03 13.82 45.22
C LYS B 10 6.76 13.20 44.62
N ILE B 11 6.77 13.02 43.30
CA ILE B 11 5.57 12.58 42.59
C ILE B 11 5.31 11.08 42.79
N ALA B 12 6.38 10.30 42.81
CA ALA B 12 6.27 8.85 42.88
C ALA B 12 5.31 8.36 43.96
N PRO B 13 5.48 8.83 45.21
CA PRO B 13 4.76 8.30 46.36
C PRO B 13 3.25 8.51 46.28
N ILE B 14 2.82 9.49 45.49
CA ILE B 14 1.40 9.80 45.39
C ILE B 14 0.72 8.98 44.31
N VAL B 15 1.38 8.83 43.16
CA VAL B 15 0.94 7.90 42.13
C VAL B 15 1.01 6.46 42.64
N LYS B 16 1.96 6.21 43.53
CA LYS B 16 1.99 4.97 44.30
C LYS B 16 0.67 4.79 45.05
N GLU B 17 0.06 5.89 45.44
CA GLU B 17 -1.12 5.86 46.30
C GLU B 17 -2.41 5.82 45.47
N VAL B 18 -2.45 6.61 44.41
CA VAL B 18 -3.63 6.71 43.56
C VAL B 18 -3.94 5.37 42.90
N GLU B 19 -2.91 4.70 42.38
CA GLU B 19 -3.08 3.39 41.78
C GLU B 19 -3.55 2.37 42.82
N SER B 20 -3.07 2.52 44.05
CA SER B 20 -3.52 1.67 45.14
C SER B 20 -4.92 2.05 45.58
N GLN B 21 -5.35 3.25 45.20
CA GLN B 21 -6.69 3.73 45.51
C GLN B 21 -7.72 3.18 44.53
N ILE B 22 -7.38 3.19 43.24
CA ILE B 22 -8.36 2.96 42.19
C ILE B 22 -8.42 1.49 41.76
N THR B 23 -7.54 0.69 42.33
CA THR B 23 -7.49 -0.75 42.03
C THR B 23 -8.89 -1.34 41.81
N GLU B 24 -9.82 -1.00 42.69
CA GLU B 24 -11.18 -1.53 42.64
C GLU B 24 -11.80 -1.34 41.25
N VAL B 25 -11.92 -0.08 40.83
CA VAL B 25 -12.58 0.24 39.57
C VAL B 25 -11.71 -0.11 38.37
N HIS B 26 -10.40 -0.15 38.58
CA HIS B 26 -9.47 -0.62 37.56
C HIS B 26 -9.67 -2.09 37.24
N LYS B 27 -9.55 -2.95 38.25
CA LYS B 27 -9.89 -4.36 38.10
C LYS B 27 -11.20 -4.53 37.35
N ARG B 28 -12.14 -3.63 37.60
CA ARG B 28 -13.49 -3.77 37.06
C ARG B 28 -13.53 -3.50 35.57
N ALA B 29 -12.85 -2.44 35.13
CA ALA B 29 -12.74 -2.13 33.70
C ALA B 29 -12.19 -3.34 32.95
N ASP B 30 -11.19 -3.99 33.53
CA ASP B 30 -10.61 -5.20 32.96
C ASP B 30 -11.68 -6.25 32.65
N GLU B 31 -12.75 -6.26 33.42
CA GLU B 31 -13.83 -7.22 33.25
C GLU B 31 -14.61 -6.92 31.97
N VAL B 32 -15.24 -5.75 31.94
CA VAL B 32 -15.98 -5.30 30.77
C VAL B 32 -15.13 -5.38 29.51
N ILE B 33 -13.82 -5.33 29.68
CA ILE B 33 -12.89 -5.59 28.60
C ILE B 33 -12.92 -7.07 28.20
N GLU B 34 -12.66 -7.94 29.18
CA GLU B 34 -12.75 -9.38 28.95
C GLU B 34 -14.08 -9.73 28.28
N SER B 35 -15.17 -9.40 28.97
CA SER B 35 -16.50 -9.52 28.40
C SER B 35 -16.53 -9.03 26.96
N ASN B 36 -16.20 -7.75 26.78
CA ASN B 36 -16.18 -7.12 25.46
C ASN B 36 -15.28 -7.86 24.46
N GLN B 37 -14.12 -8.30 24.94
CA GLN B 37 -13.22 -9.12 24.12
C GLN B 37 -13.87 -10.45 23.72
N PHE B 38 -14.44 -11.14 24.71
CA PHE B 38 -15.08 -12.44 24.47
C PHE B 38 -16.10 -12.37 23.33
N ARG B 39 -17.10 -11.51 23.49
CA ARG B 39 -18.10 -11.30 22.46
C ARG B 39 -17.47 -11.09 21.09
N VAL B 40 -16.50 -10.19 21.01
CA VAL B 40 -15.79 -9.95 19.76
C VAL B 40 -15.25 -11.27 19.19
N LEU B 41 -14.60 -12.06 20.04
CA LEU B 41 -14.03 -13.33 19.61
C LEU B 41 -15.08 -14.30 19.05
N GLU B 42 -16.27 -14.30 19.65
CA GLU B 42 -17.32 -15.24 19.24
C GLU B 42 -17.91 -14.87 17.88
N SER B 43 -17.98 -13.58 17.59
CA SER B 43 -18.44 -13.12 16.28
C SER B 43 -17.45 -13.49 15.18
N PHE B 44 -16.17 -13.25 15.44
CA PHE B 44 -15.10 -13.71 14.55
C PHE B 44 -15.22 -15.21 14.31
N GLY B 45 -15.39 -15.96 15.39
CA GLY B 45 -15.63 -17.40 15.30
C GLY B 45 -16.85 -17.73 14.46
N LYS B 46 -17.96 -17.07 14.77
CA LYS B 46 -19.24 -17.38 14.13
C LYS B 46 -19.22 -17.04 12.64
N HIS B 47 -18.40 -16.07 12.27
CA HIS B 47 -18.30 -15.62 10.89
C HIS B 47 -17.07 -16.19 10.19
N LYS B 48 -16.35 -17.06 10.90
CA LYS B 48 -15.19 -17.76 10.34
C LYS B 48 -14.29 -16.84 9.52
N ILE B 49 -13.89 -15.72 10.11
CA ILE B 49 -13.05 -14.77 9.40
C ILE B 49 -11.67 -15.35 9.14
N SER B 50 -11.26 -15.31 7.87
CA SER B 50 -9.93 -15.71 7.48
C SER B 50 -9.22 -14.56 6.78
N ASP B 51 -7.89 -14.64 6.70
CA ASP B 51 -7.11 -13.63 5.99
C ASP B 51 -7.60 -13.46 4.57
N SER B 52 -8.26 -14.49 4.05
CA SER B 52 -9.02 -14.38 2.79
C SER B 52 -9.90 -13.13 2.81
N HIS B 53 -10.26 -12.67 4.00
CA HIS B 53 -11.10 -11.49 4.16
C HIS B 53 -10.29 -10.20 4.04
N PHE B 54 -8.98 -10.31 4.23
CA PHE B 54 -8.09 -9.16 4.08
C PHE B 54 -7.84 -8.86 2.61
N ILE B 55 -8.51 -9.60 1.73
CA ILE B 55 -8.27 -9.50 0.30
C ILE B 55 -8.84 -8.22 -0.29
N PRO B 56 -8.01 -7.44 -0.98
CA PRO B 56 -8.43 -6.16 -1.54
C PRO B 56 -9.34 -6.34 -2.76
N THR B 57 -10.22 -5.37 -2.99
CA THR B 57 -10.98 -5.29 -4.23
C THR B 57 -10.75 -3.97 -4.94
N THR B 58 -10.94 -3.97 -6.25
CA THR B 58 -10.65 -2.80 -7.07
C THR B 58 -11.84 -2.43 -7.95
N GLY B 59 -11.70 -1.35 -8.71
CA GLY B 59 -12.72 -0.91 -9.65
C GLY B 59 -14.06 -0.70 -8.99
N TYR B 60 -15.07 -1.44 -9.46
CA TYR B 60 -16.41 -1.35 -8.90
C TYR B 60 -16.45 -1.84 -7.46
N GLY B 61 -15.59 -2.81 -7.14
CA GLY B 61 -15.61 -3.48 -5.85
C GLY B 61 -16.90 -4.24 -5.64
N TYR B 62 -17.23 -5.12 -6.59
CA TYR B 62 -18.30 -6.08 -6.40
C TYR B 62 -17.75 -7.42 -5.91
N ASP B 63 -18.49 -8.07 -5.01
CA ASP B 63 -18.12 -9.39 -4.51
C ASP B 63 -17.01 -9.31 -3.48
N ASP B 64 -17.11 -8.34 -2.56
CA ASP B 64 -16.11 -8.15 -1.53
C ASP B 64 -16.51 -8.81 -0.21
N ILE B 65 -16.23 -10.11 -0.10
CA ILE B 65 -16.67 -10.87 1.06
C ILE B 65 -16.10 -10.29 2.35
N GLY B 66 -14.91 -9.70 2.25
CA GLY B 66 -14.29 -9.02 3.38
C GLY B 66 -15.10 -7.84 3.89
N ARG B 67 -15.47 -6.96 2.97
CA ARG B 67 -16.31 -5.81 3.30
C ARG B 67 -17.67 -6.22 3.87
N ASP B 68 -18.39 -7.05 3.12
CA ASP B 68 -19.73 -7.47 3.51
C ASP B 68 -19.73 -8.17 4.86
N THR B 69 -18.63 -8.85 5.17
CA THR B 69 -18.57 -9.72 6.34
C THR B 69 -18.11 -8.95 7.58
N LEU B 70 -17.23 -7.96 7.37
CA LEU B 70 -16.86 -7.02 8.42
C LEU B 70 -18.07 -6.20 8.85
N GLU B 71 -18.93 -5.90 7.88
CA GLU B 71 -20.15 -5.16 8.16
C GLU B 71 -21.13 -5.99 9.00
N LYS B 72 -21.22 -7.28 8.70
CA LYS B 72 -22.08 -8.18 9.46
C LYS B 72 -21.45 -8.61 10.78
N VAL B 73 -20.15 -8.35 10.93
CA VAL B 73 -19.45 -8.59 12.18
C VAL B 73 -19.73 -7.48 13.20
N TYR B 74 -19.27 -6.27 12.89
CA TYR B 74 -19.63 -5.09 13.67
C TYR B 74 -21.10 -5.14 14.11
N ALA B 75 -21.99 -5.29 13.13
CA ALA B 75 -23.42 -5.26 13.37
C ALA B 75 -23.85 -6.32 14.38
N ASP B 76 -23.25 -7.51 14.27
CA ASP B 76 -23.43 -8.55 15.27
C ASP B 76 -23.08 -8.02 16.66
N VAL B 77 -21.83 -7.58 16.84
CA VAL B 77 -21.35 -7.15 18.15
C VAL B 77 -22.13 -5.94 18.66
N PHE B 78 -22.33 -4.95 17.81
CA PHE B 78 -23.03 -3.74 18.20
C PHE B 78 -24.53 -4.00 18.39
N GLY B 79 -24.91 -5.27 18.26
CA GLY B 79 -26.25 -5.71 18.62
C GLY B 79 -27.27 -5.51 17.52
N ALA B 80 -26.77 -5.25 16.30
CA ALA B 80 -27.63 -4.79 15.21
C ALA B 80 -27.83 -5.87 14.15
N GLU B 81 -28.85 -5.70 13.32
CA GLU B 81 -29.14 -6.65 12.26
C GLU B 81 -28.30 -6.39 11.01
N ALA B 82 -28.02 -5.12 10.74
CA ALA B 82 -27.31 -4.73 9.53
C ALA B 82 -26.19 -3.74 9.83
N GLY B 83 -25.12 -3.84 9.03
CA GLY B 83 -23.94 -3.03 9.26
C GLY B 83 -23.43 -2.43 7.96
N LEU B 84 -23.06 -1.15 8.02
CA LEU B 84 -22.45 -0.49 6.88
C LEU B 84 -21.20 0.26 7.32
N VAL B 85 -20.12 -0.49 7.55
CA VAL B 85 -18.84 0.11 7.92
C VAL B 85 -17.81 -0.02 6.80
N ARG B 86 -17.72 1.01 5.97
CA ARG B 86 -16.78 1.00 4.85
C ARG B 86 -15.87 2.22 4.86
N PRO B 87 -14.69 2.10 4.22
CA PRO B 87 -13.71 3.18 4.15
C PRO B 87 -14.28 4.43 3.49
N GLN B 88 -15.12 4.25 2.48
CA GLN B 88 -15.78 5.36 1.81
C GLN B 88 -16.26 6.39 2.83
N ILE B 89 -17.27 6.02 3.60
CA ILE B 89 -17.69 6.79 4.76
C ILE B 89 -16.48 7.37 5.47
N ILE B 90 -16.32 8.68 5.36
CA ILE B 90 -15.03 9.30 5.65
C ILE B 90 -14.81 9.48 7.15
N SER B 91 -15.87 9.79 7.87
CA SER B 91 -15.77 10.01 9.31
C SER B 91 -17.08 9.69 10.04
N GLY B 92 -17.15 10.10 11.30
CA GLY B 92 -18.31 9.83 12.14
C GLY B 92 -19.37 10.90 12.01
N THR B 93 -18.95 12.08 11.55
CA THR B 93 -19.89 13.14 11.24
C THR B 93 -20.53 12.88 9.88
N HIS B 94 -19.71 12.43 8.94
CA HIS B 94 -20.22 11.97 7.65
C HIS B 94 -21.23 10.84 7.84
N ALA B 95 -20.93 9.92 8.74
CA ALA B 95 -21.82 8.81 9.06
C ALA B 95 -23.18 9.27 9.55
N ILE B 96 -23.17 10.22 10.49
CA ILE B 96 -24.41 10.72 11.08
C ILE B 96 -25.22 11.53 10.08
N SER B 97 -24.53 12.37 9.32
CA SER B 97 -25.14 12.98 8.14
C SER B 97 -25.81 11.92 7.29
N THR B 98 -25.05 10.89 6.93
CA THR B 98 -25.59 9.78 6.15
C THR B 98 -26.82 9.17 6.81
N ALA B 99 -26.65 8.69 8.04
CA ALA B 99 -27.77 8.16 8.82
C ALA B 99 -28.97 9.10 8.77
N LEU B 100 -28.73 10.39 9.03
CA LEU B 100 -29.80 11.37 9.09
C LEU B 100 -30.48 11.56 7.73
N PHE B 101 -29.71 11.95 6.72
CA PHE B 101 -30.25 12.13 5.38
C PHE B 101 -30.77 10.82 4.80
N GLY B 102 -30.12 9.72 5.17
CA GLY B 102 -30.48 8.41 4.66
C GLY B 102 -31.90 8.01 5.03
N ILE B 103 -32.54 8.81 5.88
CA ILE B 103 -33.80 8.41 6.48
C ILE B 103 -34.84 9.53 6.48
N LEU B 104 -34.36 10.78 6.44
CA LEU B 104 -35.25 11.94 6.45
C LEU B 104 -35.66 12.39 5.05
N ARG B 105 -36.95 12.61 4.87
CA ARG B 105 -37.48 13.10 3.59
C ARG B 105 -38.44 14.28 3.78
N PRO B 106 -38.63 15.08 2.71
CA PRO B 106 -39.35 16.35 2.79
C PRO B 106 -40.67 16.23 3.56
N GLY B 107 -40.83 17.09 4.56
CA GLY B 107 -42.02 17.06 5.40
C GLY B 107 -41.78 16.39 6.74
N ASP B 108 -40.55 15.94 6.95
CA ASP B 108 -40.22 15.19 8.16
C ASP B 108 -39.74 16.11 9.29
N GLU B 109 -39.32 15.49 10.38
CA GLU B 109 -38.69 16.21 11.50
C GLU B 109 -37.75 15.26 12.24
N LEU B 110 -36.53 15.73 12.52
CA LEU B 110 -35.65 15.06 13.47
C LEU B 110 -35.80 15.68 14.85
N LEU B 111 -36.04 14.84 15.85
CA LEU B 111 -36.19 15.32 17.23
C LEU B 111 -35.04 14.89 18.13
N TYR B 112 -34.11 15.81 18.38
CA TYR B 112 -33.03 15.58 19.33
C TYR B 112 -33.48 15.79 20.77
N ILE B 113 -33.53 14.70 21.53
CA ILE B 113 -34.14 14.72 22.85
C ILE B 113 -33.08 14.84 23.96
N THR B 114 -31.88 15.24 23.57
CA THR B 114 -30.77 15.36 24.52
C THR B 114 -30.31 16.80 24.65
N GLY B 115 -30.97 17.70 23.93
CA GLY B 115 -30.55 19.09 23.87
C GLY B 115 -29.62 19.37 22.72
N LYS B 116 -29.25 20.64 22.54
CA LYS B 116 -28.29 21.04 21.52
C LYS B 116 -27.13 20.04 21.41
N PRO B 117 -27.03 19.36 20.26
CA PRO B 117 -25.92 18.43 20.02
C PRO B 117 -24.64 19.18 19.69
N TYR B 118 -23.54 18.44 19.58
CA TYR B 118 -22.24 19.03 19.27
C TYR B 118 -22.30 19.93 18.04
N ASP B 119 -21.38 20.87 17.95
CA ASP B 119 -21.43 21.93 16.94
C ASP B 119 -21.85 21.41 15.56
N THR B 120 -21.05 20.52 14.98
CA THR B 120 -21.12 20.23 13.55
C THR B 120 -22.54 19.93 13.06
N LEU B 121 -23.36 19.35 13.94
CA LEU B 121 -24.73 19.03 13.58
C LEU B 121 -25.53 20.28 13.21
N GLU B 122 -25.25 21.38 13.90
CA GLU B 122 -25.76 22.69 13.50
C GLU B 122 -25.74 22.85 11.98
N GLU B 123 -24.58 22.57 11.37
CA GLU B 123 -24.37 22.87 9.96
C GLU B 123 -25.15 21.92 9.07
N ILE B 124 -25.10 20.63 9.39
CA ILE B 124 -25.95 19.64 8.73
C ILE B 124 -27.40 20.10 8.75
N VAL B 125 -27.88 20.51 9.91
CA VAL B 125 -29.26 20.96 10.06
C VAL B 125 -29.44 22.40 9.63
N GLY B 126 -28.45 22.93 8.92
CA GLY B 126 -28.61 24.16 8.16
C GLY B 126 -28.95 25.37 9.00
N VAL B 127 -28.69 25.28 10.29
CA VAL B 127 -28.93 26.41 11.19
C VAL B 127 -27.70 27.31 11.31
N ARG B 128 -26.57 26.83 10.79
CA ARG B 128 -25.33 27.59 10.81
C ARG B 128 -25.09 28.30 9.48
N GLY B 129 -24.29 27.68 8.61
CA GLY B 129 -24.21 28.09 7.22
C GLY B 129 -25.59 28.14 6.59
N LYS B 130 -25.76 29.03 5.61
CA LYS B 130 -27.10 29.37 5.12
C LYS B 130 -27.69 28.29 4.23
N GLY B 131 -27.49 27.04 4.61
CA GLY B 131 -27.92 25.91 3.79
C GLY B 131 -26.97 25.67 2.63
N VAL B 132 -26.10 24.68 2.78
CA VAL B 132 -25.18 24.30 1.72
C VAL B 132 -25.57 22.94 1.15
N GLY B 133 -26.84 22.59 1.31
CA GLY B 133 -27.31 21.22 1.08
C GLY B 133 -27.92 20.64 2.34
N SER B 134 -28.53 21.49 3.14
CA SER B 134 -28.98 21.11 4.49
C SER B 134 -30.43 20.67 4.51
N PHE B 135 -30.93 20.35 5.70
CA PHE B 135 -32.35 20.12 5.91
C PHE B 135 -33.17 21.31 5.44
N LYS B 136 -32.63 22.51 5.67
CA LYS B 136 -33.33 23.75 5.37
C LYS B 136 -33.84 23.79 3.92
N GLU B 137 -33.10 23.15 3.02
CA GLU B 137 -33.43 23.19 1.60
C GLU B 137 -34.21 21.96 1.16
N TYR B 138 -34.29 20.97 2.04
CA TYR B 138 -35.12 19.79 1.81
C TYR B 138 -36.37 19.81 2.68
N ASN B 139 -36.66 20.98 3.24
CA ASN B 139 -37.85 21.18 4.05
C ASN B 139 -37.99 20.15 5.17
N ILE B 140 -36.87 19.80 5.78
CA ILE B 140 -36.86 18.83 6.86
C ILE B 140 -36.69 19.53 8.20
N GLY B 141 -37.76 19.57 8.99
CA GLY B 141 -37.71 20.18 10.32
C GLY B 141 -36.61 19.61 11.18
N TYR B 142 -36.32 20.32 12.26
CA TYR B 142 -35.38 19.83 13.28
C TYR B 142 -35.64 20.54 14.60
N ASN B 143 -35.68 19.77 15.68
CA ASN B 143 -35.94 20.33 17.01
C ASN B 143 -34.98 19.78 18.05
N ALA B 144 -34.50 20.66 18.93
CA ALA B 144 -33.57 20.27 19.97
C ALA B 144 -34.16 20.54 21.36
N VAL B 145 -34.91 19.56 21.86
CA VAL B 145 -35.42 19.59 23.22
C VAL B 145 -34.27 19.69 24.23
N PRO B 146 -34.29 20.75 25.05
CA PRO B 146 -33.26 20.96 26.05
C PRO B 146 -33.33 19.92 27.17
N LEU B 147 -32.32 19.89 28.02
CA LEU B 147 -32.30 18.99 29.16
C LEU B 147 -32.79 19.68 30.42
N THR B 148 -33.41 18.93 31.33
CA THR B 148 -33.62 19.39 32.68
C THR B 148 -32.42 20.20 33.17
N GLU B 149 -32.68 21.22 33.98
CA GLU B 149 -31.63 21.94 34.68
C GLU B 149 -30.73 20.96 35.45
N GLY B 150 -31.26 19.77 35.69
CA GLY B 150 -30.53 18.73 36.42
C GLY B 150 -29.72 17.82 35.51
N GLY B 151 -29.94 17.96 34.21
CA GLY B 151 -29.10 17.28 33.22
C GLY B 151 -29.72 16.01 32.68
N LEU B 152 -30.87 15.63 33.24
CA LEU B 152 -31.67 14.56 32.67
C LEU B 152 -32.46 15.07 31.46
N VAL B 153 -33.15 14.17 30.78
CA VAL B 153 -33.95 14.56 29.62
C VAL B 153 -35.32 15.06 30.03
N ASP B 154 -35.80 16.09 29.34
CA ASP B 154 -37.08 16.72 29.64
C ASP B 154 -38.23 15.88 29.07
N PHE B 155 -38.49 14.74 29.70
CA PHE B 155 -39.48 13.79 29.19
C PHE B 155 -40.83 14.46 28.93
N GLU B 156 -41.14 15.47 29.74
CA GLU B 156 -42.34 16.27 29.53
C GLU B 156 -42.29 16.98 28.18
N ALA B 157 -41.21 17.72 27.96
CA ALA B 157 -41.03 18.45 26.70
C ALA B 157 -40.91 17.51 25.51
N VAL B 158 -40.24 16.38 25.72
CA VAL B 158 -40.10 15.37 24.67
C VAL B 158 -41.45 14.85 24.22
N ALA B 159 -42.24 14.38 25.18
CA ALA B 159 -43.60 13.90 24.90
C ALA B 159 -44.41 14.94 24.13
N ALA B 160 -44.19 16.22 24.45
CA ALA B 160 -44.98 17.29 23.86
C ALA B 160 -44.49 17.63 22.44
N ALA B 161 -43.19 17.48 22.22
CA ALA B 161 -42.59 17.80 20.93
C ALA B 161 -42.97 16.77 19.86
N ILE B 162 -43.14 15.52 20.28
CA ILE B 162 -43.44 14.45 19.36
C ILE B 162 -44.81 14.62 18.71
N HIS B 163 -44.88 14.31 17.42
CA HIS B 163 -46.15 14.25 16.71
C HIS B 163 -46.00 13.50 15.40
N SER B 164 -46.95 13.69 14.48
CA SER B 164 -47.03 12.88 13.27
C SER B 164 -45.81 13.04 12.36
N ASN B 165 -45.24 14.25 12.34
CA ASN B 165 -44.13 14.53 11.44
C ASN B 165 -42.77 14.15 12.01
N THR B 166 -42.73 13.90 13.32
CA THR B 166 -41.52 13.40 13.96
C THR B 166 -41.14 12.02 13.44
N LYS B 167 -40.30 11.99 12.42
CA LYS B 167 -39.94 10.75 11.75
C LYS B 167 -38.82 10.04 12.50
N MSE B 168 -38.03 10.81 13.24
CA MSE B 168 -36.73 10.37 13.70
C MSE B 168 -36.37 11.05 15.02
O MSE B 168 -36.55 12.26 15.16
CB MSE B 168 -35.66 10.66 12.64
CG MSE B 168 -34.37 9.89 12.81
SE MSE B 168 -33.08 10.28 11.40
CE MSE B 168 -32.28 8.50 11.23
N ILE B 169 -35.88 10.27 15.98
CA ILE B 169 -35.48 10.78 17.28
C ILE B 169 -33.97 10.61 17.46
N GLY B 170 -33.32 11.62 18.03
CA GLY B 170 -31.87 11.63 18.15
C GLY B 170 -31.39 11.56 19.59
N ILE B 171 -30.25 10.90 19.80
CA ILE B 171 -29.66 10.78 21.13
C ILE B 171 -28.14 10.78 21.04
N GLN B 172 -27.51 11.75 21.68
CA GLN B 172 -26.05 11.78 21.75
C GLN B 172 -25.52 11.30 23.11
N ARG B 173 -24.65 10.30 23.06
CA ARG B 173 -24.25 9.55 24.24
C ARG B 173 -23.25 10.34 25.09
N SER B 174 -22.08 10.60 24.51
CA SER B 174 -21.02 11.33 25.21
C SER B 174 -21.32 12.82 25.27
N LYS B 175 -20.81 13.48 26.30
CA LYS B 175 -21.19 14.87 26.59
C LYS B 175 -20.48 15.84 25.66
N GLY B 176 -19.25 15.51 25.29
CA GLY B 176 -18.37 16.45 24.61
C GLY B 176 -18.08 17.67 25.46
N TYR B 177 -18.23 18.85 24.86
CA TYR B 177 -18.00 20.10 25.56
C TYR B 177 -19.23 20.53 26.35
N ALA B 178 -20.29 19.73 26.27
CA ALA B 178 -21.55 20.04 26.92
C ALA B 178 -21.48 19.81 28.44
N THR B 179 -22.27 20.57 29.17
CA THR B 179 -22.22 20.57 30.63
C THR B 179 -23.21 19.58 31.21
N ARG B 180 -22.90 18.29 31.08
CA ARG B 180 -23.78 17.23 31.58
C ARG B 180 -23.14 15.84 31.48
N PRO B 181 -23.58 14.93 32.37
CA PRO B 181 -23.07 13.55 32.35
C PRO B 181 -23.31 12.90 31.00
N SER B 182 -22.29 12.20 30.49
CA SER B 182 -22.45 11.37 29.30
C SER B 182 -23.43 10.23 29.56
N PHE B 183 -24.41 10.07 28.67
CA PHE B 183 -25.58 9.27 28.97
C PHE B 183 -25.26 7.78 28.92
N THR B 184 -25.75 7.04 29.91
CA THR B 184 -25.49 5.62 30.02
C THR B 184 -26.39 4.83 29.08
N ILE B 185 -26.00 3.58 28.80
CA ILE B 185 -26.86 2.66 28.09
C ILE B 185 -28.22 2.50 28.79
N SER B 186 -28.17 2.40 30.11
CA SER B 186 -29.40 2.29 30.90
C SER B 186 -30.29 3.52 30.73
N GLN B 187 -29.68 4.70 30.84
CA GLN B 187 -30.39 5.94 30.56
C GLN B 187 -30.89 5.98 29.12
N ILE B 188 -30.18 5.29 28.24
CA ILE B 188 -30.55 5.25 26.83
C ILE B 188 -31.69 4.26 26.58
N LYS B 189 -31.70 3.17 27.35
CA LYS B 189 -32.76 2.17 27.27
C LYS B 189 -34.11 2.76 27.71
N GLU B 190 -34.12 3.35 28.89
CA GLU B 190 -35.26 4.12 29.38
C GLU B 190 -35.80 5.04 28.29
N MSE B 191 -34.87 5.68 27.58
CA MSE B 191 -35.21 6.73 26.62
C MSE B 191 -36.08 6.22 25.48
O MSE B 191 -37.12 6.79 25.18
CB MSE B 191 -33.93 7.34 26.04
CG MSE B 191 -33.38 8.49 26.82
SE MSE B 191 -31.91 9.31 25.84
CE MSE B 191 -30.90 10.01 27.36
N ILE B 192 -35.55 5.25 24.75
CA ILE B 192 -36.21 4.76 23.54
C ILE B 192 -37.56 4.15 23.89
N ALA B 193 -37.63 3.47 25.04
CA ALA B 193 -38.87 2.87 25.50
C ALA B 193 -39.93 3.95 25.74
N PHE B 194 -39.50 5.10 26.23
CA PHE B 194 -40.40 6.24 26.42
C PHE B 194 -40.99 6.68 25.09
N VAL B 195 -40.13 7.17 24.19
CA VAL B 195 -40.58 7.77 22.93
C VAL B 195 -41.33 6.76 22.05
N LYS B 196 -40.84 5.53 22.03
CA LYS B 196 -41.45 4.48 21.22
C LYS B 196 -42.85 4.16 21.71
N GLU B 197 -43.06 4.29 23.02
CA GLU B 197 -44.38 4.14 23.60
C GLU B 197 -45.33 5.15 22.98
N ILE B 198 -44.86 6.39 22.83
CA ILE B 198 -45.69 7.47 22.30
C ILE B 198 -45.90 7.34 20.80
N LYS B 199 -44.97 6.68 20.12
CA LYS B 199 -45.07 6.49 18.68
C LYS B 199 -44.08 5.42 18.17
N PRO B 200 -44.54 4.17 18.09
CA PRO B 200 -43.69 3.05 17.65
C PRO B 200 -43.13 3.27 16.25
N ASP B 201 -43.77 4.16 15.50
CA ASP B 201 -43.33 4.50 14.15
C ASP B 201 -41.89 4.99 14.13
N VAL B 202 -41.60 5.99 14.96
CA VAL B 202 -40.34 6.73 14.88
C VAL B 202 -39.16 5.79 14.76
N VAL B 203 -38.18 6.17 13.95
CA VAL B 203 -36.86 5.56 14.02
C VAL B 203 -35.98 6.28 15.03
N VAL B 204 -35.41 5.51 15.95
CA VAL B 204 -34.54 6.08 16.98
C VAL B 204 -33.07 5.94 16.60
N PHE B 205 -32.41 7.06 16.45
CA PHE B 205 -31.00 7.08 16.09
C PHE B 205 -30.16 7.58 17.26
N VAL B 206 -29.04 6.91 17.50
CA VAL B 206 -28.12 7.33 18.56
C VAL B 206 -26.70 7.54 18.04
N ASP B 207 -26.12 8.70 18.38
CA ASP B 207 -24.73 8.99 18.03
C ASP B 207 -23.77 8.47 19.10
N ASN B 208 -23.04 7.41 18.77
CA ASN B 208 -22.46 6.54 19.78
C ASN B 208 -20.96 6.75 19.91
N CYS B 209 -20.48 7.91 19.46
CA CYS B 209 -19.05 8.24 19.50
C CYS B 209 -18.56 8.24 20.95
N TYR B 210 -17.41 7.65 21.18
CA TYR B 210 -16.72 7.70 22.48
C TYR B 210 -17.25 6.70 23.50
N GLY B 211 -18.35 6.04 23.17
CA GLY B 211 -19.06 5.22 24.15
C GLY B 211 -18.85 3.75 23.86
N GLU B 212 -18.10 3.45 22.82
CA GLU B 212 -17.99 2.07 22.34
C GLU B 212 -17.10 1.21 23.23
N PHE B 213 -17.66 0.10 23.71
CA PHE B 213 -16.89 -0.91 24.41
C PHE B 213 -16.37 -0.43 25.76
N ILE B 214 -16.99 0.64 26.27
CA ILE B 214 -16.72 1.10 27.62
C ILE B 214 -17.85 0.71 28.57
N GLU B 215 -19.00 0.34 27.98
CA GLU B 215 -19.96 -0.52 28.67
C GLU B 215 -20.07 -1.84 27.93
N GLU B 216 -20.85 -2.77 28.50
CA GLU B 216 -20.94 -4.12 27.94
C GLU B 216 -22.12 -4.28 26.99
N GLN B 217 -22.70 -3.14 26.58
CA GLN B 217 -23.73 -3.11 25.56
C GLN B 217 -23.72 -1.76 24.86
N GLU B 218 -24.09 -1.75 23.58
CA GLU B 218 -24.27 -0.51 22.85
C GLU B 218 -25.75 -0.27 22.56
N PRO B 219 -26.10 0.93 22.09
CA PRO B 219 -27.50 1.33 22.11
C PRO B 219 -28.43 0.39 21.34
N CYS B 220 -27.90 -0.30 20.33
CA CYS B 220 -28.71 -1.23 19.54
C CYS B 220 -29.23 -2.40 20.36
N HIS B 221 -28.47 -2.80 21.37
CA HIS B 221 -28.88 -3.89 22.25
C HIS B 221 -30.19 -3.58 22.97
N VAL B 222 -30.61 -2.32 22.93
CA VAL B 222 -31.74 -1.87 23.73
C VAL B 222 -32.72 -1.00 22.92
N GLY B 223 -32.88 -1.32 21.64
CA GLY B 223 -34.05 -0.89 20.89
C GLY B 223 -33.79 0.31 19.98
N ALA B 224 -32.52 0.69 19.84
CA ALA B 224 -32.13 1.68 18.85
C ALA B 224 -32.24 1.08 17.45
N ASP B 225 -32.67 1.90 16.50
CA ASP B 225 -32.88 1.44 15.13
C ASP B 225 -31.67 1.72 14.26
N LEU B 226 -30.91 2.75 14.64
CA LEU B 226 -29.65 3.04 13.98
C LEU B 226 -28.66 3.65 14.97
N MSE B 227 -27.37 3.43 14.71
CA MSE B 227 -26.32 4.17 15.40
C MSE B 227 -25.11 4.30 14.48
O MSE B 227 -25.05 3.69 13.42
CB MSE B 227 -25.94 3.49 16.71
CG MSE B 227 -25.13 2.21 16.53
SE MSE B 227 -25.19 1.05 18.09
CE MSE B 227 -23.30 0.54 18.16
N ALA B 228 -24.16 5.14 14.88
CA ALA B 228 -22.94 5.33 14.11
C ALA B 228 -21.81 5.87 14.99
N GLY B 229 -20.66 6.08 14.38
CA GLY B 229 -19.49 6.56 15.10
C GLY B 229 -18.37 6.83 14.13
N SER B 230 -17.15 6.93 14.64
CA SER B 230 -15.98 6.97 13.78
C SER B 230 -15.01 5.86 14.12
N LEU B 231 -14.36 5.31 13.09
CA LEU B 231 -13.34 4.30 13.29
C LEU B 231 -12.06 4.90 13.83
N ILE B 232 -11.78 6.16 13.48
CA ILE B 232 -10.65 6.86 14.07
C ILE B 232 -10.88 7.12 15.56
N LYS B 233 -11.97 6.60 16.09
CA LYS B 233 -12.18 6.54 17.53
C LYS B 233 -12.13 5.10 18.05
N ASN B 234 -13.00 4.79 19.02
CA ASN B 234 -12.85 3.57 19.81
C ASN B 234 -12.79 2.27 19.00
N PRO B 235 -13.84 1.97 18.22
CA PRO B 235 -13.93 0.68 17.55
C PRO B 235 -12.77 0.40 16.60
N GLY B 236 -11.75 1.27 16.60
CA GLY B 236 -10.69 1.22 15.61
C GLY B 236 -9.38 0.62 16.13
N GLY B 237 -9.26 0.54 17.45
CA GLY B 237 -8.04 0.02 18.08
C GLY B 237 -6.85 0.95 17.89
N GLY B 238 -7.11 2.13 17.33
CA GLY B 238 -6.04 3.08 17.04
C GLY B 238 -5.25 2.73 15.79
N ILE B 239 -5.84 1.89 14.94
CA ILE B 239 -5.11 1.31 13.82
C ILE B 239 -5.74 1.66 12.46
N VAL B 240 -7.00 2.10 12.49
CA VAL B 240 -7.73 2.35 11.26
C VAL B 240 -7.63 3.81 10.84
N LYS B 241 -7.05 4.05 9.66
CA LYS B 241 -6.61 5.37 9.27
C LYS B 241 -7.77 6.31 8.94
N THR B 242 -8.96 5.75 8.81
CA THR B 242 -10.13 6.55 8.45
C THR B 242 -11.46 5.84 8.68
N GLY B 243 -12.52 6.38 8.08
CA GLY B 243 -13.78 5.64 7.95
C GLY B 243 -14.78 5.95 9.06
N GLY B 244 -15.97 5.40 8.93
CA GLY B 244 -16.98 5.49 9.97
C GLY B 244 -17.69 4.16 10.16
N TYR B 245 -18.95 4.21 10.57
CA TYR B 245 -19.77 3.01 10.64
C TYR B 245 -21.25 3.33 10.87
N ILE B 246 -22.12 2.48 10.34
CA ILE B 246 -23.55 2.57 10.55
C ILE B 246 -24.13 1.18 10.75
N VAL B 247 -24.57 0.88 11.98
CA VAL B 247 -25.20 -0.41 12.26
C VAL B 247 -26.56 -0.21 12.94
N GLY B 248 -27.49 -1.12 12.68
CA GLY B 248 -28.87 -0.94 13.10
C GLY B 248 -29.80 -1.96 12.48
N LYS B 249 -31.02 -1.54 12.17
CA LYS B 249 -32.04 -2.45 11.65
C LYS B 249 -31.96 -2.56 10.13
N GLU B 250 -32.09 -3.78 9.62
CA GLU B 250 -31.70 -4.08 8.25
C GLU B 250 -32.22 -3.04 7.26
N GLN B 251 -33.44 -2.55 7.49
CA GLN B 251 -34.12 -1.70 6.51
C GLN B 251 -33.67 -0.24 6.54
N TYR B 252 -33.26 0.23 7.71
CA TYR B 252 -32.76 1.60 7.86
C TYR B 252 -31.30 1.71 7.42
N VAL B 253 -30.56 0.62 7.54
CA VAL B 253 -29.22 0.53 6.97
C VAL B 253 -29.27 0.56 5.45
N GLU B 254 -30.23 -0.17 4.88
CA GLU B 254 -30.49 -0.11 3.43
C GLU B 254 -30.44 1.34 2.95
N ALA B 255 -31.17 2.20 3.63
CA ALA B 255 -31.33 3.59 3.20
C ALA B 255 -30.07 4.40 3.41
N CYS B 256 -29.32 4.07 4.46
CA CYS B 256 -27.97 4.60 4.63
C CYS B 256 -27.05 4.14 3.50
N ALA B 257 -27.36 2.98 2.93
CA ALA B 257 -26.58 2.42 1.83
C ALA B 257 -26.80 3.18 0.52
N TYR B 258 -28.06 3.23 0.09
CA TYR B 258 -28.42 4.00 -1.09
C TYR B 258 -28.02 5.47 -0.96
N ARG B 259 -28.26 6.03 0.21
CA ARG B 259 -27.91 7.43 0.48
C ARG B 259 -26.42 7.69 0.27
N LEU B 260 -25.58 6.86 0.88
CA LEU B 260 -24.14 7.06 0.79
C LEU B 260 -23.72 7.12 -0.67
N THR B 261 -24.06 6.07 -1.41
CA THR B 261 -23.63 5.93 -2.79
C THR B 261 -24.68 6.46 -3.76
N SER B 262 -25.59 5.59 -4.17
CA SER B 262 -26.62 5.96 -5.14
C SER B 262 -27.63 4.84 -5.29
N PRO B 263 -28.87 5.19 -5.68
CA PRO B 263 -29.81 4.16 -6.10
C PRO B 263 -29.24 3.36 -7.26
N GLY B 264 -29.46 2.05 -7.25
CA GLY B 264 -28.87 1.16 -8.24
C GLY B 264 -27.51 0.65 -7.81
N ILE B 265 -27.01 1.16 -6.69
CA ILE B 265 -25.79 0.64 -6.10
C ILE B 265 -26.03 0.14 -4.68
N GLY B 266 -26.72 0.94 -3.88
CA GLY B 266 -26.92 0.63 -2.47
C GLY B 266 -25.60 0.34 -1.78
N ALA B 267 -25.43 -0.90 -1.34
CA ALA B 267 -24.28 -1.26 -0.51
C ALA B 267 -23.48 -2.40 -1.13
N GLU B 268 -23.46 -2.45 -2.47
CA GLU B 268 -22.92 -3.60 -3.17
C GLU B 268 -21.59 -3.27 -3.85
N ALA B 269 -21.31 -1.99 -4.01
CA ALA B 269 -20.10 -1.55 -4.71
C ALA B 269 -19.21 -0.66 -3.84
N GLY B 270 -18.22 -0.05 -4.45
CA GLY B 270 -17.17 0.65 -3.71
C GLY B 270 -16.07 -0.30 -3.27
N ALA B 271 -14.90 -0.15 -3.89
CA ALA B 271 -13.78 -1.06 -3.64
C ALA B 271 -13.29 -0.95 -2.19
N SER B 272 -12.62 -1.99 -1.72
CA SER B 272 -12.06 -1.98 -0.37
C SER B 272 -10.72 -1.26 -0.40
N LEU B 273 -9.96 -1.50 -1.47
CA LEU B 273 -8.53 -1.20 -1.51
C LEU B 273 -7.80 -1.94 -0.39
N TYR B 274 -6.77 -1.32 0.19
CA TYR B 274 -5.90 -2.03 1.11
C TYR B 274 -6.25 -1.77 2.58
N SER B 275 -7.55 -1.72 2.88
CA SER B 275 -8.00 -1.14 4.14
C SER B 275 -8.61 -2.19 5.08
N LEU B 276 -8.77 -3.42 4.59
CA LEU B 276 -9.69 -4.37 5.20
C LEU B 276 -9.12 -5.07 6.44
N GLN B 277 -7.80 -5.28 6.43
CA GLN B 277 -7.15 -5.95 7.55
C GLN B 277 -7.12 -5.08 8.80
N GLU B 278 -6.64 -3.86 8.64
CA GLU B 278 -6.42 -2.95 9.77
C GLU B 278 -7.72 -2.67 10.52
N MSE B 279 -8.84 -2.97 9.88
CA MSE B 279 -10.15 -2.76 10.50
C MSE B 279 -10.57 -3.96 11.32
O MSE B 279 -10.93 -3.82 12.49
CB MSE B 279 -11.20 -2.44 9.43
CG MSE B 279 -11.13 -1.02 8.89
SE MSE B 279 -12.60 -0.59 7.65
CE MSE B 279 -12.17 -1.85 6.23
N TYR B 280 -10.48 -5.15 10.74
CA TYR B 280 -10.61 -6.38 11.52
C TYR B 280 -9.76 -6.28 12.78
N GLN B 281 -8.45 -6.13 12.61
CA GLN B 281 -7.50 -6.24 13.72
C GLN B 281 -7.66 -5.09 14.71
N GLY B 282 -8.12 -3.95 14.23
CA GLY B 282 -8.45 -2.83 15.11
C GLY B 282 -9.65 -3.14 15.99
N PHE B 283 -10.62 -3.84 15.40
CA PHE B 283 -11.85 -4.19 16.11
C PHE B 283 -11.57 -5.28 17.15
N PHE B 284 -10.67 -6.18 16.82
CA PHE B 284 -10.25 -7.23 17.76
C PHE B 284 -9.53 -6.62 18.96
N LEU B 285 -8.77 -5.56 18.72
CA LEU B 285 -8.01 -4.90 19.78
C LEU B 285 -8.83 -3.79 20.48
N ALA B 286 -9.96 -3.44 19.88
CA ALA B 286 -10.72 -2.26 20.29
C ALA B 286 -11.08 -2.27 21.77
N PRO B 287 -11.82 -3.30 22.22
CA PRO B 287 -12.23 -3.32 23.61
C PRO B 287 -11.06 -3.09 24.58
N HIS B 288 -9.89 -3.59 24.22
CA HIS B 288 -8.72 -3.48 25.09
C HIS B 288 -8.06 -2.10 24.98
N VAL B 289 -7.99 -1.57 23.77
CA VAL B 289 -7.43 -0.24 23.55
C VAL B 289 -8.29 0.82 24.21
N ALA B 290 -9.60 0.73 24.00
CA ALA B 290 -10.55 1.58 24.71
C ALA B 290 -10.42 1.39 26.21
N GLY B 291 -10.22 0.15 26.63
CA GLY B 291 -9.91 -0.16 28.03
C GLY B 291 -8.79 0.72 28.56
N GLN B 292 -7.72 0.84 27.77
CA GLN B 292 -6.53 1.56 28.21
C GLN B 292 -6.81 3.05 28.42
N ALA B 293 -7.59 3.63 27.52
CA ALA B 293 -7.96 5.04 27.65
C ALA B 293 -8.85 5.28 28.87
N LEU B 294 -9.70 4.31 29.18
CA LEU B 294 -10.61 4.43 30.30
C LEU B 294 -9.88 4.34 31.64
N LYS B 295 -9.05 3.31 31.80
CA LYS B 295 -8.21 3.18 32.98
C LYS B 295 -7.26 4.37 33.11
N GLY B 296 -7.00 5.04 32.00
CA GLY B 296 -6.30 6.32 32.01
C GLY B 296 -7.17 7.44 32.50
N ALA B 297 -8.32 7.62 31.85
CA ALA B 297 -9.30 8.61 32.27
C ALA B 297 -9.48 8.60 33.78
N ILE B 298 -9.68 7.41 34.34
CA ILE B 298 -10.04 7.29 35.75
C ILE B 298 -8.85 7.63 36.64
N PHE B 299 -7.66 7.25 36.21
CA PHE B 299 -6.44 7.63 36.92
C PHE B 299 -6.20 9.14 36.87
N THR B 300 -6.41 9.73 35.69
CA THR B 300 -6.40 11.18 35.56
C THR B 300 -7.27 11.82 36.63
N ALA B 301 -8.46 11.26 36.82
CA ALA B 301 -9.41 11.80 37.78
C ALA B 301 -8.94 11.55 39.21
N ALA B 302 -8.44 10.34 39.46
CA ALA B 302 -7.96 9.98 40.78
C ALA B 302 -6.69 10.76 41.14
N PHE B 303 -5.94 11.15 40.12
CA PHE B 303 -4.65 11.78 40.33
C PHE B 303 -4.80 13.28 40.59
N LEU B 304 -5.61 13.94 39.77
CA LEU B 304 -5.78 15.39 39.86
C LEU B 304 -6.73 15.77 40.98
N GLU B 305 -7.49 14.80 41.46
CA GLU B 305 -8.15 14.92 42.76
C GLU B 305 -7.13 15.21 43.85
N LYS B 306 -6.29 14.22 44.15
CA LYS B 306 -5.27 14.34 45.19
C LYS B 306 -4.49 15.64 45.08
N LEU B 307 -4.02 15.94 43.88
CA LEU B 307 -3.21 17.14 43.65
C LEU B 307 -4.03 18.41 43.88
N GLY B 308 -5.35 18.28 43.82
CA GLY B 308 -6.25 19.27 44.41
C GLY B 308 -7.07 20.01 43.38
N MSE B 309 -7.72 19.27 42.48
CA MSE B 309 -8.45 19.89 41.37
C MSE B 309 -9.74 19.14 41.07
O MSE B 309 -9.74 17.92 40.95
CB MSE B 309 -7.58 19.94 40.13
CG MSE B 309 -6.49 21.02 40.16
SE MSE B 309 -4.94 20.54 39.08
CE MSE B 309 -3.66 20.23 40.52
N ASN B 310 -10.84 19.88 40.95
CA ASN B 310 -12.11 19.29 40.53
C ASN B 310 -11.99 18.56 39.20
N THR B 311 -12.09 17.23 39.27
CA THR B 311 -12.11 16.42 38.05
C THR B 311 -13.53 15.93 37.75
N SER B 312 -13.80 15.69 36.47
CA SER B 312 -15.10 15.20 36.04
C SER B 312 -14.95 14.39 34.76
N PRO B 313 -15.59 13.21 34.69
CA PRO B 313 -16.23 12.54 35.82
C PRO B 313 -15.27 12.31 36.98
N ALA B 314 -15.81 12.06 38.17
CA ALA B 314 -15.02 11.56 39.28
C ALA B 314 -14.60 10.12 39.02
N TRP B 315 -13.44 9.72 39.55
CA TRP B 315 -12.83 8.45 39.17
C TRP B 315 -13.72 7.26 39.51
N ASN B 316 -14.42 7.34 40.64
CA ASN B 316 -15.27 6.24 41.10
C ASN B 316 -16.69 6.31 40.52
N ALA B 317 -16.93 7.31 39.68
CA ALA B 317 -18.18 7.39 38.93
C ALA B 317 -18.18 6.34 37.83
N PRO B 318 -19.36 5.77 37.54
CA PRO B 318 -19.53 4.94 36.36
C PRO B 318 -19.02 5.65 35.12
N ARG B 319 -18.74 4.90 34.06
CA ARG B 319 -18.31 5.49 32.80
C ARG B 319 -18.99 4.82 31.62
N THR B 320 -19.56 5.64 30.74
CA THR B 320 -20.18 5.15 29.51
C THR B 320 -19.38 5.54 28.28
N ASP B 321 -18.33 6.33 28.48
CA ASP B 321 -17.44 6.72 27.40
C ASP B 321 -16.12 7.26 27.94
N LEU B 322 -15.30 7.80 27.04
CA LEU B 322 -13.89 8.08 27.37
C LEU B 322 -13.67 9.55 27.70
N ILE B 323 -14.75 10.26 28.01
CA ILE B 323 -14.64 11.66 28.36
C ILE B 323 -14.20 11.86 29.81
N GLN B 324 -13.22 12.75 29.99
CA GLN B 324 -12.70 13.09 31.30
C GLN B 324 -12.10 14.49 31.25
N SER B 325 -12.24 15.24 32.34
CA SER B 325 -11.81 16.63 32.36
C SER B 325 -11.42 17.07 33.77
N VAL B 326 -10.50 18.01 33.85
CA VAL B 326 -10.03 18.51 35.15
C VAL B 326 -10.04 20.04 35.19
N GLN B 327 -10.30 20.58 36.37
CA GLN B 327 -10.28 22.03 36.56
C GLN B 327 -8.97 22.48 37.21
N PHE B 328 -8.17 23.22 36.45
CA PHE B 328 -6.88 23.71 36.94
C PHE B 328 -7.03 25.02 37.69
N ASP B 329 -8.11 25.75 37.40
CA ASP B 329 -8.43 26.96 38.15
C ASP B 329 -7.51 28.11 37.78
N ASP B 330 -6.48 27.83 36.99
CA ASP B 330 -5.52 28.85 36.59
C ASP B 330 -5.12 28.71 35.12
N LYS B 331 -5.26 29.81 34.37
CA LYS B 331 -4.94 29.82 32.95
C LYS B 331 -3.52 29.31 32.67
N ASP B 332 -2.54 29.86 33.38
CA ASP B 332 -1.15 29.49 33.16
C ASP B 332 -0.90 28.03 33.51
N ARG B 333 -1.72 27.49 34.39
CA ARG B 333 -1.62 26.08 34.80
C ARG B 333 -2.21 25.16 33.75
N MSE B 334 -3.38 25.54 33.22
CA MSE B 334 -3.97 24.84 32.10
C MSE B 334 -2.97 24.69 30.95
O MSE B 334 -2.58 23.59 30.60
CB MSE B 334 -5.23 25.57 31.62
CG MSE B 334 -6.13 24.72 30.74
SE MSE B 334 -7.72 25.69 30.17
CE MSE B 334 -6.96 26.68 28.67
N ILE B 335 -2.53 25.82 30.41
CA ILE B 335 -1.75 25.85 29.18
C ILE B 335 -0.47 25.04 29.31
N ALA B 336 0.27 25.26 30.38
CA ALA B 336 1.46 24.46 30.68
C ALA B 336 1.14 22.98 30.60
N PHE B 337 0.04 22.57 31.24
CA PHE B 337 -0.39 21.18 31.21
C PHE B 337 -0.56 20.68 29.78
N CYS B 338 -1.41 21.35 29.02
CA CYS B 338 -1.74 20.92 27.68
C CYS B 338 -0.51 20.90 26.77
N GLN B 339 0.49 21.70 27.12
CA GLN B 339 1.77 21.65 26.43
C GLN B 339 2.59 20.44 26.88
N ALA B 340 2.63 20.22 28.19
CA ALA B 340 3.24 19.01 28.75
C ALA B 340 2.81 17.75 28.00
N ILE B 341 1.53 17.70 27.65
CA ILE B 341 0.98 16.54 26.92
C ILE B 341 1.53 16.46 25.51
N GLN B 342 1.44 17.56 24.78
CA GLN B 342 1.90 17.59 23.39
C GLN B 342 3.39 17.26 23.30
N TYR B 343 4.11 17.44 24.41
CA TYR B 343 5.52 17.07 24.47
C TYR B 343 5.70 15.61 24.88
N ALA B 344 4.72 15.08 25.60
CA ALA B 344 4.75 13.69 26.03
C ALA B 344 4.13 12.75 25.00
N SER B 345 3.54 13.33 23.94
CA SER B 345 2.98 12.55 22.84
C SER B 345 4.09 11.97 21.96
N PRO B 346 3.78 10.88 21.24
CA PRO B 346 4.79 10.14 20.50
C PRO B 346 5.27 10.86 19.24
N ILE B 347 4.33 11.23 18.37
CA ILE B 347 4.69 11.94 17.15
C ILE B 347 4.39 13.43 17.27
N ASN B 348 5.31 14.25 16.79
CA ASN B 348 5.15 15.70 16.84
C ASN B 348 5.31 16.27 18.26
N SER B 349 6.30 15.77 19.00
CA SER B 349 6.57 16.28 20.34
C SER B 349 6.86 17.78 20.28
N HIS B 350 7.39 18.21 19.13
CA HIS B 350 8.14 19.46 19.04
C HIS B 350 7.23 20.60 18.59
N PHE B 351 6.03 20.24 18.15
CA PHE B 351 5.03 21.21 17.73
C PHE B 351 4.20 21.63 18.93
N THR B 352 4.78 22.46 19.80
CA THR B 352 4.14 22.79 21.08
C THR B 352 2.95 23.73 20.92
N PRO B 353 1.87 23.48 21.70
CA PRO B 353 0.57 24.11 21.50
C PRO B 353 0.44 25.48 22.15
N TYR B 354 -0.11 26.44 21.39
CA TYR B 354 -0.38 27.77 21.92
C TYR B 354 -1.85 28.15 21.73
N ALA B 355 -2.27 29.22 22.40
CA ALA B 355 -3.65 29.66 22.32
C ALA B 355 -4.07 30.03 20.90
N ASN B 356 -5.13 29.39 20.43
CA ASN B 356 -5.69 29.69 19.11
C ASN B 356 -7.05 30.35 19.22
N TYR B 357 -7.29 31.38 18.42
CA TYR B 357 -8.65 31.87 18.22
C TYR B 357 -9.52 30.73 17.72
N MSE B 358 -10.66 30.55 18.36
CA MSE B 358 -11.61 29.52 17.98
C MSE B 358 -12.76 30.14 17.18
O MSE B 358 -13.49 30.98 17.71
CB MSE B 358 -12.17 28.81 19.21
CG MSE B 358 -11.83 27.33 19.29
SE MSE B 358 -12.64 26.30 17.84
CE MSE B 358 -11.07 26.07 16.71
N PRO B 359 -12.90 29.76 15.90
CA PRO B 359 -14.04 30.20 15.13
C PRO B 359 -15.36 29.89 15.86
N GLY B 360 -16.29 30.83 15.81
CA GLY B 360 -17.58 30.66 16.48
C GLY B 360 -17.52 31.01 17.96
N TYR B 361 -16.53 30.47 18.66
CA TYR B 361 -16.41 30.68 20.10
C TYR B 361 -15.64 31.95 20.43
N GLU B 362 -16.28 32.84 21.18
CA GLU B 362 -15.69 34.15 21.50
C GLU B 362 -14.54 34.02 22.49
N ASP B 363 -14.01 32.81 22.65
CA ASP B 363 -12.81 32.59 23.44
C ASP B 363 -11.73 31.89 22.63
N ASP B 364 -10.49 31.96 23.12
CA ASP B 364 -9.41 31.16 22.58
C ASP B 364 -9.35 29.81 23.29
N VAL B 365 -8.91 28.79 22.55
CA VAL B 365 -8.70 27.48 23.13
C VAL B 365 -7.27 27.01 22.88
N ILE B 366 -6.82 26.01 23.62
CA ILE B 366 -5.55 25.37 23.36
C ILE B 366 -5.73 23.90 23.03
N MSE B 367 -5.08 23.45 21.97
CA MSE B 367 -5.30 22.11 21.44
C MSE B 367 -4.02 21.29 21.45
O MSE B 367 -3.16 21.46 20.59
CB MSE B 367 -5.84 22.18 20.02
CG MSE B 367 -7.16 22.89 19.91
SE MSE B 367 -8.23 22.13 18.50
CE MSE B 367 -7.86 20.23 18.83
N ALA B 368 -3.89 20.41 22.44
CA ALA B 368 -2.81 19.45 22.46
C ALA B 368 -3.27 18.11 21.87
N ALA B 369 -2.56 17.64 20.85
CA ALA B 369 -2.84 16.35 20.25
C ALA B 369 -1.68 15.88 19.38
N GLY B 370 -0.84 15.00 19.92
CA GLY B 370 0.24 14.39 19.15
C GLY B 370 -0.05 12.93 18.85
N THR B 371 -0.78 12.70 17.76
CA THR B 371 -1.36 11.39 17.48
C THR B 371 -0.84 10.83 16.17
N PHE B 372 -0.80 9.49 16.07
CA PHE B 372 -0.36 8.83 14.85
C PHE B 372 -1.30 9.11 13.67
N ILE B 373 -2.58 9.28 13.96
CA ILE B 373 -3.57 9.64 12.95
C ILE B 373 -4.15 11.03 13.23
N GLN B 374 -4.40 11.79 12.17
CA GLN B 374 -4.99 13.12 12.32
C GLN B 374 -6.37 13.04 12.99
N GLY B 375 -6.43 13.43 14.25
CA GLY B 375 -7.71 13.60 14.95
C GLY B 375 -8.31 12.32 15.49
N ALA B 376 -7.52 11.25 15.51
CA ALA B 376 -7.92 9.99 16.13
C ALA B 376 -7.99 10.12 17.65
N SER B 377 -9.18 10.43 18.17
CA SER B 377 -9.33 10.85 19.55
C SER B 377 -9.42 9.65 20.50
N ILE B 378 -9.04 8.47 20.00
CA ILE B 378 -8.71 7.33 20.85
C ILE B 378 -7.30 7.49 21.42
N GLU B 379 -6.53 8.39 20.81
CA GLU B 379 -5.17 8.68 21.27
C GLU B 379 -5.16 9.87 22.23
N LEU B 380 -4.15 9.91 23.10
CA LEU B 380 -4.05 10.97 24.10
C LEU B 380 -4.07 12.34 23.44
N SER B 381 -5.01 13.17 23.88
CA SER B 381 -5.08 14.56 23.46
C SER B 381 -5.73 15.39 24.55
N ALA B 382 -5.08 16.48 24.93
CA ALA B 382 -5.66 17.43 25.86
C ALA B 382 -6.04 18.71 25.12
N ASP B 383 -7.06 19.38 25.62
CA ASP B 383 -7.52 20.62 25.01
C ASP B 383 -8.77 21.15 25.72
N GLY B 384 -9.04 22.43 25.53
CA GLY B 384 -10.16 23.08 26.20
C GLY B 384 -10.22 24.57 25.95
N PRO B 385 -11.40 25.17 26.09
CA PRO B 385 -11.59 26.60 25.90
C PRO B 385 -10.98 27.42 27.04
N ILE B 386 -10.18 28.42 26.68
CA ILE B 386 -9.50 29.26 27.66
C ILE B 386 -10.46 30.19 28.37
N ARG B 387 -10.98 29.73 29.51
CA ARG B 387 -11.91 30.52 30.31
C ARG B 387 -12.19 29.76 31.61
N PRO B 388 -12.42 30.49 32.70
CA PRO B 388 -12.57 29.92 34.03
C PRO B 388 -13.74 28.96 34.11
N PRO B 389 -13.68 27.98 35.02
CA PRO B 389 -12.56 27.73 35.93
C PRO B 389 -11.62 26.75 35.24
N TYR B 390 -11.33 27.02 33.97
CA TYR B 390 -10.19 26.47 33.23
C TYR B 390 -10.22 24.96 33.12
N VAL B 391 -11.25 24.46 32.44
CA VAL B 391 -11.45 23.03 32.26
C VAL B 391 -10.86 22.56 30.94
N ALA B 392 -9.86 21.68 31.02
CA ALA B 392 -9.24 21.11 29.83
C ALA B 392 -9.49 19.60 29.75
N TYR B 393 -10.11 19.17 28.66
CA TYR B 393 -10.39 17.75 28.45
C TYR B 393 -9.10 17.00 28.15
N VAL B 394 -8.79 16.01 28.98
CA VAL B 394 -7.59 15.20 28.80
C VAL B 394 -7.95 13.72 28.74
N GLN B 395 -8.11 13.21 27.53
CA GLN B 395 -8.62 11.86 27.31
C GLN B 395 -7.88 11.18 26.16
N GLY B 396 -8.18 9.90 25.95
CA GLY B 396 -7.46 9.10 24.99
C GLY B 396 -6.25 8.42 25.61
N GLY B 397 -5.69 7.47 24.88
CA GLY B 397 -4.63 6.63 25.41
C GLY B 397 -4.66 5.25 24.80
N LEU B 398 -3.70 4.98 23.92
CA LEU B 398 -3.61 3.69 23.26
C LEU B 398 -3.08 2.63 24.22
N THR B 399 -2.20 3.04 25.13
CA THR B 399 -1.79 2.18 26.23
C THR B 399 -1.89 2.92 27.55
N TYR B 400 -2.29 2.19 28.60
CA TYR B 400 -2.30 2.74 29.95
C TYR B 400 -0.96 3.37 30.29
N SER B 401 0.12 2.71 29.88
CA SER B 401 1.47 3.20 30.14
C SER B 401 1.64 4.62 29.62
N HIS B 402 1.08 4.90 28.45
CA HIS B 402 1.14 6.24 27.87
C HIS B 402 0.47 7.27 28.76
N VAL B 403 -0.84 7.15 28.93
CA VAL B 403 -1.59 8.06 29.79
C VAL B 403 -0.89 8.27 31.13
N LYS B 404 -0.35 7.20 31.69
CA LYS B 404 0.34 7.26 32.97
C LYS B 404 1.64 8.07 32.87
N ILE B 405 2.44 7.78 31.86
CA ILE B 405 3.68 8.52 31.64
C ILE B 405 3.40 9.97 31.26
N ALA B 406 2.35 10.18 30.49
CA ALA B 406 2.00 11.52 30.01
C ALA B 406 1.68 12.48 31.16
N ILE B 407 0.65 12.17 31.94
CA ILE B 407 0.17 13.10 32.97
C ILE B 407 1.10 13.14 34.18
N CYS B 408 1.91 12.10 34.35
CA CYS B 408 3.05 12.16 35.24
C CYS B 408 4.04 13.23 34.77
N SER B 409 4.24 13.29 33.45
CA SER B 409 5.15 14.27 32.87
C SER B 409 4.51 15.66 32.87
N ALA B 410 3.19 15.69 32.88
CA ALA B 410 2.45 16.95 32.84
C ALA B 410 2.50 17.67 34.18
N ILE B 411 2.61 16.89 35.26
CA ILE B 411 2.71 17.45 36.60
C ILE B 411 4.15 17.83 36.92
N ASP B 412 5.09 17.00 36.46
CA ASP B 412 6.51 17.33 36.54
C ASP B 412 6.75 18.74 36.02
N GLU B 413 6.28 19.00 34.81
CA GLU B 413 6.58 20.25 34.12
C GLU B 413 6.02 21.45 34.86
N LEU B 414 4.77 21.35 35.30
CA LEU B 414 4.06 22.52 35.82
C LEU B 414 4.03 22.60 37.34
N ILE B 415 4.62 21.60 38.00
CA ILE B 415 4.60 21.55 39.46
C ILE B 415 5.68 22.44 40.07
N LEU C 5 -18.98 -19.81 28.98
CA LEU C 5 -18.27 -21.13 28.96
C LEU C 5 -19.04 -22.18 29.76
N LYS C 6 -19.12 -23.40 29.22
CA LYS C 6 -19.98 -24.43 29.76
C LYS C 6 -19.51 -24.89 31.14
N ASN C 7 -18.24 -25.27 31.24
CA ASN C 7 -17.68 -25.77 32.48
C ASN C 7 -16.96 -24.67 33.25
N GLY C 8 -17.63 -23.53 33.41
CA GLY C 8 -17.01 -22.34 34.00
C GLY C 8 -17.66 -21.90 35.28
N GLU C 9 -17.61 -22.77 36.29
CA GLU C 9 -17.98 -22.39 37.66
C GLU C 9 -17.10 -23.13 38.65
N LYS C 10 -16.19 -23.94 38.12
CA LYS C 10 -15.06 -24.45 38.88
C LYS C 10 -13.81 -23.64 38.52
N ILE C 11 -13.85 -23.04 37.33
CA ILE C 11 -12.68 -22.38 36.76
C ILE C 11 -12.61 -20.93 37.21
N ALA C 12 -13.78 -20.30 37.31
CA ALA C 12 -13.84 -18.87 37.66
C ALA C 12 -13.22 -18.57 39.01
N PRO C 13 -13.52 -19.39 40.03
CA PRO C 13 -12.87 -19.21 41.32
C PRO C 13 -11.39 -19.58 41.29
N ILE C 14 -10.99 -20.40 40.32
CA ILE C 14 -9.59 -20.82 40.20
C ILE C 14 -8.72 -19.78 39.49
N VAL C 15 -9.19 -19.27 38.35
CA VAL C 15 -8.51 -18.18 37.66
C VAL C 15 -8.56 -16.90 38.48
N LYS C 16 -9.61 -16.76 39.28
CA LYS C 16 -9.71 -15.69 40.27
C LYS C 16 -8.64 -15.82 41.34
N GLU C 17 -8.18 -17.05 41.57
CA GLU C 17 -7.15 -17.32 42.55
C GLU C 17 -5.76 -17.30 41.93
N VAL C 18 -5.67 -17.73 40.68
CA VAL C 18 -4.44 -17.59 39.92
C VAL C 18 -4.01 -16.12 39.89
N GLU C 19 -4.96 -15.26 39.55
CA GLU C 19 -4.71 -13.83 39.46
C GLU C 19 -4.25 -13.24 40.80
N SER C 20 -5.01 -13.52 41.85
CA SER C 20 -4.74 -12.95 43.17
C SER C 20 -3.43 -13.49 43.71
N GLN C 21 -2.92 -14.54 43.06
CA GLN C 21 -1.62 -15.10 43.40
C GLN C 21 -0.50 -14.43 42.62
N ILE C 22 -0.76 -14.11 41.36
CA ILE C 22 0.24 -13.53 40.48
C ILE C 22 0.26 -12.00 40.55
N THR C 23 -0.47 -11.44 41.50
CA THR C 23 -0.71 -9.99 41.54
C THR C 23 0.58 -9.19 41.44
N GLU C 24 1.60 -9.63 42.19
CA GLU C 24 2.84 -8.87 42.31
C GLU C 24 3.74 -9.02 41.08
N VAL C 25 3.80 -10.24 40.54
CA VAL C 25 4.56 -10.48 39.32
C VAL C 25 4.10 -9.57 38.19
N HIS C 26 2.79 -9.37 38.11
CA HIS C 26 2.19 -8.54 37.07
C HIS C 26 2.63 -7.08 37.22
N LYS C 27 2.35 -6.49 38.38
CA LYS C 27 2.78 -5.13 38.66
C LYS C 27 4.24 -4.95 38.24
N ARG C 28 5.03 -5.99 38.42
CA ARG C 28 6.46 -5.92 38.16
C ARG C 28 6.76 -5.93 36.66
N ALA C 29 5.88 -6.56 35.89
CA ALA C 29 5.96 -6.50 34.44
C ALA C 29 5.42 -5.18 33.94
N ASP C 30 4.49 -4.59 34.69
CA ASP C 30 4.03 -3.24 34.42
C ASP C 30 5.16 -2.22 34.60
N GLU C 31 5.90 -2.36 35.71
CA GLU C 31 7.00 -1.46 36.00
C GLU C 31 7.92 -1.29 34.78
N VAL C 32 8.35 -2.41 34.22
CA VAL C 32 9.24 -2.38 33.06
C VAL C 32 8.51 -2.07 31.76
N ILE C 33 7.19 -2.25 31.75
CA ILE C 33 6.37 -1.70 30.68
C ILE C 33 6.46 -0.18 30.65
N GLU C 34 6.03 0.45 31.75
CA GLU C 34 6.18 1.88 31.92
C GLU C 34 7.61 2.34 31.61
N SER C 35 8.59 1.63 32.16
CA SER C 35 9.99 2.01 32.01
C SER C 35 10.48 1.85 30.59
N ASN C 36 9.97 0.84 29.88
CA ASN C 36 10.31 0.65 28.47
C ASN C 36 9.62 1.65 27.56
N GLN C 37 8.38 1.99 27.88
CA GLN C 37 7.57 2.86 27.03
C GLN C 37 7.99 4.32 27.15
N PHE C 38 8.27 4.74 28.38
CA PHE C 38 8.86 6.06 28.63
C PHE C 38 10.12 6.25 27.79
N ARG C 39 10.88 5.18 27.63
CA ARG C 39 12.13 5.23 26.88
C ARG C 39 11.90 5.41 25.39
N VAL C 40 10.91 4.69 24.85
CA VAL C 40 10.55 4.85 23.44
C VAL C 40 10.01 6.26 23.20
N LEU C 41 9.18 6.73 24.11
CA LEU C 41 8.69 8.11 24.06
C LEU C 41 9.86 9.11 24.07
N GLU C 42 10.74 8.98 25.05
CA GLU C 42 11.94 9.82 25.12
C GLU C 42 12.61 9.94 23.76
N SER C 43 12.87 8.81 23.12
CA SER C 43 13.72 8.78 21.94
C SER C 43 13.00 9.34 20.73
N PHE C 44 11.67 9.19 20.71
CA PHE C 44 10.82 9.94 19.79
C PHE C 44 10.97 11.43 20.03
N GLY C 45 10.79 11.84 21.28
CA GLY C 45 10.96 13.24 21.67
C GLY C 45 12.30 13.77 21.20
N LYS C 46 13.29 12.89 21.15
CA LYS C 46 14.67 13.29 20.86
C LYS C 46 14.89 13.52 19.37
N HIS C 47 14.32 12.65 18.54
CA HIS C 47 14.43 12.80 17.10
C HIS C 47 13.23 13.55 16.52
N LYS C 48 12.46 14.17 17.40
CA LYS C 48 11.33 15.02 17.01
C LYS C 48 10.48 14.39 15.91
N ILE C 49 10.30 13.08 15.97
CA ILE C 49 9.62 12.34 14.90
C ILE C 49 8.28 12.98 14.56
N SER C 50 7.92 12.94 13.28
CA SER C 50 6.69 13.54 12.81
C SER C 50 5.99 12.62 11.82
N ASP C 51 4.80 13.03 11.38
CA ASP C 51 4.06 12.31 10.37
C ASP C 51 4.69 12.49 8.98
N SER C 52 5.82 13.19 8.94
CA SER C 52 6.58 13.34 7.70
C SER C 52 7.64 12.25 7.58
N HIS C 53 7.91 11.56 8.68
CA HIS C 53 8.76 10.38 8.65
C HIS C 53 8.01 9.17 8.10
N PHE C 54 6.70 9.32 7.95
CA PHE C 54 5.85 8.23 7.49
C PHE C 54 5.81 8.16 5.97
N ILE C 55 6.45 9.11 5.31
CA ILE C 55 6.24 9.31 3.88
C ILE C 55 6.95 8.26 3.05
N PRO C 56 6.22 7.66 2.10
CA PRO C 56 6.70 6.60 1.21
C PRO C 56 7.83 7.08 0.31
N THR C 57 8.76 6.18 -0.01
CA THR C 57 9.78 6.44 -1.03
C THR C 57 9.84 5.27 -2.02
N THR C 58 9.79 5.61 -3.31
CA THR C 58 9.83 4.59 -4.35
C THR C 58 11.21 4.52 -5.00
N GLY C 59 11.34 3.69 -6.03
CA GLY C 59 12.55 3.65 -6.84
C GLY C 59 13.79 3.24 -6.04
N TYR C 60 14.82 4.08 -6.08
CA TYR C 60 16.10 3.76 -5.46
C TYR C 60 16.02 3.89 -3.94
N GLY C 61 14.92 4.42 -3.44
CA GLY C 61 14.74 4.65 -2.02
C GLY C 61 15.78 5.59 -1.44
N TYR C 62 16.06 6.67 -2.17
CA TYR C 62 17.06 7.64 -1.75
C TYR C 62 16.45 8.73 -0.87
N ASP C 63 17.30 9.61 -0.34
CA ASP C 63 16.85 10.75 0.46
C ASP C 63 15.67 10.41 1.37
N ASP C 64 15.71 9.22 1.98
CA ASP C 64 14.58 8.72 2.74
C ASP C 64 14.77 8.97 4.24
N ILE C 65 14.57 10.21 4.66
CA ILE C 65 14.81 10.59 6.04
C ILE C 65 13.98 9.76 7.02
N GLY C 66 12.91 9.15 6.51
CA GLY C 66 12.00 8.37 7.33
C GLY C 66 12.61 7.05 7.76
N ARG C 67 13.02 6.24 6.80
CA ARG C 67 13.79 5.03 7.06
C ARG C 67 14.94 5.31 8.02
N ASP C 68 16.00 5.93 7.50
CA ASP C 68 17.27 6.03 8.20
C ASP C 68 17.09 6.48 9.64
N THR C 69 16.28 7.51 9.83
CA THR C 69 16.03 8.03 11.17
C THR C 69 15.34 7.00 12.06
N LEU C 70 14.35 6.29 11.50
CA LEU C 70 13.71 5.20 12.21
C LEU C 70 14.73 4.18 12.74
N GLU C 71 15.81 4.00 12.00
CA GLU C 71 16.90 3.13 12.43
C GLU C 71 17.60 3.69 13.66
N LYS C 72 17.87 4.99 13.64
CA LYS C 72 18.55 5.64 14.76
C LYS C 72 17.73 5.51 16.03
N VAL C 73 16.41 5.64 15.91
CA VAL C 73 15.51 5.48 17.06
C VAL C 73 15.60 4.09 17.64
N TYR C 74 15.55 3.07 16.78
CA TYR C 74 15.75 1.69 17.19
C TYR C 74 17.08 1.53 17.91
N ALA C 75 18.15 2.02 17.28
CA ALA C 75 19.48 1.95 17.87
C ALA C 75 19.52 2.63 19.23
N ASP C 76 19.07 3.88 19.27
CA ASP C 76 19.05 4.65 20.51
C ASP C 76 18.42 3.83 21.62
N VAL C 77 17.19 3.36 21.38
CA VAL C 77 16.40 2.70 22.40
C VAL C 77 16.96 1.34 22.80
N PHE C 78 17.70 0.72 21.87
CA PHE C 78 18.30 -0.58 22.12
C PHE C 78 19.73 -0.44 22.63
N GLY C 79 20.19 0.81 22.74
CA GLY C 79 21.51 1.10 23.27
C GLY C 79 22.62 0.71 22.31
N ALA C 80 22.35 0.86 21.01
CA ALA C 80 23.39 0.74 20.00
C ALA C 80 23.61 2.05 19.24
N GLU C 81 24.76 2.14 18.57
CA GLU C 81 25.09 3.32 17.78
C GLU C 81 24.19 3.44 16.54
N ALA C 82 24.02 2.32 15.84
CA ALA C 82 23.35 2.34 14.56
C ALA C 82 22.32 1.23 14.48
N GLY C 83 21.43 1.32 13.50
CA GLY C 83 20.45 0.27 13.25
C GLY C 83 20.20 0.06 11.78
N LEU C 84 20.00 -1.19 11.39
CA LEU C 84 19.60 -1.53 10.03
C LEU C 84 18.23 -2.19 10.08
N VAL C 85 17.21 -1.41 10.41
CA VAL C 85 15.85 -1.93 10.52
C VAL C 85 15.00 -1.50 9.33
N ARG C 86 14.89 -2.38 8.34
CA ARG C 86 14.22 -2.03 7.09
C ARG C 86 13.59 -3.26 6.42
N PRO C 87 12.50 -3.04 5.68
CA PRO C 87 11.69 -4.12 5.11
C PRO C 87 12.53 -5.10 4.31
N GLN C 88 13.54 -4.59 3.62
CA GLN C 88 14.47 -5.40 2.86
C GLN C 88 14.93 -6.65 3.63
N ILE C 89 14.83 -6.59 4.96
CA ILE C 89 15.01 -7.79 5.79
C ILE C 89 13.67 -8.43 6.07
N ILE C 90 13.49 -9.66 5.61
CA ILE C 90 12.15 -10.24 5.48
C ILE C 90 11.69 -10.90 6.78
N SER C 91 12.63 -11.22 7.66
CA SER C 91 12.32 -11.90 8.92
C SER C 91 13.52 -11.92 9.86
N GLY C 92 13.31 -12.44 11.06
CA GLY C 92 14.38 -12.64 12.02
C GLY C 92 15.48 -13.53 11.49
N THR C 93 15.11 -14.69 10.98
CA THR C 93 16.07 -15.60 10.37
C THR C 93 16.98 -14.89 9.38
N HIS C 94 16.43 -13.92 8.66
CA HIS C 94 17.20 -13.14 7.71
C HIS C 94 18.06 -12.07 8.38
N ALA C 95 17.52 -11.47 9.44
CA ALA C 95 18.27 -10.47 10.21
C ALA C 95 19.57 -11.06 10.74
N ILE C 96 19.58 -12.37 10.95
CA ILE C 96 20.67 -13.02 11.66
C ILE C 96 21.77 -13.47 10.69
N SER C 97 21.35 -13.96 9.52
CA SER C 97 22.27 -14.44 8.50
C SER C 97 22.85 -13.27 7.71
N THR C 98 22.08 -12.20 7.61
CA THR C 98 22.60 -10.94 7.09
C THR C 98 23.70 -10.40 7.98
N ALA C 99 23.55 -10.60 9.29
CA ALA C 99 24.48 -10.05 10.27
C ALA C 99 25.67 -10.97 10.50
N LEU C 100 25.40 -12.27 10.62
CA LEU C 100 26.48 -13.26 10.66
C LEU C 100 27.40 -13.10 9.47
N PHE C 101 26.83 -13.16 8.26
CA PHE C 101 27.60 -13.03 7.04
C PHE C 101 28.19 -11.64 6.88
N GLY C 102 27.44 -10.64 7.33
CA GLY C 102 27.85 -9.24 7.18
C GLY C 102 29.16 -8.92 7.88
N ILE C 103 29.76 -9.91 8.51
CA ILE C 103 30.94 -9.69 9.33
C ILE C 103 32.00 -10.78 9.18
N LEU C 104 31.56 -12.01 8.93
CA LEU C 104 32.48 -13.14 8.81
C LEU C 104 33.08 -13.26 7.41
N ARG C 105 34.41 -13.35 7.36
CA ARG C 105 35.13 -13.52 6.10
C ARG C 105 35.87 -14.86 6.09
N PRO C 106 36.41 -15.25 4.93
CA PRO C 106 37.09 -16.53 4.81
C PRO C 106 38.21 -16.68 5.84
N GLY C 107 38.39 -17.90 6.35
CA GLY C 107 39.41 -18.16 7.35
C GLY C 107 38.91 -17.95 8.77
N ASP C 108 37.75 -17.33 8.90
CA ASP C 108 37.22 -16.95 10.20
C ASP C 108 36.41 -18.06 10.84
N GLU C 109 36.21 -17.96 12.15
CA GLU C 109 35.43 -18.95 12.89
C GLU C 109 34.33 -18.28 13.70
N LEU C 110 33.14 -18.89 13.68
CA LEU C 110 32.07 -18.48 14.56
C LEU C 110 31.97 -19.42 15.76
N LEU C 111 32.06 -18.86 16.96
CA LEU C 111 31.91 -19.64 18.17
C LEU C 111 30.63 -19.28 18.91
N TYR C 112 29.58 -20.06 18.67
CA TYR C 112 28.37 -19.98 19.47
C TYR C 112 28.60 -20.55 20.87
N ILE C 113 28.39 -19.72 21.89
CA ILE C 113 28.74 -20.10 23.25
C ILE C 113 27.54 -20.58 24.07
N THR C 114 26.33 -20.29 23.60
CA THR C 114 25.13 -20.69 24.31
C THR C 114 24.70 -22.11 23.95
N GLY C 115 25.62 -22.87 23.38
CA GLY C 115 25.31 -24.21 22.90
C GLY C 115 24.64 -24.17 21.54
N LYS C 116 24.23 -25.34 21.05
CA LYS C 116 23.60 -25.44 19.74
C LYS C 116 22.47 -24.42 19.58
N PRO C 117 22.58 -23.57 18.54
CA PRO C 117 21.54 -22.60 18.20
C PRO C 117 20.28 -23.28 17.69
N TYR C 118 19.25 -22.48 17.42
CA TYR C 118 17.99 -23.02 16.90
C TYR C 118 18.13 -23.45 15.43
N ASP C 119 17.36 -24.46 15.05
CA ASP C 119 17.57 -25.18 13.79
C ASP C 119 18.18 -24.32 12.69
N THR C 120 17.43 -23.30 12.26
CA THR C 120 17.66 -22.68 10.95
C THR C 120 19.10 -22.18 10.80
N LEU C 121 19.77 -21.93 11.92
CA LEU C 121 21.15 -21.47 11.90
C LEU C 121 22.10 -22.57 11.45
N GLU C 122 21.68 -23.81 11.62
CA GLU C 122 22.39 -24.94 11.03
C GLU C 122 22.48 -24.79 9.51
N GLU C 123 21.33 -24.61 8.87
CA GLU C 123 21.24 -24.56 7.42
C GLU C 123 22.14 -23.47 6.84
N ILE C 124 22.62 -22.58 7.70
CA ILE C 124 23.42 -21.44 7.27
C ILE C 124 24.91 -21.70 7.41
N VAL C 125 25.27 -22.65 8.27
CA VAL C 125 26.68 -22.92 8.56
C VAL C 125 27.22 -24.08 7.73
N GLY C 126 26.31 -24.82 7.10
CA GLY C 126 26.70 -25.98 6.29
C GLY C 126 26.75 -27.26 7.11
N VAL C 127 26.00 -27.27 8.21
CA VAL C 127 25.88 -28.47 9.03
C VAL C 127 24.68 -29.33 8.61
N ARG C 128 23.77 -28.74 7.85
CA ARG C 128 22.64 -29.48 7.27
C ARG C 128 22.29 -28.97 5.88
N GLY C 129 22.81 -27.81 5.52
CA GLY C 129 22.32 -27.06 4.38
C GLY C 129 22.73 -27.63 3.03
N LYS C 130 23.52 -28.71 3.06
CA LYS C 130 24.10 -29.26 1.84
C LYS C 130 25.02 -28.24 1.18
N GLY C 131 25.43 -27.23 1.95
CA GLY C 131 26.42 -26.25 1.49
C GLY C 131 25.87 -25.34 0.41
N VAL C 132 24.68 -24.80 0.64
CA VAL C 132 24.01 -23.98 -0.36
C VAL C 132 24.29 -22.49 -0.13
N GLY C 133 25.56 -22.11 -0.14
CA GLY C 133 25.97 -20.77 0.23
C GLY C 133 26.17 -20.63 1.73
N SER C 134 26.41 -21.76 2.39
CA SER C 134 26.63 -21.78 3.83
C SER C 134 28.10 -21.54 4.16
N PHE C 135 28.39 -21.26 5.42
CA PHE C 135 29.76 -21.00 5.86
C PHE C 135 30.75 -21.93 5.18
N LYS C 136 30.30 -23.16 4.90
CA LYS C 136 31.19 -24.23 4.46
C LYS C 136 31.92 -23.88 3.16
N GLU C 137 31.23 -23.22 2.25
CA GLU C 137 31.76 -22.95 0.91
C GLU C 137 32.65 -21.71 0.89
N TYR C 138 32.56 -20.89 1.93
CA TYR C 138 33.42 -19.73 2.06
C TYR C 138 34.62 -20.02 2.96
N ASN C 139 34.81 -21.30 3.27
CA ASN C 139 35.89 -21.74 4.16
C ASN C 139 35.81 -21.08 5.54
N ILE C 140 34.59 -20.83 5.99
CA ILE C 140 34.36 -20.33 7.35
C ILE C 140 33.99 -21.46 8.31
N GLY C 141 34.69 -21.53 9.43
CA GLY C 141 34.40 -22.53 10.45
C GLY C 141 33.30 -22.10 11.39
N TYR C 142 32.56 -23.07 11.93
CA TYR C 142 31.55 -22.79 12.94
C TYR C 142 31.58 -23.82 14.06
N ASN C 143 31.42 -23.35 15.29
CA ASN C 143 31.40 -24.23 16.47
C ASN C 143 30.39 -23.77 17.51
N ALA C 144 29.90 -24.71 18.31
CA ALA C 144 29.04 -24.39 19.45
C ALA C 144 29.53 -25.07 20.73
N VAL C 145 29.98 -24.26 21.68
CA VAL C 145 30.27 -24.75 23.03
C VAL C 145 28.99 -25.22 23.71
N PRO C 146 28.79 -26.55 23.76
CA PRO C 146 27.58 -27.10 24.38
C PRO C 146 27.50 -26.75 25.85
N LEU C 147 26.31 -26.42 26.33
CA LEU C 147 26.13 -25.94 27.70
C LEU C 147 26.52 -27.02 28.72
N THR C 148 26.66 -26.62 29.97
CA THR C 148 26.70 -27.56 31.09
C THR C 148 25.36 -28.27 31.23
N GLU C 149 25.38 -29.47 31.82
CA GLU C 149 24.14 -30.18 32.16
C GLU C 149 23.28 -29.33 33.09
N GLY C 150 23.88 -28.30 33.68
CA GLY C 150 23.17 -27.41 34.58
C GLY C 150 22.52 -26.24 33.87
N GLY C 151 22.69 -26.18 32.55
CA GLY C 151 22.00 -25.21 31.74
C GLY C 151 22.76 -23.90 31.57
N LEU C 152 23.79 -23.71 32.39
CA LEU C 152 24.65 -22.55 32.26
C LEU C 152 25.67 -22.77 31.16
N VAL C 153 26.37 -21.71 30.77
CA VAL C 153 27.40 -21.80 29.75
C VAL C 153 28.68 -22.42 30.30
N ASP C 154 29.26 -23.34 29.54
CA ASP C 154 30.48 -24.04 29.95
C ASP C 154 31.70 -23.16 29.71
N PHE C 155 32.00 -22.29 30.67
CA PHE C 155 33.01 -21.25 30.48
C PHE C 155 34.40 -21.81 30.24
N GLU C 156 34.70 -22.94 30.88
CA GLU C 156 35.96 -23.64 30.65
C GLU C 156 36.09 -24.07 29.19
N ALA C 157 35.00 -24.57 28.63
CA ALA C 157 34.98 -24.97 27.23
C ALA C 157 35.07 -23.76 26.29
N VAL C 158 34.34 -22.70 26.65
CA VAL C 158 34.37 -21.46 25.88
C VAL C 158 35.79 -20.93 25.71
N ALA C 159 36.54 -20.88 26.81
CA ALA C 159 37.83 -20.19 26.84
C ALA C 159 38.92 -20.96 26.08
N ALA C 160 38.76 -22.28 26.00
CA ALA C 160 39.67 -23.11 25.22
C ALA C 160 39.31 -23.07 23.73
N ALA C 161 38.03 -22.95 23.44
CA ALA C 161 37.54 -23.03 22.07
C ALA C 161 37.72 -21.71 21.32
N ILE C 162 38.12 -20.67 22.06
CA ILE C 162 38.48 -19.39 21.44
C ILE C 162 39.96 -19.36 21.07
N HIS C 163 40.26 -19.42 19.78
CA HIS C 163 41.63 -19.27 19.30
C HIS C 163 41.78 -18.05 18.39
N SER C 164 43.00 -17.83 17.92
CA SER C 164 43.35 -16.58 17.23
C SER C 164 42.39 -16.28 16.08
N ASN C 165 41.74 -17.32 15.57
CA ASN C 165 40.91 -17.20 14.38
C ASN C 165 39.49 -16.75 14.70
N THR C 166 39.11 -16.83 15.97
CA THR C 166 37.72 -16.61 16.38
C THR C 166 37.31 -15.15 16.19
N LYS C 167 36.67 -14.87 15.07
CA LYS C 167 36.32 -13.50 14.71
C LYS C 167 35.05 -13.06 15.43
N MSE C 168 34.18 -14.02 15.74
CA MSE C 168 32.80 -13.71 16.11
C MSE C 168 32.26 -14.67 17.18
O MSE C 168 32.33 -15.88 17.04
CB MSE C 168 31.91 -13.74 14.88
CG MSE C 168 30.54 -13.14 15.11
SE MSE C 168 29.61 -12.84 13.43
CE MSE C 168 28.36 -11.46 14.02
N ILE C 169 31.69 -14.09 18.24
CA ILE C 169 31.01 -14.86 19.27
C ILE C 169 29.50 -14.83 19.05
N GLY C 170 28.87 -16.00 19.08
CA GLY C 170 27.43 -16.11 18.95
C GLY C 170 26.74 -16.38 20.28
N ILE C 171 25.77 -15.53 20.62
CA ILE C 171 24.98 -15.72 21.82
C ILE C 171 23.48 -15.69 21.49
N GLN C 172 22.76 -16.71 21.95
CA GLN C 172 21.32 -16.82 21.68
C GLN C 172 20.49 -16.61 22.95
N ARG C 173 19.74 -15.52 22.98
CA ARG C 173 19.00 -15.15 24.18
C ARG C 173 17.88 -16.14 24.50
N SER C 174 16.91 -16.26 23.60
CA SER C 174 15.78 -17.14 23.82
C SER C 174 16.18 -18.62 23.74
N LYS C 175 15.31 -19.49 24.24
CA LYS C 175 15.66 -20.89 24.43
C LYS C 175 15.24 -21.75 23.24
N GLY C 176 14.18 -21.34 22.56
CA GLY C 176 13.58 -22.16 21.52
C GLY C 176 13.07 -23.48 22.04
N TYR C 177 13.53 -24.58 21.45
CA TYR C 177 13.22 -25.91 21.94
C TYR C 177 14.36 -26.47 22.78
N ALA C 178 15.45 -25.72 22.87
CA ALA C 178 16.55 -26.06 23.76
C ALA C 178 16.05 -26.22 25.20
N THR C 179 16.33 -27.39 25.77
CA THR C 179 15.96 -27.64 27.16
C THR C 179 16.85 -26.86 28.12
N ARG C 180 16.71 -25.55 28.11
CA ARG C 180 17.52 -24.67 28.95
C ARG C 180 16.90 -23.26 29.01
N PRO C 181 16.93 -22.64 30.19
CA PRO C 181 16.31 -21.34 30.38
C PRO C 181 16.90 -20.28 29.45
N SER C 182 16.05 -19.44 28.87
CA SER C 182 16.51 -18.26 28.17
C SER C 182 17.32 -17.38 29.12
N PHE C 183 18.46 -16.90 28.64
CA PHE C 183 19.39 -16.17 29.49
C PHE C 183 18.96 -14.71 29.67
N THR C 184 19.43 -14.09 30.75
CA THR C 184 19.03 -12.73 31.06
C THR C 184 20.08 -11.73 30.60
N ILE C 185 19.71 -10.46 30.56
CA ILE C 185 20.65 -9.41 30.19
C ILE C 185 21.90 -9.49 31.07
N SER C 186 21.70 -9.93 32.31
CA SER C 186 22.80 -10.06 33.26
C SER C 186 23.68 -11.26 32.92
N GLN C 187 23.06 -12.43 32.79
CA GLN C 187 23.75 -13.62 32.32
C GLN C 187 24.54 -13.31 31.04
N ILE C 188 24.03 -12.40 30.23
CA ILE C 188 24.66 -12.04 28.97
C ILE C 188 25.81 -11.07 29.16
N LYS C 189 25.67 -10.16 30.12
CA LYS C 189 26.74 -9.23 30.45
C LYS C 189 28.03 -9.96 30.80
N GLU C 190 27.96 -10.80 31.83
CA GLU C 190 29.07 -11.66 32.21
C GLU C 190 29.65 -12.40 31.00
N MSE C 191 28.79 -12.70 30.04
CA MSE C 191 29.18 -13.48 28.88
C MSE C 191 30.12 -12.69 27.96
O MSE C 191 31.15 -13.21 27.54
CB MSE C 191 27.94 -13.92 28.10
CG MSE C 191 27.64 -15.40 28.17
SE MSE C 191 26.12 -15.91 27.05
CE MSE C 191 24.76 -16.05 28.44
N ILE C 192 29.73 -11.47 27.63
CA ILE C 192 30.55 -10.64 26.75
C ILE C 192 31.84 -10.22 27.44
N ALA C 193 31.76 -10.03 28.76
CA ALA C 193 32.92 -9.63 29.55
C ALA C 193 34.01 -10.68 29.52
N PHE C 194 33.64 -11.93 29.80
CA PHE C 194 34.56 -13.04 29.67
C PHE C 194 35.33 -12.97 28.36
N VAL C 195 34.60 -13.06 27.25
CA VAL C 195 35.21 -13.27 25.94
C VAL C 195 36.06 -12.08 25.49
N LYS C 196 35.63 -10.87 25.83
CA LYS C 196 36.40 -9.67 25.51
C LYS C 196 37.75 -9.67 26.23
N GLU C 197 37.77 -10.21 27.44
CA GLU C 197 39.03 -10.45 28.15
C GLU C 197 39.91 -11.43 27.41
N ILE C 198 39.35 -12.59 27.08
CA ILE C 198 40.10 -13.65 26.41
C ILE C 198 40.60 -13.19 25.04
N LYS C 199 39.80 -12.37 24.37
CA LYS C 199 40.16 -11.86 23.06
C LYS C 199 39.35 -10.61 22.74
N PRO C 200 39.88 -9.43 23.12
CA PRO C 200 39.21 -8.16 22.88
C PRO C 200 38.88 -7.94 21.40
N ASP C 201 39.40 -8.82 20.55
CA ASP C 201 39.24 -8.68 19.11
C ASP C 201 37.88 -9.19 18.63
N VAL C 202 37.26 -10.05 19.43
CA VAL C 202 36.03 -10.73 19.03
C VAL C 202 34.87 -9.75 18.90
N VAL C 203 34.01 -9.99 17.91
CA VAL C 203 32.73 -9.29 17.81
C VAL C 203 31.61 -10.18 18.34
N VAL C 204 30.99 -9.76 19.44
CA VAL C 204 29.96 -10.55 20.08
C VAL C 204 28.58 -10.18 19.56
N PHE C 205 27.85 -11.17 19.06
CA PHE C 205 26.55 -10.94 18.46
C PHE C 205 25.46 -11.64 19.25
N VAL C 206 24.29 -11.02 19.35
CA VAL C 206 23.18 -11.57 20.11
C VAL C 206 21.89 -11.69 19.29
N ASP C 207 21.50 -12.93 19.00
CA ASP C 207 20.20 -13.23 18.41
C ASP C 207 19.08 -12.98 19.41
N ASN C 208 18.46 -11.81 19.33
CA ASN C 208 17.73 -11.23 20.47
C ASN C 208 16.24 -11.52 20.44
N CYS C 209 15.81 -12.42 19.55
CA CYS C 209 14.39 -12.62 19.30
C CYS C 209 13.58 -13.03 20.53
N TYR C 210 12.45 -12.35 20.73
CA TYR C 210 11.52 -12.70 21.81
C TYR C 210 11.88 -12.04 23.13
N GLY C 211 12.96 -11.25 23.13
CA GLY C 211 13.44 -10.65 24.38
C GLY C 211 13.19 -9.15 24.44
N GLU C 212 13.05 -8.53 23.28
CA GLU C 212 13.05 -7.06 23.21
C GLU C 212 11.94 -6.48 24.06
N PHE C 213 12.31 -5.58 24.97
CA PHE C 213 11.34 -4.83 25.76
C PHE C 213 10.73 -5.65 26.89
N ILE C 214 11.25 -6.85 27.10
CA ILE C 214 10.79 -7.72 28.17
C ILE C 214 11.60 -7.51 29.45
N GLU C 215 12.84 -7.06 29.28
CA GLU C 215 13.60 -6.43 30.36
C GLU C 215 13.72 -4.93 30.11
N GLU C 216 14.25 -4.21 31.10
CA GLU C 216 14.46 -2.77 30.98
C GLU C 216 15.71 -2.44 30.18
N GLN C 217 16.45 -3.47 29.78
CA GLN C 217 17.62 -3.30 28.93
C GLN C 217 17.61 -4.27 27.75
N GLU C 218 18.55 -4.09 26.83
CA GLU C 218 18.79 -5.06 25.77
C GLU C 218 20.28 -5.37 25.65
N PRO C 219 20.63 -6.35 24.80
CA PRO C 219 21.98 -6.89 24.75
C PRO C 219 23.10 -5.86 24.55
N CYS C 220 22.85 -4.83 23.78
CA CYS C 220 23.90 -3.85 23.47
C CYS C 220 24.01 -2.75 24.53
N HIS C 221 23.14 -2.81 25.53
CA HIS C 221 23.26 -1.98 26.72
C HIS C 221 24.34 -2.55 27.64
N VAL C 222 24.60 -3.85 27.52
CA VAL C 222 25.56 -4.53 28.37
C VAL C 222 26.80 -5.01 27.60
N GLY C 223 27.00 -4.46 26.40
CA GLY C 223 28.29 -4.53 25.74
C GLY C 223 28.31 -5.41 24.50
N ALA C 224 27.14 -5.77 24.00
CA ALA C 224 27.05 -6.57 22.78
C ALA C 224 27.39 -5.75 21.54
N ASP C 225 28.07 -6.38 20.59
CA ASP C 225 28.54 -5.68 19.39
C ASP C 225 27.48 -5.58 18.30
N LEU C 226 26.48 -6.45 18.38
CA LEU C 226 25.50 -6.60 17.30
C LEU C 226 24.38 -7.54 17.71
N MSE C 227 23.15 -7.15 17.41
CA MSE C 227 21.99 -7.98 17.74
C MSE C 227 20.93 -7.96 16.64
O MSE C 227 20.67 -6.91 16.04
CB MSE C 227 21.36 -7.55 19.07
CG MSE C 227 20.87 -6.11 19.10
SE MSE C 227 20.23 -5.60 20.87
CE MSE C 227 18.34 -5.40 20.47
N ALA C 228 20.31 -9.11 16.40
CA ALA C 228 19.27 -9.24 15.39
C ALA C 228 17.93 -9.67 15.97
N GLY C 229 16.87 -9.44 15.21
CA GLY C 229 15.56 -9.98 15.55
C GLY C 229 14.61 -9.92 14.37
N SER C 230 13.35 -10.26 14.61
CA SER C 230 12.31 -10.06 13.60
C SER C 230 11.36 -8.94 14.04
N LEU C 231 10.76 -8.27 13.06
CA LEU C 231 9.85 -7.15 13.35
C LEU C 231 8.42 -7.63 13.54
N ILE C 232 8.09 -8.76 12.94
CA ILE C 232 6.77 -9.36 13.11
C ILE C 232 6.61 -9.95 14.51
N LYS C 233 7.66 -9.84 15.32
CA LYS C 233 7.60 -10.24 16.71
C LYS C 233 7.67 -9.03 17.64
N ASN C 234 8.27 -9.21 18.81
CA ASN C 234 8.18 -8.24 19.90
C ASN C 234 8.17 -6.78 19.45
N PRO C 235 9.27 -6.33 18.83
CA PRO C 235 9.45 -4.91 18.56
C PRO C 235 8.41 -4.35 17.59
N GLY C 236 7.78 -5.23 16.82
CA GLY C 236 6.86 -4.80 15.78
C GLY C 236 5.47 -4.43 16.28
N GLY C 237 5.26 -4.65 17.58
CA GLY C 237 4.03 -4.23 18.23
C GLY C 237 2.85 -5.13 17.91
N GLY C 238 3.10 -6.14 17.08
CA GLY C 238 2.02 -6.96 16.52
C GLY C 238 1.35 -6.29 15.34
N ILE C 239 1.93 -5.19 14.89
CA ILE C 239 1.25 -4.28 13.97
C ILE C 239 1.99 -4.18 12.63
N VAL C 240 3.30 -4.42 12.67
CA VAL C 240 4.11 -4.39 11.46
C VAL C 240 4.05 -5.73 10.73
N LYS C 241 3.97 -5.68 9.41
CA LYS C 241 3.55 -6.85 8.63
C LYS C 241 4.75 -7.61 8.08
N THR C 242 5.87 -6.92 7.98
CA THR C 242 7.13 -7.56 7.57
C THR C 242 8.33 -6.76 8.09
N GLY C 243 9.36 -7.48 8.54
CA GLY C 243 10.69 -6.89 8.60
C GLY C 243 11.67 -7.65 9.47
N GLY C 244 12.67 -6.93 9.96
CA GLY C 244 13.71 -7.49 10.82
C GLY C 244 14.79 -6.44 11.04
N TYR C 245 15.54 -6.56 12.13
CA TYR C 245 16.48 -5.53 12.51
C TYR C 245 17.88 -6.06 12.83
N ILE C 246 18.89 -5.31 12.41
CA ILE C 246 20.23 -5.44 12.96
C ILE C 246 20.60 -4.17 13.69
N VAL C 247 21.04 -4.29 14.94
CA VAL C 247 21.44 -3.12 15.71
C VAL C 247 22.78 -3.35 16.41
N GLY C 248 23.54 -2.28 16.57
CA GLY C 248 24.86 -2.38 17.20
C GLY C 248 25.80 -1.27 16.78
N LYS C 249 27.10 -1.58 16.76
CA LYS C 249 28.14 -0.57 16.62
C LYS C 249 28.26 -0.05 15.18
N GLU C 250 28.57 1.24 15.06
CA GLU C 250 28.78 1.89 13.76
C GLU C 250 29.26 0.92 12.67
N GLN C 251 30.49 0.44 12.82
CA GLN C 251 31.20 -0.19 11.70
C GLN C 251 30.84 -1.66 11.52
N TYR C 252 29.88 -2.13 12.30
CA TYR C 252 29.30 -3.45 12.07
C TYR C 252 28.01 -3.37 11.26
N VAL C 253 27.12 -2.47 11.68
CA VAL C 253 25.89 -2.22 10.94
C VAL C 253 26.18 -1.83 9.50
N GLU C 254 27.06 -0.85 9.34
CA GLU C 254 27.49 -0.42 8.01
C GLU C 254 28.08 -1.58 7.21
N ALA C 255 28.93 -2.37 7.85
CA ALA C 255 29.38 -3.63 7.26
C ALA C 255 28.19 -4.52 6.95
N CYS C 256 27.29 -4.67 7.92
CA CYS C 256 26.06 -5.43 7.71
C CYS C 256 25.27 -4.86 6.54
N ALA C 257 25.20 -3.54 6.47
CA ALA C 257 24.51 -2.86 5.38
C ALA C 257 24.97 -3.35 4.01
N TYR C 258 26.27 -3.64 3.91
CA TYR C 258 26.88 -3.96 2.62
C TYR C 258 26.62 -5.41 2.19
N ARG C 259 26.40 -6.28 3.17
CA ARG C 259 25.99 -7.65 2.87
C ARG C 259 24.53 -7.69 2.45
N LEU C 260 23.75 -6.76 2.99
CA LEU C 260 22.31 -6.74 2.79
C LEU C 260 21.94 -6.19 1.41
N THR C 261 22.33 -4.94 1.15
CA THR C 261 22.05 -4.30 -0.13
C THR C 261 23.10 -4.66 -1.17
N SER C 262 24.28 -4.06 -1.02
CA SER C 262 25.35 -4.22 -1.99
C SER C 262 26.59 -3.46 -1.52
N PRO C 263 27.77 -3.87 -1.98
CA PRO C 263 28.96 -3.04 -1.80
C PRO C 263 28.90 -1.76 -2.65
N GLY C 264 29.28 -0.64 -2.05
CA GLY C 264 29.19 0.66 -2.72
C GLY C 264 27.93 1.42 -2.37
N ILE C 265 26.81 0.71 -2.34
CA ILE C 265 25.53 1.31 -1.95
C ILE C 265 25.50 1.58 -0.44
N GLY C 266 25.61 0.53 0.35
CA GLY C 266 25.37 0.61 1.78
C GLY C 266 23.91 0.87 2.10
N ALA C 267 23.66 1.78 3.04
CA ALA C 267 22.33 1.98 3.59
C ALA C 267 21.57 3.09 2.86
N GLU C 268 22.16 3.59 1.78
CA GLU C 268 21.62 4.74 1.05
C GLU C 268 20.32 4.42 0.32
N ALA C 269 20.21 3.20 -0.19
CA ALA C 269 19.13 2.82 -1.08
C ALA C 269 18.16 1.85 -0.41
N GLY C 270 17.03 1.60 -1.06
CA GLY C 270 15.98 0.76 -0.51
C GLY C 270 14.68 1.50 -0.30
N ALA C 271 13.76 1.36 -1.25
CA ALA C 271 12.49 2.07 -1.19
C ALA C 271 11.62 1.59 -0.03
N SER C 272 11.17 2.53 0.79
CA SER C 272 10.36 2.19 1.95
C SER C 272 9.02 1.66 1.44
N LEU C 273 8.44 2.36 0.47
CA LEU C 273 7.02 2.26 0.13
C LEU C 273 6.18 2.54 1.37
N TYR C 274 5.03 1.91 1.49
CA TYR C 274 3.98 2.34 2.43
C TYR C 274 4.08 1.67 3.81
N SER C 275 5.19 1.86 4.51
CA SER C 275 5.49 1.02 5.66
C SER C 275 6.05 1.73 6.89
N LEU C 276 6.15 3.05 6.84
CA LEU C 276 6.85 3.79 7.88
C LEU C 276 6.03 3.93 9.16
N GLN C 277 4.75 4.24 9.01
CA GLN C 277 3.89 4.53 10.15
C GLN C 277 3.67 3.30 11.04
N GLU C 278 3.57 2.12 10.43
CA GLU C 278 3.32 0.90 11.17
C GLU C 278 4.53 0.49 12.00
N MSE C 279 5.72 0.71 11.45
CA MSE C 279 6.96 0.39 12.15
C MSE C 279 7.21 1.38 13.29
O MSE C 279 7.65 0.99 14.37
CB MSE C 279 8.14 0.39 11.18
CG MSE C 279 8.13 -0.76 10.18
SE MSE C 279 9.78 -0.95 9.13
CE MSE C 279 9.56 0.57 7.93
N TYR C 280 6.89 2.65 13.06
CA TYR C 280 6.99 3.67 14.09
C TYR C 280 6.01 3.38 15.22
N GLN C 281 4.74 3.24 14.86
CA GLN C 281 3.67 3.08 15.83
C GLN C 281 3.74 1.70 16.46
N GLY C 282 4.28 0.74 15.72
CA GLY C 282 4.61 -0.56 16.29
C GLY C 282 5.61 -0.45 17.40
N PHE C 283 6.54 0.50 17.26
CA PHE C 283 7.60 0.67 18.24
C PHE C 283 7.11 1.36 19.49
N PHE C 284 6.26 2.36 19.32
CA PHE C 284 5.65 3.03 20.46
C PHE C 284 4.70 2.11 21.23
N LEU C 285 4.09 1.17 20.53
CA LEU C 285 3.16 0.24 21.14
C LEU C 285 3.86 -0.99 21.72
N ALA C 286 5.07 -1.28 21.24
CA ALA C 286 5.71 -2.56 21.47
C ALA C 286 5.88 -2.90 22.95
N PRO C 287 6.53 -2.02 23.71
CA PRO C 287 6.72 -2.26 25.15
C PRO C 287 5.44 -2.78 25.80
N HIS C 288 4.31 -2.17 25.45
CA HIS C 288 3.03 -2.53 26.06
C HIS C 288 2.47 -3.82 25.50
N VAL C 289 2.62 -4.02 24.19
CA VAL C 289 2.13 -5.24 23.54
C VAL C 289 2.87 -6.47 24.06
N ALA C 290 4.19 -6.36 24.18
CA ALA C 290 5.00 -7.42 24.77
C ALA C 290 4.59 -7.72 26.21
N GLY C 291 4.13 -6.70 26.92
CA GLY C 291 3.65 -6.85 28.29
C GLY C 291 2.42 -7.74 28.38
N GLN C 292 1.46 -7.52 27.50
CA GLN C 292 0.22 -8.29 27.52
C GLN C 292 0.49 -9.78 27.33
N ALA C 293 1.54 -10.10 26.59
CA ALA C 293 1.92 -11.49 26.35
C ALA C 293 2.71 -12.07 27.51
N LEU C 294 3.60 -11.26 28.09
CA LEU C 294 4.34 -11.67 29.28
C LEU C 294 3.45 -11.80 30.50
N LYS C 295 2.49 -10.89 30.64
CA LYS C 295 1.46 -11.01 31.66
C LYS C 295 0.60 -12.23 31.40
N GLY C 296 0.56 -12.68 30.15
CA GLY C 296 -0.12 -13.92 29.79
C GLY C 296 0.64 -15.14 30.25
N ALA C 297 1.90 -15.25 29.84
CA ALA C 297 2.74 -16.39 30.21
C ALA C 297 2.67 -16.62 31.72
N ILE C 298 3.17 -15.64 32.48
CA ILE C 298 3.02 -15.63 33.94
C ILE C 298 1.72 -16.31 34.35
N PHE C 299 0.62 -15.90 33.73
CA PHE C 299 -0.69 -16.44 34.08
C PHE C 299 -0.80 -17.90 33.66
N THR C 300 -0.58 -18.17 32.37
CA THR C 300 -0.68 -19.52 31.85
C THR C 300 0.10 -20.49 32.74
N ALA C 301 1.25 -20.05 33.22
CA ALA C 301 2.03 -20.82 34.17
C ALA C 301 1.28 -21.03 35.49
N ALA C 302 0.76 -19.93 36.04
CA ALA C 302 0.16 -19.96 37.37
C ALA C 302 -1.24 -20.59 37.36
N PHE C 303 -1.76 -20.83 36.17
CA PHE C 303 -3.08 -21.44 36.01
C PHE C 303 -2.97 -22.93 35.67
N LEU C 304 -2.02 -23.26 34.79
CA LEU C 304 -1.84 -24.64 34.36
C LEU C 304 -1.16 -25.49 35.42
N GLU C 305 -0.27 -24.86 36.20
CA GLU C 305 0.40 -25.55 37.29
C GLU C 305 -0.60 -25.94 38.39
N LYS C 306 -1.44 -25.00 38.77
CA LYS C 306 -2.50 -25.28 39.74
C LYS C 306 -3.35 -26.45 39.25
N LEU C 307 -3.51 -26.55 37.94
CA LEU C 307 -4.29 -27.63 37.34
C LEU C 307 -3.45 -28.91 37.19
N GLY C 308 -2.20 -28.84 37.61
CA GLY C 308 -1.45 -30.04 37.95
C GLY C 308 -0.20 -30.22 37.12
N MSE C 309 -0.18 -29.60 35.94
CA MSE C 309 0.88 -29.83 34.97
C MSE C 309 2.04 -28.88 35.16
O MSE C 309 1.86 -27.69 35.41
CB MSE C 309 0.33 -29.71 33.55
CG MSE C 309 -0.68 -30.77 33.18
SE MSE C 309 -2.09 -30.02 32.08
CE MSE C 309 -3.18 -29.20 33.49
N ASN C 310 3.25 -29.41 35.00
CA ASN C 310 4.46 -28.60 35.02
C ASN C 310 4.35 -27.40 34.08
N THR C 311 4.77 -26.23 34.56
CA THR C 311 4.98 -25.08 33.70
C THR C 311 6.42 -24.59 33.79
N SER C 312 6.88 -23.94 32.74
CA SER C 312 8.28 -23.54 32.63
C SER C 312 8.42 -22.47 31.55
N PRO C 313 8.97 -21.31 31.92
CA PRO C 313 9.39 -20.96 33.28
C PRO C 313 8.24 -21.04 34.28
N ALA C 314 8.56 -21.09 35.57
CA ALA C 314 7.57 -20.94 36.61
C ALA C 314 6.96 -19.54 36.58
N TRP C 315 5.73 -19.41 37.05
CA TRP C 315 5.04 -18.13 36.99
C TRP C 315 5.87 -17.07 37.70
N ASN C 316 6.50 -17.47 38.80
CA ASN C 316 7.25 -16.54 39.63
C ASN C 316 8.69 -16.36 39.17
N ALA C 317 9.13 -17.21 38.26
CA ALA C 317 10.47 -17.12 37.71
C ALA C 317 10.69 -15.78 37.03
N PRO C 318 11.88 -15.18 37.23
CA PRO C 318 12.23 -13.95 36.54
C PRO C 318 12.25 -14.16 35.02
N ARG C 319 11.82 -13.15 34.28
CA ARG C 319 11.56 -13.29 32.85
C ARG C 319 12.61 -12.57 32.02
N THR C 320 12.97 -13.15 30.88
CA THR C 320 13.92 -12.54 29.97
C THR C 320 13.37 -12.56 28.54
N ASP C 321 12.25 -13.26 28.36
CA ASP C 321 11.65 -13.41 27.05
C ASP C 321 10.21 -13.93 27.14
N LEU C 322 9.62 -14.28 26.00
CA LEU C 322 8.20 -14.55 25.92
C LEU C 322 7.89 -16.04 25.79
N ILE C 323 8.93 -16.86 25.78
CA ILE C 323 8.75 -18.30 25.65
C ILE C 323 8.13 -18.89 26.90
N GLN C 324 7.04 -19.65 26.72
CA GLN C 324 6.42 -20.37 27.80
C GLN C 324 6.04 -21.78 27.35
N SER C 325 6.02 -22.72 28.31
CA SER C 325 5.76 -24.12 27.99
C SER C 325 4.92 -24.75 29.10
N VAL C 326 4.11 -25.74 28.72
CA VAL C 326 3.36 -26.50 29.71
C VAL C 326 3.34 -27.99 29.41
N GLN C 327 3.77 -28.79 30.38
CA GLN C 327 3.77 -30.24 30.26
C GLN C 327 2.36 -30.78 30.42
N PHE C 328 1.80 -31.31 29.35
CA PHE C 328 0.47 -31.90 29.39
C PHE C 328 0.45 -33.38 29.82
N ASP C 329 1.48 -34.12 29.43
CA ASP C 329 1.73 -35.45 29.96
C ASP C 329 0.81 -36.51 29.38
N ASP C 330 -0.05 -36.10 28.45
CA ASP C 330 -0.78 -37.02 27.60
C ASP C 330 -0.95 -36.45 26.20
N LYS C 331 -0.64 -37.26 25.19
CA LYS C 331 -0.65 -36.83 23.81
C LYS C 331 -1.95 -36.14 23.42
N ASP C 332 -3.08 -36.79 23.72
CA ASP C 332 -4.39 -36.27 23.34
C ASP C 332 -4.61 -34.88 23.91
N ARG C 333 -4.51 -34.76 25.24
CA ARG C 333 -4.66 -33.48 25.91
C ARG C 333 -3.81 -32.40 25.24
N MSE C 334 -2.58 -32.74 24.91
CA MSE C 334 -1.66 -31.79 24.27
C MSE C 334 -2.17 -31.35 22.91
O MSE C 334 -2.01 -30.19 22.52
CB MSE C 334 -0.27 -32.40 24.15
CG MSE C 334 0.82 -31.38 23.86
SE MSE C 334 2.15 -32.05 22.60
CE MSE C 334 3.08 -30.39 22.24
N ILE C 335 -2.79 -32.27 22.17
CA ILE C 335 -3.40 -31.94 20.88
C ILE C 335 -4.65 -31.09 21.06
N ALA C 336 -5.61 -31.63 21.81
CA ALA C 336 -6.90 -30.98 22.00
C ALA C 336 -6.75 -29.52 22.42
N PHE C 337 -5.77 -29.26 23.29
CA PHE C 337 -5.60 -27.93 23.87
C PHE C 337 -5.04 -26.96 22.83
N CYS C 338 -4.07 -27.42 22.05
CA CYS C 338 -3.54 -26.62 20.95
C CYS C 338 -4.63 -26.32 19.92
N GLN C 339 -5.53 -27.28 19.73
CA GLN C 339 -6.72 -27.05 18.91
C GLN C 339 -7.66 -26.07 19.59
N ALA C 340 -7.93 -26.30 20.87
CA ALA C 340 -8.69 -25.36 21.69
C ALA C 340 -8.15 -23.93 21.54
N ILE C 341 -6.82 -23.82 21.49
CA ILE C 341 -6.18 -22.53 21.32
C ILE C 341 -6.45 -21.95 19.94
N GLN C 342 -6.27 -22.76 18.90
CA GLN C 342 -6.46 -22.30 17.52
C GLN C 342 -7.84 -21.70 17.34
N TYR C 343 -8.85 -22.37 17.89
CA TYR C 343 -10.23 -21.95 17.74
C TYR C 343 -10.51 -20.67 18.52
N ALA C 344 -9.73 -20.44 19.57
CA ALA C 344 -9.89 -19.26 20.42
C ALA C 344 -9.15 -18.06 19.84
N SER C 345 -8.47 -18.27 18.72
CA SER C 345 -7.77 -17.19 18.02
C SER C 345 -8.73 -16.41 17.13
N PRO C 346 -8.43 -15.13 16.88
CA PRO C 346 -9.34 -14.25 16.14
C PRO C 346 -9.58 -14.74 14.72
N ILE C 347 -8.52 -15.05 13.98
CA ILE C 347 -8.66 -15.46 12.60
C ILE C 347 -8.35 -16.96 12.50
N ASN C 348 -8.92 -17.62 11.50
CA ASN C 348 -8.59 -19.00 11.17
C ASN C 348 -9.02 -19.99 12.27
N SER C 349 -10.08 -19.66 12.98
CA SER C 349 -10.52 -20.46 14.13
C SER C 349 -11.23 -21.74 13.68
N HIS C 350 -11.73 -21.74 12.46
CA HIS C 350 -12.38 -22.92 11.88
C HIS C 350 -11.33 -23.83 11.22
N PHE C 351 -10.11 -23.31 11.11
CA PHE C 351 -9.00 -24.06 10.52
C PHE C 351 -8.36 -24.98 11.54
N THR C 352 -9.13 -25.97 12.01
CA THR C 352 -8.67 -26.87 13.05
C THR C 352 -7.50 -27.73 12.59
N PRO C 353 -6.42 -27.77 13.40
CA PRO C 353 -5.18 -28.47 13.03
C PRO C 353 -5.03 -29.80 13.77
N TYR C 354 -4.18 -30.68 13.24
CA TYR C 354 -3.87 -31.95 13.87
C TYR C 354 -2.39 -32.27 13.79
N ALA C 355 -2.00 -33.43 14.32
CA ALA C 355 -0.66 -33.96 14.11
C ALA C 355 -0.44 -34.29 12.64
N ASN C 356 0.55 -33.64 12.04
CA ASN C 356 1.00 -34.00 10.70
C ASN C 356 2.51 -33.93 10.58
N TYR C 357 3.06 -34.59 9.56
CA TYR C 357 4.50 -34.66 9.38
C TYR C 357 5.13 -33.27 9.33
N MSE C 358 6.32 -33.16 9.91
CA MSE C 358 7.05 -31.89 9.95
C MSE C 358 8.45 -32.05 9.36
O MSE C 358 9.24 -32.86 9.84
CB MSE C 358 7.13 -31.38 11.39
CG MSE C 358 8.07 -30.21 11.57
SE MSE C 358 7.20 -28.51 11.21
CE MSE C 358 5.66 -29.15 10.19
N PRO C 359 8.74 -31.28 8.30
CA PRO C 359 10.04 -31.39 7.62
C PRO C 359 11.21 -30.97 8.52
N GLY C 360 12.04 -31.94 8.87
CA GLY C 360 13.23 -31.68 9.67
C GLY C 360 13.09 -32.14 11.11
N TYR C 361 12.06 -32.95 11.36
CA TYR C 361 11.76 -33.38 12.73
C TYR C 361 11.26 -34.82 12.79
N GLU C 362 11.97 -35.64 13.58
CA GLU C 362 11.63 -37.05 13.72
C GLU C 362 10.20 -37.23 14.23
N ASP C 363 9.61 -36.16 14.74
CA ASP C 363 8.25 -36.19 15.26
C ASP C 363 7.29 -35.36 14.42
N ASP C 364 5.99 -35.59 14.61
CA ASP C 364 4.98 -34.65 14.16
C ASP C 364 4.78 -33.56 15.21
N VAL C 365 4.61 -32.33 14.75
CA VAL C 365 4.22 -31.23 15.62
C VAL C 365 2.81 -30.75 15.28
N ILE C 366 2.08 -30.27 16.29
CA ILE C 366 0.81 -29.59 16.06
C ILE C 366 0.96 -28.10 16.29
N MSE C 367 0.49 -27.30 15.33
CA MSE C 367 0.68 -25.86 15.34
C MSE C 367 -0.67 -25.13 15.25
O MSE C 367 -1.33 -25.17 14.22
CB MSE C 367 1.58 -25.42 14.20
CG MSE C 367 3.05 -25.31 14.56
SE MSE C 367 4.18 -25.36 12.98
CE MSE C 367 3.43 -23.84 12.01
N ALA C 368 -1.03 -24.44 16.33
CA ALA C 368 -2.18 -23.55 16.30
C ALA C 368 -1.74 -22.10 16.16
N ALA C 369 -1.95 -21.53 14.98
CA ALA C 369 -1.58 -20.14 14.73
C ALA C 369 -2.71 -19.39 14.04
N GLY C 370 -3.57 -18.77 14.84
CA GLY C 370 -4.66 -17.97 14.31
C GLY C 370 -4.30 -16.50 14.22
N THR C 371 -3.14 -16.22 13.65
CA THR C 371 -2.56 -14.87 13.69
C THR C 371 -3.04 -13.99 12.56
N PHE C 372 -2.81 -12.69 12.70
CA PHE C 372 -3.11 -11.71 11.64
C PHE C 372 -1.97 -11.63 10.63
N ILE C 373 -0.74 -11.69 11.12
CA ILE C 373 0.44 -11.68 10.27
C ILE C 373 1.09 -13.07 10.24
N GLN C 374 1.42 -13.54 9.05
CA GLN C 374 1.83 -14.93 8.87
C GLN C 374 3.13 -15.24 9.62
N GLY C 375 3.00 -15.67 10.86
CA GLY C 375 4.13 -16.18 11.62
C GLY C 375 4.61 -15.23 12.70
N ALA C 376 3.88 -14.13 12.87
CA ALA C 376 4.22 -13.15 13.90
C ALA C 376 3.94 -13.71 15.30
N SER C 377 4.98 -14.20 15.95
CA SER C 377 4.82 -14.99 17.17
C SER C 377 4.52 -14.10 18.38
N ILE C 378 4.40 -12.80 18.13
CA ILE C 378 3.92 -11.87 19.14
C ILE C 378 2.44 -12.11 19.43
N GLU C 379 1.77 -12.82 18.53
CA GLU C 379 0.38 -13.21 18.74
C GLU C 379 0.31 -14.60 19.36
N LEU C 380 -0.75 -14.85 20.13
CA LEU C 380 -0.88 -16.12 20.84
C LEU C 380 -0.82 -17.31 19.89
N SER C 381 0.23 -18.11 20.03
CA SER C 381 0.36 -19.34 19.25
C SER C 381 0.69 -20.51 20.16
N ALA C 382 -0.08 -21.58 20.04
CA ALA C 382 0.22 -22.84 20.72
C ALA C 382 0.87 -23.82 19.76
N ASP C 383 1.96 -24.44 20.18
CA ASP C 383 2.66 -25.40 19.32
C ASP C 383 3.73 -26.19 20.06
N GLY C 384 3.99 -27.40 19.56
CA GLY C 384 5.00 -28.27 20.16
C GLY C 384 4.96 -29.68 19.62
N PRO C 385 6.13 -30.34 19.56
CA PRO C 385 6.26 -31.68 19.01
C PRO C 385 5.51 -32.71 19.86
N ILE C 386 5.01 -33.77 19.20
CA ILE C 386 4.21 -34.76 19.88
C ILE C 386 5.07 -35.92 20.39
N ARG C 387 5.54 -35.79 21.62
CA ARG C 387 6.43 -36.78 22.23
C ARG C 387 6.52 -36.55 23.73
N PRO C 388 6.46 -37.63 24.52
CA PRO C 388 6.57 -37.54 25.97
C PRO C 388 7.65 -36.55 26.39
N PRO C 389 7.36 -35.74 27.42
CA PRO C 389 6.09 -35.76 28.13
C PRO C 389 5.06 -34.81 27.51
N TYR C 390 5.22 -34.51 26.22
CA TYR C 390 4.24 -33.72 25.49
C TYR C 390 4.17 -32.28 25.99
N VAL C 391 5.34 -31.65 26.05
CA VAL C 391 5.44 -30.23 26.37
C VAL C 391 5.04 -29.36 25.19
N ALA C 392 4.08 -28.46 25.42
CA ALA C 392 3.63 -27.53 24.40
C ALA C 392 4.04 -26.10 24.73
N TYR C 393 4.11 -25.26 23.71
CA TYR C 393 4.35 -23.83 23.91
C TYR C 393 3.09 -23.01 23.70
N VAL C 394 2.57 -22.47 24.80
CA VAL C 394 1.42 -21.59 24.75
C VAL C 394 1.84 -20.17 25.08
N GLN C 395 2.28 -19.45 24.04
CA GLN C 395 2.98 -18.19 24.24
C GLN C 395 2.42 -17.09 23.33
N GLY C 396 2.80 -15.85 23.61
CA GLY C 396 2.40 -14.73 22.79
C GLY C 396 0.94 -14.33 22.98
N GLY C 397 0.59 -13.13 22.57
CA GLY C 397 -0.74 -12.59 22.78
C GLY C 397 -0.74 -11.08 22.76
N LEU C 398 -1.58 -10.50 21.92
CA LEU C 398 -1.58 -9.05 21.71
C LEU C 398 -2.15 -8.32 22.90
N THR C 399 -3.02 -8.99 23.66
CA THR C 399 -3.64 -8.40 24.84
C THR C 399 -3.81 -9.47 25.91
N TYR C 400 -3.70 -9.06 27.16
CA TYR C 400 -3.79 -10.00 28.28
C TYR C 400 -5.06 -10.81 28.15
N SER C 401 -6.16 -10.13 27.83
CA SER C 401 -7.46 -10.75 27.71
C SER C 401 -7.43 -11.94 26.75
N HIS C 402 -7.26 -11.65 25.47
CA HIS C 402 -7.07 -12.71 24.48
C HIS C 402 -6.46 -13.93 25.15
N VAL C 403 -5.35 -13.73 25.85
CA VAL C 403 -4.63 -14.82 26.48
C VAL C 403 -5.47 -15.51 27.54
N LYS C 404 -5.93 -14.74 28.53
CA LYS C 404 -6.85 -15.27 29.54
C LYS C 404 -7.98 -16.04 28.89
N ILE C 405 -8.76 -15.35 28.06
CA ILE C 405 -9.94 -15.96 27.44
C ILE C 405 -9.61 -17.30 26.78
N ALA C 406 -8.51 -17.32 26.02
CA ALA C 406 -8.17 -18.46 25.19
C ALA C 406 -7.90 -19.74 26.01
N ILE C 407 -6.92 -19.67 26.90
CA ILE C 407 -6.55 -20.85 27.68
C ILE C 407 -7.66 -21.26 28.65
N CYS C 408 -8.30 -20.27 29.27
CA CYS C 408 -9.53 -20.51 30.02
C CYS C 408 -10.50 -21.32 29.19
N SER C 409 -10.60 -20.97 27.91
CA SER C 409 -11.48 -21.68 26.98
C SER C 409 -10.95 -23.08 26.70
N ALA C 410 -9.63 -23.22 26.72
CA ALA C 410 -9.00 -24.49 26.39
C ALA C 410 -9.11 -25.50 27.52
N ILE C 411 -8.90 -25.05 28.75
CA ILE C 411 -9.21 -25.85 29.93
C ILE C 411 -10.66 -26.34 29.86
N ASP C 412 -11.59 -25.39 29.79
CA ASP C 412 -12.98 -25.70 29.48
C ASP C 412 -13.03 -26.73 28.37
N GLU C 413 -12.32 -26.44 27.28
CA GLU C 413 -12.43 -27.20 26.05
C GLU C 413 -12.05 -28.67 26.22
N LEU C 414 -11.35 -28.99 27.31
CA LEU C 414 -11.05 -30.39 27.61
C LEU C 414 -11.39 -30.79 29.04
N ILE C 415 -10.59 -30.30 30.00
CA ILE C 415 -10.65 -30.82 31.36
C ILE C 415 -12.09 -30.90 31.87
N GLU D 9 -72.35 -56.73 -10.35
CA GLU D 9 -72.13 -56.85 -8.88
C GLU D 9 -71.98 -55.47 -8.22
N LYS D 10 -71.02 -55.35 -7.31
CA LYS D 10 -71.03 -54.27 -6.33
C LYS D 10 -69.91 -53.26 -6.55
N ILE D 11 -68.80 -53.70 -7.15
CA ILE D 11 -67.67 -52.82 -7.38
C ILE D 11 -67.72 -52.17 -8.77
N ALA D 12 -68.37 -52.85 -9.71
CA ALA D 12 -68.27 -52.49 -11.12
C ALA D 12 -69.05 -51.21 -11.48
N PRO D 13 -70.21 -51.01 -10.82
CA PRO D 13 -70.98 -49.80 -11.09
C PRO D 13 -70.27 -48.55 -10.58
N ILE D 14 -69.56 -48.68 -9.46
CA ILE D 14 -68.90 -47.55 -8.83
C ILE D 14 -67.67 -47.12 -9.63
N VAL D 15 -66.97 -48.08 -10.21
CA VAL D 15 -65.83 -47.77 -11.07
C VAL D 15 -66.31 -47.32 -12.44
N LYS D 16 -67.55 -47.67 -12.77
CA LYS D 16 -68.19 -47.22 -14.00
C LYS D 16 -68.45 -45.72 -13.94
N GLU D 17 -69.04 -45.28 -12.83
CA GLU D 17 -69.25 -43.85 -12.58
C GLU D 17 -67.92 -43.10 -12.60
N VAL D 18 -66.84 -43.81 -12.30
CA VAL D 18 -65.53 -43.17 -12.17
C VAL D 18 -64.95 -42.82 -13.53
N GLU D 19 -64.82 -43.81 -14.40
CA GLU D 19 -64.31 -43.57 -15.75
C GLU D 19 -65.10 -42.48 -16.46
N SER D 20 -66.43 -42.57 -16.36
CA SER D 20 -67.30 -41.54 -16.93
C SER D 20 -67.04 -40.19 -16.27
N GLN D 21 -66.57 -40.23 -15.03
CA GLN D 21 -66.36 -39.04 -14.22
C GLN D 21 -65.10 -38.29 -14.66
N ILE D 22 -64.21 -38.99 -15.34
CA ILE D 22 -62.87 -38.46 -15.63
C ILE D 22 -62.58 -38.47 -17.12
N THR D 23 -63.64 -38.57 -17.93
CA THR D 23 -63.50 -38.65 -19.37
C THR D 23 -62.67 -37.48 -19.91
N GLU D 24 -62.87 -36.31 -19.32
CA GLU D 24 -62.28 -35.08 -19.85
C GLU D 24 -60.79 -34.97 -19.55
N VAL D 25 -60.41 -35.26 -18.31
CA VAL D 25 -59.01 -35.21 -17.90
C VAL D 25 -58.22 -36.37 -18.47
N HIS D 26 -58.90 -37.45 -18.85
CA HIS D 26 -58.29 -38.53 -19.60
C HIS D 26 -57.94 -38.09 -21.01
N LYS D 27 -58.90 -37.46 -21.69
CA LYS D 27 -58.73 -37.06 -23.09
C LYS D 27 -57.56 -36.10 -23.26
N ARG D 28 -57.38 -35.22 -22.26
CA ARG D 28 -56.37 -34.19 -22.33
C ARG D 28 -55.01 -34.70 -21.85
N ALA D 29 -55.03 -35.67 -20.93
CA ALA D 29 -53.83 -36.43 -20.61
C ALA D 29 -53.35 -37.19 -21.85
N ASP D 30 -54.30 -37.68 -22.63
CA ASP D 30 -53.98 -38.30 -23.91
C ASP D 30 -53.56 -37.24 -24.94
N GLU D 31 -53.89 -35.98 -24.66
CA GLU D 31 -53.49 -34.89 -25.54
C GLU D 31 -52.01 -34.57 -25.39
N VAL D 32 -51.52 -34.57 -24.16
CA VAL D 32 -50.09 -34.38 -23.91
C VAL D 32 -49.28 -35.55 -24.45
N ILE D 33 -49.75 -36.77 -24.18
CA ILE D 33 -49.14 -37.98 -24.75
C ILE D 33 -49.03 -37.89 -26.27
N GLU D 34 -50.17 -37.64 -26.92
CA GLU D 34 -50.17 -37.35 -28.35
C GLU D 34 -49.12 -36.28 -28.66
N SER D 35 -49.18 -35.18 -27.90
CA SER D 35 -48.35 -34.03 -28.16
C SER D 35 -46.88 -34.36 -27.93
N ASN D 36 -46.56 -34.85 -26.74
CA ASN D 36 -45.20 -35.26 -26.42
C ASN D 36 -44.70 -36.31 -27.39
N GLN D 37 -45.59 -37.22 -27.77
CA GLN D 37 -45.26 -38.24 -28.77
C GLN D 37 -44.67 -37.60 -30.03
N PHE D 38 -45.38 -36.62 -30.58
CA PHE D 38 -44.96 -36.00 -31.84
C PHE D 38 -43.58 -35.35 -31.72
N ARG D 39 -43.34 -34.67 -30.61
CA ARG D 39 -42.07 -34.00 -30.38
C ARG D 39 -40.89 -34.97 -30.43
N VAL D 40 -41.05 -36.11 -29.76
CA VAL D 40 -40.00 -37.12 -29.71
C VAL D 40 -39.79 -37.77 -31.07
N LEU D 41 -40.84 -37.75 -31.89
CA LEU D 41 -40.75 -38.27 -33.25
C LEU D 41 -39.94 -37.32 -34.14
N GLU D 42 -40.21 -36.03 -34.00
CA GLU D 42 -39.50 -35.00 -34.75
C GLU D 42 -38.01 -35.00 -34.40
N SER D 43 -37.68 -35.39 -33.17
CA SER D 43 -36.29 -35.50 -32.76
C SER D 43 -35.61 -36.72 -33.37
N PHE D 44 -36.39 -37.78 -33.61
CA PHE D 44 -35.87 -38.97 -34.27
C PHE D 44 -35.62 -38.70 -35.75
N GLY D 45 -36.62 -38.13 -36.41
CA GLY D 45 -36.52 -37.80 -37.82
C GLY D 45 -35.43 -36.80 -38.08
N LYS D 46 -35.39 -35.76 -37.25
CA LYS D 46 -34.37 -34.72 -37.35
C LYS D 46 -32.96 -35.29 -37.24
N HIS D 47 -32.75 -36.16 -36.26
CA HIS D 47 -31.44 -36.75 -36.02
C HIS D 47 -31.23 -37.98 -36.89
N LYS D 48 -32.22 -38.27 -37.74
CA LYS D 48 -32.10 -39.36 -38.70
C LYS D 48 -31.64 -40.65 -38.05
N ILE D 49 -32.23 -40.99 -36.91
CA ILE D 49 -31.74 -42.10 -36.11
C ILE D 49 -31.98 -43.45 -36.79
N SER D 50 -30.90 -44.16 -37.06
CA SER D 50 -30.96 -45.43 -37.78
C SER D 50 -30.79 -46.61 -36.81
N ASP D 51 -31.01 -47.83 -37.30
CA ASP D 51 -30.69 -49.03 -36.53
C ASP D 51 -29.19 -49.10 -36.26
N SER D 52 -28.41 -48.45 -37.12
CA SER D 52 -26.97 -48.36 -36.94
C SER D 52 -26.62 -47.62 -35.65
N HIS D 53 -27.63 -47.06 -34.99
CA HIS D 53 -27.42 -46.30 -33.77
C HIS D 53 -27.44 -47.18 -32.53
N PHE D 54 -27.69 -48.48 -32.71
CA PHE D 54 -27.77 -49.40 -31.60
C PHE D 54 -26.45 -50.12 -31.38
N ILE D 55 -25.58 -50.06 -32.39
CA ILE D 55 -24.34 -50.84 -32.41
C ILE D 55 -23.52 -50.65 -31.13
N PRO D 56 -23.35 -51.75 -30.37
CA PRO D 56 -22.59 -51.70 -29.12
C PRO D 56 -21.12 -51.39 -29.37
N THR D 57 -20.64 -50.29 -28.79
CA THR D 57 -19.21 -50.03 -28.68
C THR D 57 -18.65 -50.71 -27.43
N THR D 58 -17.35 -51.01 -27.45
CA THR D 58 -16.70 -51.63 -26.31
C THR D 58 -15.57 -50.78 -25.74
N GLY D 59 -14.95 -51.28 -24.68
CA GLY D 59 -13.73 -50.68 -24.13
C GLY D 59 -13.87 -49.20 -23.80
N TYR D 60 -13.11 -48.37 -24.51
CA TYR D 60 -13.13 -46.93 -24.31
C TYR D 60 -14.40 -46.33 -24.91
N GLY D 61 -14.90 -46.97 -25.97
CA GLY D 61 -16.08 -46.47 -26.67
C GLY D 61 -15.89 -45.09 -27.27
N TYR D 62 -14.74 -44.88 -27.90
CA TYR D 62 -14.51 -43.67 -28.69
C TYR D 62 -15.28 -43.72 -30.01
N ASP D 63 -15.92 -42.62 -30.36
CA ASP D 63 -16.65 -42.51 -31.63
C ASP D 63 -17.90 -43.39 -31.67
N ASP D 64 -18.58 -43.50 -30.53
CA ASP D 64 -19.89 -44.14 -30.48
C ASP D 64 -20.99 -43.20 -30.98
N ILE D 65 -21.48 -43.45 -32.19
CA ILE D 65 -22.51 -42.59 -32.78
C ILE D 65 -23.83 -42.74 -32.03
N GLY D 66 -24.15 -43.97 -31.67
CA GLY D 66 -25.36 -44.25 -30.89
C GLY D 66 -25.44 -43.41 -29.63
N ARG D 67 -24.34 -43.36 -28.89
CA ARG D 67 -24.32 -42.72 -27.58
C ARG D 67 -24.43 -41.20 -27.66
N ASP D 68 -23.58 -40.57 -28.45
CA ASP D 68 -23.61 -39.12 -28.62
C ASP D 68 -25.01 -38.66 -29.06
N THR D 69 -25.59 -39.39 -30.01
CA THR D 69 -26.85 -38.99 -30.62
C THR D 69 -28.03 -39.16 -29.67
N LEU D 70 -28.02 -40.23 -28.89
CA LEU D 70 -29.06 -40.44 -27.88
C LEU D 70 -29.03 -39.33 -26.83
N GLU D 71 -27.83 -38.85 -26.53
CA GLU D 71 -27.68 -37.67 -25.68
C GLU D 71 -28.21 -36.42 -26.39
N LYS D 72 -27.89 -36.29 -27.67
CA LYS D 72 -28.35 -35.14 -28.46
C LYS D 72 -29.87 -35.09 -28.59
N VAL D 73 -30.48 -36.25 -28.74
CA VAL D 73 -31.94 -36.34 -28.81
C VAL D 73 -32.56 -35.96 -27.46
N TYR D 74 -32.03 -36.53 -26.38
CA TYR D 74 -32.58 -36.32 -25.05
C TYR D 74 -32.63 -34.83 -24.68
N ALA D 75 -31.67 -34.06 -25.21
CA ALA D 75 -31.61 -32.64 -24.93
C ALA D 75 -32.61 -31.87 -25.79
N ASP D 76 -32.56 -32.11 -27.09
CA ASP D 76 -33.51 -31.52 -28.02
C ASP D 76 -34.94 -31.60 -27.51
N VAL D 77 -35.30 -32.75 -26.94
CA VAL D 77 -36.64 -32.96 -26.43
C VAL D 77 -36.85 -32.26 -25.10
N PHE D 78 -35.85 -32.34 -24.22
CA PHE D 78 -35.94 -31.77 -22.89
C PHE D 78 -35.57 -30.28 -22.87
N GLY D 79 -35.51 -29.68 -24.05
CA GLY D 79 -35.35 -28.24 -24.18
C GLY D 79 -33.99 -27.72 -23.75
N ALA D 80 -32.93 -28.46 -24.10
CA ALA D 80 -31.58 -28.09 -23.69
C ALA D 80 -30.61 -28.11 -24.86
N GLU D 81 -29.34 -27.82 -24.59
CA GLU D 81 -28.32 -27.81 -25.63
C GLU D 81 -27.54 -29.12 -25.63
N ALA D 82 -26.97 -29.45 -24.48
CA ALA D 82 -26.25 -30.71 -24.31
C ALA D 82 -26.99 -31.64 -23.36
N GLY D 83 -27.01 -32.92 -23.69
CA GLY D 83 -27.50 -33.94 -22.77
C GLY D 83 -26.41 -34.93 -22.40
N LEU D 84 -26.56 -35.55 -21.25
CA LEU D 84 -25.72 -36.68 -20.87
C LEU D 84 -26.57 -37.85 -20.37
N VAL D 85 -26.92 -38.74 -21.27
CA VAL D 85 -27.75 -39.89 -20.92
C VAL D 85 -27.05 -41.20 -21.26
N ARG D 86 -26.36 -41.78 -20.28
CA ARG D 86 -25.57 -42.98 -20.48
C ARG D 86 -25.48 -43.82 -19.20
N PRO D 87 -25.19 -45.13 -19.35
CA PRO D 87 -25.23 -46.07 -18.22
C PRO D 87 -24.18 -45.75 -17.16
N GLN D 88 -23.16 -44.98 -17.53
CA GLN D 88 -22.15 -44.50 -16.57
C GLN D 88 -22.80 -43.81 -15.36
N ILE D 89 -24.08 -43.45 -15.51
CA ILE D 89 -24.82 -42.82 -14.42
C ILE D 89 -25.85 -43.79 -13.85
N ILE D 90 -25.58 -44.29 -12.64
CA ILE D 90 -26.18 -45.54 -12.18
C ILE D 90 -27.67 -45.40 -11.87
N SER D 91 -28.13 -44.17 -11.67
CA SER D 91 -29.53 -43.92 -11.31
C SER D 91 -29.81 -42.43 -11.13
N GLY D 92 -31.02 -42.13 -10.67
CA GLY D 92 -31.37 -40.76 -10.29
C GLY D 92 -30.31 -40.11 -9.41
N THR D 93 -30.03 -40.73 -8.28
CA THR D 93 -29.21 -40.10 -7.25
C THR D 93 -27.78 -39.84 -7.73
N HIS D 94 -27.26 -40.73 -8.58
CA HIS D 94 -25.93 -40.51 -9.14
C HIS D 94 -25.93 -39.36 -10.13
N ALA D 95 -27.02 -39.21 -10.87
CA ALA D 95 -27.17 -38.10 -11.79
C ALA D 95 -27.28 -36.78 -11.03
N ILE D 96 -28.01 -36.81 -9.91
CA ILE D 96 -28.25 -35.61 -9.13
C ILE D 96 -27.01 -35.22 -8.34
N SER D 97 -26.21 -36.21 -7.96
CA SER D 97 -24.95 -35.97 -7.29
C SER D 97 -23.86 -35.56 -8.29
N THR D 98 -24.01 -36.01 -9.53
CA THR D 98 -23.05 -35.72 -10.58
C THR D 98 -23.21 -34.31 -11.13
N ALA D 99 -24.39 -33.75 -10.93
CA ALA D 99 -24.65 -32.36 -11.31
C ALA D 99 -24.12 -31.40 -10.25
N LEU D 100 -24.53 -31.61 -9.00
CA LEU D 100 -24.07 -30.79 -7.89
C LEU D 100 -22.54 -30.70 -7.86
N PHE D 101 -21.89 -31.83 -7.61
CA PHE D 101 -20.44 -31.88 -7.57
C PHE D 101 -19.84 -31.40 -8.89
N GLY D 102 -20.57 -31.64 -9.98
CA GLY D 102 -20.09 -31.27 -11.31
C GLY D 102 -19.81 -29.79 -11.42
N ILE D 103 -20.54 -29.01 -10.64
CA ILE D 103 -20.58 -27.56 -10.82
C ILE D 103 -20.01 -26.82 -9.61
N LEU D 104 -20.27 -27.35 -8.42
CA LEU D 104 -19.84 -26.70 -7.18
C LEU D 104 -18.34 -26.88 -6.94
N ARG D 105 -17.74 -25.91 -6.25
CA ARG D 105 -16.33 -25.95 -5.91
C ARG D 105 -16.14 -25.41 -4.49
N PRO D 106 -14.94 -25.61 -3.92
CA PRO D 106 -14.64 -25.07 -2.59
C PRO D 106 -14.90 -23.57 -2.51
N GLY D 107 -15.78 -23.18 -1.60
CA GLY D 107 -16.14 -21.77 -1.44
C GLY D 107 -17.58 -21.48 -1.75
N ASP D 108 -18.22 -22.38 -2.50
CA ASP D 108 -19.58 -22.17 -2.98
C ASP D 108 -20.61 -22.77 -2.04
N GLU D 109 -21.84 -22.28 -2.10
CA GLU D 109 -22.96 -22.91 -1.41
C GLU D 109 -24.02 -23.34 -2.42
N LEU D 110 -24.57 -24.53 -2.19
CA LEU D 110 -25.82 -24.92 -2.84
C LEU D 110 -27.00 -24.35 -2.07
N LEU D 111 -28.03 -23.92 -2.80
CA LEU D 111 -29.24 -23.41 -2.18
C LEU D 111 -30.49 -24.04 -2.78
N TYR D 112 -31.07 -25.00 -2.05
CA TYR D 112 -32.33 -25.63 -2.46
C TYR D 112 -33.51 -24.84 -1.94
N ILE D 113 -34.30 -24.28 -2.85
CA ILE D 113 -35.36 -23.36 -2.47
C ILE D 113 -36.72 -24.03 -2.29
N THR D 114 -36.78 -25.32 -2.59
CA THR D 114 -38.03 -26.07 -2.50
C THR D 114 -38.26 -26.65 -1.11
N GLY D 115 -37.29 -26.44 -0.22
CA GLY D 115 -37.33 -27.04 1.11
C GLY D 115 -36.38 -28.21 1.25
N LYS D 116 -36.54 -28.97 2.33
CA LYS D 116 -35.71 -30.14 2.57
C LYS D 116 -35.92 -31.20 1.49
N PRO D 117 -34.95 -31.34 0.59
CA PRO D 117 -35.00 -32.36 -0.44
C PRO D 117 -34.94 -33.76 0.17
N TYR D 118 -35.26 -34.78 -0.62
CA TYR D 118 -35.36 -36.13 -0.09
C TYR D 118 -34.05 -36.61 0.52
N ASP D 119 -34.15 -37.50 1.49
CA ASP D 119 -33.04 -37.78 2.40
C ASP D 119 -31.75 -38.07 1.65
N THR D 120 -31.84 -38.84 0.58
CA THR D 120 -30.65 -39.34 -0.12
C THR D 120 -29.78 -38.18 -0.64
N LEU D 121 -30.28 -36.96 -0.50
CA LEU D 121 -29.51 -35.77 -0.82
C LEU D 121 -28.81 -35.25 0.43
N GLU D 122 -29.53 -35.26 1.54
CA GLU D 122 -28.98 -34.96 2.85
C GLU D 122 -27.55 -35.48 3.00
N GLU D 123 -27.33 -36.71 2.54
CA GLU D 123 -26.05 -37.39 2.74
C GLU D 123 -24.95 -36.80 1.87
N ILE D 124 -25.35 -36.32 0.69
CA ILE D 124 -24.40 -35.76 -0.26
C ILE D 124 -23.88 -34.40 0.20
N VAL D 125 -24.74 -33.63 0.85
CA VAL D 125 -24.36 -32.31 1.37
C VAL D 125 -23.76 -32.39 2.76
N GLY D 126 -23.87 -33.56 3.39
CA GLY D 126 -23.32 -33.77 4.73
C GLY D 126 -24.13 -33.09 5.81
N VAL D 127 -25.43 -32.97 5.57
CA VAL D 127 -26.37 -32.64 6.63
C VAL D 127 -26.83 -33.89 7.36
N ARG D 128 -26.25 -35.04 7.00
CA ARG D 128 -26.74 -36.33 7.46
C ARG D 128 -25.60 -37.26 7.90
N GLY D 129 -24.85 -37.76 6.93
CA GLY D 129 -23.70 -38.61 7.21
C GLY D 129 -22.39 -37.91 6.96
N LYS D 130 -21.42 -38.13 7.84
CA LYS D 130 -20.18 -37.35 7.84
C LYS D 130 -18.99 -38.18 7.39
N GLY D 131 -18.27 -37.69 6.39
CA GLY D 131 -17.01 -38.30 5.98
C GLY D 131 -17.17 -39.22 4.79
N VAL D 132 -17.94 -38.79 3.81
CA VAL D 132 -18.24 -39.62 2.65
C VAL D 132 -18.04 -38.83 1.36
N GLY D 133 -17.05 -37.95 1.35
CA GLY D 133 -16.87 -37.01 0.24
C GLY D 133 -18.04 -36.07 0.12
N SER D 134 -18.69 -35.80 1.25
CA SER D 134 -19.76 -34.80 1.30
C SER D 134 -19.20 -33.41 1.07
N PHE D 135 -20.08 -32.41 1.08
CA PHE D 135 -19.70 -31.04 0.76
C PHE D 135 -18.69 -30.49 1.76
N LYS D 136 -18.98 -30.62 3.05
CA LYS D 136 -18.05 -30.25 4.11
C LYS D 136 -16.59 -30.41 3.66
N GLU D 137 -16.23 -31.62 3.27
CA GLU D 137 -14.83 -31.97 3.04
C GLU D 137 -14.23 -31.15 1.90
N TYR D 138 -15.09 -30.56 1.08
CA TYR D 138 -14.63 -29.77 -0.07
C TYR D 138 -14.83 -28.27 0.17
N ASN D 139 -15.30 -27.92 1.37
CA ASN D 139 -15.68 -26.55 1.67
C ASN D 139 -16.80 -26.03 0.77
N ILE D 140 -17.91 -26.76 0.75
CA ILE D 140 -19.07 -26.36 -0.04
C ILE D 140 -20.31 -26.29 0.84
N GLY D 141 -20.86 -25.09 0.99
CA GLY D 141 -21.98 -24.87 1.88
C GLY D 141 -23.28 -25.47 1.37
N TYR D 142 -24.36 -25.21 2.10
CA TYR D 142 -25.67 -25.74 1.73
C TYR D 142 -26.78 -25.14 2.58
N ASN D 143 -27.88 -24.78 1.93
CA ASN D 143 -29.07 -24.30 2.62
C ASN D 143 -30.34 -24.86 1.98
N ALA D 144 -31.39 -24.98 2.77
CA ALA D 144 -32.67 -25.48 2.26
C ALA D 144 -33.82 -24.56 2.67
N VAL D 145 -33.96 -23.44 1.96
CA VAL D 145 -35.05 -22.50 2.23
C VAL D 145 -36.39 -23.22 2.25
N PRO D 146 -37.06 -23.19 3.41
CA PRO D 146 -38.31 -23.92 3.58
C PRO D 146 -39.45 -23.32 2.76
N LEU D 147 -40.59 -24.00 2.73
CA LEU D 147 -41.76 -23.52 2.01
C LEU D 147 -42.68 -22.76 2.93
N THR D 148 -43.52 -21.90 2.36
CA THR D 148 -44.62 -21.31 3.10
C THR D 148 -45.46 -22.39 3.76
N GLU D 149 -46.27 -22.00 4.76
CA GLU D 149 -47.15 -22.92 5.44
C GLU D 149 -48.22 -23.47 4.50
N GLY D 150 -48.08 -23.19 3.21
CA GLY D 150 -49.12 -23.48 2.24
C GLY D 150 -48.63 -24.29 1.05
N GLY D 151 -47.35 -24.68 1.08
CA GLY D 151 -46.77 -25.48 0.02
C GLY D 151 -46.17 -24.64 -1.09
N LEU D 152 -46.50 -23.36 -1.09
CA LEU D 152 -45.78 -22.39 -1.92
C LEU D 152 -44.36 -22.19 -1.40
N VAL D 153 -43.50 -21.59 -2.22
CA VAL D 153 -42.14 -21.28 -1.81
C VAL D 153 -42.04 -19.89 -1.17
N ASP D 154 -41.31 -19.81 -0.06
CA ASP D 154 -41.08 -18.54 0.62
C ASP D 154 -40.15 -17.65 -0.18
N PHE D 155 -40.72 -16.75 -0.97
CA PHE D 155 -39.95 -15.94 -1.91
C PHE D 155 -39.06 -14.92 -1.21
N GLU D 156 -39.55 -14.35 -0.12
CA GLU D 156 -38.77 -13.42 0.69
C GLU D 156 -37.49 -14.08 1.19
N ALA D 157 -37.66 -15.22 1.85
CA ALA D 157 -36.51 -15.95 2.40
C ALA D 157 -35.60 -16.49 1.30
N VAL D 158 -36.15 -16.66 0.10
CA VAL D 158 -35.33 -16.97 -1.07
C VAL D 158 -34.42 -15.79 -1.41
N ALA D 159 -35.01 -14.61 -1.54
CA ALA D 159 -34.26 -13.40 -1.86
C ALA D 159 -33.28 -13.06 -0.74
N ALA D 160 -33.63 -13.47 0.48
CA ALA D 160 -32.79 -13.21 1.65
C ALA D 160 -31.58 -14.12 1.70
N ALA D 161 -31.76 -15.36 1.23
CA ALA D 161 -30.75 -16.40 1.42
C ALA D 161 -29.81 -16.52 0.23
N ILE D 162 -30.03 -15.69 -0.79
CA ILE D 162 -29.08 -15.57 -1.88
C ILE D 162 -28.12 -14.40 -1.67
N HIS D 163 -26.83 -14.71 -1.68
CA HIS D 163 -25.79 -13.68 -1.64
C HIS D 163 -24.59 -14.10 -2.50
N SER D 164 -23.53 -13.31 -2.41
CA SER D 164 -22.43 -13.39 -3.38
C SER D 164 -21.83 -14.78 -3.49
N ASN D 165 -22.17 -15.67 -2.57
CA ASN D 165 -21.50 -16.96 -2.45
C ASN D 165 -22.40 -18.13 -2.81
N THR D 166 -23.57 -17.83 -3.35
CA THR D 166 -24.48 -18.87 -3.84
C THR D 166 -24.16 -19.21 -5.29
N LYS D 167 -23.76 -20.45 -5.53
CA LYS D 167 -23.29 -20.86 -6.86
C LYS D 167 -24.40 -21.57 -7.64
N MSE D 168 -25.34 -22.16 -6.93
CA MSE D 168 -26.26 -23.12 -7.53
C MSE D 168 -27.58 -23.16 -6.79
O MSE D 168 -27.62 -23.35 -5.57
CB MSE D 168 -25.63 -24.51 -7.57
CG MSE D 168 -26.50 -25.57 -8.19
SE MSE D 168 -25.53 -27.26 -8.32
CE MSE D 168 -25.47 -27.43 -10.26
N ILE D 169 -28.68 -23.02 -7.54
CA ILE D 169 -30.02 -23.08 -6.95
C ILE D 169 -30.69 -24.41 -7.24
N GLY D 170 -31.06 -25.12 -6.17
CA GLY D 170 -31.74 -26.41 -6.29
C GLY D 170 -33.24 -26.28 -6.22
N ILE D 171 -33.93 -26.84 -7.21
CA ILE D 171 -35.37 -27.05 -7.14
C ILE D 171 -35.70 -28.52 -7.33
N GLN D 172 -36.34 -29.11 -6.32
CA GLN D 172 -36.84 -30.48 -6.45
C GLN D 172 -38.30 -30.47 -6.91
N ARG D 173 -38.53 -30.96 -8.12
CA ARG D 173 -39.84 -30.88 -8.74
C ARG D 173 -40.87 -31.74 -8.01
N SER D 174 -40.54 -33.00 -7.78
CA SER D 174 -41.49 -33.94 -7.21
C SER D 174 -41.61 -33.75 -5.70
N LYS D 175 -42.82 -33.94 -5.18
CA LYS D 175 -43.10 -33.65 -3.78
C LYS D 175 -42.48 -34.69 -2.86
N GLY D 176 -42.19 -35.87 -3.41
CA GLY D 176 -41.84 -37.02 -2.58
C GLY D 176 -42.81 -37.21 -1.44
N TYR D 177 -42.28 -37.40 -0.23
CA TYR D 177 -43.12 -37.65 0.94
C TYR D 177 -43.43 -36.34 1.66
N ALA D 178 -42.84 -35.25 1.18
CA ALA D 178 -43.12 -33.92 1.72
C ALA D 178 -44.60 -33.61 1.66
N THR D 179 -45.06 -32.78 2.59
CA THR D 179 -46.48 -32.43 2.67
C THR D 179 -46.79 -31.17 1.84
N ARG D 180 -46.13 -31.06 0.69
CA ARG D 180 -46.39 -29.98 -0.25
C ARG D 180 -46.59 -30.57 -1.65
N PRO D 181 -47.40 -29.90 -2.48
CA PRO D 181 -47.58 -30.33 -3.85
C PRO D 181 -46.28 -30.24 -4.64
N SER D 182 -46.16 -31.05 -5.69
CA SER D 182 -45.08 -30.89 -6.65
C SER D 182 -45.29 -29.63 -7.48
N PHE D 183 -44.19 -28.94 -7.78
CA PHE D 183 -44.26 -27.66 -8.46
C PHE D 183 -44.38 -27.84 -9.96
N THR D 184 -45.37 -27.18 -10.56
CA THR D 184 -45.61 -27.31 -11.98
C THR D 184 -44.52 -26.59 -12.78
N ILE D 185 -44.45 -26.89 -14.07
CA ILE D 185 -43.54 -26.19 -14.96
C ILE D 185 -43.73 -24.69 -14.88
N SER D 186 -44.99 -24.26 -14.88
CA SER D 186 -45.34 -22.86 -14.64
C SER D 186 -44.57 -22.31 -13.45
N GLN D 187 -44.87 -22.85 -12.27
CA GLN D 187 -44.26 -22.36 -11.03
C GLN D 187 -42.74 -22.37 -11.11
N ILE D 188 -42.20 -23.30 -11.90
CA ILE D 188 -40.75 -23.47 -12.02
C ILE D 188 -40.14 -22.43 -12.96
N LYS D 189 -40.97 -21.86 -13.83
CA LYS D 189 -40.57 -20.72 -14.66
C LYS D 189 -40.57 -19.43 -13.84
N GLU D 190 -41.30 -19.46 -12.73
CA GLU D 190 -41.41 -18.31 -11.84
C GLU D 190 -40.20 -18.22 -10.91
N MSE D 191 -39.82 -19.35 -10.33
CA MSE D 191 -38.59 -19.44 -9.54
C MSE D 191 -37.40 -18.93 -10.35
O MSE D 191 -36.70 -18.02 -9.93
CB MSE D 191 -38.32 -20.88 -9.11
CG MSE D 191 -39.16 -21.35 -7.95
SE MSE D 191 -39.02 -23.28 -7.78
CE MSE D 191 -40.91 -23.68 -7.43
N ILE D 192 -37.14 -19.62 -11.45
CA ILE D 192 -35.99 -19.30 -12.29
C ILE D 192 -35.93 -17.81 -12.59
N ALA D 193 -37.05 -17.25 -13.00
CA ALA D 193 -37.13 -15.83 -13.33
C ALA D 193 -36.85 -14.98 -12.10
N PHE D 194 -37.24 -15.49 -10.93
CA PHE D 194 -37.08 -14.76 -9.67
C PHE D 194 -35.63 -14.74 -9.20
N VAL D 195 -35.10 -15.91 -8.86
CA VAL D 195 -33.73 -16.01 -8.37
C VAL D 195 -32.72 -15.49 -9.39
N LYS D 196 -33.16 -15.30 -10.62
CA LYS D 196 -32.27 -14.83 -11.69
C LYS D 196 -32.29 -13.31 -11.84
N GLU D 197 -33.38 -12.68 -11.40
CA GLU D 197 -33.42 -11.22 -11.26
C GLU D 197 -32.44 -10.74 -10.20
N ILE D 198 -32.18 -11.60 -9.22
CA ILE D 198 -31.28 -11.26 -8.11
C ILE D 198 -29.84 -11.66 -8.44
N LYS D 199 -29.63 -12.93 -8.76
CA LYS D 199 -28.29 -13.48 -8.92
C LYS D 199 -28.12 -14.14 -10.29
N PRO D 200 -28.09 -13.33 -11.36
CA PRO D 200 -27.96 -13.83 -12.73
C PRO D 200 -26.80 -14.80 -12.87
N ASP D 201 -25.93 -14.82 -11.87
CA ASP D 201 -24.74 -15.66 -11.88
C ASP D 201 -25.07 -17.12 -11.61
N VAL D 202 -25.95 -17.37 -10.65
CA VAL D 202 -26.24 -18.74 -10.21
C VAL D 202 -26.66 -19.62 -11.37
N VAL D 203 -26.16 -20.85 -11.38
CA VAL D 203 -26.71 -21.90 -12.23
C VAL D 203 -27.91 -22.55 -11.56
N VAL D 204 -29.03 -22.59 -12.26
CA VAL D 204 -30.23 -23.23 -11.74
C VAL D 204 -30.27 -24.70 -12.11
N PHE D 205 -30.48 -25.55 -11.11
CA PHE D 205 -30.60 -26.99 -11.33
C PHE D 205 -31.96 -27.47 -10.86
N VAL D 206 -32.61 -28.31 -11.67
CA VAL D 206 -33.92 -28.84 -11.32
C VAL D 206 -33.94 -30.37 -11.36
N ASP D 207 -34.22 -30.97 -10.21
CA ASP D 207 -34.46 -32.41 -10.13
C ASP D 207 -35.82 -32.73 -10.74
N ASN D 208 -35.81 -33.40 -11.89
CA ASN D 208 -37.02 -33.53 -12.69
C ASN D 208 -37.76 -34.87 -12.50
N CYS D 209 -37.20 -35.73 -11.66
CA CYS D 209 -37.69 -37.10 -11.50
C CYS D 209 -39.21 -37.24 -11.31
N TYR D 210 -39.84 -38.02 -12.17
CA TYR D 210 -41.28 -38.24 -12.10
C TYR D 210 -42.06 -37.14 -12.81
N GLY D 211 -41.35 -36.22 -13.44
CA GLY D 211 -41.98 -35.12 -14.16
C GLY D 211 -42.09 -35.41 -15.65
N GLU D 212 -41.08 -36.07 -16.20
CA GLU D 212 -40.90 -36.14 -17.64
C GLU D 212 -42.17 -36.57 -18.36
N PHE D 213 -42.53 -35.81 -19.40
CA PHE D 213 -43.54 -36.23 -20.36
C PHE D 213 -44.95 -36.28 -19.80
N ILE D 214 -45.16 -35.69 -18.63
CA ILE D 214 -46.52 -35.58 -18.09
C ILE D 214 -47.09 -34.17 -18.22
N GLU D 215 -46.22 -33.20 -18.46
CA GLU D 215 -46.64 -31.95 -19.12
C GLU D 215 -46.06 -31.88 -20.52
N GLU D 216 -46.00 -30.66 -21.09
CA GLU D 216 -45.58 -30.50 -22.48
C GLU D 216 -44.19 -29.89 -22.62
N GLN D 217 -43.69 -29.30 -21.53
CA GLN D 217 -42.34 -28.75 -21.50
C GLN D 217 -41.57 -29.27 -20.29
N GLU D 218 -40.32 -29.67 -20.50
CA GLU D 218 -39.44 -29.99 -19.39
C GLU D 218 -38.75 -28.72 -18.87
N PRO D 219 -38.33 -28.73 -17.60
CA PRO D 219 -37.88 -27.52 -16.93
C PRO D 219 -36.89 -26.70 -17.75
N CYS D 220 -36.05 -27.38 -18.54
CA CYS D 220 -34.99 -26.69 -19.27
C CYS D 220 -35.56 -25.71 -20.29
N HIS D 221 -36.72 -26.05 -20.86
CA HIS D 221 -37.47 -25.12 -21.69
C HIS D 221 -37.65 -23.78 -20.99
N VAL D 222 -37.93 -23.82 -19.69
CA VAL D 222 -38.43 -22.66 -18.96
C VAL D 222 -37.40 -22.16 -17.94
N GLY D 223 -36.15 -22.05 -18.37
CA GLY D 223 -35.13 -21.34 -17.60
C GLY D 223 -33.94 -22.19 -17.20
N ALA D 224 -34.22 -23.39 -16.71
CA ALA D 224 -33.19 -24.22 -16.07
C ALA D 224 -31.94 -24.36 -16.94
N ASP D 225 -30.78 -24.22 -16.30
CA ASP D 225 -29.50 -24.34 -16.98
C ASP D 225 -28.97 -25.76 -16.86
N LEU D 226 -29.52 -26.50 -15.89
CA LEU D 226 -29.18 -27.91 -15.69
C LEU D 226 -30.30 -28.63 -14.94
N MSE D 227 -30.84 -29.67 -15.57
CA MSE D 227 -31.79 -30.56 -14.91
C MSE D 227 -31.37 -32.01 -15.06
O MSE D 227 -30.77 -32.38 -16.07
CB MSE D 227 -33.19 -30.35 -15.48
CG MSE D 227 -33.24 -30.19 -16.98
SE MSE D 227 -34.97 -30.66 -17.73
CE MSE D 227 -34.84 -32.60 -17.62
N ALA D 228 -31.69 -32.84 -14.06
CA ALA D 228 -31.27 -34.24 -14.07
C ALA D 228 -32.38 -35.18 -13.62
N GLY D 229 -32.14 -36.48 -13.74
CA GLY D 229 -33.10 -37.50 -13.32
C GLY D 229 -32.73 -38.92 -13.68
N SER D 230 -33.68 -39.83 -13.50
CA SER D 230 -33.40 -41.28 -13.56
C SER D 230 -34.07 -41.94 -14.76
N LEU D 231 -33.36 -42.88 -15.38
CA LEU D 231 -33.85 -43.55 -16.59
C LEU D 231 -34.79 -44.73 -16.29
N ILE D 232 -34.68 -45.30 -15.09
CA ILE D 232 -35.56 -46.39 -14.70
C ILE D 232 -36.90 -45.88 -14.18
N LYS D 233 -37.13 -44.59 -14.37
CA LYS D 233 -38.48 -44.03 -14.29
C LYS D 233 -38.96 -43.49 -15.65
N ASN D 234 -39.74 -42.42 -15.62
CA ASN D 234 -40.46 -41.94 -16.82
C ASN D 234 -39.75 -42.16 -18.15
N PRO D 235 -38.57 -41.55 -18.32
CA PRO D 235 -37.94 -41.47 -19.64
C PRO D 235 -37.64 -42.84 -20.23
N GLY D 236 -37.47 -43.85 -19.38
CA GLY D 236 -37.00 -45.16 -19.81
C GLY D 236 -38.10 -46.03 -20.42
N GLY D 237 -39.34 -45.55 -20.35
CA GLY D 237 -40.45 -46.21 -21.03
C GLY D 237 -40.84 -47.54 -20.40
N GLY D 238 -40.20 -47.88 -19.29
CA GLY D 238 -40.38 -49.19 -18.68
C GLY D 238 -39.45 -50.23 -19.27
N ILE D 239 -38.57 -49.78 -20.18
CA ILE D 239 -37.75 -50.69 -20.96
C ILE D 239 -36.32 -50.80 -20.41
N VAL D 240 -35.72 -49.66 -20.08
CA VAL D 240 -34.30 -49.61 -19.78
C VAL D 240 -34.02 -50.08 -18.35
N LYS D 241 -32.92 -50.81 -18.19
CA LYS D 241 -32.66 -51.54 -16.96
C LYS D 241 -31.73 -50.78 -16.02
N THR D 242 -31.31 -49.59 -16.42
CA THR D 242 -30.49 -48.76 -15.55
C THR D 242 -30.10 -47.41 -16.17
N GLY D 243 -29.58 -46.52 -15.32
CA GLY D 243 -28.99 -45.28 -15.81
C GLY D 243 -29.75 -44.04 -15.35
N GLY D 244 -29.11 -42.90 -15.50
CA GLY D 244 -29.78 -41.61 -15.34
C GLY D 244 -29.38 -40.63 -16.43
N TYR D 245 -29.87 -39.40 -16.32
CA TYR D 245 -29.58 -38.37 -17.32
C TYR D 245 -29.34 -37.01 -16.67
N ILE D 246 -28.35 -36.27 -17.19
CA ILE D 246 -28.19 -34.87 -16.86
C ILE D 246 -28.13 -34.05 -18.14
N VAL D 247 -29.12 -33.19 -18.35
CA VAL D 247 -29.17 -32.36 -19.55
C VAL D 247 -29.35 -30.88 -19.22
N GLY D 248 -28.41 -30.07 -19.67
CA GLY D 248 -28.45 -28.62 -19.42
C GLY D 248 -27.60 -27.84 -20.40
N LYS D 249 -27.40 -26.55 -20.11
CA LYS D 249 -26.66 -25.68 -21.00
C LYS D 249 -25.26 -26.23 -21.28
N GLU D 250 -24.73 -25.91 -22.44
CA GLU D 250 -23.65 -26.69 -23.03
C GLU D 250 -22.43 -26.79 -22.11
N GLN D 251 -22.18 -25.71 -21.38
CA GLN D 251 -21.02 -25.63 -20.49
C GLN D 251 -21.23 -26.42 -19.20
N TYR D 252 -22.47 -26.42 -18.70
CA TYR D 252 -22.79 -27.14 -17.48
C TYR D 252 -22.79 -28.65 -17.70
N VAL D 253 -23.21 -29.08 -18.89
CA VAL D 253 -23.20 -30.49 -19.24
C VAL D 253 -21.79 -31.02 -19.41
N GLU D 254 -20.93 -30.22 -20.05
CA GLU D 254 -19.50 -30.53 -20.10
C GLU D 254 -18.93 -30.53 -18.69
N ALA D 255 -19.47 -29.65 -17.84
CA ALA D 255 -19.05 -29.57 -16.45
C ALA D 255 -19.23 -30.91 -15.75
N CYS D 256 -20.38 -31.54 -16.00
CA CYS D 256 -20.70 -32.81 -15.39
C CYS D 256 -20.03 -33.97 -16.11
N ALA D 257 -19.44 -33.69 -17.26
CA ALA D 257 -18.88 -34.73 -18.12
C ALA D 257 -17.53 -35.24 -17.62
N TYR D 258 -16.63 -34.32 -17.27
CA TYR D 258 -15.34 -34.69 -16.70
C TYR D 258 -15.51 -35.20 -15.27
N ARG D 259 -16.36 -34.53 -14.50
CA ARG D 259 -16.69 -34.97 -13.15
C ARG D 259 -17.12 -36.43 -13.15
N LEU D 260 -17.90 -36.81 -14.16
CA LEU D 260 -18.28 -38.20 -14.39
C LEU D 260 -17.07 -39.09 -14.65
N THR D 261 -16.41 -38.85 -15.78
CA THR D 261 -15.36 -39.74 -16.25
C THR D 261 -14.01 -39.29 -15.70
N SER D 262 -13.54 -38.14 -16.17
CA SER D 262 -12.25 -37.61 -15.73
C SER D 262 -11.99 -36.26 -16.40
N PRO D 263 -11.13 -35.45 -15.78
CA PRO D 263 -10.57 -34.27 -16.46
C PRO D 263 -9.80 -34.68 -17.72
N GLY D 264 -10.12 -34.05 -18.84
CA GLY D 264 -9.56 -34.45 -20.13
C GLY D 264 -10.48 -35.35 -20.92
N ILE D 265 -10.68 -36.57 -20.43
CA ILE D 265 -11.54 -37.54 -21.10
C ILE D 265 -12.89 -36.92 -21.44
N GLY D 266 -13.72 -36.75 -20.42
CA GLY D 266 -15.02 -36.11 -20.57
C GLY D 266 -16.03 -37.00 -21.29
N ALA D 267 -17.05 -36.37 -21.86
CA ALA D 267 -18.14 -37.10 -22.50
C ALA D 267 -17.62 -38.02 -23.61
N GLU D 268 -16.40 -37.75 -24.07
CA GLU D 268 -15.84 -38.43 -25.24
C GLU D 268 -15.84 -39.95 -25.07
N ALA D 269 -15.74 -40.41 -23.81
CA ALA D 269 -15.57 -41.83 -23.52
C ALA D 269 -16.78 -42.42 -22.79
N GLY D 270 -16.80 -43.74 -22.67
CA GLY D 270 -17.90 -44.43 -21.99
C GLY D 270 -18.64 -45.40 -22.90
N ALA D 271 -18.05 -46.58 -23.12
CA ALA D 271 -18.64 -47.60 -23.96
C ALA D 271 -20.06 -47.95 -23.49
N SER D 272 -20.82 -48.59 -24.37
CA SER D 272 -22.20 -48.98 -24.06
C SER D 272 -22.41 -50.49 -24.18
N LEU D 273 -22.61 -51.15 -23.04
CA LEU D 273 -22.63 -52.61 -22.99
C LEU D 273 -23.96 -53.19 -23.51
N TYR D 274 -24.30 -52.88 -24.74
CA TYR D 274 -25.51 -53.40 -25.36
C TYR D 274 -26.77 -52.79 -24.74
N SER D 275 -26.64 -51.58 -24.22
CA SER D 275 -27.74 -50.94 -23.51
C SER D 275 -28.42 -49.87 -24.34
N LEU D 276 -28.13 -49.88 -25.65
CA LEU D 276 -28.43 -48.74 -26.51
C LEU D 276 -29.85 -48.78 -27.09
N GLN D 277 -30.21 -49.93 -27.66
CA GLN D 277 -31.48 -50.05 -28.38
C GLN D 277 -32.66 -49.87 -27.44
N GLU D 278 -32.43 -50.14 -26.16
CA GLU D 278 -33.51 -50.08 -25.18
C GLU D 278 -33.74 -48.68 -24.64
N MSE D 279 -32.74 -47.82 -24.83
CA MSE D 279 -32.87 -46.41 -24.46
C MSE D 279 -33.55 -45.58 -25.55
O MSE D 279 -34.28 -44.64 -25.26
CB MSE D 279 -31.52 -45.82 -24.10
CG MSE D 279 -30.98 -46.28 -22.75
SE MSE D 279 -29.28 -45.44 -22.30
CE MSE D 279 -28.13 -46.42 -23.55
N TYR D 280 -33.29 -45.93 -26.81
CA TYR D 280 -34.01 -45.32 -27.92
C TYR D 280 -35.48 -45.67 -27.88
N GLN D 281 -35.79 -46.96 -27.88
CA GLN D 281 -37.17 -47.43 -27.83
C GLN D 281 -37.85 -46.96 -26.55
N GLY D 282 -37.06 -46.86 -25.48
CA GLY D 282 -37.57 -46.39 -24.20
C GLY D 282 -38.06 -44.96 -24.27
N PHE D 283 -37.25 -44.08 -24.84
CA PHE D 283 -37.58 -42.68 -24.99
C PHE D 283 -38.79 -42.50 -25.90
N PHE D 284 -38.81 -43.25 -27.00
CA PHE D 284 -39.89 -43.17 -27.98
C PHE D 284 -41.22 -43.66 -27.41
N LEU D 285 -41.13 -44.50 -26.37
CA LEU D 285 -42.32 -45.05 -25.73
C LEU D 285 -42.78 -44.18 -24.56
N ALA D 286 -41.87 -43.35 -24.06
CA ALA D 286 -42.02 -42.75 -22.74
C ALA D 286 -43.29 -41.91 -22.59
N PRO D 287 -43.61 -41.06 -23.58
CA PRO D 287 -44.80 -40.24 -23.37
C PRO D 287 -46.01 -41.10 -23.09
N HIS D 288 -46.14 -42.18 -23.86
CA HIS D 288 -47.23 -43.13 -23.68
C HIS D 288 -47.23 -43.74 -22.28
N VAL D 289 -46.14 -44.40 -21.93
CA VAL D 289 -46.02 -45.12 -20.67
C VAL D 289 -46.08 -44.17 -19.47
N ALA D 290 -45.51 -42.98 -19.64
CA ALA D 290 -45.67 -41.90 -18.68
C ALA D 290 -47.15 -41.63 -18.45
N GLY D 291 -47.89 -41.43 -19.54
CA GLY D 291 -49.29 -41.03 -19.46
C GLY D 291 -50.18 -42.19 -19.08
N GLN D 292 -49.67 -43.41 -19.25
CA GLN D 292 -50.38 -44.60 -18.80
C GLN D 292 -50.47 -44.61 -17.29
N ALA D 293 -49.35 -44.35 -16.63
CA ALA D 293 -49.33 -44.22 -15.18
C ALA D 293 -50.25 -43.11 -14.72
N LEU D 294 -50.09 -41.93 -15.31
CA LEU D 294 -50.85 -40.75 -14.90
C LEU D 294 -52.35 -40.93 -15.12
N LYS D 295 -52.71 -41.79 -16.07
CA LYS D 295 -54.11 -42.10 -16.32
C LYS D 295 -54.64 -43.12 -15.33
N GLY D 296 -53.73 -43.77 -14.61
CA GLY D 296 -54.11 -44.64 -13.49
C GLY D 296 -54.07 -43.94 -12.15
N ALA D 297 -53.11 -43.02 -12.00
CA ALA D 297 -53.06 -42.16 -10.82
C ALA D 297 -54.25 -41.22 -10.76
N ILE D 298 -54.87 -41.00 -11.92
CA ILE D 298 -56.15 -40.29 -11.98
C ILE D 298 -57.28 -41.19 -11.52
N PHE D 299 -57.25 -42.45 -11.95
CA PHE D 299 -58.22 -43.44 -11.51
C PHE D 299 -58.20 -43.62 -10.00
N THR D 300 -57.07 -44.12 -9.49
CA THR D 300 -56.85 -44.20 -8.05
C THR D 300 -57.60 -43.08 -7.32
N ALA D 301 -57.26 -41.84 -7.65
CA ALA D 301 -57.76 -40.68 -6.90
C ALA D 301 -59.27 -40.56 -7.04
N ALA D 302 -59.77 -40.66 -8.26
CA ALA D 302 -61.20 -40.65 -8.49
C ALA D 302 -61.89 -41.73 -7.68
N PHE D 303 -61.24 -42.89 -7.58
CA PHE D 303 -61.86 -44.10 -7.05
C PHE D 303 -61.75 -44.17 -5.53
N LEU D 304 -60.55 -43.91 -5.02
CA LEU D 304 -60.33 -43.82 -3.58
C LEU D 304 -61.16 -42.70 -2.95
N GLU D 305 -61.27 -41.59 -3.67
CA GLU D 305 -62.12 -40.48 -3.24
C GLU D 305 -63.57 -40.94 -3.08
N LYS D 306 -64.18 -41.36 -4.17
CA LYS D 306 -65.54 -41.90 -4.15
C LYS D 306 -65.74 -42.88 -3.00
N LEU D 307 -64.70 -43.64 -2.68
CA LEU D 307 -64.77 -44.62 -1.61
C LEU D 307 -64.71 -43.95 -0.24
N GLY D 308 -64.61 -42.62 -0.25
CA GLY D 308 -64.73 -41.84 0.97
C GLY D 308 -63.38 -41.54 1.61
N MSE D 309 -62.42 -41.14 0.79
CA MSE D 309 -61.05 -41.00 1.25
C MSE D 309 -60.29 -39.87 0.56
O MSE D 309 -60.09 -39.89 -0.66
CB MSE D 309 -60.29 -42.31 1.07
CG MSE D 309 -60.55 -43.32 2.17
SE MSE D 309 -59.43 -44.88 1.93
CE MSE D 309 -60.24 -45.60 0.32
N ASN D 310 -59.82 -38.91 1.36
CA ASN D 310 -58.90 -37.90 0.87
C ASN D 310 -57.76 -38.48 0.04
N THR D 311 -57.54 -37.92 -1.13
CA THR D 311 -56.42 -38.29 -1.99
C THR D 311 -55.69 -37.03 -2.46
N SER D 312 -54.46 -37.21 -2.94
CA SER D 312 -53.63 -36.08 -3.36
C SER D 312 -52.52 -36.54 -4.31
N PRO D 313 -52.48 -35.97 -5.52
CA PRO D 313 -53.43 -34.96 -6.01
C PRO D 313 -54.83 -35.52 -6.14
N ALA D 314 -55.83 -34.65 -6.05
CA ALA D 314 -57.19 -34.99 -6.45
C ALA D 314 -57.18 -35.40 -7.93
N TRP D 315 -58.26 -36.07 -8.36
CA TRP D 315 -58.34 -36.54 -9.73
C TRP D 315 -58.33 -35.38 -10.73
N ASN D 316 -59.06 -34.32 -10.40
CA ASN D 316 -59.30 -33.23 -11.35
C ASN D 316 -58.36 -32.06 -11.16
N ALA D 317 -57.36 -32.25 -10.30
CA ALA D 317 -56.32 -31.25 -10.08
C ALA D 317 -55.32 -31.24 -11.23
N PRO D 318 -54.56 -30.14 -11.35
CA PRO D 318 -53.47 -30.06 -12.32
C PRO D 318 -52.36 -31.05 -12.00
N ARG D 319 -51.65 -31.50 -13.03
CA ARG D 319 -50.69 -32.59 -12.88
C ARG D 319 -49.31 -32.18 -13.36
N THR D 320 -48.29 -32.46 -12.56
CA THR D 320 -46.92 -32.17 -12.94
C THR D 320 -46.05 -33.41 -12.85
N ASP D 321 -46.44 -34.35 -12.00
CA ASP D 321 -45.69 -35.60 -11.84
C ASP D 321 -46.58 -36.82 -11.64
N LEU D 322 -45.95 -37.95 -11.35
CA LEU D 322 -46.64 -39.24 -11.30
C LEU D 322 -47.11 -39.57 -9.88
N ILE D 323 -46.79 -38.71 -8.92
CA ILE D 323 -47.07 -39.00 -7.52
C ILE D 323 -48.57 -38.92 -7.22
N GLN D 324 -49.12 -40.02 -6.73
CA GLN D 324 -50.53 -40.08 -6.38
C GLN D 324 -50.72 -40.61 -4.96
N SER D 325 -51.26 -39.77 -4.08
CA SER D 325 -51.40 -40.12 -2.67
C SER D 325 -52.86 -40.34 -2.30
N VAL D 326 -53.10 -41.21 -1.33
CA VAL D 326 -54.46 -41.57 -0.92
C VAL D 326 -54.54 -41.93 0.56
N GLN D 327 -55.38 -41.21 1.29
CA GLN D 327 -55.36 -41.25 2.75
C GLN D 327 -56.27 -42.34 3.32
N PHE D 328 -55.70 -43.21 4.15
CA PHE D 328 -56.38 -44.44 4.55
C PHE D 328 -56.88 -44.40 6.00
N ASP D 329 -56.38 -43.45 6.78
CA ASP D 329 -56.94 -43.17 8.10
C ASP D 329 -56.92 -44.39 9.02
N ASP D 330 -56.13 -45.40 8.66
CA ASP D 330 -56.14 -46.66 9.40
C ASP D 330 -54.99 -47.58 9.01
N LYS D 331 -54.02 -47.73 9.91
CA LYS D 331 -52.87 -48.59 9.69
C LYS D 331 -53.21 -49.86 8.92
N ASP D 332 -54.22 -50.59 9.38
CA ASP D 332 -54.55 -51.90 8.84
C ASP D 332 -55.05 -51.80 7.41
N ARG D 333 -56.03 -50.94 7.21
CA ARG D 333 -56.56 -50.63 5.88
C ARG D 333 -55.45 -50.30 4.89
N MSE D 334 -54.51 -49.46 5.33
CA MSE D 334 -53.36 -49.08 4.51
C MSE D 334 -52.49 -50.30 4.19
O MSE D 334 -52.35 -50.69 3.03
CB MSE D 334 -52.53 -48.02 5.22
CG MSE D 334 -51.22 -47.68 4.53
SE MSE D 334 -50.07 -46.50 5.59
CE MSE D 334 -48.66 -46.20 4.27
N ILE D 335 -51.92 -50.89 5.24
CA ILE D 335 -51.07 -52.08 5.09
C ILE D 335 -51.71 -53.10 4.16
N ALA D 336 -53.03 -53.29 4.30
CA ALA D 336 -53.75 -54.20 3.45
C ALA D 336 -53.58 -53.81 1.97
N PHE D 337 -53.99 -52.59 1.65
CA PHE D 337 -53.81 -52.06 0.30
C PHE D 337 -52.43 -52.42 -0.24
N CYS D 338 -51.38 -51.86 0.35
CA CYS D 338 -50.02 -52.09 -0.10
C CYS D 338 -49.75 -53.58 -0.31
N GLN D 339 -50.53 -54.44 0.36
CA GLN D 339 -50.34 -55.88 0.27
C GLN D 339 -51.10 -56.46 -0.91
N ALA D 340 -52.23 -55.87 -1.24
CA ALA D 340 -53.00 -56.27 -2.41
C ALA D 340 -52.27 -55.88 -3.69
N ILE D 341 -51.88 -54.62 -3.77
CA ILE D 341 -51.16 -54.09 -4.91
C ILE D 341 -49.96 -54.97 -5.26
N GLN D 342 -49.45 -55.67 -4.25
CA GLN D 342 -48.33 -56.59 -4.46
C GLN D 342 -48.80 -57.88 -5.15
N TYR D 343 -49.97 -58.35 -4.75
CA TYR D 343 -50.55 -59.57 -5.31
C TYR D 343 -51.33 -59.28 -6.60
N ALA D 344 -51.39 -58.01 -6.99
CA ALA D 344 -51.87 -57.64 -8.32
C ALA D 344 -50.74 -57.06 -9.16
N SER D 345 -49.50 -57.38 -8.79
CA SER D 345 -48.34 -57.05 -9.59
C SER D 345 -47.86 -58.27 -10.35
N PRO D 346 -47.18 -58.06 -11.48
CA PRO D 346 -46.81 -59.17 -12.35
C PRO D 346 -45.79 -60.11 -11.71
N ILE D 347 -44.65 -59.56 -11.30
CA ILE D 347 -43.56 -60.38 -10.79
C ILE D 347 -43.35 -60.22 -9.28
N ASN D 348 -43.06 -61.32 -8.61
CA ASN D 348 -42.97 -61.35 -7.16
C ASN D 348 -44.29 -61.02 -6.45
N SER D 349 -45.39 -61.43 -7.08
CA SER D 349 -46.71 -61.21 -6.51
C SER D 349 -47.00 -62.14 -5.34
N HIS D 350 -46.06 -63.03 -5.05
CA HIS D 350 -46.23 -64.00 -3.96
C HIS D 350 -45.46 -63.59 -2.72
N PHE D 351 -44.51 -62.68 -2.89
CA PHE D 351 -43.81 -62.07 -1.76
C PHE D 351 -44.73 -61.06 -1.06
N THR D 352 -45.24 -61.44 0.10
CA THR D 352 -46.22 -60.61 0.79
C THR D 352 -45.55 -59.56 1.67
N PRO D 353 -45.69 -58.28 1.28
CA PRO D 353 -44.98 -57.17 1.93
C PRO D 353 -45.56 -56.87 3.31
N TYR D 354 -44.69 -56.84 4.33
CA TYR D 354 -45.08 -56.38 5.65
C TYR D 354 -44.29 -55.16 6.10
N ALA D 355 -44.74 -54.56 7.20
CA ALA D 355 -43.98 -53.51 7.87
C ALA D 355 -42.57 -53.99 8.22
N ASN D 356 -41.57 -53.25 7.77
CA ASN D 356 -40.18 -53.59 8.02
C ASN D 356 -39.43 -52.41 8.60
N TYR D 357 -38.32 -52.69 9.28
CA TYR D 357 -37.45 -51.61 9.74
C TYR D 357 -36.71 -50.95 8.59
N MSE D 358 -36.82 -49.62 8.51
CA MSE D 358 -36.01 -48.83 7.61
C MSE D 358 -35.06 -47.94 8.42
O MSE D 358 -35.45 -47.38 9.44
CB MSE D 358 -36.90 -47.97 6.71
CG MSE D 358 -36.20 -47.44 5.47
SE MSE D 358 -36.48 -48.57 3.89
CE MSE D 358 -35.00 -49.82 4.15
N PRO D 359 -33.79 -47.88 8.01
CA PRO D 359 -32.81 -47.01 8.68
C PRO D 359 -32.97 -45.55 8.27
N GLY D 360 -33.40 -44.72 9.23
CA GLY D 360 -33.59 -43.29 8.97
C GLY D 360 -34.84 -42.73 9.62
N TYR D 361 -35.98 -43.36 9.35
CA TYR D 361 -37.27 -42.82 9.77
C TYR D 361 -37.69 -43.35 11.13
N GLU D 362 -38.47 -42.55 11.85
CA GLU D 362 -38.93 -42.91 13.19
C GLU D 362 -40.11 -43.86 13.13
N ASP D 363 -40.43 -44.31 11.91
CA ASP D 363 -41.62 -45.12 11.68
C ASP D 363 -41.32 -46.21 10.66
N ASP D 364 -41.75 -47.43 10.95
CA ASP D 364 -41.66 -48.53 9.99
C ASP D 364 -42.20 -48.08 8.63
N VAL D 365 -41.68 -48.68 7.57
CA VAL D 365 -42.22 -48.45 6.23
C VAL D 365 -42.90 -49.71 5.71
N ILE D 366 -43.82 -49.53 4.76
CA ILE D 366 -44.41 -50.65 4.05
C ILE D 366 -44.26 -50.48 2.54
N MSE D 367 -43.78 -51.53 1.88
CA MSE D 367 -43.35 -51.40 0.48
C MSE D 367 -43.91 -52.51 -0.40
O MSE D 367 -43.62 -53.69 -0.20
CB MSE D 367 -41.83 -51.39 0.40
CG MSE D 367 -41.23 -50.01 0.18
SE MSE D 367 -39.46 -50.09 -0.64
CE MSE D 367 -39.93 -50.98 -2.31
N ALA D 368 -44.67 -52.11 -1.43
CA ALA D 368 -45.04 -53.03 -2.50
C ALA D 368 -44.31 -52.65 -3.79
N ALA D 369 -43.56 -53.60 -4.34
CA ALA D 369 -42.85 -53.38 -5.59
C ALA D 369 -42.61 -54.68 -6.35
N GLY D 370 -43.61 -55.11 -7.11
CA GLY D 370 -43.46 -56.23 -8.03
C GLY D 370 -43.10 -55.78 -9.43
N THR D 371 -41.81 -55.69 -9.73
CA THR D 371 -41.33 -54.98 -10.92
C THR D 371 -40.32 -55.81 -11.70
N PHE D 372 -40.43 -55.75 -13.03
CA PHE D 372 -39.46 -56.40 -13.93
C PHE D 372 -38.05 -55.87 -13.72
N ILE D 373 -37.95 -54.56 -13.48
CA ILE D 373 -36.68 -53.93 -13.14
C ILE D 373 -36.67 -53.55 -11.67
N GLN D 374 -35.54 -53.77 -11.02
CA GLN D 374 -35.40 -53.55 -9.58
C GLN D 374 -35.59 -52.06 -9.25
N GLY D 375 -36.61 -51.77 -8.46
CA GLY D 375 -36.85 -50.41 -7.98
C GLY D 375 -37.09 -49.41 -9.09
N ALA D 376 -37.98 -49.75 -10.02
CA ALA D 376 -38.20 -48.95 -11.23
C ALA D 376 -39.53 -48.19 -11.19
N SER D 377 -39.51 -46.99 -10.62
CA SER D 377 -40.74 -46.30 -10.21
C SER D 377 -41.78 -46.21 -11.32
N ILE D 378 -41.31 -46.24 -12.56
CA ILE D 378 -42.22 -46.21 -13.71
C ILE D 378 -43.32 -47.27 -13.56
N GLU D 379 -43.03 -48.30 -12.76
CA GLU D 379 -43.94 -49.42 -12.59
C GLU D 379 -44.81 -49.27 -11.34
N LEU D 380 -45.91 -50.02 -11.29
CA LEU D 380 -46.88 -49.87 -10.22
C LEU D 380 -46.32 -50.27 -8.86
N SER D 381 -46.54 -49.41 -7.87
CA SER D 381 -46.07 -49.67 -6.51
C SER D 381 -46.96 -48.98 -5.48
N ALA D 382 -46.98 -49.53 -4.28
CA ALA D 382 -47.72 -48.92 -3.18
C ALA D 382 -46.86 -48.91 -1.93
N ASP D 383 -46.22 -47.77 -1.66
CA ASP D 383 -45.42 -47.61 -0.46
C ASP D 383 -45.94 -46.43 0.36
N GLY D 384 -45.15 -45.99 1.33
CA GLY D 384 -45.59 -45.01 2.31
C GLY D 384 -45.12 -45.37 3.70
N PRO D 385 -44.78 -44.36 4.51
CA PRO D 385 -44.36 -44.59 5.88
C PRO D 385 -45.55 -44.92 6.79
N ILE D 386 -45.37 -45.87 7.69
CA ILE D 386 -46.41 -46.23 8.65
C ILE D 386 -46.48 -45.22 9.80
N ARG D 387 -47.31 -44.20 9.62
CA ARG D 387 -47.58 -43.22 10.66
C ARG D 387 -48.79 -42.39 10.26
N PRO D 388 -49.58 -41.95 11.25
CA PRO D 388 -50.79 -41.17 10.95
C PRO D 388 -50.49 -40.01 10.01
N PRO D 389 -51.46 -39.65 9.15
CA PRO D 389 -52.76 -40.29 9.10
C PRO D 389 -52.81 -41.42 8.07
N TYR D 390 -51.70 -42.14 7.94
CA TYR D 390 -51.68 -43.41 7.21
C TYR D 390 -51.91 -43.18 5.72
N VAL D 391 -50.96 -42.49 5.11
CA VAL D 391 -51.07 -42.05 3.73
C VAL D 391 -50.17 -42.91 2.85
N ALA D 392 -50.75 -43.52 1.81
CA ALA D 392 -50.00 -44.42 0.95
C ALA D 392 -49.79 -43.84 -0.44
N TYR D 393 -48.61 -44.08 -1.01
CA TYR D 393 -48.31 -43.60 -2.36
C TYR D 393 -48.42 -44.72 -3.39
N VAL D 394 -49.46 -44.62 -4.22
CA VAL D 394 -49.71 -45.64 -5.23
C VAL D 394 -49.57 -45.05 -6.62
N GLN D 395 -48.44 -45.35 -7.27
CA GLN D 395 -48.03 -44.62 -8.48
C GLN D 395 -47.16 -45.49 -9.37
N GLY D 396 -47.39 -45.39 -10.68
CA GLY D 396 -46.74 -46.28 -11.65
C GLY D 396 -47.75 -46.91 -12.58
N GLY D 397 -47.27 -47.76 -13.48
CA GLY D 397 -48.16 -48.57 -14.30
C GLY D 397 -47.81 -48.54 -15.77
N LEU D 398 -47.27 -49.64 -16.27
CA LEU D 398 -46.84 -49.74 -17.66
C LEU D 398 -48.04 -49.83 -18.60
N THR D 399 -49.20 -50.17 -18.04
CA THR D 399 -50.47 -49.99 -18.75
C THR D 399 -51.57 -49.56 -17.80
N TYR D 400 -52.39 -48.61 -18.23
CA TYR D 400 -53.59 -48.23 -17.49
C TYR D 400 -54.29 -49.48 -16.95
N SER D 401 -54.55 -50.43 -17.83
CA SER D 401 -55.34 -51.60 -17.47
C SER D 401 -54.75 -52.35 -16.28
N HIS D 402 -53.43 -52.34 -16.16
CA HIS D 402 -52.77 -52.93 -14.99
C HIS D 402 -53.16 -52.20 -13.72
N VAL D 403 -53.02 -50.88 -13.74
CA VAL D 403 -53.45 -50.06 -12.61
C VAL D 403 -54.92 -50.32 -12.27
N LYS D 404 -55.79 -50.12 -13.24
CA LYS D 404 -57.23 -50.24 -13.02
C LYS D 404 -57.56 -51.54 -12.29
N ILE D 405 -57.03 -52.65 -12.80
CA ILE D 405 -57.18 -53.94 -12.15
C ILE D 405 -56.51 -53.96 -10.78
N ALA D 406 -55.33 -53.36 -10.70
CA ALA D 406 -54.52 -53.43 -9.48
C ALA D 406 -55.30 -52.96 -8.25
N ILE D 407 -55.81 -51.74 -8.31
CA ILE D 407 -56.53 -51.19 -7.17
C ILE D 407 -57.96 -51.71 -7.10
N CYS D 408 -58.47 -52.17 -8.25
CA CYS D 408 -59.76 -52.87 -8.28
C CYS D 408 -59.66 -54.26 -7.64
N SER D 409 -58.43 -54.74 -7.48
CA SER D 409 -58.17 -55.92 -6.67
C SER D 409 -58.06 -55.56 -5.19
N ALA D 410 -57.30 -54.52 -4.91
CA ALA D 410 -57.09 -54.08 -3.54
C ALA D 410 -58.42 -53.79 -2.84
N ILE D 411 -59.19 -52.87 -3.41
CA ILE D 411 -60.49 -52.54 -2.85
C ILE D 411 -61.35 -53.78 -2.64
N ASP D 412 -61.27 -54.71 -3.59
CA ASP D 412 -62.02 -55.96 -3.48
C ASP D 412 -61.65 -56.75 -2.20
N GLU D 413 -60.40 -56.53 -1.67
CA GLU D 413 -59.94 -57.07 -0.37
C GLU D 413 -60.39 -56.19 0.80
N LEU D 414 -60.44 -54.87 0.56
CA LEU D 414 -60.81 -53.89 1.59
C LEU D 414 -62.30 -53.95 1.82
N ILE D 415 -62.90 -54.93 1.15
CA ILE D 415 -64.29 -55.26 1.35
C ILE D 415 -64.18 -56.58 2.06
N GLU D 416 -63.24 -57.39 1.59
CA GLU D 416 -63.09 -58.77 2.04
C GLU D 416 -61.97 -58.90 3.07
N ASN E 7 3.91 89.65 3.87
CA ASN E 7 2.44 89.37 3.95
C ASN E 7 2.04 88.97 5.37
N GLY E 8 0.73 88.91 5.61
CA GLY E 8 0.21 88.39 6.87
C GLY E 8 -0.86 89.24 7.53
N GLU E 9 -1.34 90.24 6.80
CA GLU E 9 -2.46 91.06 7.27
C GLU E 9 -3.74 90.61 6.58
N LYS E 10 -3.56 89.78 5.56
CA LYS E 10 -4.68 89.15 4.85
C LYS E 10 -4.57 87.64 5.01
N ILE E 11 -3.50 87.20 5.67
CA ILE E 11 -3.36 85.81 6.02
C ILE E 11 -3.91 85.55 7.42
N ALA E 12 -3.59 86.45 8.35
CA ALA E 12 -3.83 86.22 9.77
C ALA E 12 -5.31 86.00 10.08
N PRO E 13 -6.18 86.77 9.44
CA PRO E 13 -7.61 86.65 9.67
C PRO E 13 -8.10 85.23 9.39
N ILE E 14 -7.54 84.59 8.37
CA ILE E 14 -8.03 83.29 7.94
C ILE E 14 -7.54 82.16 8.84
N VAL E 15 -6.26 82.18 9.19
CA VAL E 15 -5.72 81.20 10.13
C VAL E 15 -6.44 81.28 11.47
N LYS E 16 -6.71 82.51 11.92
CA LYS E 16 -7.59 82.75 13.04
C LYS E 16 -8.91 82.01 12.87
N GLU E 17 -9.56 82.25 11.72
CA GLU E 17 -10.85 81.65 11.45
C GLU E 17 -10.77 80.12 11.46
N VAL E 18 -9.62 79.58 11.12
CA VAL E 18 -9.44 78.14 11.01
C VAL E 18 -9.22 77.48 12.37
N GLU E 19 -8.27 78.00 13.14
CA GLU E 19 -8.02 77.50 14.49
C GLU E 19 -9.32 77.43 15.28
N SER E 20 -10.13 78.48 15.16
CA SER E 20 -11.44 78.52 15.81
C SER E 20 -12.36 77.44 15.27
N GLN E 21 -12.04 76.94 14.08
CA GLN E 21 -12.88 75.97 13.38
C GLN E 21 -12.49 74.55 13.76
N ILE E 22 -11.23 74.37 14.17
CA ILE E 22 -10.72 73.04 14.50
C ILE E 22 -10.56 72.84 16.01
N THR E 23 -11.04 73.81 16.78
CA THR E 23 -10.93 73.76 18.23
C THR E 23 -11.49 72.46 18.80
N GLU E 24 -12.66 72.06 18.32
CA GLU E 24 -13.30 70.83 18.79
C GLU E 24 -12.38 69.61 18.63
N VAL E 25 -12.12 69.23 17.38
CA VAL E 25 -11.29 68.06 17.11
C VAL E 25 -9.95 68.11 17.86
N HIS E 26 -9.46 69.32 18.08
CA HIS E 26 -8.23 69.50 18.86
C HIS E 26 -8.43 69.05 20.30
N LYS E 27 -9.33 69.70 21.01
CA LYS E 27 -9.64 69.34 22.39
C LYS E 27 -9.83 67.83 22.52
N ARG E 28 -10.38 67.23 21.47
CA ARG E 28 -10.62 65.80 21.44
C ARG E 28 -9.32 65.00 21.27
N ALA E 29 -8.47 65.46 20.36
CA ALA E 29 -7.14 64.88 20.18
C ALA E 29 -6.31 65.03 21.44
N ASP E 30 -6.66 66.02 22.26
CA ASP E 30 -6.01 66.23 23.55
C ASP E 30 -6.45 65.16 24.54
N GLU E 31 -7.69 64.69 24.39
CA GLU E 31 -8.19 63.59 25.21
C GLU E 31 -7.38 62.32 24.97
N VAL E 32 -7.23 61.94 23.70
CA VAL E 32 -6.47 60.74 23.36
C VAL E 32 -5.00 60.86 23.78
N ILE E 33 -4.43 62.05 23.61
CA ILE E 33 -3.13 62.35 24.18
C ILE E 33 -3.13 62.07 25.68
N GLU E 34 -4.08 62.67 26.38
CA GLU E 34 -4.24 62.41 27.82
C GLU E 34 -4.35 60.92 28.10
N SER E 35 -5.20 60.24 27.34
CA SER E 35 -5.50 58.83 27.58
C SER E 35 -4.27 57.95 27.39
N ASN E 36 -3.55 58.19 26.30
CA ASN E 36 -2.31 57.46 26.04
C ASN E 36 -1.24 57.78 27.06
N GLN E 37 -1.11 59.05 27.42
CA GLN E 37 -0.15 59.46 28.44
C GLN E 37 -0.42 58.74 29.76
N PHE E 38 -1.70 58.60 30.11
CA PHE E 38 -2.09 57.92 31.35
C PHE E 38 -1.76 56.43 31.29
N ARG E 39 -1.99 55.81 30.14
CA ARG E 39 -1.67 54.41 29.94
C ARG E 39 -0.17 54.16 30.04
N VAL E 40 0.60 54.95 29.30
CA VAL E 40 2.05 54.86 29.34
C VAL E 40 2.58 55.05 30.76
N LEU E 41 1.99 55.98 31.49
CA LEU E 41 2.39 56.23 32.87
C LEU E 41 2.16 54.99 33.73
N GLU E 42 0.98 54.41 33.57
CA GLU E 42 0.60 53.18 34.27
C GLU E 42 1.65 52.08 34.14
N SER E 43 2.26 51.96 32.96
CA SER E 43 3.19 50.88 32.69
C SER E 43 4.58 51.17 33.24
N PHE E 44 4.91 52.45 33.38
CA PHE E 44 6.12 52.85 34.11
C PHE E 44 5.98 52.51 35.58
N GLY E 45 4.83 52.84 36.15
CA GLY E 45 4.55 52.59 37.56
C GLY E 45 4.45 51.11 37.87
N LYS E 46 3.87 50.36 36.93
CA LYS E 46 3.69 48.93 37.12
C LYS E 46 4.99 48.16 36.99
N HIS E 47 5.80 48.52 36.00
CA HIS E 47 7.14 47.96 35.88
C HIS E 47 8.11 48.70 36.78
N LYS E 48 7.60 49.68 37.52
CA LYS E 48 8.33 50.35 38.59
C LYS E 48 9.71 50.81 38.15
N ILE E 49 9.78 51.50 37.02
CA ILE E 49 11.06 51.80 36.38
C ILE E 49 11.83 52.91 37.11
N SER E 50 13.15 52.77 37.15
CA SER E 50 14.02 53.78 37.75
C SER E 50 15.15 54.17 36.79
N ASP E 51 15.98 55.10 37.23
CA ASP E 51 17.14 55.53 36.43
C ASP E 51 18.19 54.43 36.39
N SER E 52 17.89 53.29 37.02
CA SER E 52 18.76 52.13 36.94
C SER E 52 18.45 51.30 35.69
N HIS E 53 17.45 51.73 34.92
CA HIS E 53 17.12 51.08 33.66
C HIS E 53 17.92 51.66 32.50
N PHE E 54 18.44 52.87 32.70
CA PHE E 54 19.19 53.56 31.66
C PHE E 54 20.63 53.05 31.59
N ILE E 55 21.02 52.27 32.59
CA ILE E 55 22.36 51.69 32.67
C ILE E 55 22.78 51.03 31.35
N PRO E 56 23.93 51.46 30.80
CA PRO E 56 24.48 50.84 29.58
C PRO E 56 24.89 49.39 29.83
N THR E 57 24.79 48.58 28.78
CA THR E 57 25.51 47.30 28.74
C THR E 57 26.41 47.25 27.51
N THR E 58 27.55 46.58 27.65
CA THR E 58 28.50 46.45 26.55
C THR E 58 28.64 44.98 26.14
N GLY E 59 29.46 44.73 25.12
CA GLY E 59 29.76 43.36 24.70
C GLY E 59 28.53 42.56 24.32
N TYR E 60 28.26 41.51 25.08
CA TYR E 60 27.16 40.60 24.78
C TYR E 60 25.82 41.17 25.22
N GLY E 61 25.85 42.15 26.12
CA GLY E 61 24.63 42.70 26.70
C GLY E 61 23.73 41.63 27.31
N TYR E 62 24.35 40.70 28.03
CA TYR E 62 23.60 39.69 28.79
C TYR E 62 23.07 40.29 30.10
N ASP E 63 21.81 39.99 30.41
CA ASP E 63 21.19 40.46 31.64
C ASP E 63 21.11 41.99 31.70
N ASP E 64 20.51 42.59 30.68
CA ASP E 64 20.21 44.03 30.71
C ASP E 64 18.79 44.30 31.18
N ILE E 65 18.66 44.82 32.41
CA ILE E 65 17.34 45.09 32.97
C ILE E 65 16.68 46.30 32.32
N GLY E 66 17.50 47.19 31.77
CA GLY E 66 17.00 48.28 30.95
C GLY E 66 16.29 47.78 29.71
N ARG E 67 16.98 46.94 28.95
CA ARG E 67 16.49 46.49 27.65
C ARG E 67 15.31 45.54 27.78
N ASP E 68 15.37 44.64 28.75
CA ASP E 68 14.32 43.64 28.96
C ASP E 68 13.01 44.30 29.36
N THR E 69 13.10 45.35 30.17
CA THR E 69 11.91 46.01 30.69
C THR E 69 11.30 46.98 29.69
N LEU E 70 12.14 47.67 28.93
CA LEU E 70 11.65 48.58 27.91
C LEU E 70 10.74 47.85 26.93
N GLU E 71 11.11 46.63 26.59
CA GLU E 71 10.30 45.77 25.74
C GLU E 71 8.99 45.35 26.42
N LYS E 72 9.08 44.95 27.69
CA LYS E 72 7.90 44.63 28.47
C LYS E 72 6.92 45.80 28.53
N VAL E 73 7.41 46.97 28.92
CA VAL E 73 6.65 48.20 28.82
C VAL E 73 5.97 48.29 27.45
N TYR E 74 6.78 48.35 26.40
CA TYR E 74 6.25 48.47 25.05
C TYR E 74 5.07 47.53 24.81
N ALA E 75 5.29 46.25 25.08
CA ALA E 75 4.24 45.25 24.92
C ALA E 75 3.04 45.58 25.79
N ASP E 76 3.28 45.81 27.08
CA ASP E 76 2.21 46.16 28.01
C ASP E 76 1.30 47.25 27.44
N VAL E 77 1.90 48.33 26.95
CA VAL E 77 1.12 49.47 26.46
C VAL E 77 0.45 49.16 25.14
N PHE E 78 1.17 48.48 24.25
CA PHE E 78 0.68 48.21 22.90
C PHE E 78 -0.25 46.99 22.89
N GLY E 79 -0.57 46.50 24.08
CA GLY E 79 -1.51 45.39 24.22
C GLY E 79 -1.02 44.09 23.61
N ALA E 80 0.27 43.82 23.77
CA ALA E 80 0.82 42.51 23.42
C ALA E 80 1.51 41.86 24.61
N GLU E 81 1.90 40.59 24.45
CA GLU E 81 2.48 39.82 25.54
C GLU E 81 3.98 40.07 25.65
N ALA E 82 4.67 40.01 24.52
CA ALA E 82 6.13 40.11 24.50
C ALA E 82 6.61 41.30 23.67
N GLY E 83 7.81 41.77 23.97
CA GLY E 83 8.40 42.89 23.24
C GLY E 83 9.78 42.57 22.70
N LEU E 84 10.08 43.10 21.52
CA LEU E 84 11.44 43.12 21.02
C LEU E 84 11.77 44.51 20.47
N VAL E 85 12.05 45.44 21.37
CA VAL E 85 12.37 46.81 20.97
C VAL E 85 13.82 47.15 21.31
N ARG E 86 14.68 47.12 20.30
CA ARG E 86 16.11 47.33 20.50
C ARG E 86 16.81 47.79 19.21
N PRO E 87 18.05 48.29 19.34
CA PRO E 87 18.76 48.92 18.22
C PRO E 87 19.18 47.93 17.13
N GLN E 88 19.34 46.67 17.51
CA GLN E 88 19.66 45.61 16.54
C GLN E 88 18.66 45.61 15.38
N ILE E 89 17.45 46.11 15.64
CA ILE E 89 16.46 46.35 14.60
C ILE E 89 16.60 47.76 14.03
N ILE E 90 17.31 47.88 12.92
CA ILE E 90 17.85 49.17 12.49
C ILE E 90 16.76 50.21 12.21
N SER E 91 15.70 49.79 11.53
CA SER E 91 14.64 50.72 11.14
C SER E 91 13.29 50.04 11.08
N GLY E 92 12.31 50.74 10.52
CA GLY E 92 11.02 50.14 10.21
C GLY E 92 11.16 48.88 9.37
N THR E 93 11.74 49.04 8.18
CA THR E 93 11.87 47.92 7.25
C THR E 93 12.47 46.70 7.92
N HIS E 94 13.52 46.92 8.71
CA HIS E 94 14.23 45.83 9.38
C HIS E 94 13.33 45.10 10.36
N ALA E 95 12.45 45.83 11.02
CA ALA E 95 11.49 45.23 11.94
C ALA E 95 10.47 44.40 11.19
N ILE E 96 9.85 45.00 10.18
CA ILE E 96 8.85 44.32 9.37
C ILE E 96 9.48 43.11 8.67
N SER E 97 10.73 43.26 8.27
CA SER E 97 11.46 42.20 7.59
C SER E 97 11.92 41.12 8.57
N THR E 98 12.13 41.52 9.82
CA THR E 98 12.54 40.60 10.87
C THR E 98 11.37 39.71 11.28
N ALA E 99 10.16 40.22 11.11
CA ALA E 99 8.95 39.44 11.41
C ALA E 99 8.71 38.40 10.33
N LEU E 100 8.54 38.86 9.08
CA LEU E 100 8.32 37.98 7.96
C LEU E 100 9.25 36.77 8.03
N PHE E 101 10.55 37.03 7.97
CA PHE E 101 11.54 35.96 7.98
C PHE E 101 11.53 35.22 9.31
N GLY E 102 11.27 35.94 10.39
CA GLY E 102 11.24 35.35 11.73
C GLY E 102 10.16 34.29 11.86
N ILE E 103 9.10 34.42 11.06
CA ILE E 103 7.92 33.57 11.23
C ILE E 103 7.65 32.70 10.01
N LEU E 104 8.10 33.15 8.83
CA LEU E 104 7.88 32.42 7.59
C LEU E 104 8.93 31.35 7.36
N ARG E 105 8.52 30.27 6.71
CA ARG E 105 9.40 29.14 6.43
C ARG E 105 9.11 28.60 5.04
N PRO E 106 10.01 27.74 4.52
CA PRO E 106 9.82 27.16 3.19
C PRO E 106 8.46 26.48 3.04
N GLY E 107 7.77 26.76 1.94
CA GLY E 107 6.45 26.21 1.71
C GLY E 107 5.34 27.19 2.04
N ASP E 108 5.58 28.03 3.05
CA ASP E 108 4.58 28.98 3.51
C ASP E 108 4.35 30.08 2.49
N GLU E 109 3.21 30.76 2.59
CA GLU E 109 2.91 31.92 1.75
C GLU E 109 2.55 33.11 2.60
N LEU E 110 3.01 34.29 2.19
CA LEU E 110 2.57 35.53 2.79
C LEU E 110 1.54 36.23 1.91
N LEU E 111 0.37 36.51 2.48
CA LEU E 111 -0.68 37.23 1.77
C LEU E 111 -0.98 38.57 2.46
N TYR E 112 -0.60 39.66 1.81
CA TYR E 112 -1.09 40.98 2.20
C TYR E 112 -2.49 41.22 1.64
N ILE E 113 -3.31 41.92 2.42
CA ILE E 113 -4.72 42.07 2.07
C ILE E 113 -5.13 43.52 1.96
N THR E 114 -4.21 44.42 2.32
CA THR E 114 -4.44 45.85 2.19
C THR E 114 -4.10 46.32 0.77
N GLY E 115 -3.59 45.42 -0.04
CA GLY E 115 -3.13 45.76 -1.38
C GLY E 115 -1.63 45.96 -1.44
N LYS E 116 -1.15 46.44 -2.59
CA LYS E 116 0.27 46.59 -2.84
C LYS E 116 0.97 47.32 -1.69
N PRO E 117 1.73 46.58 -0.86
CA PRO E 117 2.56 47.20 0.15
C PRO E 117 3.53 48.20 -0.47
N TYR E 118 4.14 49.03 0.36
CA TYR E 118 5.08 50.03 -0.14
C TYR E 118 6.31 49.39 -0.77
N ASP E 119 6.90 50.08 -1.75
CA ASP E 119 7.90 49.50 -2.62
C ASP E 119 8.88 48.61 -1.86
N THR E 120 9.44 49.14 -0.78
CA THR E 120 10.57 48.49 -0.09
C THR E 120 10.22 47.10 0.41
N LEU E 121 8.98 46.67 0.18
CA LEU E 121 8.53 45.35 0.56
C LEU E 121 8.63 44.35 -0.60
N GLU E 122 8.42 44.86 -1.81
CA GLU E 122 8.61 44.07 -3.02
C GLU E 122 9.97 43.37 -3.02
N GLU E 123 11.00 44.09 -2.60
CA GLU E 123 12.37 43.57 -2.64
C GLU E 123 12.54 42.37 -1.71
N ILE E 124 11.80 42.37 -0.62
CA ILE E 124 11.88 41.30 0.37
C ILE E 124 11.13 40.05 -0.07
N VAL E 125 9.97 40.25 -0.70
CA VAL E 125 9.20 39.14 -1.25
C VAL E 125 9.57 38.85 -2.71
N GLY E 126 10.60 39.55 -3.19
CA GLY E 126 11.32 39.12 -4.39
C GLY E 126 10.65 39.49 -5.70
N VAL E 127 9.56 40.25 -5.61
CA VAL E 127 8.88 40.75 -6.81
C VAL E 127 9.60 41.97 -7.37
N ARG E 128 10.64 42.41 -6.67
CA ARG E 128 11.41 43.59 -7.08
C ARG E 128 12.91 43.27 -7.15
N GLY E 129 13.55 43.22 -5.98
CA GLY E 129 14.94 42.79 -5.90
C GLY E 129 15.14 41.44 -6.56
N LYS E 130 16.27 41.27 -7.24
CA LYS E 130 16.52 40.10 -8.06
C LYS E 130 16.88 38.87 -7.22
N GLY E 131 16.06 38.58 -6.22
CA GLY E 131 16.22 37.38 -5.41
C GLY E 131 17.29 37.54 -4.35
N VAL E 132 17.66 38.78 -4.06
CA VAL E 132 18.72 39.06 -3.09
C VAL E 132 18.37 38.56 -1.69
N GLY E 133 18.46 37.26 -1.49
CA GLY E 133 18.03 36.64 -0.24
C GLY E 133 16.57 36.94 0.05
N SER E 134 15.75 36.91 -0.99
CA SER E 134 14.31 37.16 -0.86
C SER E 134 13.53 35.86 -0.76
N PHE E 135 12.23 35.98 -0.52
CA PHE E 135 11.34 34.83 -0.47
C PHE E 135 11.63 33.83 -1.60
N LYS E 136 11.93 34.35 -2.78
CA LYS E 136 12.15 33.51 -3.95
C LYS E 136 13.05 32.31 -3.65
N GLU E 137 14.15 32.56 -2.94
CA GLU E 137 15.18 31.53 -2.74
C GLU E 137 14.83 30.62 -1.57
N TYR E 138 13.63 30.80 -1.03
CA TYR E 138 13.25 30.11 0.20
C TYR E 138 11.93 29.36 0.00
N ASN E 139 11.42 29.40 -1.22
CA ASN E 139 10.12 28.83 -1.54
C ASN E 139 9.02 29.38 -0.63
N ILE E 140 9.22 30.60 -0.15
CA ILE E 140 8.17 31.34 0.53
C ILE E 140 7.36 32.15 -0.48
N GLY E 141 6.09 31.78 -0.64
CA GLY E 141 5.22 32.47 -1.58
C GLY E 141 4.94 33.90 -1.15
N TYR E 142 4.16 34.60 -1.97
CA TYR E 142 3.64 35.91 -1.59
C TYR E 142 2.54 36.35 -2.52
N ASN E 143 1.44 36.83 -1.94
CA ASN E 143 0.35 37.43 -2.71
C ASN E 143 -0.10 38.75 -2.11
N ALA E 144 -0.79 39.55 -2.92
CA ALA E 144 -1.48 40.73 -2.43
C ALA E 144 -2.89 40.80 -2.99
N VAL E 145 -3.88 40.53 -2.14
CA VAL E 145 -5.26 40.86 -2.45
C VAL E 145 -5.43 42.37 -2.55
N PRO E 146 -5.84 42.87 -3.72
CA PRO E 146 -6.00 44.29 -3.94
C PRO E 146 -7.17 44.86 -3.12
N LEU E 147 -7.48 46.13 -3.35
CA LEU E 147 -8.65 46.74 -2.76
C LEU E 147 -9.72 46.95 -3.82
N THR E 148 -10.96 47.17 -3.37
CA THR E 148 -12.01 47.68 -4.24
C THR E 148 -11.62 49.05 -4.80
N GLU E 149 -12.28 49.46 -5.87
CA GLU E 149 -12.05 50.78 -6.44
C GLU E 149 -12.11 51.86 -5.37
N GLY E 150 -12.82 51.58 -4.29
CA GLY E 150 -13.05 52.55 -3.23
C GLY E 150 -11.81 52.75 -2.36
N GLY E 151 -11.35 51.66 -1.75
CA GLY E 151 -10.21 51.71 -0.84
C GLY E 151 -10.36 50.74 0.31
N LEU E 152 -11.52 50.08 0.37
CA LEU E 152 -11.72 48.98 1.31
C LEU E 152 -11.05 47.71 0.79
N VAL E 153 -10.80 46.77 1.69
CA VAL E 153 -10.23 45.48 1.30
C VAL E 153 -11.27 44.59 0.64
N ASP E 154 -10.87 43.93 -0.44
CA ASP E 154 -11.73 43.01 -1.17
C ASP E 154 -11.97 41.72 -0.38
N PHE E 155 -13.04 41.70 0.41
CA PHE E 155 -13.27 40.63 1.38
C PHE E 155 -13.45 39.28 0.70
N GLU E 156 -14.14 39.27 -0.43
CA GLU E 156 -14.40 38.04 -1.17
C GLU E 156 -13.10 37.47 -1.73
N ALA E 157 -12.27 38.35 -2.29
CA ALA E 157 -11.00 37.94 -2.86
C ALA E 157 -9.99 37.53 -1.79
N VAL E 158 -10.16 38.07 -0.58
CA VAL E 158 -9.39 37.62 0.57
C VAL E 158 -9.77 36.19 0.94
N ALA E 159 -11.05 35.97 1.18
CA ALA E 159 -11.56 34.66 1.57
C ALA E 159 -11.19 33.59 0.55
N ALA E 160 -10.92 34.02 -0.68
CA ALA E 160 -10.62 33.11 -1.78
C ALA E 160 -9.13 32.98 -2.01
N ALA E 161 -8.38 34.00 -1.59
CA ALA E 161 -6.93 33.99 -1.73
C ALA E 161 -6.25 33.27 -0.57
N ILE E 162 -7.02 32.97 0.47
CA ILE E 162 -6.53 32.17 1.58
C ILE E 162 -6.80 30.69 1.39
N HIS E 163 -5.73 29.90 1.39
CA HIS E 163 -5.85 28.44 1.38
C HIS E 163 -4.97 27.79 2.44
N SER E 164 -4.79 26.48 2.34
CA SER E 164 -4.18 25.70 3.42
C SER E 164 -2.70 26.03 3.62
N ASN E 165 -2.14 26.81 2.71
CA ASN E 165 -0.70 27.08 2.72
C ASN E 165 -0.38 28.55 3.00
N THR E 166 -1.37 29.28 3.51
CA THR E 166 -1.14 30.66 3.96
C THR E 166 -0.74 30.67 5.43
N LYS E 167 0.49 31.09 5.70
CA LYS E 167 1.08 30.95 7.04
C LYS E 167 1.05 32.26 7.80
N MSE E 168 0.87 33.35 7.07
CA MSE E 168 1.02 34.69 7.63
C MSE E 168 0.21 35.68 6.81
O MSE E 168 0.31 35.70 5.58
CB MSE E 168 2.49 35.10 7.63
CG MSE E 168 2.80 36.38 8.37
SE MSE E 168 4.72 36.57 8.65
CE MSE E 168 4.71 38.13 9.82
N ILE E 169 -0.63 36.45 7.48
CA ILE E 169 -1.38 37.50 6.81
C ILE E 169 -0.81 38.89 7.14
N GLY E 170 -0.43 39.62 6.10
CA GLY E 170 0.10 40.97 6.28
C GLY E 170 -0.95 42.04 6.09
N ILE E 171 -1.00 42.98 7.02
CA ILE E 171 -1.81 44.18 6.87
C ILE E 171 -0.95 45.43 7.06
N GLN E 172 -1.04 46.35 6.10
CA GLN E 172 -0.33 47.63 6.21
C GLN E 172 -1.28 48.74 6.66
N ARG E 173 -1.01 49.27 7.85
CA ARG E 173 -1.91 50.23 8.49
C ARG E 173 -1.91 51.56 7.75
N SER E 174 -0.73 52.04 7.40
CA SER E 174 -0.59 53.34 6.77
C SER E 174 -0.79 53.27 5.26
N LYS E 175 -1.42 54.28 4.69
CA LYS E 175 -1.68 54.33 3.26
C LYS E 175 -0.37 54.47 2.48
N GLY E 176 0.58 55.19 3.04
CA GLY E 176 1.78 55.57 2.31
C GLY E 176 1.44 56.37 1.06
N TYR E 177 1.79 55.82 -0.10
CA TYR E 177 1.58 56.52 -1.37
C TYR E 177 0.35 55.99 -2.10
N ALA E 178 -0.08 54.80 -1.71
CA ALA E 178 -1.35 54.26 -2.17
C ALA E 178 -2.47 55.27 -1.94
N THR E 179 -3.42 55.32 -2.87
CA THR E 179 -4.48 56.32 -2.83
C THR E 179 -5.66 55.86 -1.96
N ARG E 180 -5.42 54.82 -1.17
CA ARG E 180 -6.44 54.29 -0.27
C ARG E 180 -6.25 54.83 1.14
N PRO E 181 -7.35 55.22 1.80
CA PRO E 181 -7.29 55.66 3.19
C PRO E 181 -6.50 54.68 4.04
N SER E 182 -5.89 55.16 5.11
CA SER E 182 -5.33 54.28 6.13
C SER E 182 -6.43 53.67 6.97
N PHE E 183 -6.20 52.46 7.46
CA PHE E 183 -7.25 51.67 8.07
C PHE E 183 -7.29 51.87 9.58
N THR E 184 -8.49 51.99 10.13
CA THR E 184 -8.67 52.26 11.55
C THR E 184 -8.59 50.97 12.37
N ILE E 185 -8.51 51.12 13.68
CA ILE E 185 -8.42 49.98 14.59
C ILE E 185 -9.59 49.01 14.38
N SER E 186 -10.79 49.55 14.24
CA SER E 186 -11.99 48.74 14.08
C SER E 186 -12.05 48.12 12.68
N GLN E 187 -11.51 48.84 11.69
CA GLN E 187 -11.34 48.29 10.35
C GLN E 187 -10.33 47.14 10.35
N ILE E 188 -9.35 47.23 11.25
CA ILE E 188 -8.37 46.16 11.40
C ILE E 188 -8.84 45.05 12.34
N LYS E 189 -9.66 45.42 13.32
CA LYS E 189 -10.35 44.44 14.16
C LYS E 189 -11.22 43.52 13.31
N GLU E 190 -11.71 44.07 12.20
CA GLU E 190 -12.64 43.36 11.34
C GLU E 190 -11.91 42.34 10.47
N MSE E 191 -10.86 42.79 9.79
CA MSE E 191 -10.08 41.91 8.93
C MSE E 191 -9.64 40.66 9.69
O MSE E 191 -10.05 39.54 9.35
CB MSE E 191 -8.84 42.63 8.40
CG MSE E 191 -9.13 43.83 7.52
SE MSE E 191 -7.51 44.85 7.18
CE MSE E 191 -8.22 46.64 7.45
N ILE E 192 -8.77 40.84 10.68
CA ILE E 192 -8.24 39.72 11.43
C ILE E 192 -9.37 38.83 11.92
N ALA E 193 -10.41 39.46 12.47
CA ALA E 193 -11.62 38.73 12.86
C ALA E 193 -12.10 37.86 11.71
N PHE E 194 -12.23 38.46 10.54
CA PHE E 194 -12.68 37.75 9.34
C PHE E 194 -11.69 36.64 8.97
N VAL E 195 -10.53 37.04 8.45
CA VAL E 195 -9.56 36.06 7.98
C VAL E 195 -9.40 34.90 8.97
N LYS E 196 -9.69 35.16 10.24
CA LYS E 196 -9.55 34.14 11.27
C LYS E 196 -10.75 33.20 11.33
N GLU E 197 -11.90 33.66 10.87
CA GLU E 197 -13.06 32.79 10.70
C GLU E 197 -12.78 31.67 9.70
N ILE E 198 -11.86 31.94 8.77
CA ILE E 198 -11.58 31.04 7.65
C ILE E 198 -10.38 30.15 7.94
N LYS E 199 -9.34 30.74 8.55
CA LYS E 199 -8.09 30.04 8.80
C LYS E 199 -7.54 30.42 10.17
N PRO E 200 -8.07 29.80 11.23
CA PRO E 200 -7.63 30.09 12.61
C PRO E 200 -6.12 29.93 12.75
N ASP E 201 -5.50 29.21 11.81
CA ASP E 201 -4.08 28.92 11.84
C ASP E 201 -3.23 30.18 11.66
N VAL E 202 -3.58 30.98 10.65
CA VAL E 202 -2.67 32.01 10.16
C VAL E 202 -2.22 32.94 11.28
N VAL E 203 -1.01 33.48 11.14
CA VAL E 203 -0.58 34.58 11.99
C VAL E 203 -0.87 35.91 11.30
N VAL E 204 -1.51 36.82 12.03
CA VAL E 204 -1.66 38.18 11.53
C VAL E 204 -0.46 39.02 11.91
N PHE E 205 0.07 39.73 10.91
CA PHE E 205 1.06 40.78 11.15
C PHE E 205 0.53 42.10 10.64
N VAL E 206 0.86 43.19 11.33
CA VAL E 206 0.39 44.51 10.93
C VAL E 206 1.51 45.53 10.93
N ASP E 207 1.61 46.29 9.83
CA ASP E 207 2.62 47.32 9.69
C ASP E 207 2.16 48.63 10.32
N ASN E 208 2.41 48.77 11.63
CA ASN E 208 1.78 49.81 12.42
C ASN E 208 2.41 51.19 12.21
N CYS E 209 3.46 51.25 11.40
CA CYS E 209 4.24 52.49 11.21
C CYS E 209 3.32 53.70 11.07
N TYR E 210 3.66 54.77 11.78
CA TYR E 210 2.92 56.03 11.65
C TYR E 210 1.65 56.01 12.49
N GLY E 211 1.30 54.86 13.05
CA GLY E 211 -0.01 54.65 13.64
C GLY E 211 -0.04 54.75 15.16
N GLU E 212 1.14 54.69 15.78
CA GLU E 212 1.23 54.49 17.22
C GLU E 212 0.73 55.71 18.00
N PHE E 213 -0.10 55.48 18.99
CA PHE E 213 -0.47 56.50 19.96
C PHE E 213 -1.35 57.59 19.37
N ILE E 214 -1.92 57.34 18.21
CA ILE E 214 -2.83 58.30 17.59
C ILE E 214 -4.31 57.90 17.75
N GLU E 215 -4.55 56.61 17.98
CA GLU E 215 -5.79 56.16 18.62
C GLU E 215 -5.48 55.60 20.00
N GLU E 216 -6.53 55.19 20.72
CA GLU E 216 -6.37 54.76 22.11
C GLU E 216 -5.94 53.30 22.23
N GLN E 217 -6.00 52.57 21.13
CA GLN E 217 -5.54 51.19 21.07
C GLN E 217 -4.62 50.98 19.88
N GLU E 218 -3.60 50.13 20.05
CA GLU E 218 -2.84 49.62 18.92
C GLU E 218 -3.42 48.30 18.41
N PRO E 219 -2.81 47.72 17.37
CA PRO E 219 -3.43 46.58 16.69
C PRO E 219 -3.46 45.32 17.56
N CYS E 220 -2.39 45.09 18.33
CA CYS E 220 -2.31 43.92 19.18
C CYS E 220 -3.41 43.93 20.24
N HIS E 221 -4.04 45.09 20.40
CA HIS E 221 -5.21 45.22 21.27
C HIS E 221 -6.41 44.47 20.70
N VAL E 222 -6.59 44.53 19.38
CA VAL E 222 -7.80 44.02 18.74
C VAL E 222 -7.52 42.73 17.96
N GLY E 223 -6.62 41.91 18.48
CA GLY E 223 -6.50 40.52 18.04
C GLY E 223 -5.38 40.29 17.03
N ALA E 224 -4.43 41.22 16.97
CA ALA E 224 -3.26 41.05 16.11
C ALA E 224 -2.19 40.23 16.82
N ASP E 225 -1.60 39.29 16.10
CA ASP E 225 -0.66 38.34 16.69
C ASP E 225 0.76 38.87 16.62
N LEU E 226 0.97 39.86 15.75
CA LEU E 226 2.28 40.45 15.54
C LEU E 226 2.16 41.80 14.80
N MSE E 227 2.68 42.85 15.41
CA MSE E 227 2.88 44.12 14.73
C MSE E 227 4.35 44.54 14.78
O MSE E 227 5.11 44.06 15.61
CB MSE E 227 2.00 45.21 15.33
CG MSE E 227 1.71 45.00 16.81
SE MSE E 227 0.87 46.55 17.65
CE MSE E 227 2.31 47.84 17.39
N ALA E 228 4.74 45.41 13.85
CA ALA E 228 6.10 45.95 13.84
C ALA E 228 6.10 47.41 13.44
N GLY E 229 7.20 48.11 13.74
CA GLY E 229 7.26 49.55 13.49
C GLY E 229 8.64 50.17 13.67
N SER E 230 8.69 51.49 13.50
CA SER E 230 9.95 52.24 13.50
C SER E 230 10.02 53.19 14.70
N LEU E 231 11.16 53.21 15.38
CA LEU E 231 11.32 54.00 16.59
C LEU E 231 11.61 55.47 16.30
N ILE E 232 12.28 55.75 15.19
CA ILE E 232 12.54 57.12 14.79
C ILE E 232 11.30 57.78 14.21
N LYS E 233 10.15 57.11 14.35
CA LYS E 233 8.86 57.73 14.10
C LYS E 233 8.09 57.98 15.41
N ASN E 234 6.77 57.77 15.39
CA ASN E 234 5.91 58.06 16.53
C ASN E 234 6.52 57.71 17.90
N PRO E 235 6.75 56.40 18.13
CA PRO E 235 6.98 55.91 19.48
C PRO E 235 8.31 56.38 20.07
N GLY E 236 9.21 56.84 19.20
CA GLY E 236 10.51 57.34 19.64
C GLY E 236 10.42 58.72 20.27
N GLY E 237 9.25 59.35 20.15
CA GLY E 237 9.02 60.66 20.74
C GLY E 237 9.80 61.77 20.06
N GLY E 238 10.44 61.45 18.94
CA GLY E 238 11.29 62.40 18.25
C GLY E 238 12.63 62.57 18.93
N ILE E 239 12.89 61.68 19.90
CA ILE E 239 14.13 61.70 20.67
C ILE E 239 15.13 60.65 20.19
N VAL E 240 14.64 59.44 19.93
CA VAL E 240 15.52 58.29 19.66
C VAL E 240 16.14 58.36 18.27
N LYS E 241 17.35 57.84 18.13
CA LYS E 241 18.16 58.09 16.96
C LYS E 241 18.09 56.96 15.94
N THR E 242 17.61 55.80 16.38
CA THR E 242 17.53 54.64 15.49
C THR E 242 16.71 53.49 16.08
N GLY E 243 16.26 52.60 15.21
CA GLY E 243 15.79 51.28 15.64
C GLY E 243 14.32 51.08 15.34
N GLY E 244 13.87 49.84 15.47
CA GLY E 244 12.46 49.50 15.30
C GLY E 244 11.89 48.78 16.50
N TYR E 245 10.73 48.16 16.31
CA TYR E 245 10.10 47.37 17.37
C TYR E 245 9.22 46.28 16.79
N ILE E 246 9.31 45.09 17.37
CA ILE E 246 8.40 44.00 17.06
C ILE E 246 7.72 43.53 18.34
N VAL E 247 6.43 43.82 18.47
CA VAL E 247 5.70 43.45 19.67
C VAL E 247 4.49 42.59 19.34
N GLY E 248 4.54 41.32 19.73
CA GLY E 248 3.50 40.37 19.38
C GLY E 248 3.34 39.25 20.39
N LYS E 249 2.62 38.20 19.99
CA LYS E 249 2.28 37.12 20.90
C LYS E 249 3.52 36.35 21.32
N GLU E 250 3.53 35.86 22.55
CA GLU E 250 4.76 35.42 23.20
C GLU E 250 5.60 34.56 22.24
N GLN E 251 4.96 33.61 21.58
CA GLN E 251 5.66 32.66 20.74
C GLN E 251 6.17 33.30 19.44
N TYR E 252 5.39 34.22 18.88
CA TYR E 252 5.77 34.85 17.63
C TYR E 252 6.94 35.82 17.79
N VAL E 253 6.97 36.51 18.93
CA VAL E 253 8.10 37.37 19.28
C VAL E 253 9.39 36.56 19.43
N GLU E 254 9.31 35.43 20.13
CA GLU E 254 10.47 34.55 20.27
C GLU E 254 10.96 34.10 18.90
N ALA E 255 10.03 33.74 18.03
CA ALA E 255 10.35 33.46 16.63
C ALA E 255 11.26 34.54 16.07
N CYS E 256 10.80 35.78 16.16
CA CYS E 256 11.55 36.92 15.64
C CYS E 256 12.85 37.11 16.42
N ALA E 257 12.87 36.68 17.67
CA ALA E 257 14.06 36.79 18.50
C ALA E 257 15.26 36.08 17.88
N TYR E 258 15.20 34.76 17.76
CA TYR E 258 16.31 33.98 17.22
C TYR E 258 16.68 34.43 15.81
N ARG E 259 15.67 34.83 15.05
CA ARG E 259 15.87 35.21 13.65
C ARG E 259 16.64 36.51 13.55
N LEU E 260 16.45 37.39 14.53
CA LEU E 260 17.18 38.64 14.60
C LEU E 260 18.64 38.39 14.99
N THR E 261 18.88 37.32 15.72
CA THR E 261 20.20 37.05 16.28
C THR E 261 20.73 35.67 15.91
N SER E 262 20.33 34.66 16.66
CA SER E 262 20.73 33.28 16.39
C SER E 262 20.00 32.30 17.30
N PRO E 263 19.95 31.02 16.90
CA PRO E 263 19.61 29.94 17.81
C PRO E 263 20.59 29.85 18.97
N GLY E 264 20.07 29.77 20.18
CA GLY E 264 20.92 29.61 21.36
C GLY E 264 21.42 30.93 21.92
N ILE E 265 21.22 32.00 21.15
CA ILE E 265 21.30 33.36 21.68
C ILE E 265 19.91 33.91 21.98
N GLY E 266 19.19 34.27 20.93
CA GLY E 266 17.83 34.79 21.06
C GLY E 266 17.79 36.22 21.57
N ALA E 267 16.73 36.54 22.32
CA ALA E 267 16.56 37.88 22.85
C ALA E 267 17.37 38.10 24.12
N GLU E 268 18.37 37.26 24.33
CA GLU E 268 19.17 37.30 25.56
C GLU E 268 20.37 38.22 25.43
N ALA E 269 20.88 38.36 24.22
CA ALA E 269 22.13 39.07 23.98
C ALA E 269 21.94 40.30 23.09
N GLY E 270 22.82 41.27 23.25
CA GLY E 270 22.70 42.54 22.54
C GLY E 270 23.01 43.74 23.42
N ALA E 271 24.26 44.17 23.40
CA ALA E 271 24.69 45.37 24.11
C ALA E 271 23.80 46.55 23.78
N SER E 272 23.26 47.20 24.81
CA SER E 272 22.41 48.36 24.60
C SER E 272 23.29 49.49 24.07
N LEU E 273 24.53 49.56 24.57
CA LEU E 273 25.35 50.76 24.52
C LEU E 273 24.54 51.91 25.14
N TYR E 274 24.65 53.10 24.55
CA TYR E 274 24.20 54.33 25.20
C TYR E 274 22.83 54.80 24.72
N SER E 275 21.90 53.87 24.52
CA SER E 275 20.67 54.20 23.82
C SER E 275 19.41 53.92 24.62
N LEU E 276 19.56 53.76 25.94
CA LEU E 276 18.47 53.30 26.79
C LEU E 276 17.57 54.46 27.26
N GLN E 277 18.19 55.54 27.72
CA GLN E 277 17.47 56.61 28.40
C GLN E 277 16.56 57.35 27.44
N GLU E 278 17.02 57.52 26.21
CA GLU E 278 16.27 58.25 25.20
C GLU E 278 15.05 57.47 24.75
N MSE E 279 15.17 56.14 24.80
CA MSE E 279 14.06 55.26 24.42
C MSE E 279 12.93 55.26 25.44
O MSE E 279 11.76 55.25 25.08
CB MSE E 279 14.57 53.84 24.17
CG MSE E 279 15.24 53.65 22.82
SE MSE E 279 15.62 51.78 22.42
CE MSE E 279 17.18 51.53 23.55
N TYR E 280 13.28 55.27 26.73
CA TYR E 280 12.28 55.42 27.79
C TYR E 280 11.61 56.79 27.72
N GLN E 281 12.40 57.85 27.85
CA GLN E 281 11.89 59.22 27.72
C GLN E 281 11.14 59.37 26.41
N GLY E 282 11.63 58.69 25.38
CA GLY E 282 11.02 58.77 24.06
C GLY E 282 9.59 58.26 24.09
N PHE E 283 9.40 57.07 24.66
CA PHE E 283 8.09 56.44 24.75
C PHE E 283 7.15 57.24 25.65
N PHE E 284 7.70 57.79 26.72
CA PHE E 284 6.91 58.58 27.67
C PHE E 284 6.39 59.88 27.07
N LEU E 285 7.19 60.50 26.20
CA LEU E 285 6.76 61.72 25.52
C LEU E 285 5.93 61.41 24.27
N ALA E 286 5.98 60.15 23.83
CA ALA E 286 5.57 59.80 22.48
C ALA E 286 4.12 60.16 22.17
N PRO E 287 3.20 59.85 23.09
CA PRO E 287 1.80 60.13 22.83
C PRO E 287 1.59 61.62 22.57
N HIS E 288 2.25 62.44 23.38
CA HIS E 288 2.19 63.87 23.23
C HIS E 288 2.75 64.33 21.88
N VAL E 289 3.99 63.94 21.60
CA VAL E 289 4.66 64.36 20.36
C VAL E 289 3.96 63.81 19.14
N ALA E 290 3.36 62.62 19.29
CA ALA E 290 2.54 62.02 18.25
C ALA E 290 1.31 62.87 17.96
N GLY E 291 0.75 63.48 19.01
CA GLY E 291 -0.46 64.27 18.89
C GLY E 291 -0.21 65.64 18.28
N GLN E 292 0.96 66.21 18.57
CA GLN E 292 1.31 67.53 18.05
C GLN E 292 1.44 67.49 16.54
N ALA E 293 2.07 66.45 16.02
CA ALA E 293 2.12 66.24 14.58
C ALA E 293 0.72 66.01 14.02
N LEU E 294 -0.20 65.60 14.88
CA LEU E 294 -1.58 65.36 14.45
C LEU E 294 -2.43 66.63 14.44
N LYS E 295 -2.36 67.40 15.52
CA LYS E 295 -3.09 68.65 15.61
C LYS E 295 -2.63 69.63 14.53
N GLY E 296 -1.33 69.60 14.22
CA GLY E 296 -0.80 70.35 13.10
C GLY E 296 -1.45 69.95 11.79
N ALA E 297 -1.53 68.63 11.56
CA ALA E 297 -2.13 68.10 10.35
C ALA E 297 -3.55 68.60 10.14
N ILE E 298 -4.39 68.50 11.17
CA ILE E 298 -5.72 69.09 11.15
C ILE E 298 -5.66 70.53 10.65
N PHE E 299 -4.58 71.22 11.01
CA PHE E 299 -4.36 72.60 10.56
C PHE E 299 -3.94 72.67 9.11
N THR E 300 -2.80 72.05 8.78
CA THR E 300 -2.38 71.93 7.39
C THR E 300 -3.58 71.64 6.49
N ALA E 301 -4.33 70.60 6.85
CA ALA E 301 -5.50 70.20 6.07
C ALA E 301 -6.56 71.30 6.02
N ALA E 302 -6.99 71.77 7.18
CA ALA E 302 -8.05 72.77 7.26
C ALA E 302 -7.65 74.04 6.51
N PHE E 303 -6.43 74.50 6.78
CA PHE E 303 -5.96 75.80 6.29
C PHE E 303 -5.66 75.75 4.79
N LEU E 304 -5.32 74.57 4.30
CA LEU E 304 -5.17 74.36 2.86
C LEU E 304 -6.52 74.21 2.16
N GLU E 305 -7.46 73.56 2.85
CA GLU E 305 -8.82 73.43 2.31
C GLU E 305 -9.48 74.80 2.18
N LYS E 306 -9.32 75.62 3.21
CA LYS E 306 -9.84 76.99 3.18
C LYS E 306 -9.22 77.80 2.06
N LEU E 307 -8.00 77.43 1.66
CA LEU E 307 -7.28 78.16 0.62
C LEU E 307 -7.60 77.64 -0.77
N GLY E 308 -8.08 76.40 -0.85
CA GLY E 308 -8.69 75.90 -2.08
C GLY E 308 -7.97 74.71 -2.68
N MSE E 309 -7.45 73.83 -1.82
CA MSE E 309 -6.83 72.59 -2.28
C MSE E 309 -7.40 71.38 -1.56
O MSE E 309 -7.60 71.42 -0.33
CB MSE E 309 -5.32 72.65 -2.09
CG MSE E 309 -4.61 73.53 -3.11
SE MSE E 309 -3.42 74.81 -2.26
CE MSE E 309 -4.75 76.18 -1.84
N ASN E 310 -7.71 70.34 -2.31
CA ASN E 310 -8.14 69.07 -1.74
C ASN E 310 -7.10 68.51 -0.77
N THR E 311 -7.45 68.47 0.51
CA THR E 311 -6.55 67.96 1.53
C THR E 311 -7.06 66.62 2.07
N SER E 312 -6.20 65.63 2.05
CA SER E 312 -6.58 64.26 2.41
C SER E 312 -5.60 63.68 3.42
N PRO E 313 -6.08 63.37 4.63
CA PRO E 313 -7.51 63.37 5.01
C PRO E 313 -8.05 64.76 5.30
N ALA E 314 -9.36 64.92 5.21
CA ALA E 314 -10.04 66.08 5.77
C ALA E 314 -9.58 66.34 7.20
N TRP E 315 -9.83 67.55 7.69
CA TRP E 315 -9.40 67.91 9.05
C TRP E 315 -10.27 67.24 10.10
N ASN E 316 -11.58 67.23 9.86
CA ASN E 316 -12.55 66.69 10.81
C ASN E 316 -12.81 65.20 10.58
N ALA E 317 -11.96 64.56 9.79
CA ALA E 317 -12.11 63.14 9.47
C ALA E 317 -11.51 62.27 10.57
N PRO E 318 -11.98 61.01 10.66
CA PRO E 318 -11.37 60.02 11.55
C PRO E 318 -9.88 59.86 11.26
N ARG E 319 -9.06 59.90 12.31
CA ARG E 319 -7.61 59.81 12.15
C ARG E 319 -7.11 58.48 12.68
N THR E 320 -6.19 57.85 11.94
CA THR E 320 -5.60 56.61 12.37
C THR E 320 -4.08 56.67 12.32
N ASP E 321 -3.56 57.55 11.48
CA ASP E 321 -2.11 57.75 11.37
C ASP E 321 -1.74 59.18 10.99
N LEU E 322 -0.44 59.44 10.87
CA LEU E 322 0.06 60.80 10.71
C LEU E 322 0.21 61.21 9.25
N ILE E 323 -0.46 60.48 8.36
CA ILE E 323 -0.42 60.82 6.94
C ILE E 323 -1.30 62.01 6.61
N GLN E 324 -0.72 62.98 5.89
CA GLN E 324 -1.45 64.18 5.50
C GLN E 324 -0.99 64.65 4.13
N SER E 325 -1.81 64.39 3.11
CA SER E 325 -1.52 64.84 1.75
C SER E 325 -2.41 66.03 1.39
N VAL E 326 -1.87 66.95 0.59
CA VAL E 326 -2.65 68.07 0.08
C VAL E 326 -2.39 68.29 -1.41
N GLN E 327 -3.46 68.55 -2.16
CA GLN E 327 -3.41 68.56 -3.62
C GLN E 327 -3.24 69.98 -4.17
N PHE E 328 -2.18 70.20 -4.92
CA PHE E 328 -1.84 71.56 -5.35
C PHE E 328 -2.27 71.86 -6.79
N ASP E 329 -2.43 70.82 -7.60
CA ASP E 329 -2.93 70.97 -8.96
C ASP E 329 -1.98 71.74 -9.87
N ASP E 330 -0.84 72.15 -9.32
CA ASP E 330 0.11 72.98 -10.07
C ASP E 330 1.56 72.69 -9.67
N LYS E 331 2.24 71.89 -10.49
CA LYS E 331 3.59 71.43 -10.19
C LYS E 331 4.51 72.53 -9.64
N ASP E 332 4.36 73.74 -10.15
CA ASP E 332 5.18 74.87 -9.71
C ASP E 332 4.88 75.23 -8.26
N ARG E 333 3.60 75.22 -7.91
CA ARG E 333 3.16 75.63 -6.57
C ARG E 333 3.47 74.55 -5.54
N MSE E 334 3.49 73.29 -5.97
CA MSE E 334 3.87 72.18 -5.10
C MSE E 334 5.35 72.26 -4.74
O MSE E 334 5.71 72.37 -3.56
CB MSE E 334 3.56 70.84 -5.76
CG MSE E 334 4.47 69.70 -5.30
SE MSE E 334 3.94 67.97 -6.04
CE MSE E 334 5.60 66.99 -5.76
N ILE E 335 6.21 72.23 -5.76
CA ILE E 335 7.65 72.35 -5.55
C ILE E 335 7.97 73.50 -4.61
N ALA E 336 7.34 74.65 -4.85
CA ALA E 336 7.53 75.81 -3.99
C ALA E 336 7.20 75.51 -2.54
N PHE E 337 5.97 75.04 -2.29
CA PHE E 337 5.55 74.70 -0.93
C PHE E 337 6.61 73.88 -0.21
N CYS E 338 7.08 72.81 -0.85
CA CYS E 338 8.07 71.93 -0.25
C CYS E 338 9.37 72.66 0.07
N GLN E 339 9.84 73.50 -0.86
CA GLN E 339 11.02 74.32 -0.60
C GLN E 339 10.79 75.24 0.57
N ALA E 340 9.66 75.94 0.56
CA ALA E 340 9.26 76.78 1.69
C ALA E 340 9.38 76.01 2.99
N ILE E 341 8.77 74.83 3.04
CA ILE E 341 8.67 74.06 4.28
C ILE E 341 10.05 73.67 4.78
N GLN E 342 10.96 73.43 3.85
CA GLN E 342 12.36 73.20 4.19
C GLN E 342 13.01 74.45 4.80
N TYR E 343 12.50 75.62 4.41
CA TYR E 343 12.95 76.88 4.98
C TYR E 343 12.09 77.31 6.18
N ALA E 344 11.20 76.41 6.60
CA ALA E 344 10.50 76.56 7.87
C ALA E 344 10.92 75.47 8.84
N SER E 345 12.05 74.86 8.55
CA SER E 345 12.57 73.75 9.33
C SER E 345 13.79 74.19 10.12
N PRO E 346 14.13 73.44 11.18
CA PRO E 346 15.19 73.88 12.08
C PRO E 346 16.58 73.62 11.52
N ILE E 347 16.80 72.43 10.97
CA ILE E 347 18.11 72.09 10.44
C ILE E 347 18.11 71.87 8.94
N ASN E 348 19.12 72.43 8.27
CA ASN E 348 19.20 72.43 6.81
C ASN E 348 18.17 73.32 6.14
N SER E 349 17.82 74.43 6.79
CA SER E 349 16.91 75.41 6.21
C SER E 349 17.62 76.23 5.14
N HIS E 350 18.94 76.09 5.06
CA HIS E 350 19.73 76.78 4.06
C HIS E 350 20.02 75.90 2.85
N PHE E 351 19.69 74.62 2.96
CA PHE E 351 19.69 73.71 1.82
C PHE E 351 18.32 73.67 1.14
N THR E 352 18.27 74.07 -0.12
CA THR E 352 17.00 74.24 -0.81
C THR E 352 16.67 73.04 -1.70
N PRO E 353 15.54 72.37 -1.43
CA PRO E 353 15.24 71.06 -2.00
C PRO E 353 14.54 71.14 -3.36
N TYR E 354 15.11 70.47 -4.36
CA TYR E 354 14.49 70.37 -5.68
C TYR E 354 14.07 68.95 -5.99
N ALA E 355 13.88 68.67 -7.28
CA ALA E 355 13.40 67.37 -7.73
C ALA E 355 14.54 66.55 -8.33
N ASN E 356 14.98 65.53 -7.60
CA ASN E 356 16.00 64.61 -8.08
C ASN E 356 15.39 63.45 -8.83
N TYR E 357 16.22 62.71 -9.56
CA TYR E 357 15.82 61.41 -10.07
C TYR E 357 15.70 60.41 -8.92
N MSE E 358 14.57 59.70 -8.88
CA MSE E 358 14.40 58.60 -7.94
C MSE E 358 14.50 57.27 -8.67
O MSE E 358 13.91 57.08 -9.74
CB MSE E 358 13.05 58.71 -7.24
CG MSE E 358 12.90 57.78 -6.04
SE MSE E 358 13.44 58.62 -4.37
CE MSE E 358 15.38 58.41 -4.52
N PRO E 359 15.30 56.34 -8.12
CA PRO E 359 15.42 55.00 -8.68
C PRO E 359 14.13 54.19 -8.53
N GLY E 360 13.58 53.73 -9.65
CA GLY E 360 12.47 52.79 -9.64
C GLY E 360 11.11 53.44 -9.79
N TYR E 361 11.09 54.69 -10.26
CA TYR E 361 9.84 55.42 -10.45
C TYR E 361 9.88 56.26 -11.72
N GLU E 362 8.70 56.51 -12.28
CA GLU E 362 8.59 57.18 -13.57
C GLU E 362 8.57 58.70 -13.43
N ASP E 363 8.72 59.17 -12.20
CA ASP E 363 8.50 60.58 -11.90
C ASP E 363 9.57 61.12 -10.97
N ASP E 364 9.70 62.45 -10.93
CA ASP E 364 10.55 63.12 -9.96
C ASP E 364 9.95 63.01 -8.55
N VAL E 365 10.79 63.16 -7.55
CA VAL E 365 10.34 63.24 -6.16
C VAL E 365 10.96 64.45 -5.46
N ILE E 366 10.11 65.39 -5.04
CA ILE E 366 10.56 66.53 -4.24
C ILE E 366 10.62 66.18 -2.76
N MSE E 367 11.64 66.68 -2.07
CA MSE E 367 11.94 66.24 -0.71
C MSE E 367 12.36 67.39 0.20
O MSE E 367 13.45 67.94 0.02
CB MSE E 367 13.01 65.15 -0.74
CG MSE E 367 12.47 63.77 -1.00
SE MSE E 367 13.56 62.40 -0.15
CE MSE E 367 13.57 63.09 1.68
N ALA E 368 11.55 67.68 1.20
CA ALA E 368 11.95 68.54 2.30
C ALA E 368 12.06 67.71 3.58
N ALA E 369 13.25 67.69 4.16
CA ALA E 369 13.51 66.85 5.34
C ALA E 369 14.59 67.43 6.23
N GLY E 370 14.42 68.68 6.65
CA GLY E 370 15.35 69.31 7.59
C GLY E 370 15.11 68.88 9.03
N THR E 371 15.72 67.76 9.42
CA THR E 371 15.40 67.12 10.69
C THR E 371 16.63 66.88 11.56
N PHE E 372 16.41 66.85 12.88
CA PHE E 372 17.48 66.56 13.83
C PHE E 372 18.01 65.14 13.65
N ILE E 373 17.15 64.24 13.20
CA ILE E 373 17.51 62.85 12.94
C ILE E 373 17.27 62.52 11.48
N GLN E 374 18.20 61.76 10.88
CA GLN E 374 18.14 61.43 9.46
C GLN E 374 16.91 60.57 9.14
N GLY E 375 15.96 61.15 8.40
CA GLY E 375 14.82 60.40 7.90
C GLY E 375 13.79 60.06 8.96
N ALA E 376 13.64 60.95 9.95
CA ALA E 376 12.76 60.69 11.09
C ALA E 376 11.39 61.38 10.97
N SER E 377 10.39 60.60 10.56
CA SER E 377 9.12 61.14 10.06
C SER E 377 8.30 61.87 11.13
N ILE E 378 8.60 61.61 12.39
CA ILE E 378 7.93 62.30 13.49
C ILE E 378 8.14 63.80 13.38
N GLU E 379 9.08 64.20 12.52
CA GLU E 379 9.38 65.62 12.31
C GLU E 379 8.81 66.13 10.99
N LEU E 380 8.61 67.44 10.91
CA LEU E 380 7.89 68.03 9.78
C LEU E 380 8.64 67.83 8.47
N SER E 381 7.90 67.47 7.43
CA SER E 381 8.49 67.19 6.14
C SER E 381 7.47 67.36 5.03
N ALA E 382 7.95 67.74 3.84
CA ALA E 382 7.10 67.79 2.66
C ALA E 382 7.72 66.98 1.54
N ASP E 383 7.07 65.87 1.19
CA ASP E 383 7.45 65.10 0.01
C ASP E 383 6.22 64.67 -0.78
N GLY E 384 6.44 63.84 -1.80
CA GLY E 384 5.46 63.63 -2.85
C GLY E 384 6.14 63.61 -4.21
N PRO E 385 5.78 62.64 -5.06
CA PRO E 385 6.33 62.59 -6.41
C PRO E 385 5.76 63.70 -7.30
N ILE E 386 6.57 64.21 -8.20
CA ILE E 386 6.14 65.25 -9.14
C ILE E 386 5.35 64.66 -10.31
N ARG E 387 4.09 64.36 -10.05
CA ARG E 387 3.17 63.89 -11.07
C ARG E 387 1.77 64.37 -10.73
N PRO E 388 0.93 64.59 -11.76
CA PRO E 388 -0.44 65.01 -11.52
C PRO E 388 -1.17 64.07 -10.57
N PRO E 389 -2.05 64.64 -9.72
CA PRO E 389 -2.33 66.07 -9.75
C PRO E 389 -1.48 66.85 -8.75
N TYR E 390 -0.20 66.47 -8.64
CA TYR E 390 0.78 67.23 -7.87
C TYR E 390 0.42 67.27 -6.39
N VAL E 391 0.22 66.08 -5.83
CA VAL E 391 -0.12 65.92 -4.42
C VAL E 391 1.14 65.70 -3.59
N ALA E 392 1.26 66.45 -2.51
CA ALA E 392 2.42 66.34 -1.62
C ALA E 392 2.01 65.95 -0.21
N TYR E 393 2.87 65.19 0.46
CA TYR E 393 2.64 64.76 1.84
C TYR E 393 3.32 65.67 2.84
N VAL E 394 2.53 66.46 3.55
CA VAL E 394 3.06 67.45 4.49
C VAL E 394 2.71 67.05 5.91
N GLN E 395 3.66 66.45 6.62
CA GLN E 395 3.34 65.61 7.77
C GLN E 395 4.50 65.52 8.75
N GLY E 396 4.18 65.44 10.03
CA GLY E 396 5.18 65.53 11.09
C GLY E 396 4.98 66.75 11.96
N GLY E 397 5.93 66.99 12.86
CA GLY E 397 5.89 68.16 13.71
C GLY E 397 6.12 67.82 15.18
N LEU E 398 7.32 68.14 15.66
CA LEU E 398 7.68 67.87 17.05
C LEU E 398 6.96 68.82 17.99
N THR E 399 6.48 69.93 17.43
CA THR E 399 5.56 70.82 18.14
C THR E 399 4.54 71.42 17.17
N TYR E 400 3.28 71.48 17.59
CA TYR E 400 2.25 72.18 16.85
C TYR E 400 2.79 73.50 16.31
N SER E 401 3.27 74.35 17.21
CA SER E 401 3.63 75.71 16.84
C SER E 401 4.64 75.76 15.70
N HIS E 402 5.50 74.76 15.60
CA HIS E 402 6.36 74.62 14.42
C HIS E 402 5.52 74.41 13.16
N VAL E 403 4.64 73.40 13.20
CA VAL E 403 3.80 73.08 12.05
C VAL E 403 2.96 74.28 11.63
N LYS E 404 2.33 74.94 12.59
CA LYS E 404 1.45 76.07 12.31
C LYS E 404 2.24 77.24 11.74
N ILE E 405 3.49 77.38 12.19
CA ILE E 405 4.39 78.38 11.62
C ILE E 405 4.80 77.98 10.21
N ALA E 406 5.08 76.69 10.04
CA ALA E 406 5.68 76.21 8.81
C ALA E 406 4.79 76.46 7.60
N ILE E 407 3.52 76.07 7.69
CA ILE E 407 2.61 76.22 6.57
C ILE E 407 2.06 77.63 6.46
N CYS E 408 2.41 78.47 7.43
CA CYS E 408 2.10 79.90 7.37
C CYS E 408 3.27 80.68 6.80
N SER E 409 4.46 80.12 6.91
CA SER E 409 5.61 80.56 6.12
C SER E 409 5.52 79.97 4.72
N ALA E 410 5.39 78.65 4.64
CA ALA E 410 5.33 77.96 3.37
C ALA E 410 4.31 78.62 2.45
N ILE E 411 3.15 78.98 3.00
CA ILE E 411 2.11 79.60 2.21
C ILE E 411 2.46 81.04 1.86
N ASP E 412 3.16 81.72 2.77
CA ASP E 412 3.50 83.12 2.60
C ASP E 412 4.53 83.32 1.47
N GLU E 413 5.16 82.22 1.06
CA GLU E 413 6.07 82.23 -0.09
C GLU E 413 5.31 81.97 -1.38
N LEU E 414 4.03 81.62 -1.24
CA LEU E 414 3.21 81.14 -2.34
C LEU E 414 2.39 82.30 -2.90
N ILE E 415 1.57 82.90 -2.04
CA ILE E 415 0.76 84.04 -2.41
C ILE E 415 -0.08 83.78 -3.67
N ASN F 7 10.53 29.86 -31.59
CA ASN F 7 10.15 29.14 -32.84
C ASN F 7 8.80 28.46 -32.67
N GLY F 8 8.41 27.66 -33.65
CA GLY F 8 7.16 26.91 -33.56
C GLY F 8 6.48 26.71 -34.91
N GLU F 9 6.72 27.62 -35.84
CA GLU F 9 6.25 27.44 -37.20
C GLU F 9 7.44 27.20 -38.11
N LYS F 10 8.63 27.47 -37.58
CA LYS F 10 9.86 27.10 -38.27
C LYS F 10 10.30 25.69 -37.90
N ILE F 11 9.68 25.13 -36.87
CA ILE F 11 10.08 23.84 -36.34
C ILE F 11 9.22 22.71 -36.90
N ALA F 12 7.94 23.00 -37.15
CA ALA F 12 6.95 21.98 -37.41
C ALA F 12 7.18 21.25 -38.74
N PRO F 13 7.41 22.01 -39.82
CA PRO F 13 7.71 21.38 -41.10
C PRO F 13 8.90 20.43 -41.02
N ILE F 14 9.83 20.71 -40.11
CA ILE F 14 11.01 19.87 -39.94
C ILE F 14 10.68 18.53 -39.25
N VAL F 15 9.86 18.59 -38.22
CA VAL F 15 9.46 17.37 -37.50
C VAL F 15 8.47 16.52 -38.29
N LYS F 16 7.66 17.18 -39.12
CA LYS F 16 6.83 16.47 -40.09
C LYS F 16 7.72 15.74 -41.10
N GLU F 17 8.94 16.21 -41.25
CA GLU F 17 9.87 15.69 -42.24
C GLU F 17 10.88 14.74 -41.60
N VAL F 18 11.05 14.87 -40.30
CA VAL F 18 11.73 13.85 -39.51
C VAL F 18 10.91 12.57 -39.50
N GLU F 19 9.64 12.70 -39.11
CA GLU F 19 8.74 11.56 -39.03
C GLU F 19 8.57 10.86 -40.37
N SER F 20 8.28 11.65 -41.41
CA SER F 20 8.06 11.12 -42.75
C SER F 20 9.25 10.32 -43.24
N GLN F 21 10.40 10.55 -42.63
CA GLN F 21 11.64 9.87 -43.00
C GLN F 21 11.87 8.65 -42.11
N ILE F 22 11.46 8.75 -40.84
CA ILE F 22 11.65 7.68 -39.87
C ILE F 22 10.46 6.72 -39.85
N THR F 23 9.58 6.86 -40.83
CA THR F 23 8.37 6.04 -40.90
C THR F 23 8.68 4.55 -40.81
N GLU F 24 9.59 4.08 -41.64
CA GLU F 24 9.83 2.65 -41.81
C GLU F 24 10.50 2.02 -40.59
N VAL F 25 11.50 2.71 -40.04
CA VAL F 25 12.15 2.29 -38.80
C VAL F 25 11.16 2.25 -37.65
N HIS F 26 10.11 3.07 -37.74
CA HIS F 26 9.09 3.15 -36.69
C HIS F 26 8.17 1.92 -36.69
N LYS F 27 7.71 1.52 -37.87
CA LYS F 27 6.91 0.31 -38.00
C LYS F 27 7.69 -0.91 -37.52
N ARG F 28 9.01 -0.89 -37.76
CA ARG F 28 9.88 -1.98 -37.34
C ARG F 28 9.94 -2.07 -35.82
N ALA F 29 10.08 -0.92 -35.18
CA ALA F 29 10.03 -0.85 -33.71
C ALA F 29 8.70 -1.36 -33.20
N ASP F 30 7.66 -1.18 -34.03
CA ASP F 30 6.33 -1.69 -33.70
C ASP F 30 6.25 -3.20 -33.90
N GLU F 31 6.67 -3.67 -35.07
CA GLU F 31 6.73 -5.11 -35.31
C GLU F 31 7.13 -5.84 -34.03
N VAL F 32 8.20 -5.37 -33.40
CA VAL F 32 8.80 -6.08 -32.28
C VAL F 32 7.99 -5.87 -31.00
N ILE F 33 7.23 -4.78 -30.95
CA ILE F 33 6.27 -4.58 -29.87
C ILE F 33 5.17 -5.63 -29.93
N GLU F 34 4.55 -5.76 -31.09
CA GLU F 34 3.52 -6.77 -31.30
C GLU F 34 4.03 -8.17 -30.98
N SER F 35 5.25 -8.48 -31.42
CA SER F 35 5.82 -9.80 -31.23
C SER F 35 6.20 -10.04 -29.77
N ASN F 36 6.56 -8.98 -29.07
CA ASN F 36 6.90 -9.07 -27.66
C ASN F 36 5.66 -9.06 -26.77
N GLN F 37 4.70 -8.20 -27.11
CA GLN F 37 3.44 -8.12 -26.38
C GLN F 37 2.62 -9.39 -26.57
N PHE F 38 2.68 -9.97 -27.77
CA PHE F 38 2.03 -11.24 -28.06
C PHE F 38 2.63 -12.38 -27.24
N ARG F 39 3.93 -12.29 -26.98
CA ARG F 39 4.62 -13.31 -26.22
C ARG F 39 4.25 -13.26 -24.74
N VAL F 40 4.10 -12.05 -24.20
CA VAL F 40 3.69 -11.87 -22.82
C VAL F 40 2.26 -12.35 -22.62
N LEU F 41 1.40 -12.04 -23.58
CA LEU F 41 0.04 -12.57 -23.60
C LEU F 41 0.02 -14.09 -23.49
N GLU F 42 0.70 -14.77 -24.41
CA GLU F 42 0.76 -16.22 -24.40
C GLU F 42 1.15 -16.76 -23.03
N SER F 43 2.20 -16.18 -22.46
CA SER F 43 2.71 -16.64 -21.17
C SER F 43 1.71 -16.38 -20.05
N PHE F 44 1.09 -15.21 -20.08
CA PHE F 44 -0.07 -14.94 -19.26
C PHE F 44 -1.14 -16.00 -19.53
N GLY F 45 -1.59 -16.05 -20.77
CA GLY F 45 -2.53 -17.09 -21.20
C GLY F 45 -2.16 -18.45 -20.65
N LYS F 46 -0.85 -18.67 -20.50
CA LYS F 46 -0.31 -19.99 -20.22
C LYS F 46 -0.47 -20.36 -18.74
N HIS F 47 -0.18 -19.41 -17.86
CA HIS F 47 -0.19 -19.66 -16.43
C HIS F 47 -1.53 -19.30 -15.79
N LYS F 48 -2.54 -19.11 -16.64
CA LYS F 48 -3.91 -18.79 -16.21
C LYS F 48 -3.96 -17.66 -15.18
N ILE F 49 -3.06 -16.70 -15.31
CA ILE F 49 -2.92 -15.68 -14.29
C ILE F 49 -4.23 -14.91 -14.06
N SER F 50 -4.54 -14.66 -12.80
CA SER F 50 -5.77 -13.96 -12.44
C SER F 50 -5.49 -12.88 -11.41
N ASP F 51 -6.52 -12.12 -11.07
CA ASP F 51 -6.43 -11.11 -10.02
C ASP F 51 -6.31 -11.75 -8.63
N SER F 52 -6.34 -13.08 -8.58
CA SER F 52 -6.01 -13.80 -7.36
C SER F 52 -4.51 -14.06 -7.29
N HIS F 53 -3.79 -13.61 -8.30
CA HIS F 53 -2.32 -13.64 -8.29
C HIS F 53 -1.75 -12.32 -7.78
N PHE F 54 -2.63 -11.40 -7.42
CA PHE F 54 -2.21 -10.09 -6.91
C PHE F 54 -2.32 -10.06 -5.39
N ILE F 55 -2.78 -11.15 -4.80
CA ILE F 55 -3.11 -11.19 -3.39
C ILE F 55 -1.90 -10.93 -2.52
N PRO F 56 -1.99 -9.95 -1.60
CA PRO F 56 -0.92 -9.56 -0.69
C PRO F 56 -0.55 -10.68 0.27
N THR F 57 0.74 -10.80 0.57
CA THR F 57 1.21 -11.72 1.61
C THR F 57 2.12 -11.01 2.62
N THR F 58 2.00 -11.39 3.88
CA THR F 58 2.73 -10.72 4.95
C THR F 58 3.70 -11.67 5.66
N GLY F 59 4.15 -11.29 6.84
CA GLY F 59 4.98 -12.15 7.67
C GLY F 59 6.11 -12.82 6.91
N TYR F 60 6.04 -14.15 6.81
CA TYR F 60 7.15 -14.92 6.26
C TYR F 60 7.07 -15.02 4.74
N GLY F 61 5.91 -14.69 4.19
CA GLY F 61 5.68 -14.81 2.75
C GLY F 61 5.86 -16.23 2.27
N TYR F 62 5.52 -17.19 3.13
CA TYR F 62 5.54 -18.59 2.76
C TYR F 62 4.39 -18.93 1.81
N ASP F 63 4.65 -19.79 0.85
CA ASP F 63 3.63 -20.27 -0.08
C ASP F 63 2.89 -19.10 -0.73
N ASP F 64 3.59 -18.35 -1.55
CA ASP F 64 3.01 -17.19 -2.23
C ASP F 64 2.83 -17.47 -3.72
N ILE F 65 1.74 -18.16 -4.04
CA ILE F 65 1.45 -18.51 -5.43
C ILE F 65 1.56 -17.27 -6.33
N GLY F 66 1.06 -16.15 -5.84
CA GLY F 66 1.15 -14.88 -6.56
C GLY F 66 2.55 -14.60 -7.06
N ARG F 67 3.49 -14.43 -6.13
CA ARG F 67 4.89 -14.18 -6.47
C ARG F 67 5.48 -15.27 -7.36
N ASP F 68 5.58 -16.49 -6.82
CA ASP F 68 6.32 -17.57 -7.49
C ASP F 68 5.96 -17.65 -8.96
N THR F 69 4.66 -17.50 -9.25
CA THR F 69 4.16 -17.67 -10.61
C THR F 69 4.55 -16.49 -11.50
N LEU F 70 4.51 -15.29 -10.93
CA LEU F 70 5.12 -14.13 -11.57
C LEU F 70 6.57 -14.42 -11.95
N GLU F 71 7.28 -15.12 -11.06
CA GLU F 71 8.68 -15.42 -11.27
C GLU F 71 8.87 -16.43 -12.41
N LYS F 72 7.93 -17.37 -12.51
CA LYS F 72 7.91 -18.28 -13.65
C LYS F 72 7.69 -17.51 -14.95
N VAL F 73 6.63 -16.71 -15.01
CA VAL F 73 6.29 -15.95 -16.21
C VAL F 73 7.50 -15.21 -16.76
N TYR F 74 8.00 -14.26 -15.98
CA TYR F 74 9.24 -13.56 -16.31
C TYR F 74 10.26 -14.50 -16.94
N ALA F 75 10.28 -15.74 -16.46
CA ALA F 75 11.23 -16.73 -16.95
C ALA F 75 10.90 -17.17 -18.37
N ASP F 76 9.70 -17.72 -18.56
CA ASP F 76 9.33 -18.31 -19.84
C ASP F 76 9.38 -17.27 -20.94
N VAL F 77 9.41 -16.00 -20.56
CA VAL F 77 9.31 -14.91 -21.51
C VAL F 77 10.68 -14.40 -21.89
N PHE F 78 11.67 -14.71 -21.05
CA PHE F 78 13.04 -14.29 -21.30
C PHE F 78 13.90 -15.45 -21.76
N GLY F 79 13.27 -16.62 -21.91
CA GLY F 79 13.94 -17.78 -22.46
C GLY F 79 14.82 -18.49 -21.45
N ALA F 80 14.45 -18.37 -20.17
CA ALA F 80 15.19 -19.03 -19.11
C ALA F 80 14.33 -20.07 -18.39
N GLU F 81 14.97 -20.93 -17.60
CA GLU F 81 14.28 -21.95 -16.84
C GLU F 81 13.52 -21.33 -15.66
N ALA F 82 14.27 -20.84 -14.68
CA ALA F 82 13.66 -20.27 -13.49
C ALA F 82 13.44 -18.77 -13.64
N GLY F 83 12.97 -18.13 -12.57
CA GLY F 83 12.96 -16.68 -12.49
C GLY F 83 12.87 -16.21 -11.05
N LEU F 84 13.77 -15.30 -10.69
CA LEU F 84 13.75 -14.67 -9.37
C LEU F 84 13.61 -13.16 -9.51
N VAL F 85 12.46 -12.64 -9.09
CA VAL F 85 12.16 -11.22 -9.27
C VAL F 85 11.20 -10.72 -8.19
N ARG F 86 11.73 -9.95 -7.25
CA ARG F 86 10.95 -9.54 -6.08
C ARG F 86 11.35 -8.16 -5.56
N PRO F 87 10.42 -7.49 -4.87
CA PRO F 87 10.60 -6.10 -4.42
C PRO F 87 11.83 -5.98 -3.54
N GLN F 88 12.13 -7.04 -2.80
CA GLN F 88 13.35 -7.11 -2.01
C GLN F 88 14.56 -6.66 -2.83
N ILE F 89 14.62 -7.10 -4.09
CA ILE F 89 15.65 -6.65 -5.00
C ILE F 89 15.45 -5.18 -5.36
N ILE F 90 16.13 -4.30 -4.62
CA ILE F 90 15.73 -2.90 -4.53
C ILE F 90 16.22 -2.10 -5.73
N SER F 91 17.06 -2.73 -6.55
CA SER F 91 17.69 -2.02 -7.66
C SER F 91 18.38 -2.99 -8.62
N GLY F 92 18.60 -2.54 -9.84
CA GLY F 92 19.35 -3.31 -10.82
C GLY F 92 20.74 -3.68 -10.34
N THR F 93 21.45 -2.71 -9.77
CA THR F 93 22.73 -2.97 -9.13
C THR F 93 22.65 -4.15 -8.16
N HIS F 94 21.56 -4.21 -7.40
CA HIS F 94 21.40 -5.26 -6.40
C HIS F 94 21.26 -6.64 -7.05
N ALA F 95 20.38 -6.73 -8.04
CA ALA F 95 20.26 -7.94 -8.84
C ALA F 95 21.64 -8.48 -9.21
N ILE F 96 22.45 -7.63 -9.83
CA ILE F 96 23.75 -8.06 -10.35
C ILE F 96 24.69 -8.40 -9.20
N SER F 97 24.67 -7.58 -8.17
CA SER F 97 25.38 -7.89 -6.94
C SER F 97 24.93 -9.24 -6.40
N THR F 98 23.62 -9.38 -6.22
CA THR F 98 23.03 -10.64 -5.83
C THR F 98 23.46 -11.79 -6.74
N ALA F 99 23.41 -11.55 -8.05
CA ALA F 99 23.64 -12.59 -9.04
C ALA F 99 25.11 -13.02 -9.10
N LEU F 100 26.01 -12.04 -9.01
CA LEU F 100 27.43 -12.33 -9.08
C LEU F 100 27.88 -13.04 -7.80
N PHE F 101 27.56 -12.45 -6.65
CA PHE F 101 28.00 -12.98 -5.36
C PHE F 101 27.35 -14.34 -5.09
N GLY F 102 26.16 -14.54 -5.63
CA GLY F 102 25.41 -15.76 -5.39
C GLY F 102 26.04 -16.96 -6.05
N ILE F 103 26.85 -16.72 -7.08
CA ILE F 103 27.49 -17.79 -7.83
C ILE F 103 28.98 -17.88 -7.55
N LEU F 104 29.60 -16.73 -7.31
CA LEU F 104 31.06 -16.67 -7.13
C LEU F 104 31.49 -17.04 -5.71
N ARG F 105 32.43 -17.97 -5.62
CA ARG F 105 32.90 -18.48 -4.32
C ARG F 105 34.40 -18.23 -4.17
N PRO F 106 34.87 -18.19 -2.91
CA PRO F 106 36.29 -17.94 -2.64
C PRO F 106 37.18 -18.88 -3.46
N GLY F 107 37.99 -18.30 -4.34
CA GLY F 107 38.84 -19.10 -5.23
C GLY F 107 38.51 -18.90 -6.70
N ASP F 108 37.46 -18.13 -6.97
CA ASP F 108 36.96 -17.97 -8.34
C ASP F 108 37.30 -16.61 -8.91
N GLU F 109 37.25 -16.50 -10.23
CA GLU F 109 37.48 -15.23 -10.92
C GLU F 109 36.31 -14.89 -11.83
N LEU F 110 35.95 -13.61 -11.86
CA LEU F 110 35.00 -13.11 -12.86
C LEU F 110 35.72 -12.49 -14.04
N LEU F 111 35.20 -12.75 -15.24
CA LEU F 111 35.80 -12.24 -16.46
C LEU F 111 34.76 -11.48 -17.28
N TYR F 112 34.67 -10.17 -17.03
CA TYR F 112 33.94 -9.27 -17.92
C TYR F 112 34.67 -9.12 -19.25
N ILE F 113 33.98 -9.40 -20.34
CA ILE F 113 34.60 -9.35 -21.67
C ILE F 113 34.07 -8.21 -22.53
N THR F 114 32.93 -7.66 -22.14
CA THR F 114 32.38 -6.49 -22.84
C THR F 114 33.08 -5.21 -22.40
N GLY F 115 34.22 -5.37 -21.72
CA GLY F 115 35.06 -4.24 -21.36
C GLY F 115 34.78 -3.69 -19.98
N LYS F 116 35.35 -2.52 -19.69
CA LYS F 116 35.09 -1.81 -18.45
C LYS F 116 33.59 -1.63 -18.21
N PRO F 117 33.04 -2.41 -17.27
CA PRO F 117 31.65 -2.23 -16.84
C PRO F 117 31.44 -0.88 -16.17
N TYR F 118 30.18 -0.52 -15.94
CA TYR F 118 29.85 0.78 -15.39
C TYR F 118 30.35 0.90 -13.95
N ASP F 119 30.43 2.14 -13.46
CA ASP F 119 31.12 2.44 -12.21
C ASP F 119 30.72 1.50 -11.08
N THR F 120 29.43 1.14 -11.03
CA THR F 120 28.86 0.49 -9.86
C THR F 120 29.47 -0.89 -9.60
N LEU F 121 29.84 -1.57 -10.68
CA LEU F 121 30.56 -2.84 -10.56
C LEU F 121 32.01 -2.60 -10.11
N GLU F 122 32.53 -1.42 -10.43
CA GLU F 122 33.82 -0.99 -9.94
C GLU F 122 33.90 -1.11 -8.42
N GLU F 123 32.77 -0.95 -7.76
CA GLU F 123 32.71 -0.95 -6.30
C GLU F 123 32.52 -2.36 -5.75
N ILE F 124 31.59 -3.10 -6.35
CA ILE F 124 31.23 -4.42 -5.87
C ILE F 124 32.43 -5.37 -5.90
N VAL F 125 33.24 -5.27 -6.95
CA VAL F 125 34.41 -6.14 -7.09
C VAL F 125 35.54 -5.67 -6.19
N GLY F 126 35.63 -4.36 -5.99
CA GLY F 126 36.59 -3.79 -5.04
C GLY F 126 37.87 -3.33 -5.71
N VAL F 127 37.79 -3.00 -7.00
CA VAL F 127 38.88 -2.33 -7.69
C VAL F 127 38.85 -0.83 -7.44
N ARG F 128 37.75 -0.35 -6.87
CA ARG F 128 37.56 1.08 -6.63
C ARG F 128 37.34 1.38 -5.16
N GLY F 129 36.12 1.19 -4.69
CA GLY F 129 35.79 1.37 -3.28
C GLY F 129 36.72 0.55 -2.40
N LYS F 130 36.81 0.92 -1.13
CA LYS F 130 37.55 0.13 -0.16
C LYS F 130 36.80 -1.15 0.18
N GLY F 131 36.68 -2.04 -0.81
CA GLY F 131 36.34 -3.43 -0.57
C GLY F 131 35.42 -3.64 0.61
N VAL F 132 34.35 -2.87 0.66
CA VAL F 132 33.33 -3.02 1.70
C VAL F 132 32.43 -4.23 1.42
N GLY F 133 32.99 -5.42 1.56
CA GLY F 133 32.31 -6.65 1.16
C GLY F 133 32.54 -6.98 -0.31
N SER F 134 33.72 -6.66 -0.81
CA SER F 134 34.03 -6.82 -2.22
C SER F 134 34.83 -8.10 -2.48
N PHE F 135 34.88 -8.51 -3.74
CA PHE F 135 35.61 -9.70 -4.14
C PHE F 135 36.95 -9.82 -3.40
N LYS F 136 37.58 -8.69 -3.11
CA LYS F 136 38.87 -8.67 -2.45
C LYS F 136 38.81 -9.34 -1.08
N GLU F 137 37.74 -9.03 -0.33
CA GLU F 137 37.58 -9.55 1.03
C GLU F 137 37.23 -11.04 1.02
N TYR F 138 36.66 -11.51 -0.08
CA TYR F 138 36.26 -12.90 -0.20
C TYR F 138 37.24 -13.68 -1.09
N ASN F 139 38.43 -13.14 -1.27
CA ASN F 139 39.48 -13.79 -2.05
C ASN F 139 39.02 -14.17 -3.45
N ILE F 140 38.29 -13.25 -4.09
CA ILE F 140 37.80 -13.46 -5.46
C ILE F 140 38.45 -12.48 -6.42
N GLY F 141 38.98 -12.99 -7.53
CA GLY F 141 39.60 -12.15 -8.55
C GLY F 141 38.60 -11.61 -9.55
N TYR F 142 38.94 -10.49 -10.18
CA TYR F 142 38.11 -9.90 -11.22
C TYR F 142 38.96 -9.28 -12.32
N ASN F 143 38.66 -9.63 -13.56
CA ASN F 143 39.34 -9.02 -14.71
C ASN F 143 38.38 -8.67 -15.84
N ALA F 144 38.46 -7.43 -16.30
CA ALA F 144 37.75 -7.00 -17.51
C ALA F 144 38.71 -6.92 -18.69
N VAL F 145 38.35 -7.63 -19.77
CA VAL F 145 39.06 -7.49 -21.04
C VAL F 145 38.59 -6.26 -21.79
N PRO F 146 39.52 -5.36 -22.14
CA PRO F 146 39.23 -4.15 -22.89
C PRO F 146 38.73 -4.46 -24.30
N LEU F 147 37.74 -3.71 -24.76
CA LEU F 147 37.16 -3.92 -26.08
C LEU F 147 38.17 -3.60 -27.19
N THR F 148 37.82 -3.97 -28.42
CA THR F 148 38.54 -3.53 -29.60
C THR F 148 38.43 -2.02 -29.78
N GLU F 149 39.41 -1.43 -30.45
CA GLU F 149 39.42 0.01 -30.71
C GLU F 149 38.17 0.44 -31.47
N GLY F 150 37.46 -0.51 -32.05
CA GLY F 150 36.22 -0.23 -32.77
C GLY F 150 34.98 -0.76 -32.06
N GLY F 151 35.11 -1.06 -30.78
CA GLY F 151 33.96 -1.35 -29.94
C GLY F 151 33.56 -2.81 -29.90
N LEU F 152 34.28 -3.65 -30.64
CA LEU F 152 34.03 -5.08 -30.62
C LEU F 152 34.78 -5.74 -29.47
N VAL F 153 34.62 -7.06 -29.32
CA VAL F 153 35.28 -7.77 -28.23
C VAL F 153 36.60 -8.40 -28.65
N ASP F 154 37.62 -8.26 -27.81
CA ASP F 154 38.95 -8.76 -28.11
C ASP F 154 39.04 -10.27 -27.85
N PHE F 155 38.53 -11.05 -28.79
CA PHE F 155 38.39 -12.49 -28.61
C PHE F 155 39.71 -13.19 -28.33
N GLU F 156 40.81 -12.53 -28.65
CA GLU F 156 42.14 -13.04 -28.33
C GLU F 156 42.48 -12.85 -26.85
N ALA F 157 42.34 -11.62 -26.38
CA ALA F 157 42.58 -11.31 -24.97
C ALA F 157 41.56 -12.04 -24.10
N VAL F 158 40.36 -12.22 -24.64
CA VAL F 158 39.33 -13.04 -24.00
C VAL F 158 39.84 -14.47 -23.78
N ALA F 159 40.23 -15.13 -24.87
CA ALA F 159 40.45 -16.57 -24.86
C ALA F 159 41.79 -16.94 -24.22
N ALA F 160 42.60 -15.94 -23.90
CA ALA F 160 43.87 -16.17 -23.21
C ALA F 160 43.76 -15.89 -21.72
N ALA F 161 42.67 -15.22 -21.32
CA ALA F 161 42.48 -14.83 -19.93
C ALA F 161 41.52 -15.79 -19.21
N ILE F 162 41.03 -16.79 -19.93
CA ILE F 162 40.09 -17.76 -19.37
C ILE F 162 40.82 -19.02 -18.90
N HIS F 163 41.55 -18.91 -17.79
CA HIS F 163 42.21 -20.08 -17.21
C HIS F 163 41.28 -20.88 -16.30
N SER F 164 41.86 -21.84 -15.57
CA SER F 164 41.07 -22.82 -14.84
C SER F 164 40.30 -22.21 -13.68
N ASN F 165 40.62 -20.97 -13.35
CA ASN F 165 40.00 -20.28 -12.24
C ASN F 165 38.91 -19.30 -12.67
N THR F 166 38.28 -19.60 -13.80
CA THR F 166 37.27 -18.70 -14.37
C THR F 166 35.87 -19.27 -14.22
N LYS F 167 35.26 -19.06 -13.05
CA LYS F 167 33.97 -19.65 -12.73
C LYS F 167 32.85 -18.99 -13.53
N MSE F 168 33.08 -17.76 -13.97
CA MSE F 168 32.01 -16.90 -14.44
C MSE F 168 32.46 -15.99 -15.57
O MSE F 168 33.55 -15.43 -15.54
CB MSE F 168 31.46 -16.05 -13.28
CG MSE F 168 30.11 -15.43 -13.54
SE MSE F 168 29.32 -14.74 -11.91
CE MSE F 168 27.44 -14.82 -12.41
N ILE F 169 31.57 -15.80 -16.55
CA ILE F 169 31.78 -14.77 -17.57
C ILE F 169 30.84 -13.59 -17.34
N GLY F 170 31.36 -12.38 -17.54
CA GLY F 170 30.57 -11.17 -17.41
C GLY F 170 30.38 -10.46 -18.74
N ILE F 171 29.14 -10.10 -19.04
CA ILE F 171 28.81 -9.46 -20.30
C ILE F 171 27.77 -8.37 -20.12
N GLN F 172 28.17 -7.12 -20.34
CA GLN F 172 27.26 -5.98 -20.21
C GLN F 172 26.67 -5.58 -21.55
N ARG F 173 25.34 -5.66 -21.64
CA ARG F 173 24.64 -5.44 -22.91
C ARG F 173 24.62 -3.97 -23.31
N SER F 174 24.09 -3.12 -22.44
CA SER F 174 24.00 -1.70 -22.72
C SER F 174 25.35 -1.01 -22.55
N LYS F 175 25.51 0.14 -23.19
CA LYS F 175 26.81 0.79 -23.32
C LYS F 175 27.17 1.62 -22.09
N GLY F 176 26.16 2.19 -21.44
CA GLY F 176 26.39 3.06 -20.29
C GLY F 176 26.78 4.46 -20.70
N TYR F 177 27.89 4.95 -20.17
CA TYR F 177 28.51 6.17 -20.68
C TYR F 177 29.73 5.82 -21.53
N ALA F 178 29.85 4.54 -21.85
CA ALA F 178 30.95 4.05 -22.68
C ALA F 178 30.70 4.31 -24.15
N THR F 179 31.74 4.72 -24.87
CA THR F 179 31.61 5.20 -26.23
C THR F 179 31.57 4.06 -27.23
N ARG F 180 31.18 2.87 -26.75
CA ARG F 180 31.01 1.71 -27.61
C ARG F 180 29.54 1.34 -27.78
N PRO F 181 29.14 0.94 -29.00
CA PRO F 181 27.75 0.55 -29.25
C PRO F 181 27.28 -0.50 -28.25
N SER F 182 25.98 -0.55 -28.01
CA SER F 182 25.39 -1.63 -27.23
C SER F 182 25.38 -2.92 -28.03
N PHE F 183 25.50 -4.05 -27.34
CA PHE F 183 25.66 -5.34 -28.01
C PHE F 183 24.32 -6.02 -28.26
N THR F 184 24.18 -6.65 -29.42
CA THR F 184 22.90 -7.22 -29.84
C THR F 184 22.74 -8.66 -29.43
N ILE F 185 21.50 -9.16 -29.51
CA ILE F 185 21.17 -10.52 -29.13
C ILE F 185 21.99 -11.54 -29.93
N SER F 186 22.29 -11.20 -31.17
CA SER F 186 23.18 -12.02 -32.00
C SER F 186 24.62 -11.83 -31.58
N GLN F 187 25.00 -10.58 -31.34
CA GLN F 187 26.36 -10.25 -30.89
C GLN F 187 26.72 -11.01 -29.63
N ILE F 188 25.74 -11.18 -28.74
CA ILE F 188 25.98 -11.84 -27.46
C ILE F 188 25.92 -13.35 -27.58
N LYS F 189 25.10 -13.85 -28.51
CA LYS F 189 25.04 -15.28 -28.78
C LYS F 189 26.39 -15.81 -29.26
N GLU F 190 27.03 -15.06 -30.17
CA GLU F 190 28.40 -15.34 -30.56
C GLU F 190 29.32 -15.37 -29.35
N MSE F 191 29.08 -14.45 -28.41
CA MSE F 191 29.95 -14.27 -27.26
C MSE F 191 30.02 -15.52 -26.38
O MSE F 191 31.11 -15.97 -26.01
CB MSE F 191 29.47 -13.08 -26.41
CG MSE F 191 30.45 -11.94 -26.33
SE MSE F 191 29.64 -10.33 -25.57
CE MSE F 191 29.14 -9.43 -27.23
N ILE F 192 28.85 -16.04 -26.00
CA ILE F 192 28.80 -17.15 -25.06
C ILE F 192 29.19 -18.46 -25.73
N ALA F 193 28.81 -18.63 -26.99
CA ALA F 193 29.26 -19.78 -27.77
C ALA F 193 30.78 -19.85 -27.81
N PHE F 194 31.41 -18.69 -27.89
CA PHE F 194 32.86 -18.60 -27.86
C PHE F 194 33.43 -19.21 -26.59
N VAL F 195 33.06 -18.66 -25.44
CA VAL F 195 33.66 -19.03 -24.17
C VAL F 195 33.25 -20.44 -23.75
N LYS F 196 31.99 -20.79 -24.00
CA LYS F 196 31.49 -22.13 -23.66
C LYS F 196 32.29 -23.21 -24.39
N GLU F 197 32.87 -22.85 -25.52
CA GLU F 197 33.76 -23.74 -26.24
C GLU F 197 35.10 -23.86 -25.52
N ILE F 198 35.70 -22.72 -25.19
CA ILE F 198 36.97 -22.69 -24.46
C ILE F 198 36.84 -23.36 -23.11
N LYS F 199 35.71 -23.15 -22.44
CA LYS F 199 35.52 -23.57 -21.07
C LYS F 199 34.04 -23.78 -20.77
N PRO F 200 33.49 -24.93 -21.20
CA PRO F 200 32.06 -25.20 -21.06
C PRO F 200 31.57 -25.00 -19.63
N ASP F 201 32.51 -24.93 -18.69
CA ASP F 201 32.18 -24.71 -17.29
C ASP F 201 31.62 -23.31 -17.04
N VAL F 202 32.28 -22.30 -17.59
CA VAL F 202 32.00 -20.90 -17.23
C VAL F 202 30.50 -20.62 -17.21
N VAL F 203 30.05 -19.89 -16.19
CA VAL F 203 28.68 -19.39 -16.15
C VAL F 203 28.59 -18.00 -16.76
N VAL F 204 27.83 -17.88 -17.84
CA VAL F 204 27.77 -16.64 -18.60
C VAL F 204 26.64 -15.75 -18.12
N PHE F 205 27.00 -14.51 -17.75
CA PHE F 205 26.04 -13.61 -17.13
C PHE F 205 25.88 -12.35 -17.96
N VAL F 206 24.65 -11.83 -18.04
CA VAL F 206 24.36 -10.65 -18.85
C VAL F 206 23.54 -9.64 -18.07
N ASP F 207 24.15 -8.50 -17.74
CA ASP F 207 23.43 -7.35 -17.20
C ASP F 207 22.52 -6.74 -18.26
N ASN F 208 21.26 -7.16 -18.26
CA ASN F 208 20.37 -6.93 -19.39
C ASN F 208 19.67 -5.57 -19.33
N CYS F 209 20.13 -4.71 -18.44
CA CYS F 209 19.43 -3.47 -18.14
C CYS F 209 19.27 -2.63 -19.41
N TYR F 210 18.08 -2.11 -19.63
CA TYR F 210 17.79 -1.23 -20.76
C TYR F 210 17.51 -2.02 -22.04
N GLY F 211 17.62 -3.34 -21.95
CA GLY F 211 17.61 -4.17 -23.15
C GLY F 211 16.31 -4.91 -23.37
N GLU F 212 15.40 -4.84 -22.40
CA GLU F 212 14.26 -5.75 -22.35
C GLU F 212 13.10 -5.32 -23.25
N PHE F 213 12.77 -6.19 -24.20
CA PHE F 213 11.62 -5.98 -25.09
C PHE F 213 11.93 -4.99 -26.21
N ILE F 214 13.21 -4.81 -26.51
CA ILE F 214 13.61 -3.97 -27.64
C ILE F 214 14.10 -4.80 -28.83
N GLU F 215 14.50 -6.03 -28.56
CA GLU F 215 14.53 -7.07 -29.59
C GLU F 215 13.47 -8.14 -29.30
N GLU F 216 13.23 -9.01 -30.28
CA GLU F 216 12.24 -10.08 -30.13
C GLU F 216 12.80 -11.25 -29.32
N GLN F 217 13.98 -11.04 -28.73
CA GLN F 217 14.57 -12.03 -27.83
C GLN F 217 15.32 -11.35 -26.69
N GLU F 218 15.72 -12.15 -25.70
CA GLU F 218 16.60 -11.66 -24.65
C GLU F 218 17.82 -12.56 -24.49
N PRO F 219 18.82 -12.11 -23.72
CA PRO F 219 20.10 -12.80 -23.64
C PRO F 219 19.95 -14.29 -23.41
N CYS F 220 19.06 -14.68 -22.49
CA CYS F 220 18.89 -16.09 -22.14
C CYS F 220 18.27 -16.92 -23.26
N HIS F 221 17.77 -16.25 -24.30
CA HIS F 221 17.25 -16.94 -25.46
C HIS F 221 18.36 -17.45 -26.36
N VAL F 222 19.55 -16.89 -26.18
CA VAL F 222 20.70 -17.22 -27.03
C VAL F 222 21.86 -17.77 -26.22
N GLY F 223 21.57 -18.25 -25.00
CA GLY F 223 22.41 -19.24 -24.35
C GLY F 223 23.07 -18.78 -23.06
N ALA F 224 22.60 -17.66 -22.52
CA ALA F 224 23.21 -17.07 -21.33
C ALA F 224 22.76 -17.78 -20.06
N ASP F 225 23.69 -17.98 -19.12
CA ASP F 225 23.43 -18.81 -17.95
C ASP F 225 22.63 -18.07 -16.87
N LEU F 226 22.69 -16.74 -16.91
CA LEU F 226 22.01 -15.91 -15.92
C LEU F 226 22.02 -14.45 -16.36
N MSE F 227 21.01 -13.70 -15.94
CA MSE F 227 20.85 -12.31 -16.38
C MSE F 227 20.03 -11.50 -15.39
O MSE F 227 18.99 -11.95 -14.91
CB MSE F 227 20.20 -12.27 -17.76
CG MSE F 227 18.71 -12.56 -17.74
SE MSE F 227 17.97 -12.67 -19.54
CE MSE F 227 16.98 -10.98 -19.57
N ALA F 228 20.47 -10.26 -15.15
CA ALA F 228 19.83 -9.42 -14.15
C ALA F 228 19.55 -8.01 -14.68
N GLY F 229 18.63 -7.31 -14.05
CA GLY F 229 18.37 -5.91 -14.36
C GLY F 229 17.47 -5.23 -13.35
N SER F 230 17.27 -3.93 -13.51
CA SER F 230 16.28 -3.20 -12.73
C SER F 230 14.86 -3.46 -13.23
N LEU F 231 13.88 -3.26 -12.36
CA LEU F 231 12.47 -3.44 -12.70
C LEU F 231 11.77 -2.10 -12.90
N ILE F 232 12.21 -1.09 -12.15
CA ILE F 232 11.70 0.27 -12.34
C ILE F 232 12.14 0.84 -13.69
N LYS F 233 12.81 0.01 -14.48
CA LYS F 233 13.06 0.32 -15.88
C LYS F 233 12.17 -0.51 -16.79
N ASN F 234 12.76 -1.00 -17.88
CA ASN F 234 12.01 -1.51 -19.03
C ASN F 234 10.81 -2.38 -18.65
N PRO F 235 11.06 -3.53 -18.03
CA PRO F 235 10.05 -4.57 -17.84
C PRO F 235 8.92 -4.10 -16.93
N GLY F 236 9.22 -3.18 -16.02
CA GLY F 236 8.23 -2.67 -15.08
C GLY F 236 7.22 -1.74 -15.72
N GLY F 237 7.45 -1.40 -16.99
CA GLY F 237 6.48 -0.65 -17.77
C GLY F 237 6.23 0.75 -17.25
N GLY F 238 7.13 1.23 -16.40
CA GLY F 238 6.94 2.52 -15.74
C GLY F 238 5.90 2.48 -14.64
N ILE F 239 5.32 1.30 -14.43
CA ILE F 239 4.16 1.15 -13.57
C ILE F 239 4.54 0.60 -12.19
N VAL F 240 5.61 -0.19 -12.14
CA VAL F 240 6.07 -0.75 -10.88
C VAL F 240 6.96 0.26 -10.15
N LYS F 241 7.00 0.15 -8.82
CA LYS F 241 7.61 1.19 -8.00
C LYS F 241 8.98 0.76 -7.45
N THR F 242 9.26 -0.54 -7.50
CA THR F 242 10.52 -1.05 -7.03
C THR F 242 10.72 -2.49 -7.49
N GLY F 243 11.98 -2.92 -7.55
CA GLY F 243 12.30 -4.33 -7.69
C GLY F 243 13.50 -4.59 -8.60
N GLY F 244 13.75 -5.86 -8.87
CA GLY F 244 14.82 -6.26 -9.79
C GLY F 244 14.75 -7.74 -10.08
N TYR F 245 15.21 -8.14 -11.25
CA TYR F 245 15.05 -9.52 -11.69
C TYR F 245 16.38 -10.23 -11.92
N ILE F 246 16.45 -11.49 -11.49
CA ILE F 246 17.42 -12.42 -12.01
C ILE F 246 16.68 -13.63 -12.56
N VAL F 247 16.84 -13.89 -13.86
CA VAL F 247 16.41 -15.16 -14.42
C VAL F 247 17.59 -15.92 -15.02
N GLY F 248 17.40 -17.22 -15.23
CA GLY F 248 18.48 -18.09 -15.67
C GLY F 248 18.11 -19.54 -15.51
N LYS F 249 19.09 -20.37 -15.21
CA LYS F 249 18.88 -21.81 -15.12
C LYS F 249 18.51 -22.23 -13.70
N GLU F 250 17.77 -23.31 -13.58
CA GLU F 250 17.39 -23.85 -12.27
C GLU F 250 18.46 -23.59 -11.22
N GLN F 251 19.60 -24.26 -11.34
CA GLN F 251 20.53 -24.39 -10.22
C GLN F 251 21.35 -23.13 -9.98
N TYR F 252 21.18 -22.14 -10.86
CA TYR F 252 21.84 -20.84 -10.69
C TYR F 252 20.93 -19.83 -9.98
N VAL F 253 19.67 -19.79 -10.40
CA VAL F 253 18.69 -18.92 -9.76
C VAL F 253 18.50 -19.30 -8.30
N GLU F 254 18.43 -20.59 -8.03
CA GLU F 254 18.22 -21.09 -6.67
C GLU F 254 19.49 -20.90 -5.83
N ALA F 255 20.64 -20.92 -6.50
CA ALA F 255 21.88 -20.44 -5.88
C ALA F 255 21.78 -18.95 -5.59
N CYS F 256 21.26 -18.18 -6.55
CA CYS F 256 20.90 -16.79 -6.32
C CYS F 256 20.05 -16.65 -5.07
N ALA F 257 18.96 -17.42 -5.02
CA ALA F 257 18.02 -17.35 -3.91
C ALA F 257 18.73 -17.36 -2.56
N TYR F 258 19.83 -18.09 -2.48
CA TYR F 258 20.55 -18.31 -1.23
C TYR F 258 21.49 -17.15 -0.87
N ARG F 259 21.77 -16.28 -1.84
CA ARG F 259 22.53 -15.08 -1.58
C ARG F 259 21.61 -13.92 -1.20
N LEU F 260 20.42 -13.90 -1.79
CA LEU F 260 19.46 -12.83 -1.57
C LEU F 260 18.84 -12.91 -0.18
N THR F 261 18.18 -14.03 0.10
CA THR F 261 17.61 -14.28 1.42
C THR F 261 18.67 -14.85 2.36
N SER F 262 18.76 -16.18 2.40
CA SER F 262 19.74 -16.84 3.24
C SER F 262 19.65 -18.36 3.07
N PRO F 263 20.78 -19.06 3.25
CA PRO F 263 20.80 -20.52 3.16
C PRO F 263 19.73 -21.16 4.04
N GLY F 264 18.84 -21.93 3.42
CA GLY F 264 17.73 -22.54 4.14
C GLY F 264 16.38 -21.93 3.80
N ILE F 265 16.39 -20.65 3.42
CA ILE F 265 15.18 -19.97 2.97
C ILE F 265 14.92 -20.27 1.49
N GLY F 266 15.97 -20.13 0.67
CA GLY F 266 15.82 -20.23 -0.77
C GLY F 266 14.87 -19.20 -1.32
N ALA F 267 13.87 -19.67 -2.06
CA ALA F 267 12.94 -18.79 -2.76
C ALA F 267 11.53 -18.87 -2.18
N GLU F 268 11.40 -19.48 -1.01
CA GLU F 268 10.10 -19.78 -0.44
C GLU F 268 9.55 -18.63 0.40
N ALA F 269 10.44 -17.79 0.90
CA ALA F 269 10.05 -16.74 1.85
C ALA F 269 10.09 -15.36 1.21
N GLY F 270 9.42 -14.41 1.86
CA GLY F 270 9.25 -13.07 1.32
C GLY F 270 7.79 -12.70 1.17
N ALA F 271 7.37 -11.67 1.90
CA ALA F 271 6.04 -11.12 1.74
C ALA F 271 6.00 -10.16 0.55
N SER F 272 5.11 -10.43 -0.40
CA SER F 272 4.95 -9.53 -1.52
C SER F 272 4.57 -8.18 -0.91
N LEU F 273 3.60 -8.21 0.01
CA LEU F 273 2.78 -7.05 0.35
C LEU F 273 2.16 -6.57 -0.96
N TYR F 274 2.04 -5.26 -1.12
CA TYR F 274 1.01 -4.62 -1.91
C TYR F 274 1.35 -4.50 -3.39
N SER F 275 2.42 -5.17 -3.82
CA SER F 275 3.13 -4.79 -5.05
C SER F 275 2.99 -5.78 -6.21
N LEU F 276 2.06 -6.71 -6.11
CA LEU F 276 1.93 -7.75 -7.12
C LEU F 276 1.36 -7.23 -8.43
N GLN F 277 0.18 -6.62 -8.37
CA GLN F 277 -0.55 -6.27 -9.59
C GLN F 277 0.31 -5.42 -10.53
N GLU F 278 1.08 -4.49 -9.96
CA GLU F 278 1.88 -3.57 -10.76
C GLU F 278 2.95 -4.32 -11.54
N MSE F 279 3.51 -5.36 -10.94
CA MSE F 279 4.58 -6.13 -11.56
C MSE F 279 4.07 -6.97 -12.73
O MSE F 279 4.74 -7.08 -13.75
CB MSE F 279 5.27 -7.03 -10.52
CG MSE F 279 6.06 -6.24 -9.47
SE MSE F 279 7.23 -7.36 -8.39
CE MSE F 279 6.23 -7.35 -6.70
N TYR F 280 2.87 -7.53 -12.59
CA TYR F 280 2.23 -8.25 -13.68
C TYR F 280 1.84 -7.31 -14.81
N GLN F 281 1.09 -6.27 -14.45
CA GLN F 281 0.58 -5.31 -15.43
C GLN F 281 1.70 -4.56 -16.12
N GLY F 282 2.72 -4.18 -15.35
CA GLY F 282 3.93 -3.60 -15.92
C GLY F 282 4.49 -4.49 -17.01
N PHE F 283 4.66 -5.76 -16.68
CA PHE F 283 5.18 -6.74 -17.64
C PHE F 283 4.33 -6.81 -18.89
N PHE F 284 3.02 -6.62 -18.74
CA PHE F 284 2.10 -6.74 -19.86
C PHE F 284 2.11 -5.50 -20.75
N LEU F 285 2.17 -4.33 -20.12
CA LEU F 285 2.36 -3.09 -20.86
C LEU F 285 3.80 -2.93 -21.34
N ALA F 286 4.71 -3.65 -20.69
CA ALA F 286 6.14 -3.36 -20.80
C ALA F 286 6.63 -3.28 -22.24
N PRO F 287 6.21 -4.22 -23.10
CA PRO F 287 6.65 -4.20 -24.49
C PRO F 287 6.27 -2.89 -25.16
N HIS F 288 4.98 -2.54 -25.06
CA HIS F 288 4.46 -1.32 -25.68
C HIS F 288 5.09 -0.06 -25.11
N VAL F 289 5.35 -0.06 -23.81
CA VAL F 289 5.91 1.11 -23.14
C VAL F 289 7.38 1.30 -23.52
N ALA F 290 8.17 0.23 -23.40
CA ALA F 290 9.55 0.24 -23.87
C ALA F 290 9.61 0.59 -25.35
N GLY F 291 8.48 0.47 -26.04
CA GLY F 291 8.40 0.80 -27.45
C GLY F 291 8.28 2.29 -27.71
N GLN F 292 7.73 3.01 -26.73
CA GLN F 292 7.49 4.45 -26.88
C GLN F 292 8.79 5.21 -26.71
N ALA F 293 9.68 4.67 -25.89
CA ALA F 293 10.99 5.27 -25.68
C ALA F 293 11.95 4.92 -26.82
N LEU F 294 11.66 3.84 -27.54
CA LEU F 294 12.43 3.48 -28.72
C LEU F 294 12.02 4.29 -29.94
N LYS F 295 10.71 4.37 -30.19
CA LYS F 295 10.18 5.24 -31.23
C LYS F 295 10.38 6.71 -30.87
N GLY F 296 10.60 6.97 -29.59
CA GLY F 296 10.95 8.31 -29.12
C GLY F 296 12.42 8.64 -29.37
N ALA F 297 13.30 7.68 -29.11
CA ALA F 297 14.73 7.88 -29.27
C ALA F 297 15.07 8.16 -30.73
N ILE F 298 14.75 7.21 -31.60
CA ILE F 298 15.02 7.34 -33.03
C ILE F 298 14.66 8.74 -33.53
N PHE F 299 13.52 9.26 -33.07
CA PHE F 299 13.11 10.62 -33.37
C PHE F 299 14.15 11.61 -32.86
N THR F 300 14.53 11.47 -31.59
CA THR F 300 15.58 12.30 -31.02
C THR F 300 16.82 12.30 -31.91
N ALA F 301 17.06 11.19 -32.59
CA ALA F 301 18.27 11.02 -33.40
C ALA F 301 18.10 11.64 -34.79
N ALA F 302 16.88 11.61 -35.30
CA ALA F 302 16.60 12.03 -36.67
C ALA F 302 16.04 13.45 -36.72
N PHE F 303 15.65 13.98 -35.57
CA PHE F 303 15.28 15.38 -35.45
C PHE F 303 16.48 16.24 -35.05
N LEU F 304 17.43 15.61 -34.35
CA LEU F 304 18.64 16.30 -33.91
C LEU F 304 19.71 16.27 -35.01
N GLU F 305 19.79 15.16 -35.75
CA GLU F 305 20.60 15.09 -36.95
C GLU F 305 20.26 16.22 -37.91
N LYS F 306 18.99 16.30 -38.29
CA LYS F 306 18.49 17.33 -39.20
C LYS F 306 18.85 18.72 -38.71
N LEU F 307 19.14 18.84 -37.42
CA LEU F 307 19.54 20.11 -36.84
C LEU F 307 21.05 20.21 -36.70
N GLY F 308 21.75 19.33 -37.40
CA GLY F 308 23.20 19.46 -37.57
C GLY F 308 23.96 19.10 -36.31
N MSE F 309 23.49 18.08 -35.60
CA MSE F 309 24.16 17.61 -34.40
C MSE F 309 24.35 16.11 -34.45
O MSE F 309 23.41 15.37 -34.70
CB MSE F 309 23.37 18.01 -33.16
CG MSE F 309 23.76 19.36 -32.59
SE MSE F 309 22.33 20.17 -31.56
CE MSE F 309 21.03 20.44 -32.99
N ASN F 310 25.60 15.67 -34.27
CA ASN F 310 25.90 14.25 -34.22
C ASN F 310 25.05 13.54 -33.18
N THR F 311 24.50 12.39 -33.57
CA THR F 311 23.71 11.56 -32.65
C THR F 311 24.05 10.09 -32.82
N SER F 312 23.72 9.30 -31.81
CA SER F 312 24.26 7.95 -31.67
C SER F 312 23.46 7.17 -30.64
N PRO F 313 22.82 6.07 -31.06
CA PRO F 313 22.92 5.50 -32.41
C PRO F 313 22.24 6.38 -33.45
N ALA F 314 22.61 6.21 -34.71
CA ALA F 314 21.86 6.78 -35.82
C ALA F 314 20.41 6.31 -35.75
N TRP F 315 19.50 7.07 -36.35
CA TRP F 315 18.09 6.71 -36.30
C TRP F 315 17.86 5.39 -37.02
N ASN F 316 18.63 5.17 -38.09
CA ASN F 316 18.51 3.96 -38.88
C ASN F 316 19.40 2.84 -38.37
N ALA F 317 20.17 3.14 -37.33
CA ALA F 317 20.99 2.12 -36.68
C ALA F 317 20.10 1.09 -35.99
N PRO F 318 20.45 -0.19 -36.11
CA PRO F 318 19.68 -1.24 -35.44
C PRO F 318 19.80 -1.10 -33.93
N ARG F 319 18.67 -1.19 -33.24
CA ARG F 319 18.61 -0.92 -31.81
C ARG F 319 18.67 -2.21 -31.00
N THR F 320 19.19 -2.12 -29.79
CA THR F 320 19.25 -3.26 -28.89
C THR F 320 18.87 -2.84 -27.47
N ASP F 321 18.98 -1.53 -27.21
CA ASP F 321 18.53 -0.96 -25.96
C ASP F 321 18.09 0.48 -26.13
N LEU F 322 17.97 1.20 -25.01
CA LEU F 322 17.21 2.45 -24.99
C LEU F 322 18.11 3.67 -24.98
N ILE F 323 19.43 3.45 -24.96
CA ILE F 323 20.39 4.55 -24.88
C ILE F 323 20.36 5.40 -26.13
N GLN F 324 20.32 6.72 -25.93
CA GLN F 324 20.45 7.66 -27.03
C GLN F 324 21.22 8.89 -26.57
N SER F 325 22.25 9.27 -27.33
CA SER F 325 23.06 10.42 -26.99
C SER F 325 23.10 11.39 -28.17
N VAL F 326 23.24 12.68 -27.87
CA VAL F 326 23.36 13.69 -28.91
C VAL F 326 24.50 14.66 -28.63
N GLN F 327 25.22 15.03 -29.69
CA GLN F 327 26.36 15.93 -29.57
C GLN F 327 25.90 17.38 -29.66
N PHE F 328 26.15 18.15 -28.60
CA PHE F 328 25.76 19.54 -28.59
C PHE F 328 26.92 20.37 -29.17
N ASP F 329 28.13 20.12 -28.67
CA ASP F 329 29.32 20.83 -29.15
C ASP F 329 29.50 22.17 -28.46
N ASP F 330 28.53 22.58 -27.64
CA ASP F 330 28.67 23.75 -26.79
C ASP F 330 28.10 23.52 -25.40
N LYS F 331 28.83 23.99 -24.40
CA LYS F 331 28.48 23.78 -22.99
C LYS F 331 27.09 24.33 -22.68
N ASP F 332 26.92 25.63 -22.84
CA ASP F 332 25.64 26.28 -22.56
C ASP F 332 24.51 25.63 -23.33
N ARG F 333 24.78 25.29 -24.59
CA ARG F 333 23.82 24.56 -25.42
C ARG F 333 23.37 23.28 -24.73
N MSE F 334 24.33 22.42 -24.41
CA MSE F 334 24.03 21.16 -23.74
C MSE F 334 23.22 21.38 -22.46
O MSE F 334 22.15 20.79 -22.28
CB MSE F 334 25.31 20.39 -23.41
CG MSE F 334 25.08 18.95 -23.00
SE MSE F 334 26.34 18.35 -21.65
CE MSE F 334 25.47 16.69 -21.12
N ILE F 335 23.73 22.24 -21.57
CA ILE F 335 23.07 22.50 -20.30
C ILE F 335 21.65 23.00 -20.50
N ALA F 336 21.48 24.03 -21.32
CA ALA F 336 20.17 24.60 -21.59
C ALA F 336 19.18 23.52 -22.02
N PHE F 337 19.64 22.58 -22.83
CA PHE F 337 18.78 21.53 -23.37
C PHE F 337 18.23 20.65 -22.26
N CYS F 338 19.13 20.15 -21.42
CA CYS F 338 18.74 19.28 -20.32
C CYS F 338 17.80 20.00 -19.36
N GLN F 339 18.13 21.24 -19.05
CA GLN F 339 17.21 22.14 -18.37
C GLN F 339 15.84 22.10 -19.04
N ALA F 340 15.82 22.32 -20.35
CA ALA F 340 14.57 22.37 -21.12
C ALA F 340 13.79 21.07 -21.03
N ILE F 341 14.50 19.96 -20.83
CA ILE F 341 13.85 18.67 -20.63
C ILE F 341 13.17 18.59 -19.27
N GLN F 342 13.90 18.97 -18.22
CA GLN F 342 13.36 18.92 -16.86
C GLN F 342 12.06 19.69 -16.75
N TYR F 343 11.96 20.79 -17.49
CA TYR F 343 10.78 21.64 -17.44
C TYR F 343 9.66 21.09 -18.31
N ALA F 344 10.02 20.18 -19.23
CA ALA F 344 9.05 19.59 -20.14
C ALA F 344 8.61 18.22 -19.64
N SER F 345 8.79 18.00 -18.33
CA SER F 345 8.46 16.71 -17.72
C SER F 345 7.23 16.83 -16.82
N PRO F 346 6.54 15.70 -16.60
CA PRO F 346 5.26 15.69 -15.90
C PRO F 346 5.36 16.19 -14.46
N ILE F 347 6.46 15.86 -13.78
CA ILE F 347 6.60 16.21 -12.38
C ILE F 347 7.97 16.80 -12.03
N ASN F 348 7.97 17.81 -11.17
CA ASN F 348 9.20 18.54 -10.84
C ASN F 348 9.76 19.33 -12.02
N SER F 349 8.86 19.92 -12.80
CA SER F 349 9.25 20.78 -13.92
C SER F 349 9.86 22.09 -13.43
N HIS F 350 9.46 22.51 -12.23
CA HIS F 350 9.98 23.73 -11.63
C HIS F 350 11.37 23.51 -11.03
N PHE F 351 11.68 22.27 -10.71
CA PHE F 351 12.95 21.92 -10.09
C PHE F 351 14.08 21.91 -11.11
N THR F 352 14.45 23.10 -11.57
CA THR F 352 15.44 23.23 -12.65
C THR F 352 16.84 22.89 -12.18
N PRO F 353 17.59 22.12 -13.00
CA PRO F 353 18.90 21.61 -12.63
C PRO F 353 20.04 22.39 -13.26
N TYR F 354 21.21 22.36 -12.62
CA TYR F 354 22.40 23.06 -13.10
C TYR F 354 23.59 22.12 -13.08
N ALA F 355 24.76 22.67 -13.39
CA ALA F 355 26.02 21.97 -13.20
C ALA F 355 26.25 21.70 -11.72
N ASN F 356 26.21 20.43 -11.33
CA ASN F 356 26.60 20.03 -9.98
C ASN F 356 27.99 19.40 -9.98
N TYR F 357 28.61 19.30 -8.80
CA TYR F 357 29.66 18.33 -8.60
C TYR F 357 29.06 16.95 -8.36
N MSE F 358 29.71 15.92 -8.90
CA MSE F 358 29.22 14.55 -8.78
C MSE F 358 30.29 13.62 -8.20
O MSE F 358 31.39 13.55 -8.74
CB MSE F 358 28.76 14.04 -10.14
CG MSE F 358 28.49 12.55 -10.18
SE MSE F 358 26.72 12.12 -10.87
CE MSE F 358 27.23 11.19 -12.50
N PRO F 359 29.95 12.92 -7.11
CA PRO F 359 30.89 12.07 -6.38
C PRO F 359 31.52 11.00 -7.27
N GLY F 360 32.80 11.18 -7.58
CA GLY F 360 33.56 10.18 -8.33
C GLY F 360 33.60 10.46 -9.82
N TYR F 361 33.47 11.72 -10.21
CA TYR F 361 33.54 12.09 -11.60
C TYR F 361 34.29 13.41 -11.82
N GLU F 362 35.45 13.31 -12.47
CA GLU F 362 36.30 14.47 -12.71
C GLU F 362 35.48 15.67 -13.20
N ASP F 363 34.35 15.39 -13.83
CA ASP F 363 33.54 16.42 -14.46
C ASP F 363 32.17 16.54 -13.79
N ASP F 364 31.64 17.76 -13.78
CA ASP F 364 30.25 17.99 -13.38
C ASP F 364 29.31 17.17 -14.24
N VAL F 365 28.07 17.03 -13.79
CA VAL F 365 27.01 16.49 -14.63
C VAL F 365 25.74 17.32 -14.52
N ILE F 366 25.05 17.47 -15.64
CA ILE F 366 23.72 18.06 -15.64
C ILE F 366 22.67 16.95 -15.76
N MSE F 367 21.67 16.99 -14.90
CA MSE F 367 20.72 15.88 -14.78
C MSE F 367 19.28 16.36 -14.72
O MSE F 367 18.81 16.87 -13.70
CB MSE F 367 21.04 15.06 -13.53
CG MSE F 367 22.22 14.13 -13.68
SE MSE F 367 22.22 12.76 -12.31
CE MSE F 367 20.41 12.06 -12.59
N ALA F 368 18.55 16.15 -15.81
CA ALA F 368 17.11 16.35 -15.82
C ALA F 368 16.39 15.04 -15.52
N ALA F 369 15.47 15.08 -14.58
CA ALA F 369 14.78 13.88 -14.11
C ALA F 369 13.36 14.19 -13.66
N GLY F 370 12.47 14.39 -14.62
CA GLY F 370 11.05 14.58 -14.32
C GLY F 370 10.29 13.28 -14.33
N THR F 371 10.38 12.55 -13.22
CA THR F 371 9.97 11.14 -13.19
C THR F 371 9.01 10.86 -12.04
N PHE F 372 7.99 10.04 -12.31
CA PHE F 372 7.04 9.63 -11.29
C PHE F 372 7.68 8.70 -10.26
N ILE F 373 8.49 7.76 -10.74
CA ILE F 373 9.18 6.83 -9.85
C ILE F 373 10.65 7.21 -9.73
N GLN F 374 11.14 7.24 -8.49
CA GLN F 374 12.50 7.68 -8.21
C GLN F 374 13.50 6.89 -9.06
N GLY F 375 13.95 7.50 -10.14
CA GLY F 375 15.08 6.96 -10.90
C GLY F 375 14.66 5.86 -11.87
N ALA F 376 13.37 5.84 -12.22
CA ALA F 376 12.87 4.93 -13.24
C ALA F 376 13.33 5.37 -14.62
N SER F 377 14.44 4.80 -15.08
CA SER F 377 15.08 5.26 -16.31
C SER F 377 14.33 4.80 -17.54
N ILE F 378 13.07 4.42 -17.35
CA ILE F 378 12.16 4.17 -18.46
C ILE F 378 11.47 5.47 -18.89
N GLU F 379 11.51 6.47 -18.01
CA GLU F 379 10.91 7.76 -18.31
C GLU F 379 11.92 8.71 -18.91
N LEU F 380 11.44 9.69 -19.67
CA LEU F 380 12.33 10.66 -20.31
C LEU F 380 13.21 11.36 -19.29
N SER F 381 14.51 11.11 -19.38
CA SER F 381 15.49 11.85 -18.58
C SER F 381 16.63 12.31 -19.47
N ALA F 382 17.18 13.48 -19.17
CA ALA F 382 18.33 14.01 -19.88
C ALA F 382 19.48 14.23 -18.92
N ASP F 383 20.63 13.66 -19.25
CA ASP F 383 21.79 13.76 -18.37
C ASP F 383 23.09 13.40 -19.08
N GLY F 384 24.19 14.01 -18.64
CA GLY F 384 25.51 13.63 -19.12
C GLY F 384 26.60 14.52 -18.57
N PRO F 385 27.85 14.04 -18.62
CA PRO F 385 28.99 14.71 -18.00
C PRO F 385 29.40 15.98 -18.74
N ILE F 386 29.41 17.11 -18.04
CA ILE F 386 29.60 18.41 -18.66
C ILE F 386 31.03 18.61 -19.15
N ARG F 387 31.32 18.06 -20.33
CA ARG F 387 32.67 18.12 -20.88
C ARG F 387 32.62 17.98 -22.40
N PRO F 388 33.62 18.56 -23.09
CA PRO F 388 33.69 18.46 -24.55
C PRO F 388 33.67 17.02 -25.02
N PRO F 389 32.94 16.75 -26.12
CA PRO F 389 32.19 17.75 -26.86
C PRO F 389 30.74 17.85 -26.41
N TYR F 390 30.49 17.62 -25.12
CA TYR F 390 29.21 17.96 -24.50
C TYR F 390 28.07 17.07 -24.99
N VAL F 391 28.34 15.77 -25.04
CA VAL F 391 27.34 14.78 -25.36
C VAL F 391 26.40 14.59 -24.17
N ALA F 392 25.10 14.72 -24.42
CA ALA F 392 24.09 14.41 -23.41
C ALA F 392 23.34 13.13 -23.77
N TYR F 393 22.84 12.44 -22.77
CA TYR F 393 21.97 11.29 -23.00
C TYR F 393 20.50 11.65 -22.82
N VAL F 394 19.74 11.55 -23.91
CA VAL F 394 18.31 11.84 -23.88
C VAL F 394 17.52 10.57 -24.18
N GLN F 395 17.30 9.76 -23.15
CA GLN F 395 16.78 8.42 -23.32
C GLN F 395 15.60 8.16 -22.39
N GLY F 396 14.63 7.38 -22.86
CA GLY F 396 13.43 7.09 -22.08
C GLY F 396 12.22 7.86 -22.56
N GLY F 397 11.07 7.57 -21.97
CA GLY F 397 9.83 8.27 -22.31
C GLY F 397 8.63 7.34 -22.29
N LEU F 398 7.71 7.59 -21.36
CA LEU F 398 6.63 6.65 -21.10
C LEU F 398 5.67 6.54 -22.28
N THR F 399 5.60 7.60 -23.07
CA THR F 399 4.79 7.59 -24.28
C THR F 399 5.57 8.30 -25.39
N TYR F 400 5.31 7.93 -26.63
CA TYR F 400 5.96 8.56 -27.76
C TYR F 400 5.75 10.07 -27.68
N SER F 401 4.49 10.47 -27.53
CA SER F 401 4.14 11.87 -27.40
C SER F 401 5.06 12.61 -26.44
N HIS F 402 5.03 12.21 -25.18
CA HIS F 402 5.90 12.83 -24.18
C HIS F 402 7.27 13.13 -24.76
N VAL F 403 7.88 12.13 -25.38
CA VAL F 403 9.24 12.27 -25.88
C VAL F 403 9.30 13.29 -27.02
N LYS F 404 8.32 13.24 -27.91
CA LYS F 404 8.19 14.21 -28.98
C LYS F 404 8.02 15.62 -28.46
N ILE F 405 7.02 15.82 -27.59
CA ILE F 405 6.67 17.14 -27.10
C ILE F 405 7.82 17.79 -26.36
N ALA F 406 8.49 17.02 -25.53
CA ALA F 406 9.59 17.52 -24.71
C ALA F 406 10.74 18.01 -25.58
N ILE F 407 11.31 17.13 -26.39
CA ILE F 407 12.47 17.46 -27.19
C ILE F 407 12.16 18.58 -28.18
N CYS F 408 10.92 18.63 -28.65
CA CYS F 408 10.46 19.76 -29.45
C CYS F 408 10.58 21.06 -28.65
N SER F 409 10.17 21.01 -27.39
CA SER F 409 10.27 22.16 -26.50
C SER F 409 11.72 22.49 -26.20
N ALA F 410 12.55 21.45 -26.09
CA ALA F 410 13.98 21.64 -25.88
C ALA F 410 14.56 22.50 -27.00
N ILE F 411 14.34 22.07 -28.24
CA ILE F 411 14.82 22.80 -29.41
C ILE F 411 14.34 24.25 -29.38
N ASP F 412 13.18 24.46 -28.77
CA ASP F 412 12.57 25.78 -28.71
C ASP F 412 13.41 26.73 -27.86
N GLU F 413 13.70 26.32 -26.63
CA GLU F 413 14.47 27.14 -25.71
C GLU F 413 15.89 27.39 -26.21
N LEU F 414 16.33 26.54 -27.14
CA LEU F 414 17.61 26.74 -27.79
C LEU F 414 17.59 27.96 -28.71
N ILE F 415 16.55 28.09 -29.52
CA ILE F 415 16.48 29.18 -30.49
C ILE F 415 16.24 30.53 -29.83
N GLU F 416 15.19 30.63 -29.01
CA GLU F 416 15.05 31.76 -28.09
C GLU F 416 15.95 31.58 -26.87
N GLY G 8 65.27 39.11 44.66
CA GLY G 8 64.87 38.70 46.05
C GLY G 8 64.28 37.31 46.09
N GLU G 9 62.96 37.23 46.16
CA GLU G 9 62.27 35.96 46.35
C GLU G 9 62.73 34.89 45.36
N LYS G 10 62.49 33.63 45.70
CA LYS G 10 62.87 32.51 44.85
C LYS G 10 62.19 32.60 43.49
N ILE G 11 61.06 33.30 43.43
CA ILE G 11 60.24 33.36 42.23
C ILE G 11 60.92 34.15 41.12
N ALA G 12 61.71 35.15 41.49
CA ALA G 12 62.29 36.08 40.52
C ALA G 12 63.29 35.40 39.59
N PRO G 13 64.29 34.72 40.16
CA PRO G 13 65.34 34.10 39.35
C PRO G 13 64.76 33.20 38.26
N ILE G 14 63.57 32.65 38.52
CA ILE G 14 62.93 31.73 37.58
C ILE G 14 62.27 32.49 36.43
N VAL G 15 61.67 33.64 36.76
CA VAL G 15 61.07 34.48 35.73
C VAL G 15 62.12 35.30 34.99
N LYS G 16 63.28 35.46 35.62
CA LYS G 16 64.43 36.07 34.97
C LYS G 16 65.00 35.14 33.91
N GLU G 17 64.98 33.84 34.20
CA GLU G 17 65.54 32.84 33.29
C GLU G 17 64.66 32.67 32.06
N VAL G 18 63.35 32.81 32.24
CA VAL G 18 62.39 32.58 31.17
C VAL G 18 62.35 33.75 30.19
N GLU G 19 62.31 34.98 30.73
CA GLU G 19 62.48 36.18 29.91
C GLU G 19 63.57 35.99 28.88
N SER G 20 64.66 35.34 29.29
CA SER G 20 65.84 35.18 28.45
C SER G 20 65.66 34.04 27.46
N GLN G 21 65.13 32.92 27.95
CA GLN G 21 64.78 31.79 27.11
C GLN G 21 63.87 32.20 25.97
N ILE G 22 62.86 33.01 26.28
CA ILE G 22 61.77 33.27 25.34
C ILE G 22 62.04 34.48 24.47
N THR G 23 63.20 35.09 24.66
CA THR G 23 63.56 36.31 23.93
C THR G 23 63.47 36.12 22.42
N GLU G 24 64.03 35.01 21.94
CA GLU G 24 64.12 34.75 20.51
C GLU G 24 62.75 34.71 19.84
N VAL G 25 61.82 33.99 20.47
CA VAL G 25 60.47 33.84 19.92
C VAL G 25 59.68 35.14 20.05
N HIS G 26 59.92 35.88 21.13
CA HIS G 26 59.31 37.19 21.32
C HIS G 26 59.69 38.12 20.17
N LYS G 27 60.98 38.16 19.84
CA LYS G 27 61.48 39.03 18.78
C LYS G 27 60.72 38.81 17.47
N ARG G 28 60.46 37.55 17.15
CA ARG G 28 59.70 37.22 15.95
C ARG G 28 58.24 37.60 16.10
N ALA G 29 57.69 37.40 17.29
CA ALA G 29 56.37 37.92 17.63
C ALA G 29 56.30 39.43 17.39
N ASP G 30 57.41 40.10 17.66
CA ASP G 30 57.52 41.53 17.39
C ASP G 30 57.54 41.81 15.88
N GLU G 31 58.11 40.89 15.11
CA GLU G 31 58.25 41.07 13.67
C GLU G 31 56.89 41.00 12.97
N VAL G 32 56.00 40.17 13.48
CA VAL G 32 54.66 40.05 12.90
C VAL G 32 53.78 41.23 13.27
N ILE G 33 53.95 41.74 14.49
CA ILE G 33 53.26 42.95 14.94
C ILE G 33 53.50 44.09 13.96
N GLU G 34 54.77 44.48 13.84
CA GLU G 34 55.15 45.61 12.99
C GLU G 34 54.69 45.39 11.55
N SER G 35 54.73 44.15 11.12
CA SER G 35 54.37 43.80 9.74
C SER G 35 52.87 43.93 9.52
N ASN G 36 52.10 43.44 10.48
CA ASN G 36 50.67 43.72 10.50
C ASN G 36 50.41 45.21 10.64
N GLN G 37 50.73 45.75 11.81
CA GLN G 37 50.66 47.19 12.06
C GLN G 37 50.85 48.00 10.78
N PHE G 38 51.86 47.63 10.00
CA PHE G 38 52.18 48.32 8.76
C PHE G 38 51.02 48.28 7.77
N ARG G 39 50.57 47.08 7.46
CA ARG G 39 49.53 46.89 6.44
C ARG G 39 48.25 47.65 6.82
N VAL G 40 47.98 47.72 8.11
CA VAL G 40 46.98 48.64 8.63
C VAL G 40 47.25 50.05 8.11
N LEU G 41 48.40 50.62 8.50
CA LEU G 41 48.74 51.98 8.10
C LEU G 41 48.79 52.14 6.58
N GLU G 42 49.28 51.13 5.90
CA GLU G 42 49.30 51.16 4.44
C GLU G 42 47.88 51.28 3.90
N SER G 43 47.00 50.38 4.34
CA SER G 43 45.59 50.43 3.99
C SER G 43 44.98 51.76 4.42
N PHE G 44 45.36 52.22 5.60
CA PHE G 44 44.79 53.45 6.17
C PHE G 44 45.09 54.65 5.28
N GLY G 45 46.34 54.75 4.83
CA GLY G 45 46.71 55.73 3.83
C GLY G 45 45.87 55.61 2.58
N LYS G 46 45.67 54.37 2.14
CA LYS G 46 44.99 54.10 0.88
C LYS G 46 43.60 54.70 0.88
N HIS G 47 42.93 54.62 2.03
CA HIS G 47 41.53 55.01 2.11
C HIS G 47 41.36 56.44 2.58
N LYS G 48 42.48 57.13 2.82
CA LYS G 48 42.46 58.56 3.10
C LYS G 48 41.44 58.91 4.19
N ILE G 49 41.34 58.05 5.21
CA ILE G 49 40.42 58.29 6.32
C ILE G 49 40.71 59.64 6.97
N SER G 50 39.76 60.10 7.78
CA SER G 50 39.89 61.38 8.47
C SER G 50 39.19 61.32 9.82
N ASP G 51 39.49 62.27 10.69
CA ASP G 51 38.73 62.46 11.92
C ASP G 51 37.24 62.65 11.64
N SER G 52 36.90 62.93 10.39
CA SER G 52 35.51 62.95 9.94
C SER G 52 35.07 61.59 9.42
N HIS G 53 35.97 60.61 9.53
CA HIS G 53 35.58 59.20 9.45
C HIS G 53 35.09 58.71 10.82
N PHE G 54 34.82 59.65 11.72
CA PHE G 54 34.28 59.32 13.04
C PHE G 54 32.89 59.93 13.23
N ILE G 55 32.42 60.65 12.21
CA ILE G 55 31.18 61.40 12.31
C ILE G 55 30.01 60.51 12.69
N PRO G 56 29.30 60.85 13.78
CA PRO G 56 28.13 60.10 14.17
C PRO G 56 26.99 60.24 13.16
N THR G 57 26.48 59.11 12.69
CA THR G 57 25.32 59.08 11.82
C THR G 57 24.11 58.48 12.54
N THR G 58 22.91 58.92 12.16
CA THR G 58 21.70 58.56 12.88
C THR G 58 20.53 58.28 11.93
N GLY G 59 19.41 57.85 12.51
CA GLY G 59 18.24 57.47 11.73
C GLY G 59 18.49 56.23 10.89
N TYR G 60 18.21 56.32 9.59
CA TYR G 60 18.39 55.19 8.69
C TYR G 60 19.87 54.91 8.45
N GLY G 61 20.70 55.90 8.71
CA GLY G 61 22.15 55.76 8.60
C GLY G 61 22.61 55.48 7.18
N TYR G 62 22.09 56.25 6.23
CA TYR G 62 22.58 56.22 4.86
C TYR G 62 23.81 57.11 4.69
N ASP G 63 24.54 56.91 3.60
CA ASP G 63 25.66 57.77 3.23
C ASP G 63 26.74 57.85 4.32
N ASP G 64 26.97 56.73 5.01
CA ASP G 64 28.03 56.70 6.02
C ASP G 64 29.38 56.34 5.41
N ILE G 65 30.23 57.34 5.23
CA ILE G 65 31.57 57.12 4.67
C ILE G 65 32.50 56.47 5.68
N GLY G 66 32.38 56.89 6.94
CA GLY G 66 32.98 56.16 8.04
C GLY G 66 32.70 54.68 7.94
N ARG G 67 31.46 54.28 8.19
CA ARG G 67 31.09 52.88 8.25
C ARG G 67 31.54 52.11 7.01
N ASP G 68 31.16 52.61 5.83
CA ASP G 68 31.49 51.96 4.57
C ASP G 68 32.99 51.71 4.41
N THR G 69 33.79 52.62 4.95
CA THR G 69 35.23 52.61 4.69
C THR G 69 35.98 51.74 5.70
N LEU G 70 35.36 51.53 6.86
CA LEU G 70 35.94 50.63 7.85
C LEU G 70 35.65 49.17 7.51
N GLU G 71 34.71 48.96 6.61
CA GLU G 71 34.57 47.67 5.93
C GLU G 71 35.69 47.48 4.91
N LYS G 72 35.93 48.50 4.10
CA LYS G 72 36.97 48.44 3.08
C LYS G 72 38.35 48.13 3.67
N VAL G 73 38.71 48.83 4.74
CA VAL G 73 40.04 48.68 5.34
C VAL G 73 40.22 47.29 5.95
N TYR G 74 39.24 46.88 6.75
CA TYR G 74 39.11 45.48 7.17
C TYR G 74 39.27 44.54 5.98
N ALA G 75 38.49 44.81 4.93
CA ALA G 75 38.51 43.98 3.74
C ALA G 75 39.92 43.81 3.19
N ASP G 76 40.69 44.90 3.19
CA ASP G 76 42.00 44.93 2.55
C ASP G 76 43.05 44.20 3.39
N VAL G 77 43.27 44.72 4.59
CA VAL G 77 44.23 44.12 5.52
C VAL G 77 43.99 42.62 5.66
N PHE G 78 42.78 42.19 5.33
CA PHE G 78 42.36 40.82 5.60
C PHE G 78 42.35 39.94 4.36
N GLY G 79 42.61 40.54 3.21
CA GLY G 79 42.72 39.79 1.95
C GLY G 79 41.36 39.47 1.34
N ALA G 80 40.46 40.45 1.35
CA ALA G 80 39.08 40.22 0.95
C ALA G 80 38.57 41.36 0.10
N GLU G 81 37.72 41.04 -0.88
CA GLU G 81 37.14 42.05 -1.75
C GLU G 81 36.19 42.97 -0.99
N ALA G 82 35.23 42.37 -0.29
CA ALA G 82 34.22 43.13 0.44
C ALA G 82 34.33 42.92 1.95
N GLY G 83 33.85 43.89 2.71
CA GLY G 83 33.80 43.77 4.17
C GLY G 83 32.43 44.11 4.73
N LEU G 84 32.07 43.44 5.82
CA LEU G 84 30.89 43.80 6.59
C LEU G 84 31.23 43.79 8.08
N VAL G 85 31.28 44.97 8.68
CA VAL G 85 31.66 45.10 10.09
C VAL G 85 30.95 46.29 10.74
N ARG G 86 30.16 45.99 11.77
CA ARG G 86 29.30 47.00 12.40
C ARG G 86 28.71 46.53 13.72
N PRO G 87 28.15 47.47 14.51
CA PRO G 87 27.49 47.21 15.79
C PRO G 87 26.26 46.32 15.67
N GLN G 88 25.60 46.36 14.52
CA GLN G 88 24.39 45.57 14.30
C GLN G 88 24.69 44.08 14.42
N ILE G 89 25.96 43.76 14.59
CA ILE G 89 26.42 42.37 14.63
C ILE G 89 26.91 42.01 16.03
N ILE G 90 25.98 41.63 16.91
CA ILE G 90 26.18 41.80 18.35
C ILE G 90 27.34 40.98 18.90
N SER G 91 27.62 39.84 18.29
CA SER G 91 28.64 38.94 18.81
C SER G 91 29.31 38.15 17.69
N GLY G 92 30.44 37.53 18.01
CA GLY G 92 31.09 36.60 17.10
C GLY G 92 30.14 35.54 16.59
N THR G 93 29.36 34.97 17.51
CA THR G 93 28.40 33.94 17.14
C THR G 93 27.36 34.45 16.15
N HIS G 94 26.79 35.62 16.44
CA HIS G 94 25.87 36.26 15.51
C HIS G 94 26.51 36.52 14.14
N ALA G 95 27.79 36.86 14.16
CA ALA G 95 28.54 37.12 12.92
C ALA G 95 28.71 35.84 12.11
N ILE G 96 29.00 34.74 12.78
CA ILE G 96 29.10 33.43 12.13
C ILE G 96 27.72 32.94 11.68
N SER G 97 26.74 33.05 12.57
CA SER G 97 25.37 32.70 12.23
C SER G 97 24.94 33.41 10.95
N THR G 98 24.99 34.74 10.97
CA THR G 98 24.65 35.55 9.80
C THR G 98 25.32 35.03 8.54
N ALA G 99 26.54 34.53 8.67
CA ALA G 99 27.30 34.05 7.54
C ALA G 99 26.71 32.75 7.00
N LEU G 100 26.67 31.72 7.84
CA LEU G 100 26.05 30.45 7.48
C LEU G 100 24.71 30.67 6.82
N PHE G 101 23.80 31.32 7.54
CA PHE G 101 22.45 31.55 7.05
C PHE G 101 22.47 32.50 5.85
N GLY G 102 23.47 33.37 5.82
CA GLY G 102 23.62 34.32 4.72
C GLY G 102 23.73 33.62 3.40
N ILE G 103 24.23 32.37 3.43
CA ILE G 103 24.74 31.73 2.24
C ILE G 103 24.03 30.42 1.91
N LEU G 104 23.71 29.65 2.95
CA LEU G 104 22.96 28.40 2.78
C LEU G 104 21.50 28.67 2.45
N ARG G 105 20.95 27.91 1.51
CA ARG G 105 19.53 27.98 1.20
C ARG G 105 18.92 26.59 1.29
N PRO G 106 17.59 26.53 1.49
CA PRO G 106 16.90 25.25 1.57
C PRO G 106 17.40 24.28 0.50
N GLY G 107 17.64 23.03 0.90
CA GLY G 107 18.32 22.07 0.04
C GLY G 107 19.77 21.87 0.45
N ASP G 108 20.45 22.97 0.74
CA ASP G 108 21.91 22.96 0.85
C ASP G 108 22.39 22.09 2.00
N GLU G 109 23.68 21.73 1.96
CA GLU G 109 24.37 21.20 3.12
C GLU G 109 25.50 22.14 3.56
N LEU G 110 25.65 22.29 4.87
CA LEU G 110 26.89 22.80 5.45
C LEU G 110 27.73 21.63 5.94
N LEU G 111 29.03 21.69 5.65
CA LEU G 111 29.93 20.61 6.02
C LEU G 111 31.20 21.16 6.67
N TYR G 112 31.31 20.98 7.99
CA TYR G 112 32.53 21.31 8.71
C TYR G 112 33.59 20.22 8.50
N ILE G 113 34.85 20.63 8.46
CA ILE G 113 35.95 19.70 8.20
C ILE G 113 37.05 19.81 9.26
N THR G 114 36.71 20.42 10.40
CA THR G 114 37.67 20.60 11.48
C THR G 114 37.13 20.01 12.77
N GLY G 115 36.65 18.78 12.70
CA GLY G 115 35.97 18.17 13.84
C GLY G 115 34.74 18.95 14.27
N LYS G 116 33.90 18.31 15.08
CA LYS G 116 32.78 18.99 15.71
C LYS G 116 33.20 20.36 16.26
N PRO G 117 32.53 21.43 15.80
CA PRO G 117 32.87 22.79 16.22
C PRO G 117 32.44 23.05 17.67
N TYR G 118 32.54 24.31 18.10
CA TYR G 118 32.20 24.66 19.48
C TYR G 118 30.69 24.73 19.67
N ASP G 119 30.24 24.40 20.87
CA ASP G 119 28.82 24.13 21.10
C ASP G 119 27.92 25.14 20.40
N THR G 120 28.17 26.42 20.62
CA THR G 120 27.30 27.48 20.12
C THR G 120 26.75 27.18 18.72
N LEU G 121 27.62 26.81 17.80
CA LEU G 121 27.19 26.42 16.45
C LEU G 121 26.16 25.30 16.50
N GLU G 122 26.48 24.24 17.24
CA GLU G 122 25.55 23.13 17.48
C GLU G 122 24.10 23.58 17.47
N GLU G 123 23.82 24.68 18.17
CA GLU G 123 22.44 25.08 18.44
C GLU G 123 21.81 25.80 17.26
N ILE G 124 22.65 26.30 16.36
CA ILE G 124 22.18 26.99 15.15
C ILE G 124 21.76 25.99 14.06
N VAL G 125 22.45 24.85 14.00
CA VAL G 125 22.16 23.84 12.99
C VAL G 125 20.94 22.99 13.34
N GLY G 126 20.68 22.84 14.64
CA GLY G 126 19.39 22.36 15.10
C GLY G 126 19.43 21.01 15.79
N VAL G 127 20.60 20.63 16.29
CA VAL G 127 20.72 19.37 17.02
C VAL G 127 20.42 19.52 18.51
N ARG G 128 19.84 20.67 18.89
CA ARG G 128 19.82 21.10 20.29
C ARG G 128 18.43 21.26 20.92
N GLY G 129 17.91 22.49 20.88
CA GLY G 129 16.51 22.73 21.23
C GLY G 129 15.58 22.28 20.12
N LYS G 130 14.28 22.41 20.36
CA LYS G 130 13.29 21.87 19.42
C LYS G 130 12.59 22.99 18.64
N GLY G 131 13.19 23.40 17.53
CA GLY G 131 12.58 24.38 16.63
C GLY G 131 12.94 25.81 17.01
N VAL G 132 14.15 26.23 16.64
CA VAL G 132 14.70 27.49 17.11
C VAL G 132 15.33 28.30 15.98
N GLY G 133 14.68 28.34 14.83
CA GLY G 133 15.23 29.01 13.66
C GLY G 133 16.59 28.46 13.26
N SER G 134 16.73 27.15 13.36
CA SER G 134 17.99 26.49 13.02
C SER G 134 17.94 25.94 11.61
N PHE G 135 18.95 25.14 11.26
CA PHE G 135 19.07 24.62 9.90
C PHE G 135 17.90 23.72 9.53
N LYS G 136 17.42 22.96 10.50
CA LYS G 136 16.30 22.05 10.28
C LYS G 136 15.09 22.78 9.71
N GLU G 137 14.79 23.95 10.26
CA GLU G 137 13.56 24.66 9.94
C GLU G 137 13.61 25.30 8.55
N TYR G 138 14.56 24.85 7.74
CA TYR G 138 14.70 25.37 6.38
C TYR G 138 15.12 24.27 5.41
N ASN G 139 15.24 23.04 5.91
CA ASN G 139 15.65 21.90 5.10
C ASN G 139 17.14 21.95 4.74
N ILE G 140 17.95 22.53 5.62
CA ILE G 140 19.39 22.64 5.39
C ILE G 140 20.13 21.51 6.10
N GLY G 141 21.11 20.94 5.43
CA GLY G 141 21.90 19.85 6.00
C GLY G 141 23.10 20.34 6.79
N TYR G 142 23.64 19.45 7.62
CA TYR G 142 24.87 19.75 8.37
C TYR G 142 25.66 18.50 8.71
N ASN G 143 26.98 18.59 8.61
CA ASN G 143 27.86 17.46 8.88
C ASN G 143 29.30 17.91 9.15
N ALA G 144 29.93 17.30 10.15
CA ALA G 144 31.33 17.58 10.44
C ALA G 144 32.18 16.33 10.26
N VAL G 145 33.14 16.40 9.35
CA VAL G 145 34.14 15.34 9.20
C VAL G 145 35.17 15.44 10.31
N PRO G 146 35.24 14.39 11.16
CA PRO G 146 36.18 14.34 12.27
C PRO G 146 37.64 14.47 11.83
N LEU G 147 38.55 14.52 12.79
CA LEU G 147 39.98 14.65 12.50
C LEU G 147 40.74 13.36 12.79
N THR G 148 41.98 13.29 12.31
CA THR G 148 42.89 12.21 12.67
C THR G 148 42.95 12.03 14.18
N GLU G 149 43.43 10.89 14.62
CA GLU G 149 43.70 10.67 16.04
C GLU G 149 44.94 11.44 16.49
N GLY G 150 45.53 12.19 15.57
CA GLY G 150 46.68 13.03 15.88
C GLY G 150 46.46 14.48 15.51
N GLY G 151 45.21 14.93 15.58
CA GLY G 151 44.90 16.36 15.54
C GLY G 151 44.74 16.92 14.13
N LEU G 152 45.35 16.25 13.15
CA LEU G 152 45.30 16.70 11.77
C LEU G 152 43.93 16.45 11.15
N VAL G 153 43.76 16.86 9.89
CA VAL G 153 42.47 16.78 9.24
C VAL G 153 42.40 15.60 8.25
N ASP G 154 41.47 14.70 8.50
CA ASP G 154 41.39 13.43 7.78
C ASP G 154 40.93 13.64 6.34
N PHE G 155 41.89 13.77 5.42
CA PHE G 155 41.59 14.24 4.07
C PHE G 155 40.80 13.24 3.24
N GLU G 156 41.05 11.95 3.47
CA GLU G 156 40.22 10.89 2.87
C GLU G 156 38.75 11.07 3.24
N ALA G 157 38.48 11.15 4.53
CA ALA G 157 37.11 11.22 5.02
C ALA G 157 36.40 12.49 4.57
N VAL G 158 37.17 13.48 4.13
CA VAL G 158 36.62 14.74 3.66
C VAL G 158 36.07 14.60 2.24
N ALA G 159 36.92 14.13 1.33
CA ALA G 159 36.54 13.99 -0.07
C ALA G 159 35.36 13.04 -0.24
N ALA G 160 35.16 12.17 0.74
CA ALA G 160 34.06 11.20 0.71
C ALA G 160 32.84 11.75 1.44
N ALA G 161 33.01 12.88 2.11
CA ALA G 161 31.91 13.51 2.83
C ALA G 161 31.28 14.62 2.00
N ILE G 162 31.98 15.02 0.94
CA ILE G 162 31.49 16.06 0.04
C ILE G 162 30.62 15.47 -1.07
N HIS G 163 29.49 16.11 -1.34
CA HIS G 163 28.67 15.75 -2.49
C HIS G 163 27.88 16.93 -3.04
N SER G 164 26.97 16.64 -3.95
CA SER G 164 26.40 17.66 -4.83
C SER G 164 25.75 18.79 -4.03
N ASN G 165 25.06 18.43 -2.95
CA ASN G 165 24.34 19.40 -2.15
C ASN G 165 25.27 20.30 -1.33
N THR G 166 26.50 19.85 -1.13
CA THR G 166 27.44 20.59 -0.30
C THR G 166 27.74 21.96 -0.88
N LYS G 167 27.19 23.00 -0.24
CA LYS G 167 27.36 24.37 -0.71
C LYS G 167 28.53 25.04 -0.01
N MSE G 168 28.84 24.58 1.21
CA MSE G 168 29.68 25.34 2.13
C MSE G 168 30.57 24.44 2.96
O MSE G 168 30.11 23.47 3.57
CB MSE G 168 28.80 26.19 3.04
CG MSE G 168 29.51 27.36 3.68
SE MSE G 168 28.27 28.50 4.65
CE MSE G 168 29.04 30.24 4.21
N ILE G 169 31.86 24.78 3.02
CA ILE G 169 32.82 24.05 3.84
C ILE G 169 33.19 24.85 5.08
N GLY G 170 33.19 24.19 6.24
CA GLY G 170 33.36 24.88 7.51
C GLY G 170 34.70 24.60 8.16
N ILE G 171 35.51 25.64 8.31
CA ILE G 171 36.83 25.52 8.94
C ILE G 171 36.94 26.40 10.18
N GLN G 172 37.33 25.80 11.30
CA GLN G 172 37.56 26.55 12.53
C GLN G 172 39.05 26.68 12.84
N ARG G 173 39.53 27.92 12.85
CA ARG G 173 40.94 28.18 13.15
C ARG G 173 41.26 27.81 14.59
N SER G 174 40.55 28.44 15.53
CA SER G 174 40.89 28.32 16.94
C SER G 174 40.46 26.96 17.49
N LYS G 175 41.38 26.30 18.20
CA LYS G 175 41.10 25.01 18.80
C LYS G 175 39.89 25.09 19.72
N GLY G 176 39.74 26.24 20.38
CA GLY G 176 38.76 26.39 21.44
C GLY G 176 38.98 25.40 22.56
N TYR G 177 37.92 24.71 22.96
CA TYR G 177 38.01 23.73 24.02
C TYR G 177 38.25 22.33 23.43
N ALA G 178 38.32 22.26 22.10
CA ALA G 178 38.88 21.10 21.43
C ALA G 178 40.39 21.01 21.67
N THR G 179 40.93 19.81 21.51
CA THR G 179 42.28 19.52 21.99
C THR G 179 43.31 19.54 20.86
N ARG G 180 42.84 19.38 19.62
CA ARG G 180 43.68 19.59 18.45
C ARG G 180 44.24 21.01 18.42
N PRO G 181 45.55 21.14 18.10
CA PRO G 181 46.16 22.44 17.88
C PRO G 181 45.33 23.28 16.91
N SER G 182 45.20 24.57 17.19
CA SER G 182 44.55 25.48 16.25
C SER G 182 45.32 25.54 14.95
N PHE G 183 44.62 25.42 13.83
CA PHE G 183 45.26 25.23 12.54
C PHE G 183 45.84 26.53 11.99
N THR G 184 47.06 26.44 11.47
CA THR G 184 47.78 27.61 10.99
C THR G 184 47.32 28.00 9.59
N ILE G 185 47.60 29.23 9.21
CA ILE G 185 47.37 29.69 7.83
C ILE G 185 47.94 28.72 6.81
N SER G 186 49.06 28.08 7.16
CA SER G 186 49.71 27.13 6.28
C SER G 186 48.82 25.90 6.05
N GLN G 187 48.24 25.40 7.13
CA GLN G 187 47.33 24.26 7.05
C GLN G 187 46.00 24.67 6.41
N ILE G 188 45.50 25.83 6.79
CA ILE G 188 44.21 26.31 6.31
C ILE G 188 44.24 26.50 4.80
N LYS G 189 45.35 27.05 4.30
CA LYS G 189 45.57 27.17 2.86
C LYS G 189 45.42 25.81 2.19
N GLU G 190 46.12 24.81 2.73
CA GLU G 190 46.17 23.48 2.15
C GLU G 190 44.80 22.79 2.23
N MSE G 191 44.00 23.21 3.20
CA MSE G 191 42.61 22.76 3.30
C MSE G 191 41.77 23.22 2.11
O MSE G 191 41.01 22.44 1.54
CB MSE G 191 41.98 23.29 4.58
CG MSE G 191 41.95 22.30 5.72
SE MSE G 191 41.38 23.18 7.35
CE MSE G 191 43.11 23.35 8.22
N ILE G 192 41.83 24.52 1.82
CA ILE G 192 40.88 25.13 0.89
C ILE G 192 41.21 24.78 -0.56
N ALA G 193 42.50 24.67 -0.86
CA ALA G 193 42.92 24.17 -2.16
C ALA G 193 42.38 22.76 -2.39
N PHE G 194 42.39 21.95 -1.34
CA PHE G 194 41.97 20.56 -1.43
C PHE G 194 40.48 20.45 -1.77
N VAL G 195 39.64 21.13 -1.01
CA VAL G 195 38.19 21.08 -1.22
C VAL G 195 37.79 21.84 -2.48
N LYS G 196 38.60 22.82 -2.87
CA LYS G 196 38.38 23.56 -4.10
C LYS G 196 38.70 22.72 -5.34
N GLU G 197 39.52 21.68 -5.16
CA GLU G 197 39.82 20.75 -6.24
C GLU G 197 38.63 19.85 -6.53
N ILE G 198 38.17 19.16 -5.49
CA ILE G 198 37.02 18.28 -5.61
C ILE G 198 35.79 19.02 -6.14
N LYS G 199 35.45 20.12 -5.48
CA LYS G 199 34.20 20.82 -5.74
C LYS G 199 34.40 22.33 -5.74
N PRO G 200 35.11 22.86 -6.75
CA PRO G 200 35.51 24.26 -6.81
C PRO G 200 34.33 25.21 -6.67
N ASP G 201 33.13 24.65 -6.55
CA ASP G 201 31.90 25.43 -6.50
C ASP G 201 31.60 25.88 -5.08
N VAL G 202 32.08 25.11 -4.10
CA VAL G 202 31.76 25.36 -2.70
C VAL G 202 32.32 26.70 -2.24
N VAL G 203 31.70 27.26 -1.20
CA VAL G 203 32.23 28.44 -0.54
C VAL G 203 32.86 28.06 0.80
N VAL G 204 34.17 28.25 0.91
CA VAL G 204 34.89 27.93 2.13
C VAL G 204 34.82 29.08 3.13
N PHE G 205 34.22 28.81 4.28
CA PHE G 205 34.02 29.83 5.30
C PHE G 205 34.86 29.54 6.53
N VAL G 206 35.66 30.52 6.94
CA VAL G 206 36.56 30.34 8.09
C VAL G 206 36.08 31.08 9.33
N ASP G 207 35.95 30.34 10.43
CA ASP G 207 35.66 30.92 11.73
C ASP G 207 36.95 31.42 12.38
N ASN G 208 37.24 32.71 12.20
CA ASN G 208 38.59 33.23 12.37
C ASN G 208 38.86 33.82 13.76
N CYS G 209 37.92 33.61 14.68
CA CYS G 209 38.07 34.13 16.04
C CYS G 209 39.44 33.81 16.63
N TYR G 210 39.99 34.75 17.40
CA TYR G 210 41.20 34.50 18.17
C TYR G 210 42.47 34.41 17.31
N GLY G 211 42.29 34.43 15.99
CA GLY G 211 43.41 34.29 15.07
C GLY G 211 43.91 35.61 14.53
N GLU G 212 43.11 36.65 14.66
CA GLU G 212 43.33 37.89 13.94
C GLU G 212 44.66 38.54 14.31
N PHE G 213 45.57 38.60 13.33
CA PHE G 213 46.75 39.46 13.41
C PHE G 213 47.91 38.82 14.15
N ILE G 214 47.71 37.59 14.62
CA ILE G 214 48.78 36.87 15.29
C ILE G 214 49.70 36.16 14.29
N GLU G 215 49.22 35.98 13.06
CA GLU G 215 50.09 35.74 11.92
C GLU G 215 50.04 36.90 10.95
N GLU G 216 50.73 36.76 9.82
CA GLU G 216 50.92 37.87 8.89
C GLU G 216 49.92 37.85 7.74
N GLN G 217 49.17 36.75 7.64
CA GLN G 217 48.06 36.66 6.70
C GLN G 217 46.81 36.19 7.42
N GLU G 218 45.65 36.66 6.97
CA GLU G 218 44.38 36.11 7.40
C GLU G 218 43.85 35.14 6.35
N PRO G 219 42.97 34.22 6.76
CA PRO G 219 42.53 33.14 5.89
C PRO G 219 42.20 33.59 4.46
N CYS G 220 41.59 34.77 4.33
CA CYS G 220 41.20 35.28 3.03
C CYS G 220 42.40 35.47 2.09
N HIS G 221 43.59 35.58 2.67
CA HIS G 221 44.82 35.66 1.87
C HIS G 221 45.10 34.33 1.18
N VAL G 222 44.61 33.25 1.76
CA VAL G 222 44.91 31.91 1.27
C VAL G 222 43.68 31.25 0.65
N GLY G 223 42.72 32.07 0.23
CA GLY G 223 41.68 31.63 -0.70
C GLY G 223 40.31 31.43 -0.08
N ALA G 224 40.22 31.60 1.23
CA ALA G 224 38.92 31.55 1.92
C ALA G 224 37.94 32.54 1.29
N ASP G 225 36.73 32.05 1.02
CA ASP G 225 35.71 32.87 0.36
C ASP G 225 35.01 33.75 1.38
N LEU G 226 35.09 33.37 2.65
CA LEU G 226 34.34 34.04 3.70
C LEU G 226 34.91 33.73 5.07
N MSE G 227 35.05 34.77 5.90
CA MSE G 227 35.42 34.58 7.30
C MSE G 227 34.70 35.55 8.21
O MSE G 227 34.46 36.70 7.85
CB MSE G 227 36.94 34.68 7.49
CG MSE G 227 37.60 35.70 6.58
SE MSE G 227 39.48 35.99 7.05
CE MSE G 227 39.25 37.40 8.38
N ALA G 228 34.32 35.08 9.40
CA ALA G 228 33.65 35.91 10.38
C ALA G 228 34.45 35.96 11.69
N GLY G 229 33.95 36.74 12.64
CA GLY G 229 34.56 36.80 13.97
C GLY G 229 33.91 37.84 14.87
N SER G 230 34.61 38.23 15.93
CA SER G 230 34.10 39.21 16.87
C SER G 230 35.01 40.43 16.96
N LEU G 231 34.45 41.55 17.38
CA LEU G 231 35.23 42.77 17.56
C LEU G 231 35.77 42.91 18.98
N ILE G 232 34.97 42.48 19.96
CA ILE G 232 35.39 42.55 21.35
C ILE G 232 36.55 41.60 21.64
N LYS G 233 37.10 41.01 20.58
CA LYS G 233 38.36 40.28 20.66
C LYS G 233 39.45 40.97 19.85
N ASN G 234 40.19 40.18 19.08
CA ASN G 234 41.49 40.62 18.56
C ASN G 234 41.47 41.93 17.78
N PRO G 235 40.50 42.08 16.86
CA PRO G 235 40.45 43.26 16.00
C PRO G 235 39.69 44.42 16.63
N GLY G 236 39.71 44.51 17.96
CA GLY G 236 39.09 45.62 18.67
C GLY G 236 40.07 46.41 19.52
N GLY G 237 41.29 45.90 19.64
CA GLY G 237 42.29 46.50 20.52
C GLY G 237 41.78 46.70 21.93
N GLY G 238 40.90 45.82 22.37
CA GLY G 238 40.27 45.95 23.68
C GLY G 238 39.38 47.18 23.77
N ILE G 239 39.37 47.98 22.71
CA ILE G 239 38.75 49.30 22.74
C ILE G 239 37.27 49.25 22.39
N VAL G 240 36.92 48.41 21.41
CA VAL G 240 35.56 48.39 20.89
C VAL G 240 34.63 47.64 21.85
N LYS G 241 33.46 48.21 22.06
CA LYS G 241 32.55 47.74 23.09
C LYS G 241 31.82 46.47 22.67
N THR G 242 31.43 46.42 21.39
CA THR G 242 30.69 45.27 20.87
C THR G 242 30.70 45.21 19.35
N GLY G 243 30.44 44.01 18.82
CA GLY G 243 30.25 43.83 17.39
C GLY G 243 30.91 42.57 16.86
N GLY G 244 30.64 42.27 15.59
CA GLY G 244 31.38 41.25 14.86
C GLY G 244 31.62 41.68 13.44
N TYR G 245 32.27 40.83 12.65
CA TYR G 245 32.66 41.21 11.30
C TYR G 245 32.53 40.02 10.34
N ILE G 246 32.14 40.31 9.10
CA ILE G 246 32.28 39.36 8.01
C ILE G 246 33.07 39.97 6.86
N VAL G 247 34.05 39.23 6.36
CA VAL G 247 34.86 39.68 5.23
C VAL G 247 35.03 38.57 4.21
N GLY G 248 35.29 38.96 2.96
CA GLY G 248 35.48 37.99 1.89
C GLY G 248 35.00 38.49 0.56
N LYS G 249 34.51 37.57 -0.27
CA LYS G 249 34.32 37.85 -1.69
C LYS G 249 33.05 38.65 -1.97
N GLU G 250 33.08 39.43 -3.05
CA GLU G 250 32.08 40.47 -3.29
C GLU G 250 30.67 39.97 -3.03
N GLN G 251 30.26 38.94 -3.77
CA GLN G 251 28.85 38.55 -3.85
C GLN G 251 28.42 37.76 -2.63
N TYR G 252 29.38 37.15 -1.94
CA TYR G 252 29.11 36.45 -0.70
C TYR G 252 28.82 37.42 0.43
N VAL G 253 29.72 38.37 0.64
CA VAL G 253 29.50 39.42 1.64
C VAL G 253 28.20 40.16 1.35
N GLU G 254 27.90 40.32 0.06
CA GLU G 254 26.59 40.84 -0.34
C GLU G 254 25.46 39.99 0.24
N ALA G 255 25.57 38.67 0.09
CA ALA G 255 24.55 37.76 0.57
C ALA G 255 24.32 37.94 2.07
N CYS G 256 25.38 37.81 2.84
CA CYS G 256 25.34 38.09 4.28
C CYS G 256 24.60 39.39 4.57
N ALA G 257 24.97 40.43 3.84
CA ALA G 257 24.53 41.78 4.16
C ALA G 257 23.01 41.88 4.16
N TYR G 258 22.36 41.10 3.32
CA TYR G 258 20.90 41.05 3.28
C TYR G 258 20.34 40.09 4.33
N ARG G 259 21.17 39.17 4.79
CA ARG G 259 20.80 38.29 5.89
C ARG G 259 21.08 38.97 7.24
N LEU G 260 21.41 40.25 7.17
CA LEU G 260 21.69 41.03 8.38
C LEU G 260 20.72 42.21 8.50
N THR G 261 20.31 42.75 7.37
CA THR G 261 19.28 43.78 7.33
C THR G 261 18.00 43.27 6.68
N SER G 262 17.99 43.25 5.35
CA SER G 262 16.79 42.90 4.60
C SER G 262 17.11 42.84 3.12
N PRO G 263 16.56 41.84 2.42
CA PRO G 263 16.57 41.84 0.96
C PRO G 263 16.10 43.19 0.43
N GLY G 264 16.83 43.75 -0.52
CA GLY G 264 16.54 45.10 -1.04
C GLY G 264 17.50 46.15 -0.50
N ILE G 265 17.22 46.62 0.71
CA ILE G 265 18.10 47.59 1.37
C ILE G 265 19.55 47.12 1.32
N GLY G 266 19.79 45.94 1.87
CA GLY G 266 21.16 45.42 1.97
C GLY G 266 21.90 46.05 3.13
N ALA G 267 23.08 46.59 2.84
CA ALA G 267 24.00 47.07 3.86
C ALA G 267 24.35 48.53 3.64
N GLU G 268 23.60 49.18 2.76
CA GLU G 268 23.62 50.64 2.67
C GLU G 268 22.93 51.26 3.87
N ALA G 269 22.68 50.46 4.90
CA ALA G 269 21.80 50.88 5.99
C ALA G 269 22.38 50.52 7.35
N GLY G 270 22.28 51.46 8.29
CA GLY G 270 22.69 51.22 9.67
C GLY G 270 23.29 52.46 10.31
N ALA G 271 22.57 53.02 11.28
CA ALA G 271 23.07 54.17 12.03
C ALA G 271 24.25 53.77 12.89
N SER G 272 25.39 54.41 12.66
CA SER G 272 26.58 54.09 13.42
C SER G 272 26.30 54.51 14.86
N LEU G 273 25.79 55.73 15.03
CA LEU G 273 25.90 56.47 16.29
C LEU G 273 27.40 56.47 16.57
N TYR G 274 27.77 56.39 17.84
CA TYR G 274 29.09 56.81 18.31
C TYR G 274 30.15 55.69 18.30
N SER G 275 29.98 54.74 17.39
CA SER G 275 30.77 53.51 17.45
C SER G 275 31.79 53.37 16.32
N LEU G 276 32.18 54.51 15.74
CA LEU G 276 33.24 54.50 14.73
C LEU G 276 34.61 54.72 15.35
N GLN G 277 34.89 55.94 15.79
CA GLN G 277 36.24 56.27 16.21
C GLN G 277 36.89 55.09 16.91
N GLU G 278 36.09 54.29 17.60
CA GLU G 278 36.64 53.24 18.46
C GLU G 278 37.05 52.00 17.68
N MSE G 279 36.40 51.81 16.52
CA MSE G 279 36.68 50.65 15.69
C MSE G 279 37.90 50.87 14.79
O MSE G 279 38.73 49.97 14.61
CB MSE G 279 35.47 50.29 14.86
CG MSE G 279 34.32 49.75 15.68
SE MSE G 279 32.97 48.91 14.56
CE MSE G 279 32.21 50.51 13.74
N TYR G 280 38.01 52.07 14.23
CA TYR G 280 39.25 52.49 13.59
C TYR G 280 40.39 52.38 14.58
N GLN G 281 40.36 53.21 15.62
CA GLN G 281 41.41 53.22 16.64
C GLN G 281 41.70 51.81 17.16
N GLY G 282 40.64 51.09 17.52
CA GLY G 282 40.79 49.72 17.99
C GLY G 282 41.42 48.80 16.95
N PHE G 283 41.07 49.01 15.69
CA PHE G 283 41.60 48.18 14.62
C PHE G 283 43.09 48.43 14.40
N PHE G 284 43.50 49.68 14.60
CA PHE G 284 44.86 50.10 14.30
C PHE G 284 45.83 49.65 15.39
N LEU G 285 45.30 49.50 16.61
CA LEU G 285 46.08 48.97 17.73
C LEU G 285 46.17 47.46 17.70
N ALA G 286 45.27 46.82 16.95
CA ALA G 286 45.10 45.38 17.02
C ALA G 286 46.42 44.60 16.87
N PRO G 287 47.11 44.80 15.74
CA PRO G 287 48.37 44.09 15.49
C PRO G 287 49.30 44.17 16.68
N HIS G 288 49.15 45.21 17.50
CA HIS G 288 49.98 45.36 18.70
C HIS G 288 49.35 44.71 19.92
N VAL G 289 48.09 45.03 20.19
CA VAL G 289 47.39 44.48 21.34
C VAL G 289 47.17 42.96 21.21
N ALA G 290 46.83 42.53 20.00
CA ALA G 290 46.88 41.11 19.66
C ALA G 290 48.22 40.53 20.11
N GLY G 291 49.31 41.18 19.67
CA GLY G 291 50.65 40.81 20.10
C GLY G 291 50.79 40.72 21.61
N GLN G 292 50.26 41.70 22.32
CA GLN G 292 50.33 41.71 23.79
C GLN G 292 49.81 40.41 24.39
N ALA G 293 48.61 40.01 23.98
CA ALA G 293 48.02 38.77 24.46
C ALA G 293 48.85 37.55 24.04
N LEU G 294 49.54 37.67 22.91
CA LEU G 294 50.39 36.60 22.41
C LEU G 294 51.64 36.41 23.27
N LYS G 295 52.49 37.43 23.29
CA LYS G 295 53.76 37.36 24.02
C LYS G 295 53.54 36.87 25.45
N GLY G 296 52.36 37.17 25.99
CA GLY G 296 52.00 36.69 27.33
C GLY G 296 51.83 35.18 27.37
N ALA G 297 51.32 34.62 26.28
CA ALA G 297 51.09 33.18 26.20
C ALA G 297 52.41 32.41 26.18
N ILE G 298 53.30 32.78 25.26
CA ILE G 298 54.62 32.17 25.20
C ILE G 298 55.38 32.41 26.50
N PHE G 299 55.08 33.52 27.16
CA PHE G 299 55.53 33.74 28.53
C PHE G 299 54.83 32.79 29.51
N THR G 300 53.50 32.71 29.40
CA THR G 300 52.71 31.92 30.34
C THR G 300 52.96 30.43 30.17
N ALA G 301 53.11 29.99 28.92
CA ALA G 301 53.46 28.61 28.64
C ALA G 301 54.83 28.28 29.20
N ALA G 302 55.84 29.02 28.74
CA ALA G 302 57.23 28.71 29.04
C ALA G 302 57.51 28.64 30.54
N PHE G 303 56.85 29.53 31.29
CA PHE G 303 57.09 29.64 32.72
C PHE G 303 56.41 28.51 33.49
N LEU G 304 55.15 28.24 33.13
CA LEU G 304 54.41 27.14 33.72
C LEU G 304 55.05 25.80 33.37
N GLU G 305 55.64 25.74 32.18
CA GLU G 305 56.50 24.62 31.82
C GLU G 305 57.60 24.43 32.85
N LYS G 306 58.24 25.53 33.23
CA LYS G 306 59.35 25.49 34.18
C LYS G 306 58.89 25.18 35.61
N LEU G 307 57.64 25.50 35.90
CA LEU G 307 57.07 25.26 37.23
C LEU G 307 56.45 23.88 37.32
N GLY G 308 56.46 23.14 36.20
CA GLY G 308 56.11 21.73 36.22
C GLY G 308 54.74 21.45 35.62
N MSE G 309 54.16 22.46 34.98
CA MSE G 309 52.85 22.30 34.36
C MSE G 309 52.96 21.87 32.91
O MSE G 309 53.96 22.13 32.25
CB MSE G 309 52.05 23.61 34.45
CG MSE G 309 50.98 23.62 35.53
SE MSE G 309 51.74 23.39 37.31
CE MSE G 309 52.19 25.25 37.69
N ASN G 310 51.91 21.23 32.41
CA ASN G 310 51.78 20.98 30.98
C ASN G 310 51.01 22.08 30.27
N THR G 311 51.73 22.92 29.55
CA THR G 311 51.12 24.03 28.83
C THR G 311 50.99 23.69 27.35
N SER G 312 49.93 24.20 26.72
CA SER G 312 49.68 23.91 25.31
C SER G 312 48.95 25.08 24.65
N PRO G 313 49.56 25.66 23.60
CA PRO G 313 50.81 25.19 23.00
C PRO G 313 52.02 25.47 23.89
N ALA G 314 53.16 24.89 23.53
CA ALA G 314 54.42 25.20 24.19
C ALA G 314 54.97 26.52 23.68
N TRP G 315 55.89 27.11 24.46
CA TRP G 315 56.41 28.45 24.16
C TRP G 315 57.15 28.49 22.83
N ASN G 316 57.65 27.34 22.39
CA ASN G 316 58.38 27.27 21.12
C ASN G 316 57.50 26.81 19.97
N ALA G 317 56.28 26.39 20.29
CA ALA G 317 55.32 25.97 19.27
C ALA G 317 54.87 27.15 18.40
N PRO G 318 54.72 26.93 17.09
CA PRO G 318 54.25 27.94 16.16
C PRO G 318 52.86 28.45 16.53
N ARG G 319 52.69 29.77 16.54
CA ARG G 319 51.45 30.38 17.02
C ARG G 319 50.53 30.77 15.88
N THR G 320 49.26 30.41 16.01
CA THR G 320 48.26 30.79 15.02
C THR G 320 47.11 31.57 15.65
N ASP G 321 46.92 31.40 16.95
CA ASP G 321 45.92 32.17 17.69
C ASP G 321 46.36 32.44 19.14
N LEU G 322 45.48 33.06 19.92
CA LEU G 322 45.83 33.54 21.25
C LEU G 322 45.50 32.53 22.35
N ILE G 323 44.78 31.47 21.98
CA ILE G 323 44.40 30.42 22.93
C ILE G 323 45.62 29.80 23.61
N GLN G 324 45.57 29.72 24.93
CA GLN G 324 46.63 29.08 25.71
C GLN G 324 46.06 28.37 26.94
N SER G 325 46.51 27.14 27.16
CA SER G 325 45.98 26.33 28.25
C SER G 325 47.08 25.81 29.17
N VAL G 326 46.68 25.29 30.33
CA VAL G 326 47.63 24.78 31.31
C VAL G 326 47.06 23.58 32.05
N GLN G 327 47.93 22.59 32.28
CA GLN G 327 47.51 21.31 32.87
C GLN G 327 47.91 21.24 34.33
N PHE G 328 46.94 21.40 35.23
CA PHE G 328 47.22 21.52 36.65
C PHE G 328 47.24 20.17 37.36
N ASP G 329 46.37 19.26 36.91
CA ASP G 329 46.35 17.90 37.44
C ASP G 329 45.85 17.84 38.88
N ASP G 330 44.99 18.78 39.26
CA ASP G 330 44.48 18.85 40.63
C ASP G 330 43.47 19.98 40.82
N LYS G 331 42.32 19.65 41.40
CA LYS G 331 41.22 20.57 41.53
C LYS G 331 41.61 21.87 42.24
N ASP G 332 42.09 21.75 43.47
CA ASP G 332 42.41 22.91 44.30
C ASP G 332 43.46 23.79 43.62
N ARG G 333 44.42 23.15 42.97
CA ARG G 333 45.48 23.87 42.26
C ARG G 333 44.90 24.73 41.14
N MSE G 334 44.00 24.15 40.36
CA MSE G 334 43.33 24.88 39.29
C MSE G 334 42.58 26.09 39.83
O MSE G 334 42.80 27.21 39.38
CB MSE G 334 42.38 23.96 38.53
CG MSE G 334 41.20 24.67 37.88
SE MSE G 334 40.68 23.86 36.18
CE MSE G 334 38.75 23.94 36.39
N ILE G 335 41.69 25.86 40.79
CA ILE G 335 40.88 26.93 41.37
C ILE G 335 41.77 28.07 41.88
N ALA G 336 42.65 27.77 42.83
CA ALA G 336 43.51 28.78 43.44
C ALA G 336 44.14 29.67 42.37
N PHE G 337 44.50 29.06 41.25
CA PHE G 337 45.14 29.79 40.16
C PHE G 337 44.14 30.69 39.43
N CYS G 338 43.01 30.12 39.03
CA CYS G 338 41.97 30.88 38.35
C CYS G 338 41.45 32.03 39.20
N GLN G 339 41.20 31.75 40.48
CA GLN G 339 40.73 32.76 41.41
C GLN G 339 41.77 33.86 41.63
N ALA G 340 43.05 33.48 41.54
CA ALA G 340 44.14 34.44 41.64
C ALA G 340 44.22 35.31 40.39
N ILE G 341 43.79 34.75 39.26
CA ILE G 341 43.73 35.49 38.00
C ILE G 341 42.63 36.56 38.02
N GLN G 342 41.54 36.26 38.71
CA GLN G 342 40.42 37.18 38.85
C GLN G 342 40.77 38.35 39.77
N TYR G 343 41.79 38.15 40.60
CA TYR G 343 42.26 39.18 41.52
C TYR G 343 43.37 40.01 40.89
N ALA G 344 43.98 39.46 39.84
CA ALA G 344 44.99 40.18 39.07
C ALA G 344 44.34 41.01 37.95
N SER G 345 43.03 41.11 37.98
CA SER G 345 42.28 41.82 36.94
C SER G 345 41.77 43.17 37.41
N PRO G 346 41.98 44.22 36.61
CA PRO G 346 41.84 45.61 37.03
C PRO G 346 40.43 45.92 37.51
N ILE G 347 39.43 45.56 36.70
CA ILE G 347 38.05 45.79 37.07
C ILE G 347 37.55 44.48 37.68
N ASN G 348 36.86 44.59 38.80
CA ASN G 348 36.20 43.45 39.44
C ASN G 348 37.14 42.45 40.11
N SER G 349 38.30 42.94 40.57
CA SER G 349 39.29 42.09 41.23
C SER G 349 38.79 41.57 42.57
N HIS G 350 37.86 42.29 43.17
CA HIS G 350 37.31 41.90 44.48
C HIS G 350 36.23 40.83 44.34
N PHE G 351 35.57 40.81 43.19
CA PHE G 351 34.50 39.85 42.94
C PHE G 351 35.05 38.47 42.60
N THR G 352 35.19 37.63 43.63
CA THR G 352 35.92 36.37 43.49
C THR G 352 35.00 35.22 43.07
N PRO G 353 35.50 34.32 42.21
CA PRO G 353 34.67 33.29 41.58
C PRO G 353 34.78 31.94 42.29
N TYR G 354 33.93 31.00 41.89
CA TYR G 354 33.98 29.64 42.43
C TYR G 354 33.48 28.62 41.41
N ALA G 355 33.22 27.41 41.89
CA ALA G 355 32.53 26.40 41.10
C ALA G 355 31.02 26.63 41.12
N ASN G 356 30.43 26.73 39.93
CA ASN G 356 28.98 26.73 39.78
C ASN G 356 28.54 25.83 38.61
N TYR G 357 27.25 25.62 38.48
CA TYR G 357 26.71 24.83 37.38
C TYR G 357 26.53 25.67 36.10
N MSE G 358 26.73 25.03 34.95
CA MSE G 358 26.38 25.63 33.67
C MSE G 358 25.68 24.62 32.77
O MSE G 358 26.12 23.48 32.65
CB MSE G 358 27.63 26.17 32.97
CG MSE G 358 27.38 26.69 31.57
SE MSE G 358 27.33 28.64 31.46
CE MSE G 358 26.32 29.02 33.08
N PRO G 359 24.56 25.03 32.16
CA PRO G 359 23.72 24.14 31.35
C PRO G 359 24.46 23.56 30.15
N GLY G 360 24.65 22.24 30.17
CA GLY G 360 25.18 21.53 29.00
C GLY G 360 26.47 20.79 29.30
N TYR G 361 27.04 21.04 30.47
CA TYR G 361 28.29 20.41 30.87
C TYR G 361 28.18 19.82 32.27
N GLU G 362 28.21 18.49 32.35
CA GLU G 362 28.04 17.77 33.60
C GLU G 362 28.99 18.31 34.68
N ASP G 363 30.11 18.87 34.24
CA ASP G 363 31.11 19.43 35.15
C ASP G 363 30.83 20.90 35.43
N ASP G 364 31.14 21.33 36.66
CA ASP G 364 31.20 22.76 36.98
C ASP G 364 32.40 23.41 36.30
N VAL G 365 32.16 24.51 35.60
CA VAL G 365 33.25 25.32 35.07
C VAL G 365 33.56 26.49 36.02
N ILE G 366 34.85 26.74 36.22
CA ILE G 366 35.29 27.95 36.91
C ILE G 366 35.60 29.05 35.91
N MSE G 367 35.06 30.24 36.14
CA MSE G 367 35.20 31.34 35.20
C MSE G 367 35.73 32.61 35.88
O MSE G 367 35.10 33.15 36.79
CB MSE G 367 33.87 31.63 34.52
CG MSE G 367 33.67 30.86 33.22
SE MSE G 367 32.47 31.77 31.96
CE MSE G 367 33.45 33.45 31.77
N ALA G 368 36.87 33.08 35.41
CA ALA G 368 37.43 34.35 35.87
C ALA G 368 37.59 35.32 34.71
N ALA G 369 36.96 36.49 34.83
CA ALA G 369 36.96 37.48 33.75
C ALA G 369 36.87 38.89 34.32
N GLY G 370 37.98 39.38 34.88
CA GLY G 370 38.07 40.76 35.34
C GLY G 370 38.35 41.72 34.20
N THR G 371 37.31 42.08 33.46
CA THR G 371 37.46 42.79 32.19
C THR G 371 36.66 44.08 32.15
N PHE G 372 37.20 45.08 31.45
CA PHE G 372 36.54 46.36 31.28
C PHE G 372 35.27 46.22 30.46
N ILE G 373 35.31 45.37 29.45
CA ILE G 373 34.17 45.14 28.57
C ILE G 373 33.58 43.74 28.77
N GLN G 374 32.25 43.66 28.84
CA GLN G 374 31.58 42.41 29.15
C GLN G 374 31.86 41.33 28.10
N GLY G 375 32.42 40.21 28.56
CA GLY G 375 32.62 39.05 27.69
C GLY G 375 33.83 39.19 26.77
N ALA G 376 34.30 40.42 26.60
CA ALA G 376 35.44 40.69 25.72
C ALA G 376 36.63 39.82 26.11
N SER G 377 37.06 38.96 25.18
CA SER G 377 38.04 37.93 25.50
C SER G 377 39.47 38.33 25.13
N ILE G 378 39.64 39.53 24.58
CA ILE G 378 40.97 40.03 24.25
C ILE G 378 41.69 40.55 25.49
N GLU G 379 40.98 40.58 26.61
CA GLU G 379 41.58 40.90 27.90
C GLU G 379 41.82 39.63 28.71
N LEU G 380 42.83 39.66 29.57
CA LEU G 380 43.26 38.46 30.29
C LEU G 380 42.11 37.82 31.06
N SER G 381 41.91 36.52 30.82
CA SER G 381 40.88 35.75 31.51
C SER G 381 41.32 34.30 31.65
N ALA G 382 40.81 33.62 32.67
CA ALA G 382 41.10 32.21 32.87
C ALA G 382 39.83 31.46 33.24
N ASP G 383 39.74 30.21 32.80
CA ASP G 383 38.51 29.43 32.97
C ASP G 383 38.61 28.06 32.30
N GLY G 384 37.67 27.18 32.63
CA GLY G 384 37.69 25.81 32.15
C GLY G 384 36.93 24.90 33.10
N PRO G 385 36.46 23.75 32.59
CA PRO G 385 35.63 22.84 33.39
C PRO G 385 36.44 22.05 34.41
N ILE G 386 35.81 21.70 35.53
CA ILE G 386 36.52 21.07 36.64
C ILE G 386 36.54 19.55 36.50
N ARG G 387 37.50 19.05 35.74
CA ARG G 387 37.65 17.61 35.52
C ARG G 387 39.07 17.29 35.08
N PRO G 388 39.55 16.08 35.41
CA PRO G 388 40.89 15.64 35.01
C PRO G 388 41.11 15.77 33.50
N PRO G 389 42.34 16.10 33.09
CA PRO G 389 43.44 16.36 34.01
C PRO G 389 43.50 17.88 34.11
N TYR G 390 42.36 18.49 34.46
CA TYR G 390 42.22 19.78 35.13
C TYR G 390 42.89 20.92 34.38
N VAL G 391 42.39 21.19 33.18
CA VAL G 391 42.95 22.23 32.31
C VAL G 391 42.11 23.51 32.36
N ALA G 392 42.77 24.65 32.26
CA ALA G 392 42.09 25.92 32.06
C ALA G 392 42.75 26.73 30.95
N TYR G 393 42.08 27.78 30.50
CA TYR G 393 42.57 28.59 29.39
C TYR G 393 42.99 29.98 29.84
N VAL G 394 44.30 30.22 29.86
CA VAL G 394 44.85 31.47 30.37
C VAL G 394 45.30 32.38 29.23
N GLN G 395 44.34 33.04 28.60
CA GLN G 395 44.60 33.84 27.41
C GLN G 395 44.18 35.30 27.61
N GLY G 396 44.29 36.09 26.54
CA GLY G 396 43.97 37.51 26.60
C GLY G 396 45.08 38.33 27.22
N GLY G 397 44.93 39.65 27.18
CA GLY G 397 45.86 40.54 27.88
C GLY G 397 46.24 41.76 27.05
N LEU G 398 45.84 42.93 27.53
CA LEU G 398 46.02 44.16 26.78
C LEU G 398 47.46 44.68 26.89
N THR G 399 48.23 44.04 27.77
CA THR G 399 49.63 44.39 27.95
C THR G 399 50.44 43.15 28.36
N TYR G 400 51.52 42.90 27.66
CA TYR G 400 52.45 41.84 28.03
C TYR G 400 52.81 41.95 29.51
N SER G 401 52.91 43.18 29.99
CA SER G 401 53.28 43.42 31.38
C SER G 401 52.19 42.91 32.31
N HIS G 402 50.93 43.07 31.91
CA HIS G 402 49.82 42.64 32.74
C HIS G 402 49.76 41.12 32.90
N VAL G 403 49.96 40.41 31.80
CA VAL G 403 50.02 38.95 31.84
C VAL G 403 51.23 38.49 32.67
N LYS G 404 52.41 38.98 32.31
CA LYS G 404 53.62 38.66 33.05
C LYS G 404 53.40 38.85 34.55
N ILE G 405 52.49 39.76 34.90
CA ILE G 405 52.18 40.04 36.29
C ILE G 405 51.01 39.19 36.78
N ALA G 406 49.90 39.24 36.05
CA ALA G 406 48.69 38.53 36.43
C ALA G 406 48.98 37.11 36.88
N ILE G 407 49.99 36.48 36.29
CA ILE G 407 50.32 35.09 36.61
C ILE G 407 51.30 34.97 37.77
N CYS G 408 52.36 35.78 37.76
CA CYS G 408 53.23 35.90 38.92
C CYS G 408 52.39 36.03 40.19
N SER G 409 51.30 36.77 40.09
CA SER G 409 50.41 37.00 41.23
C SER G 409 49.64 35.74 41.58
N ALA G 410 49.31 34.94 40.56
CA ALA G 410 48.47 33.76 40.74
C ALA G 410 49.27 32.58 41.28
N ILE G 411 50.57 32.58 41.00
CA ILE G 411 51.49 31.66 41.65
C ILE G 411 51.65 31.99 43.13
N ASP G 412 51.77 33.28 43.42
CA ASP G 412 52.08 33.76 44.77
C ASP G 412 51.04 33.26 45.77
N GLU G 413 49.99 32.62 45.26
CA GLU G 413 48.88 32.19 46.09
C GLU G 413 48.83 30.67 46.21
N LEU G 414 49.45 30.00 45.25
CA LEU G 414 49.66 28.55 45.35
C LEU G 414 50.76 28.23 46.35
N ILE G 415 51.64 29.21 46.61
CA ILE G 415 52.74 29.04 47.54
C ILE G 415 52.60 29.97 48.74
N GLU H 9 11.85 -71.11 -46.34
CA GLU H 9 12.45 -69.76 -46.50
C GLU H 9 13.66 -69.58 -45.60
N LYS H 10 14.44 -68.54 -45.87
CA LYS H 10 15.68 -68.28 -45.13
C LYS H 10 15.41 -67.91 -43.67
N ILE H 11 14.15 -67.59 -43.36
CA ILE H 11 13.82 -66.90 -42.13
C ILE H 11 13.53 -67.87 -40.96
N ALA H 12 13.22 -69.11 -41.30
CA ALA H 12 12.90 -70.11 -40.29
C ALA H 12 14.14 -70.67 -39.61
N PRO H 13 15.23 -70.87 -40.38
CA PRO H 13 16.52 -71.25 -39.81
C PRO H 13 17.00 -70.23 -38.79
N ILE H 14 16.21 -69.17 -38.58
CA ILE H 14 16.63 -68.05 -37.74
C ILE H 14 15.76 -67.94 -36.48
N VAL H 15 14.45 -68.10 -36.65
CA VAL H 15 13.54 -68.14 -35.51
C VAL H 15 13.65 -69.46 -34.75
N LYS H 16 13.92 -70.54 -35.48
CA LYS H 16 14.37 -71.79 -34.88
C LYS H 16 15.53 -71.50 -33.92
N GLU H 17 16.26 -70.43 -34.21
CA GLU H 17 17.47 -70.09 -33.47
C GLU H 17 17.19 -69.05 -32.39
N VAL H 18 16.18 -68.21 -32.62
CA VAL H 18 15.76 -67.23 -31.62
C VAL H 18 15.03 -67.90 -30.46
N GLU H 19 14.15 -68.85 -30.77
CA GLU H 19 13.45 -69.63 -29.75
C GLU H 19 14.44 -70.37 -28.85
N SER H 20 15.39 -71.05 -29.47
CA SER H 20 16.39 -71.83 -28.75
C SER H 20 17.17 -70.94 -27.77
N GLN H 21 17.34 -69.67 -28.14
CA GLN H 21 18.09 -68.73 -27.33
C GLN H 21 17.29 -68.23 -26.14
N ILE H 22 15.98 -68.07 -26.34
CA ILE H 22 15.10 -67.55 -25.30
C ILE H 22 14.39 -68.65 -24.53
N THR H 23 14.84 -69.89 -24.72
CA THR H 23 14.23 -71.04 -24.07
C THR H 23 14.31 -70.93 -22.55
N GLU H 24 15.35 -70.27 -22.06
CA GLU H 24 15.61 -70.21 -20.63
C GLU H 24 14.78 -69.13 -19.94
N VAL H 25 14.57 -68.01 -20.64
CA VAL H 25 13.77 -66.91 -20.10
C VAL H 25 12.28 -67.17 -20.26
N HIS H 26 11.93 -68.13 -21.11
CA HIS H 26 10.53 -68.46 -21.34
C HIS H 26 9.98 -69.39 -20.26
N LYS H 27 10.60 -70.55 -20.09
CA LYS H 27 10.26 -71.44 -18.97
C LYS H 27 10.41 -70.67 -17.66
N ARG H 28 10.96 -69.47 -17.77
CA ARG H 28 11.04 -68.55 -16.65
C ARG H 28 9.69 -67.88 -16.40
N ALA H 29 9.12 -67.33 -17.47
CA ALA H 29 7.85 -66.62 -17.37
C ALA H 29 6.68 -67.58 -17.12
N ASP H 30 6.82 -68.81 -17.59
CA ASP H 30 5.84 -69.85 -17.31
C ASP H 30 5.82 -70.20 -15.83
N GLU H 31 6.95 -69.96 -15.16
CA GLU H 31 7.04 -70.15 -13.72
C GLU H 31 6.16 -69.17 -12.95
N VAL H 32 6.01 -67.97 -13.51
CA VAL H 32 5.19 -66.93 -12.88
C VAL H 32 3.70 -67.11 -13.19
N ILE H 33 3.41 -67.57 -14.40
CA ILE H 33 2.06 -67.99 -14.75
C ILE H 33 1.52 -68.96 -13.71
N GLU H 34 2.04 -70.18 -13.69
CA GLU H 34 1.56 -71.19 -12.75
C GLU H 34 1.55 -70.63 -11.33
N SER H 35 2.59 -69.86 -11.00
CA SER H 35 2.69 -69.23 -9.69
C SER H 35 1.53 -68.28 -9.46
N ASN H 36 1.18 -67.52 -10.49
CA ASN H 36 0.01 -66.64 -10.42
C ASN H 36 -1.31 -67.40 -10.57
N GLN H 37 -1.40 -68.21 -11.62
CA GLN H 37 -2.58 -69.03 -11.84
C GLN H 37 -3.06 -69.68 -10.54
N PHE H 38 -2.14 -70.33 -9.84
CA PHE H 38 -2.43 -70.97 -8.56
C PHE H 38 -2.99 -69.96 -7.55
N ARG H 39 -2.33 -68.80 -7.45
CA ARG H 39 -2.75 -67.79 -6.47
C ARG H 39 -4.20 -67.36 -6.69
N VAL H 40 -4.57 -67.13 -7.95
CA VAL H 40 -5.95 -66.80 -8.28
C VAL H 40 -6.89 -67.92 -7.86
N LEU H 41 -6.78 -69.06 -8.52
CA LEU H 41 -7.53 -70.25 -8.15
C LEU H 41 -7.76 -70.33 -6.64
N GLU H 42 -6.68 -70.17 -5.86
CA GLU H 42 -6.74 -70.32 -4.42
C GLU H 42 -7.64 -69.28 -3.75
N SER H 43 -7.86 -68.16 -4.44
CA SER H 43 -8.82 -67.17 -3.98
C SER H 43 -10.27 -67.61 -4.25
N PHE H 44 -10.53 -68.07 -5.47
CA PHE H 44 -11.84 -68.59 -5.83
C PHE H 44 -12.21 -69.75 -4.93
N GLY H 45 -11.28 -70.69 -4.75
CA GLY H 45 -11.43 -71.73 -3.76
C GLY H 45 -11.80 -71.13 -2.42
N LYS H 46 -11.25 -69.95 -2.15
CA LYS H 46 -11.40 -69.31 -0.85
C LYS H 46 -12.76 -68.62 -0.72
N HIS H 47 -13.20 -67.97 -1.78
CA HIS H 47 -14.47 -67.25 -1.76
C HIS H 47 -15.64 -68.13 -2.19
N LYS H 48 -15.32 -69.38 -2.52
CA LYS H 48 -16.35 -70.40 -2.78
C LYS H 48 -17.44 -69.86 -3.70
N ILE H 49 -17.04 -69.34 -4.86
CA ILE H 49 -17.98 -68.78 -5.82
C ILE H 49 -18.72 -69.87 -6.58
N SER H 50 -19.98 -69.59 -6.92
CA SER H 50 -20.74 -70.47 -7.80
C SER H 50 -21.03 -69.78 -9.13
N ASP H 51 -21.57 -70.53 -10.08
CA ASP H 51 -21.99 -69.95 -11.36
C ASP H 51 -23.28 -69.16 -11.23
N SER H 52 -23.72 -68.95 -9.99
CA SER H 52 -24.76 -67.98 -9.70
C SER H 52 -24.16 -66.63 -9.31
N HIS H 53 -22.85 -66.62 -9.08
CA HIS H 53 -22.10 -65.37 -8.95
C HIS H 53 -22.15 -64.55 -10.23
N PHE H 54 -22.91 -65.03 -11.22
CA PHE H 54 -22.97 -64.40 -12.54
C PHE H 54 -24.34 -63.77 -12.82
N ILE H 55 -25.34 -64.18 -12.05
CA ILE H 55 -26.69 -63.64 -12.17
C ILE H 55 -26.66 -62.14 -12.46
N PRO H 56 -27.53 -61.68 -13.36
CA PRO H 56 -27.56 -60.26 -13.73
C PRO H 56 -28.45 -59.44 -12.81
N THR H 57 -28.04 -58.22 -12.50
CA THR H 57 -28.82 -57.32 -11.67
C THR H 57 -29.17 -56.04 -12.43
N THR H 58 -30.36 -55.51 -12.15
CA THR H 58 -30.86 -54.33 -12.87
C THR H 58 -31.36 -53.25 -11.90
N GLY H 59 -31.83 -52.14 -12.47
CA GLY H 59 -32.35 -51.04 -11.68
C GLY H 59 -31.26 -50.35 -10.86
N TYR H 60 -31.35 -50.48 -9.55
CA TYR H 60 -30.37 -49.87 -8.65
C TYR H 60 -29.11 -50.71 -8.55
N GLY H 61 -29.29 -52.03 -8.55
CA GLY H 61 -28.16 -52.94 -8.40
C GLY H 61 -27.73 -53.09 -6.96
N TYR H 62 -28.70 -53.14 -6.05
CA TYR H 62 -28.44 -53.47 -4.66
C TYR H 62 -28.45 -54.99 -4.45
N ASP H 63 -27.64 -55.47 -3.51
CA ASP H 63 -27.63 -56.88 -3.14
C ASP H 63 -27.03 -57.77 -4.24
N ASP H 64 -25.97 -57.29 -4.87
CA ASP H 64 -25.24 -58.11 -5.85
C ASP H 64 -24.04 -58.81 -5.21
N ILE H 65 -24.28 -59.99 -4.66
CA ILE H 65 -23.21 -60.84 -4.17
C ILE H 65 -22.11 -61.02 -5.22
N GLY H 66 -22.50 -61.48 -6.39
CA GLY H 66 -21.59 -61.56 -7.53
C GLY H 66 -20.62 -60.39 -7.60
N ARG H 67 -21.17 -59.20 -7.85
CA ARG H 67 -20.34 -58.00 -7.98
C ARG H 67 -19.38 -57.82 -6.81
N ASP H 68 -19.89 -57.96 -5.59
CA ASP H 68 -19.07 -57.86 -4.40
C ASP H 68 -17.87 -58.81 -4.45
N THR H 69 -18.14 -60.10 -4.54
CA THR H 69 -17.13 -61.11 -4.28
C THR H 69 -15.97 -61.02 -5.27
N LEU H 70 -16.19 -60.35 -6.39
CA LEU H 70 -15.15 -60.17 -7.40
C LEU H 70 -14.19 -59.06 -7.03
N GLU H 71 -14.69 -58.08 -6.28
CA GLU H 71 -13.83 -57.09 -5.64
C GLU H 71 -12.94 -57.73 -4.57
N LYS H 72 -13.57 -58.52 -3.70
CA LYS H 72 -12.85 -59.23 -2.65
C LYS H 72 -11.78 -60.15 -3.20
N VAL H 73 -12.07 -60.82 -4.30
CA VAL H 73 -11.11 -61.72 -4.93
C VAL H 73 -9.95 -60.95 -5.57
N TYR H 74 -10.30 -59.98 -6.41
CA TYR H 74 -9.35 -58.93 -6.79
C TYR H 74 -8.54 -58.47 -5.57
N ALA H 75 -9.26 -58.05 -4.53
CA ALA H 75 -8.63 -57.63 -3.29
C ALA H 75 -7.66 -58.69 -2.79
N ASP H 76 -8.15 -59.92 -2.66
CA ASP H 76 -7.40 -61.01 -2.06
C ASP H 76 -6.09 -61.28 -2.79
N VAL H 77 -6.19 -61.49 -4.10
CA VAL H 77 -5.04 -61.90 -4.90
C VAL H 77 -4.11 -60.73 -5.19
N PHE H 78 -4.66 -59.52 -5.16
CA PHE H 78 -3.86 -58.32 -5.40
C PHE H 78 -3.25 -57.76 -4.11
N GLY H 79 -3.38 -58.50 -3.02
CA GLY H 79 -2.68 -58.17 -1.78
C GLY H 79 -3.18 -56.89 -1.15
N ALA H 80 -4.47 -56.62 -1.33
CA ALA H 80 -5.10 -55.46 -0.72
C ALA H 80 -6.12 -55.90 0.31
N GLU H 81 -6.55 -54.98 1.16
CA GLU H 81 -7.55 -55.27 2.18
C GLU H 81 -8.95 -55.24 1.60
N ALA H 82 -9.15 -54.41 0.57
CA ALA H 82 -10.47 -54.24 -0.01
C ALA H 82 -10.39 -54.07 -1.53
N GLY H 83 -11.54 -54.17 -2.19
CA GLY H 83 -11.59 -54.22 -3.64
C GLY H 83 -12.71 -53.39 -4.24
N LEU H 84 -12.38 -52.67 -5.31
CA LEU H 84 -13.37 -51.92 -6.08
C LEU H 84 -13.11 -52.11 -7.58
N VAL H 85 -13.98 -52.88 -8.23
CA VAL H 85 -13.79 -53.23 -9.63
C VAL H 85 -15.14 -53.45 -10.31
N ARG H 86 -15.48 -52.56 -11.25
CA ARG H 86 -16.82 -52.55 -11.83
C ARG H 86 -16.90 -51.79 -13.14
N PRO H 87 -17.91 -52.10 -13.96
CA PRO H 87 -18.08 -51.56 -15.31
C PRO H 87 -18.23 -50.03 -15.32
N GLN H 88 -18.80 -49.48 -14.25
CA GLN H 88 -18.98 -48.04 -14.13
C GLN H 88 -17.64 -47.31 -14.10
N ILE H 89 -16.57 -48.07 -14.31
CA ILE H 89 -15.22 -47.49 -14.40
C ILE H 89 -14.65 -47.65 -15.81
N ILE H 90 -14.85 -46.65 -16.64
CA ILE H 90 -14.74 -46.81 -18.09
C ILE H 90 -13.33 -47.20 -18.56
N SER H 91 -12.33 -46.99 -17.72
CA SER H 91 -10.95 -47.21 -18.13
C SER H 91 -9.94 -47.02 -17.01
N GLY H 92 -8.69 -47.35 -17.29
CA GLY H 92 -7.58 -47.12 -16.36
C GLY H 92 -7.47 -45.67 -15.95
N THR H 93 -7.39 -44.78 -16.93
CA THR H 93 -7.45 -43.35 -16.65
C THR H 93 -8.57 -43.03 -15.66
N HIS H 94 -9.77 -43.51 -15.94
CA HIS H 94 -10.94 -43.23 -15.09
C HIS H 94 -10.82 -43.87 -13.71
N ALA H 95 -10.23 -45.07 -13.65
CA ALA H 95 -9.93 -45.71 -12.38
C ALA H 95 -8.82 -44.97 -11.65
N ILE H 96 -7.82 -44.51 -12.41
CA ILE H 96 -6.69 -43.79 -11.83
C ILE H 96 -7.10 -42.42 -11.33
N SER H 97 -7.93 -41.74 -12.11
CA SER H 97 -8.48 -40.45 -11.71
C SER H 97 -9.38 -40.57 -10.49
N THR H 98 -10.14 -41.65 -10.42
CA THR H 98 -11.10 -41.85 -9.34
C THR H 98 -10.40 -41.98 -7.99
N ALA H 99 -9.26 -42.68 -7.99
CA ALA H 99 -8.44 -42.80 -6.79
C ALA H 99 -8.11 -41.41 -6.24
N LEU H 100 -7.49 -40.60 -7.08
CA LEU H 100 -6.89 -39.34 -6.65
C LEU H 100 -7.91 -38.40 -6.01
N PHE H 101 -9.00 -38.14 -6.71
CA PHE H 101 -10.04 -37.26 -6.18
C PHE H 101 -10.72 -37.91 -4.98
N GLY H 102 -10.66 -39.24 -4.91
CA GLY H 102 -11.32 -39.99 -3.85
C GLY H 102 -10.66 -39.78 -2.50
N ILE H 103 -9.40 -39.37 -2.52
CA ILE H 103 -8.63 -39.20 -1.29
C ILE H 103 -8.23 -37.73 -1.08
N LEU H 104 -7.53 -37.17 -2.05
CA LEU H 104 -7.08 -35.78 -1.97
C LEU H 104 -8.25 -34.83 -1.71
N ARG H 105 -7.97 -33.76 -0.98
CA ARG H 105 -8.96 -32.73 -0.70
C ARG H 105 -8.33 -31.35 -0.85
N PRO H 106 -9.15 -30.29 -0.81
CA PRO H 106 -8.61 -28.94 -0.96
C PRO H 106 -7.49 -28.66 0.03
N GLY H 107 -6.30 -28.41 -0.50
CA GLY H 107 -5.14 -28.12 0.36
C GLY H 107 -4.13 -29.25 0.40
N ASP H 108 -4.54 -30.44 -0.06
CA ASP H 108 -3.64 -31.59 -0.08
C ASP H 108 -2.64 -31.49 -1.23
N GLU H 109 -1.66 -32.39 -1.22
CA GLU H 109 -0.71 -32.49 -2.32
C GLU H 109 -0.65 -33.91 -2.89
N LEU H 110 -0.53 -34.02 -4.20
CA LEU H 110 -0.05 -35.23 -4.83
C LEU H 110 1.42 -35.07 -5.20
N LEU H 111 2.23 -36.06 -4.83
CA LEU H 111 3.65 -36.03 -5.15
C LEU H 111 4.06 -37.30 -5.88
N TYR H 112 4.20 -37.21 -7.20
CA TYR H 112 4.70 -38.32 -8.00
C TYR H 112 6.21 -38.43 -7.87
N ILE H 113 6.71 -39.65 -7.86
CA ILE H 113 8.13 -39.89 -7.62
C ILE H 113 8.75 -40.79 -8.70
N THR H 114 8.21 -40.70 -9.91
CA THR H 114 8.71 -41.47 -11.03
C THR H 114 8.78 -40.59 -12.28
N GLY H 115 9.13 -39.32 -12.08
CA GLY H 115 9.05 -38.33 -13.14
C GLY H 115 7.62 -38.04 -13.56
N LYS H 116 7.46 -37.08 -14.47
CA LYS H 116 6.16 -36.80 -15.07
C LYS H 116 5.50 -38.08 -15.54
N PRO H 117 4.26 -38.34 -15.07
CA PRO H 117 3.48 -39.49 -15.48
C PRO H 117 2.98 -39.33 -16.92
N TYR H 118 2.09 -40.23 -17.35
CA TYR H 118 1.65 -40.23 -18.74
C TYR H 118 0.74 -39.05 -19.06
N ASP H 119 0.87 -38.52 -20.27
CA ASP H 119 0.28 -37.23 -20.62
C ASP H 119 -1.09 -37.02 -19.97
N THR H 120 -1.94 -38.05 -20.01
CA THR H 120 -3.36 -37.86 -19.75
C THR H 120 -3.64 -37.49 -18.29
N LEU H 121 -2.64 -37.63 -17.44
CA LEU H 121 -2.73 -37.14 -16.06
C LEU H 121 -2.41 -35.65 -15.98
N GLU H 122 -1.77 -35.13 -17.03
CA GLU H 122 -1.71 -33.69 -17.26
C GLU H 122 -3.05 -33.04 -16.94
N GLU H 123 -4.06 -33.36 -17.74
CA GLU H 123 -5.32 -32.59 -17.75
C GLU H 123 -6.05 -32.73 -16.42
N ILE H 124 -5.77 -33.81 -15.71
CA ILE H 124 -6.43 -34.10 -14.44
C ILE H 124 -5.87 -33.23 -13.31
N VAL H 125 -4.54 -33.18 -13.21
CA VAL H 125 -3.89 -32.39 -12.16
C VAL H 125 -4.07 -30.90 -12.40
N GLY H 126 -4.02 -30.50 -13.67
CA GLY H 126 -4.51 -29.18 -14.06
C GLY H 126 -3.44 -28.33 -14.72
N VAL H 127 -2.62 -28.95 -15.56
CA VAL H 127 -1.56 -28.24 -16.26
C VAL H 127 -1.89 -27.96 -17.73
N ARG H 128 -2.48 -28.93 -18.41
CA ARG H 128 -2.53 -28.92 -19.88
C ARG H 128 -3.68 -28.11 -20.47
N GLY H 129 -4.89 -28.62 -20.35
CA GLY H 129 -6.09 -27.85 -20.67
C GLY H 129 -6.37 -26.85 -19.58
N LYS H 130 -7.40 -26.02 -19.78
CA LYS H 130 -7.85 -25.13 -18.71
C LYS H 130 -8.73 -25.90 -17.72
N GLY H 131 -8.95 -25.31 -16.55
CA GLY H 131 -9.70 -25.96 -15.49
C GLY H 131 -10.85 -26.81 -16.02
N VAL H 132 -10.89 -28.07 -15.61
CA VAL H 132 -11.93 -28.99 -16.06
C VAL H 132 -12.23 -30.05 -15.01
N GLY H 133 -12.52 -29.61 -13.78
CA GLY H 133 -12.55 -30.51 -12.64
C GLY H 133 -11.20 -31.13 -12.37
N SER H 134 -10.15 -30.39 -12.70
CA SER H 134 -8.78 -30.77 -12.33
C SER H 134 -8.40 -30.17 -10.98
N PHE H 135 -7.25 -30.56 -10.47
CA PHE H 135 -6.83 -30.14 -9.15
C PHE H 135 -7.03 -28.65 -8.94
N LYS H 136 -6.52 -27.85 -9.89
CA LYS H 136 -6.55 -26.41 -9.78
C LYS H 136 -7.85 -25.90 -9.15
N GLU H 137 -8.97 -26.49 -9.56
CA GLU H 137 -10.27 -26.01 -9.12
C GLU H 137 -10.65 -26.58 -7.76
N TYR H 138 -9.67 -27.16 -7.07
CA TYR H 138 -9.89 -27.64 -5.73
C TYR H 138 -8.87 -27.06 -4.75
N ASN H 139 -7.77 -26.55 -5.31
CA ASN H 139 -6.59 -26.13 -4.56
C ASN H 139 -5.69 -27.31 -4.19
N ILE H 140 -6.03 -28.48 -4.71
CA ILE H 140 -5.18 -29.66 -4.62
C ILE H 140 -3.87 -29.43 -5.36
N GLY H 141 -2.76 -29.77 -4.71
CA GLY H 141 -1.44 -29.48 -5.26
C GLY H 141 -0.82 -30.66 -5.98
N TYR H 142 -0.02 -30.38 -7.00
CA TYR H 142 0.65 -31.42 -7.75
C TYR H 142 2.15 -31.17 -7.84
N ASN H 143 2.94 -32.24 -7.78
CA ASN H 143 4.38 -32.14 -7.97
C ASN H 143 5.06 -33.48 -8.25
N ALA H 144 5.85 -33.52 -9.32
CA ALA H 144 6.55 -34.74 -9.70
C ALA H 144 8.04 -34.65 -9.36
N VAL H 145 8.58 -35.71 -8.78
CA VAL H 145 10.00 -35.77 -8.47
C VAL H 145 10.79 -36.37 -9.62
N PRO H 146 11.25 -35.51 -10.54
CA PRO H 146 11.91 -35.99 -11.76
C PRO H 146 12.96 -37.05 -11.42
N LEU H 147 12.98 -38.14 -12.18
CA LEU H 147 13.93 -39.22 -11.94
C LEU H 147 15.35 -38.71 -12.15
N THR H 148 16.32 -39.48 -11.66
CA THR H 148 17.71 -39.27 -12.06
C THR H 148 17.82 -39.29 -13.57
N GLU H 149 18.94 -38.80 -14.09
CA GLU H 149 19.32 -39.07 -15.48
C GLU H 149 19.64 -40.55 -15.65
N GLY H 150 19.90 -41.22 -14.53
CA GLY H 150 20.28 -42.63 -14.55
C GLY H 150 19.09 -43.58 -14.50
N GLY H 151 17.90 -43.03 -14.33
CA GLY H 151 16.67 -43.79 -14.54
C GLY H 151 16.01 -44.26 -13.25
N LEU H 152 16.77 -44.27 -12.17
CA LEU H 152 16.22 -44.50 -10.84
C LEU H 152 15.60 -43.24 -10.25
N VAL H 153 14.79 -43.42 -9.21
CA VAL H 153 14.04 -42.30 -8.62
C VAL H 153 14.95 -41.45 -7.73
N ASP H 154 14.93 -40.14 -7.97
CA ASP H 154 15.85 -39.23 -7.32
C ASP H 154 15.49 -39.05 -5.84
N PHE H 155 16.13 -39.84 -4.99
CA PHE H 155 15.65 -40.02 -3.62
C PHE H 155 15.89 -38.79 -2.73
N GLU H 156 17.01 -38.11 -2.94
CA GLU H 156 17.22 -36.80 -2.33
C GLU H 156 16.03 -35.90 -2.65
N ALA H 157 15.78 -35.72 -3.95
CA ALA H 157 14.76 -34.78 -4.42
C ALA H 157 13.38 -35.14 -3.89
N VAL H 158 13.14 -36.43 -3.69
CA VAL H 158 11.90 -36.90 -3.08
C VAL H 158 11.80 -36.44 -1.63
N ALA H 159 12.81 -36.78 -0.84
CA ALA H 159 12.82 -36.45 0.58
C ALA H 159 12.58 -34.96 0.82
N ALA H 160 13.27 -34.12 0.06
CA ALA H 160 13.15 -32.68 0.22
C ALA H 160 11.87 -32.13 -0.38
N ALA H 161 11.04 -33.04 -0.91
CA ALA H 161 9.83 -32.63 -1.62
C ALA H 161 8.57 -32.99 -0.84
N ILE H 162 8.73 -33.82 0.19
CA ILE H 162 7.61 -34.21 1.04
C ILE H 162 7.44 -33.24 2.20
N HIS H 163 6.25 -32.65 2.31
CA HIS H 163 5.91 -31.84 3.48
C HIS H 163 4.46 -32.03 3.92
N SER H 164 4.03 -31.19 4.85
CA SER H 164 2.80 -31.42 5.61
C SER H 164 1.62 -31.74 4.70
N ASN H 165 1.50 -31.01 3.60
CA ASN H 165 0.37 -31.15 2.70
C ASN H 165 0.41 -32.44 1.87
N THR H 166 1.58 -33.05 1.82
CA THR H 166 1.78 -34.25 1.01
C THR H 166 0.96 -35.43 1.54
N LYS H 167 -0.29 -35.52 1.11
CA LYS H 167 -1.18 -36.57 1.59
C LYS H 167 -0.97 -37.88 0.85
N MSE H 168 -0.36 -37.81 -0.32
CA MSE H 168 -0.38 -38.93 -1.25
C MSE H 168 0.78 -38.92 -2.24
O MSE H 168 1.02 -37.93 -2.93
CB MSE H 168 -1.72 -38.95 -2.01
CG MSE H 168 -1.79 -39.99 -3.10
SE MSE H 168 -3.48 -39.90 -4.03
CE MSE H 168 -4.23 -41.62 -3.48
N ILE H 169 1.47 -40.04 -2.33
CA ILE H 169 2.65 -40.17 -3.19
C ILE H 169 2.36 -41.05 -4.40
N GLY H 170 2.67 -40.54 -5.59
CA GLY H 170 2.40 -41.26 -6.83
C GLY H 170 3.57 -42.12 -7.27
N ILE H 171 3.27 -43.37 -7.62
CA ILE H 171 4.26 -44.27 -8.22
C ILE H 171 3.69 -44.91 -9.49
N GLN H 172 4.36 -44.69 -10.61
CA GLN H 172 3.92 -45.27 -11.87
C GLN H 172 4.73 -46.49 -12.26
N ARG H 173 4.17 -47.67 -12.01
CA ARG H 173 4.87 -48.92 -12.28
C ARG H 173 5.39 -48.96 -13.72
N SER H 174 4.50 -48.67 -14.68
CA SER H 174 4.82 -48.85 -16.08
C SER H 174 5.53 -47.63 -16.66
N LYS H 175 6.46 -47.88 -17.59
CA LYS H 175 7.21 -46.82 -18.24
C LYS H 175 6.36 -46.12 -19.30
N GLY H 176 5.36 -46.83 -19.82
CA GLY H 176 4.64 -46.37 -20.99
C GLY H 176 5.56 -45.95 -22.11
N TYR H 177 5.36 -44.74 -22.62
CA TYR H 177 6.17 -44.22 -23.72
C TYR H 177 7.22 -43.23 -23.20
N ALA H 178 7.50 -43.30 -21.91
CA ALA H 178 8.59 -42.53 -21.32
C ALA H 178 9.95 -43.10 -21.75
N THR H 179 11.01 -42.40 -21.40
CA THR H 179 12.36 -42.79 -21.78
C THR H 179 13.06 -43.59 -20.68
N ARG H 180 12.43 -43.66 -19.52
CA ARG H 180 12.94 -44.46 -18.41
C ARG H 180 12.42 -45.89 -18.47
N PRO H 181 13.02 -46.78 -17.68
CA PRO H 181 12.53 -48.16 -17.58
C PRO H 181 11.32 -48.26 -16.65
N SER H 182 10.47 -49.25 -16.88
CA SER H 182 9.42 -49.61 -15.94
C SER H 182 10.04 -50.12 -14.63
N PHE H 183 9.34 -49.89 -13.52
CA PHE H 183 9.91 -50.17 -12.20
C PHE H 183 9.49 -51.53 -11.66
N THR H 184 10.46 -52.27 -11.11
CA THR H 184 10.21 -53.62 -10.63
C THR H 184 9.51 -53.63 -9.28
N ILE H 185 8.81 -54.72 -8.98
CA ILE H 185 8.00 -54.80 -7.78
C ILE H 185 8.83 -54.51 -6.53
N SER H 186 10.08 -54.97 -6.54
CA SER H 186 10.98 -54.74 -5.41
C SER H 186 11.50 -53.31 -5.41
N GLN H 187 11.67 -52.74 -6.61
CA GLN H 187 11.97 -51.32 -6.75
C GLN H 187 10.83 -50.48 -6.18
N ILE H 188 9.62 -51.02 -6.23
CA ILE H 188 8.45 -50.37 -5.66
C ILE H 188 8.36 -50.60 -4.15
N LYS H 189 9.09 -51.61 -3.67
CA LYS H 189 9.19 -51.87 -2.25
C LYS H 189 10.10 -50.84 -1.58
N GLU H 190 11.12 -50.40 -2.31
CA GLU H 190 12.11 -49.47 -1.78
C GLU H 190 11.52 -48.08 -1.59
N MSE H 191 10.64 -47.70 -2.51
CA MSE H 191 9.94 -46.41 -2.42
C MSE H 191 9.05 -46.36 -1.18
O MSE H 191 9.24 -45.50 -0.31
CB MSE H 191 9.07 -46.20 -3.65
CG MSE H 191 9.84 -46.01 -4.94
SE MSE H 191 8.61 -45.75 -6.43
CE MSE H 191 9.87 -45.96 -7.90
N ILE H 192 8.05 -47.22 -1.14
CA ILE H 192 7.10 -47.26 -0.04
C ILE H 192 7.81 -47.22 1.30
N ALA H 193 8.89 -47.99 1.43
CA ALA H 193 9.69 -48.00 2.65
C ALA H 193 10.17 -46.59 2.98
N PHE H 194 10.84 -45.96 2.03
CA PHE H 194 11.21 -44.55 2.14
C PHE H 194 10.03 -43.71 2.61
N VAL H 195 9.09 -43.45 1.72
CA VAL H 195 8.09 -42.42 1.93
C VAL H 195 7.26 -42.66 3.20
N LYS H 196 7.06 -43.93 3.54
CA LYS H 196 6.40 -44.27 4.80
C LYS H 196 7.21 -43.81 6.00
N GLU H 197 8.53 -43.86 5.88
CA GLU H 197 9.42 -43.46 6.98
C GLU H 197 9.30 -41.97 7.27
N ILE H 198 9.67 -41.15 6.29
CA ILE H 198 9.52 -39.70 6.38
C ILE H 198 8.14 -39.32 6.91
N LYS H 199 7.13 -39.49 6.07
CA LYS H 199 5.76 -39.10 6.41
C LYS H 199 4.84 -40.32 6.33
N PRO H 200 4.63 -40.98 7.47
CA PRO H 200 3.89 -42.26 7.52
C PRO H 200 2.43 -42.10 7.13
N ASP H 201 1.95 -40.88 7.08
CA ASP H 201 0.56 -40.62 6.74
C ASP H 201 0.26 -40.86 5.27
N VAL H 202 1.23 -40.56 4.42
CA VAL H 202 1.02 -40.57 2.97
C VAL H 202 0.39 -41.89 2.53
N VAL H 203 -0.77 -41.80 1.89
CA VAL H 203 -1.29 -42.92 1.12
C VAL H 203 -0.51 -43.09 -0.18
N VAL H 204 0.35 -44.10 -0.21
CA VAL H 204 1.19 -44.36 -1.36
C VAL H 204 0.41 -45.09 -2.45
N PHE H 205 0.13 -44.39 -3.55
CA PHE H 205 -0.69 -44.92 -4.62
C PHE H 205 0.17 -45.38 -5.81
N VAL H 206 -0.07 -46.59 -6.27
CA VAL H 206 0.62 -47.09 -7.46
C VAL H 206 -0.33 -47.35 -8.63
N ASP H 207 -0.04 -46.72 -9.76
CA ASP H 207 -0.70 -47.04 -11.03
C ASP H 207 -0.13 -48.33 -11.62
N ASN H 208 -0.93 -49.38 -11.60
CA ASN H 208 -0.44 -50.74 -11.81
C ASN H 208 -0.65 -51.26 -13.23
N CYS H 209 -0.91 -50.34 -14.16
CA CYS H 209 -1.26 -50.69 -15.54
C CYS H 209 -0.18 -51.40 -16.35
N TYR H 210 -0.49 -52.58 -16.85
CA TYR H 210 0.47 -53.39 -17.61
C TYR H 210 1.37 -54.22 -16.69
N GLY H 211 1.19 -54.05 -15.39
CA GLY H 211 2.02 -54.77 -14.42
C GLY H 211 1.35 -56.03 -13.90
N GLU H 212 0.03 -56.07 -14.01
CA GLU H 212 -0.78 -57.09 -13.34
C GLU H 212 -0.43 -58.54 -13.69
N PHE H 213 0.14 -59.25 -12.72
CA PHE H 213 0.32 -60.69 -12.86
C PHE H 213 1.56 -61.07 -13.65
N ILE H 214 2.31 -60.06 -14.10
CA ILE H 214 3.56 -60.32 -14.80
C ILE H 214 4.72 -60.47 -13.82
N GLU H 215 4.48 -60.09 -12.57
CA GLU H 215 5.31 -60.56 -11.47
C GLU H 215 4.46 -61.36 -10.48
N GLU H 216 5.12 -62.08 -9.57
CA GLU H 216 4.42 -62.92 -8.61
C GLU H 216 3.81 -62.09 -7.49
N GLN H 217 3.93 -60.77 -7.61
CA GLN H 217 3.39 -59.85 -6.60
C GLN H 217 2.93 -58.54 -7.22
N GLU H 218 1.87 -57.97 -6.65
CA GLU H 218 1.37 -56.67 -7.08
C GLU H 218 1.69 -55.62 -6.01
N PRO H 219 1.82 -54.35 -6.42
CA PRO H 219 2.31 -53.29 -5.55
C PRO H 219 1.60 -53.20 -4.20
N CYS H 220 0.38 -53.70 -4.13
CA CYS H 220 -0.35 -53.72 -2.86
C CYS H 220 0.27 -54.68 -1.85
N HIS H 221 1.05 -55.64 -2.35
CA HIS H 221 1.71 -56.62 -1.49
C HIS H 221 2.87 -55.99 -0.72
N VAL H 222 3.52 -55.03 -1.35
CA VAL H 222 4.73 -54.43 -0.79
C VAL H 222 4.43 -53.12 -0.05
N GLY H 223 3.17 -52.71 -0.09
CA GLY H 223 2.66 -51.72 0.87
C GLY H 223 1.98 -50.54 0.23
N ALA H 224 1.54 -50.70 -1.02
CA ALA H 224 0.66 -49.71 -1.63
C ALA H 224 -0.63 -49.59 -0.84
N ASP H 225 -0.99 -48.37 -0.48
CA ASP H 225 -2.26 -48.12 0.21
C ASP H 225 -3.43 -48.22 -0.77
N LEU H 226 -3.11 -48.26 -2.05
CA LEU H 226 -4.10 -48.03 -3.11
C LEU H 226 -3.46 -48.20 -4.48
N MSE H 227 -4.02 -49.08 -5.30
CA MSE H 227 -3.57 -49.27 -6.67
C MSE H 227 -4.75 -49.40 -7.62
O MSE H 227 -5.82 -49.88 -7.23
CB MSE H 227 -2.66 -50.49 -6.77
CG MSE H 227 -3.19 -51.74 -6.09
SE MSE H 227 -2.09 -53.33 -6.33
CE MSE H 227 -2.89 -54.01 -7.97
N ALA H 228 -4.57 -48.95 -8.85
CA ALA H 228 -5.67 -48.92 -9.82
C ALA H 228 -5.18 -49.32 -11.22
N GLY H 229 -6.11 -49.65 -12.10
CA GLY H 229 -5.76 -50.09 -13.45
C GLY H 229 -6.95 -50.31 -14.38
N SER H 230 -6.65 -50.69 -15.62
CA SER H 230 -7.66 -50.90 -16.65
C SER H 230 -8.04 -52.37 -16.78
N LEU H 231 -9.31 -52.62 -17.07
CA LEU H 231 -9.83 -53.98 -17.16
C LEU H 231 -9.75 -54.53 -18.58
N ILE H 232 -9.63 -53.65 -19.56
CA ILE H 232 -9.32 -54.07 -20.92
C ILE H 232 -7.81 -54.12 -21.17
N LYS H 233 -7.06 -54.38 -20.10
CA LYS H 233 -5.72 -54.92 -20.22
C LYS H 233 -5.61 -56.22 -19.41
N ASN H 234 -4.60 -56.29 -18.54
CA ASN H 234 -4.16 -57.56 -17.98
C ASN H 234 -5.27 -58.39 -17.32
N PRO H 235 -5.98 -57.82 -16.33
CA PRO H 235 -6.98 -58.56 -15.57
C PRO H 235 -8.31 -58.72 -16.31
N GLY H 236 -8.29 -58.52 -17.63
CA GLY H 236 -9.45 -58.80 -18.46
C GLY H 236 -9.32 -60.08 -19.26
N GLY H 237 -8.07 -60.55 -19.39
CA GLY H 237 -7.80 -61.82 -20.07
C GLY H 237 -8.26 -61.81 -21.51
N GLY H 238 -8.18 -60.64 -22.15
CA GLY H 238 -8.69 -60.47 -23.50
C GLY H 238 -10.20 -60.50 -23.55
N ILE H 239 -10.81 -60.92 -22.45
CA ILE H 239 -12.24 -61.24 -22.44
C ILE H 239 -13.12 -60.03 -22.11
N VAL H 240 -12.79 -59.33 -21.03
CA VAL H 240 -13.69 -58.32 -20.50
C VAL H 240 -13.76 -57.11 -21.42
N LYS H 241 -14.97 -56.57 -21.58
CA LYS H 241 -15.24 -55.57 -22.60
C LYS H 241 -14.76 -54.19 -22.17
N THR H 242 -14.91 -53.89 -20.88
CA THR H 242 -14.60 -52.56 -20.39
C THR H 242 -14.66 -52.49 -18.86
N GLY H 243 -13.98 -51.49 -18.32
CA GLY H 243 -13.97 -51.28 -16.87
C GLY H 243 -12.60 -51.03 -16.31
N GLY H 244 -12.49 -51.09 -14.99
CA GLY H 244 -11.25 -50.79 -14.28
C GLY H 244 -11.42 -51.05 -12.80
N TYR H 245 -10.32 -51.08 -12.08
CA TYR H 245 -10.32 -51.59 -10.71
C TYR H 245 -9.60 -50.67 -9.73
N ILE H 246 -9.85 -50.90 -8.44
CA ILE H 246 -9.08 -50.26 -7.38
C ILE H 246 -9.02 -51.15 -6.15
N VAL H 247 -7.82 -51.63 -5.81
CA VAL H 247 -7.64 -52.41 -4.60
C VAL H 247 -6.67 -51.72 -3.64
N GLY H 248 -7.02 -51.76 -2.35
CA GLY H 248 -6.19 -51.11 -1.34
C GLY H 248 -6.82 -51.19 0.02
N LYS H 249 -6.47 -50.23 0.88
CA LYS H 249 -6.85 -50.30 2.29
C LYS H 249 -8.33 -49.98 2.48
N GLU H 250 -8.98 -50.76 3.34
CA GLU H 250 -10.41 -50.66 3.54
C GLU H 250 -10.93 -49.23 3.35
N GLN H 251 -10.39 -48.30 4.14
CA GLN H 251 -11.01 -46.99 4.31
C GLN H 251 -10.72 -46.05 3.14
N TYR H 252 -9.61 -46.29 2.45
CA TYR H 252 -9.29 -45.53 1.24
C TYR H 252 -10.17 -45.98 0.08
N VAL H 253 -10.40 -47.30 -0.02
CA VAL H 253 -11.31 -47.83 -1.03
C VAL H 253 -12.73 -47.32 -0.79
N GLU H 254 -13.18 -47.40 0.46
CA GLU H 254 -14.48 -46.85 0.82
C GLU H 254 -14.59 -45.41 0.36
N ALA H 255 -13.50 -44.66 0.46
CA ALA H 255 -13.48 -43.26 0.03
C ALA H 255 -13.67 -43.15 -1.47
N CYS H 256 -12.86 -43.88 -2.22
CA CYS H 256 -12.97 -43.91 -3.68
C CYS H 256 -14.37 -44.28 -4.13
N ALA H 257 -15.01 -45.17 -3.37
CA ALA H 257 -16.30 -45.71 -3.75
C ALA H 257 -17.37 -44.63 -3.73
N TYR H 258 -17.19 -43.63 -2.87
CA TYR H 258 -18.16 -42.54 -2.72
C TYR H 258 -17.93 -41.46 -3.77
N ARG H 259 -16.70 -41.38 -4.29
CA ARG H 259 -16.39 -40.47 -5.39
C ARG H 259 -16.83 -41.08 -6.72
N LEU H 260 -17.08 -42.37 -6.71
CA LEU H 260 -17.47 -43.09 -7.92
C LEU H 260 -18.99 -43.10 -8.08
N THR H 261 -19.69 -43.19 -6.97
CA THR H 261 -21.13 -42.93 -6.94
C THR H 261 -21.43 -41.60 -6.28
N SER H 262 -21.72 -41.65 -4.98
CA SER H 262 -22.15 -40.47 -4.24
C SER H 262 -22.08 -40.71 -2.73
N PRO H 263 -21.80 -39.63 -1.97
CA PRO H 263 -21.87 -39.66 -0.51
C PRO H 263 -23.21 -40.22 -0.03
N GLY H 264 -23.16 -41.32 0.73
CA GLY H 264 -24.38 -41.91 1.29
C GLY H 264 -24.71 -43.26 0.69
N ILE H 265 -24.88 -43.28 -0.64
CA ILE H 265 -24.92 -44.53 -1.38
C ILE H 265 -23.64 -45.33 -1.14
N GLY H 266 -22.57 -44.92 -1.83
CA GLY H 266 -21.29 -45.60 -1.71
C GLY H 266 -21.07 -46.64 -2.80
N ALA H 267 -20.58 -47.81 -2.40
CA ALA H 267 -20.24 -48.87 -3.34
C ALA H 267 -21.27 -49.99 -3.30
N GLU H 268 -22.45 -49.66 -2.80
CA GLU H 268 -23.54 -50.64 -2.68
C GLU H 268 -24.42 -50.60 -3.92
N ALA H 269 -24.14 -49.64 -4.80
CA ALA H 269 -25.04 -49.33 -5.90
C ALA H 269 -24.39 -49.59 -7.26
N GLY H 270 -25.22 -49.63 -8.30
CA GLY H 270 -24.74 -49.83 -9.67
C GLY H 270 -25.07 -51.22 -10.19
N ALA H 271 -25.86 -51.27 -11.25
CA ALA H 271 -26.25 -52.55 -11.84
C ALA H 271 -25.10 -53.20 -12.60
N SER H 272 -24.99 -54.51 -12.48
CA SER H 272 -23.96 -55.23 -13.20
C SER H 272 -24.47 -55.34 -14.63
N LEU H 273 -25.71 -55.82 -14.77
CA LEU H 273 -26.21 -56.43 -15.99
C LEU H 273 -25.21 -57.53 -16.27
N TYR H 274 -24.92 -57.76 -17.56
CA TYR H 274 -24.40 -59.02 -18.09
C TYR H 274 -22.87 -59.10 -18.07
N SER H 275 -22.25 -58.40 -17.14
CA SER H 275 -20.79 -58.37 -17.07
C SER H 275 -20.21 -59.58 -16.32
N LEU H 276 -20.73 -59.83 -15.11
CA LEU H 276 -20.07 -60.73 -14.18
C LEU H 276 -19.27 -61.85 -14.87
N GLN H 277 -19.98 -62.79 -15.49
CA GLN H 277 -19.34 -64.01 -15.97
C GLN H 277 -17.98 -63.74 -16.62
N GLU H 278 -17.87 -62.63 -17.33
CA GLU H 278 -16.67 -62.37 -18.15
C GLU H 278 -15.50 -61.83 -17.34
N MSE H 279 -15.81 -61.13 -16.24
CA MSE H 279 -14.78 -60.58 -15.36
C MSE H 279 -14.12 -61.65 -14.50
O MSE H 279 -12.93 -61.58 -14.21
CB MSE H 279 -15.37 -59.48 -14.49
CG MSE H 279 -15.85 -58.25 -15.24
SE MSE H 279 -16.20 -56.76 -14.03
CE MSE H 279 -17.66 -57.54 -13.00
N TYR H 280 -14.92 -62.60 -14.02
CA TYR H 280 -14.41 -63.72 -13.24
C TYR H 280 -13.49 -64.58 -14.08
N GLN H 281 -14.03 -65.15 -15.16
CA GLN H 281 -13.27 -66.01 -16.05
C GLN H 281 -12.06 -65.26 -16.61
N GLY H 282 -12.30 -64.06 -17.13
CA GLY H 282 -11.22 -63.20 -17.60
C GLY H 282 -10.11 -63.10 -16.58
N PHE H 283 -10.46 -62.76 -15.35
CA PHE H 283 -9.50 -62.73 -14.26
C PHE H 283 -8.78 -64.07 -14.17
N PHE H 284 -9.55 -65.14 -14.03
CA PHE H 284 -9.00 -66.49 -13.87
C PHE H 284 -7.95 -66.81 -14.93
N LEU H 285 -8.12 -66.25 -16.12
CA LEU H 285 -7.22 -66.53 -17.24
C LEU H 285 -6.03 -65.56 -17.28
N ALA H 286 -6.20 -64.41 -16.64
CA ALA H 286 -5.26 -63.30 -16.81
C ALA H 286 -3.79 -63.73 -16.74
N PRO H 287 -3.39 -64.40 -15.65
CA PRO H 287 -2.00 -64.79 -15.49
C PRO H 287 -1.46 -65.48 -16.74
N HIS H 288 -2.30 -66.34 -17.33
CA HIS H 288 -1.93 -67.01 -18.56
C HIS H 288 -1.89 -66.04 -19.73
N VAL H 289 -3.05 -65.49 -20.10
CA VAL H 289 -3.13 -64.44 -21.09
C VAL H 289 -1.97 -63.44 -20.92
N ALA H 290 -1.93 -62.78 -19.77
CA ALA H 290 -0.82 -61.88 -19.45
C ALA H 290 0.50 -62.49 -19.89
N GLY H 291 0.79 -63.69 -19.37
CA GLY H 291 2.06 -64.37 -19.67
C GLY H 291 2.31 -64.52 -21.16
N GLN H 292 1.24 -64.71 -21.92
CA GLN H 292 1.34 -64.92 -23.36
C GLN H 292 1.98 -63.73 -24.07
N ALA H 293 1.37 -62.56 -23.89
CA ALA H 293 1.91 -61.31 -24.46
C ALA H 293 3.36 -61.11 -24.06
N LEU H 294 3.72 -61.61 -22.87
CA LEU H 294 5.05 -61.43 -22.32
C LEU H 294 6.10 -62.22 -23.09
N LYS H 295 5.88 -63.52 -23.23
CA LYS H 295 6.78 -64.38 -23.98
C LYS H 295 6.93 -63.89 -25.43
N GLY H 296 5.86 -63.32 -25.96
CA GLY H 296 5.87 -62.81 -27.33
C GLY H 296 6.68 -61.52 -27.46
N ALA H 297 6.42 -60.57 -26.59
CA ALA H 297 7.33 -59.44 -26.40
C ALA H 297 8.77 -59.94 -26.38
N ILE H 298 9.05 -60.89 -25.50
CA ILE H 298 10.35 -61.54 -25.45
C ILE H 298 10.82 -61.93 -26.85
N PHE H 299 9.94 -62.53 -27.63
CA PHE H 299 10.26 -62.91 -29.00
C PHE H 299 10.46 -61.68 -29.88
N THR H 300 9.45 -60.81 -29.90
CA THR H 300 9.53 -59.59 -30.69
C THR H 300 10.85 -58.86 -30.46
N ALA H 301 11.46 -59.12 -29.31
CA ALA H 301 12.74 -58.51 -28.97
C ALA H 301 13.91 -59.16 -29.68
N ALA H 302 14.35 -60.31 -29.17
CA ALA H 302 15.55 -60.98 -29.68
C ALA H 302 15.52 -61.14 -31.19
N PHE H 303 14.32 -61.16 -31.76
CA PHE H 303 14.14 -61.42 -33.18
C PHE H 303 14.45 -60.18 -34.02
N LEU H 304 13.85 -59.06 -33.65
CA LEU H 304 14.04 -57.81 -34.38
C LEU H 304 15.43 -57.23 -34.13
N GLU H 305 16.08 -57.70 -33.08
CA GLU H 305 17.47 -57.32 -32.81
C GLU H 305 18.43 -58.07 -33.73
N LYS H 306 18.18 -59.36 -33.94
CA LYS H 306 19.01 -60.18 -34.81
C LYS H 306 19.04 -59.65 -36.24
N LEU H 307 18.02 -58.88 -36.60
CA LEU H 307 17.94 -58.31 -37.94
C LEU H 307 18.57 -56.92 -38.01
N GLY H 308 18.85 -56.35 -36.83
CA GLY H 308 19.55 -55.07 -36.76
C GLY H 308 18.66 -53.93 -36.31
N MSE H 309 18.05 -54.10 -35.15
CA MSE H 309 17.28 -53.02 -34.52
C MSE H 309 17.25 -53.21 -33.01
O MSE H 309 16.72 -54.21 -32.51
CB MSE H 309 15.84 -53.02 -35.05
CG MSE H 309 15.73 -52.76 -36.54
SE MSE H 309 14.01 -53.35 -37.25
CE MSE H 309 14.50 -55.13 -37.86
N ASN H 310 17.82 -52.26 -32.28
CA ASN H 310 17.75 -52.27 -30.83
C ASN H 310 16.33 -52.53 -30.33
N THR H 311 16.20 -53.40 -29.34
CA THR H 311 14.93 -53.62 -28.67
C THR H 311 14.91 -52.94 -27.31
N SER H 312 13.70 -52.72 -26.78
CA SER H 312 13.53 -52.05 -25.50
C SER H 312 12.17 -52.39 -24.93
N PRO H 313 12.15 -53.17 -23.83
CA PRO H 313 13.34 -53.70 -23.19
C PRO H 313 14.02 -54.75 -24.05
N ALA H 314 15.30 -55.00 -23.78
CA ALA H 314 15.99 -56.16 -24.34
C ALA H 314 15.30 -57.45 -23.92
N TRP H 315 15.52 -58.52 -24.68
CA TRP H 315 14.81 -59.77 -24.47
C TRP H 315 15.15 -60.42 -23.14
N ASN H 316 16.40 -60.27 -22.72
CA ASN H 316 16.89 -60.93 -21.51
C ASN H 316 16.86 -60.03 -20.27
N ALA H 317 16.20 -58.89 -20.40
CA ALA H 317 16.07 -57.95 -19.29
C ALA H 317 14.85 -58.27 -18.45
N PRO H 318 15.03 -58.40 -17.13
CA PRO H 318 13.92 -58.61 -16.21
C PRO H 318 12.82 -57.59 -16.44
N ARG H 319 11.61 -58.07 -16.72
CA ARG H 319 10.50 -57.21 -17.07
C ARG H 319 9.45 -57.20 -15.96
N THR H 320 8.91 -56.02 -15.68
CA THR H 320 7.88 -55.88 -14.66
C THR H 320 6.53 -55.59 -15.30
N ASP H 321 6.48 -55.57 -16.63
CA ASP H 321 5.24 -55.39 -17.36
C ASP H 321 5.36 -55.86 -18.81
N LEU H 322 4.38 -55.48 -19.64
CA LEU H 322 4.28 -56.01 -20.99
C LEU H 322 4.50 -54.93 -22.04
N ILE H 323 5.29 -53.93 -21.70
CA ILE H 323 5.68 -52.89 -22.66
C ILE H 323 6.94 -53.30 -23.42
N GLN H 324 6.94 -53.03 -24.72
CA GLN H 324 8.07 -53.38 -25.59
C GLN H 324 8.15 -52.45 -26.79
N SER H 325 9.36 -52.15 -27.24
CA SER H 325 9.55 -51.28 -28.40
C SER H 325 10.73 -51.73 -29.26
N VAL H 326 10.80 -51.17 -30.48
CA VAL H 326 11.93 -51.43 -31.38
C VAL H 326 12.26 -50.20 -32.22
N GLN H 327 13.53 -50.09 -32.64
CA GLN H 327 13.99 -48.93 -33.40
C GLN H 327 14.29 -49.29 -34.85
N PHE H 328 13.43 -48.84 -35.75
CA PHE H 328 13.55 -49.18 -37.17
C PHE H 328 14.59 -48.31 -37.88
N ASP H 329 15.07 -47.29 -37.18
CA ASP H 329 16.13 -46.43 -37.70
C ASP H 329 15.72 -45.78 -39.02
N ASP H 330 14.43 -45.83 -39.35
CA ASP H 330 13.94 -45.32 -40.62
C ASP H 330 12.42 -45.16 -40.63
N LYS H 331 11.94 -44.13 -41.32
CA LYS H 331 10.52 -43.86 -41.44
C LYS H 331 9.81 -44.95 -42.26
N ASP H 332 10.21 -45.08 -43.52
CA ASP H 332 9.55 -46.01 -44.43
C ASP H 332 9.48 -47.42 -43.85
N ARG H 333 10.60 -47.87 -43.28
CA ARG H 333 10.67 -49.20 -42.68
C ARG H 333 9.67 -49.35 -41.54
N MSE H 334 9.68 -48.40 -40.63
CA MSE H 334 8.82 -48.44 -39.44
C MSE H 334 7.35 -48.60 -39.81
O MSE H 334 6.67 -49.49 -39.32
CB MSE H 334 9.02 -47.18 -38.59
CG MSE H 334 8.02 -47.00 -37.48
SE MSE H 334 8.08 -45.19 -36.75
CE MSE H 334 6.97 -45.47 -35.16
N ILE H 335 6.88 -47.72 -40.68
CA ILE H 335 5.50 -47.78 -41.16
C ILE H 335 5.17 -49.15 -41.75
N ALA H 336 6.03 -49.62 -42.64
CA ALA H 336 5.82 -50.91 -43.31
C ALA H 336 5.59 -52.03 -42.29
N PHE H 337 6.34 -51.98 -41.19
CA PHE H 337 6.24 -53.00 -40.15
C PHE H 337 4.94 -52.86 -39.36
N CYS H 338 4.60 -51.64 -38.97
CA CYS H 338 3.36 -51.39 -38.23
C CYS H 338 2.14 -51.84 -39.04
N GLN H 339 2.14 -51.52 -40.33
CA GLN H 339 1.08 -51.97 -41.23
C GLN H 339 1.03 -53.49 -41.33
N ALA H 340 2.21 -54.11 -41.44
CA ALA H 340 2.31 -55.56 -41.51
C ALA H 340 1.85 -56.21 -40.21
N ILE H 341 1.75 -55.42 -39.15
CA ILE H 341 1.29 -55.89 -37.86
C ILE H 341 -0.22 -55.69 -37.72
N GLN H 342 -0.72 -54.62 -38.32
CA GLN H 342 -2.16 -54.45 -38.49
C GLN H 342 -2.73 -55.54 -39.39
N TYR H 343 -1.98 -55.89 -40.43
CA TYR H 343 -2.45 -56.82 -41.45
C TYR H 343 -2.29 -58.27 -41.00
N ALA H 344 -1.66 -58.46 -39.84
CA ALA H 344 -1.55 -59.78 -39.24
C ALA H 344 -2.42 -59.87 -37.99
N SER H 345 -3.41 -58.99 -37.92
CA SER H 345 -4.35 -58.97 -36.81
C SER H 345 -5.69 -59.57 -37.20
N PRO H 346 -6.34 -60.28 -36.26
CA PRO H 346 -7.54 -61.07 -36.54
C PRO H 346 -8.67 -60.22 -37.08
N ILE H 347 -9.04 -59.17 -36.35
CA ILE H 347 -10.01 -58.21 -36.84
C ILE H 347 -9.33 -57.05 -37.56
N ASN H 348 -9.96 -56.60 -38.65
CA ASN H 348 -9.64 -55.30 -39.27
C ASN H 348 -8.44 -55.29 -40.22
N SER H 349 -8.17 -56.42 -40.86
CA SER H 349 -6.95 -56.61 -41.65
C SER H 349 -6.78 -55.59 -42.77
N HIS H 350 -7.89 -54.98 -43.20
CA HIS H 350 -7.89 -54.17 -44.42
C HIS H 350 -7.98 -52.68 -44.09
N PHE H 351 -8.12 -52.36 -42.81
CA PHE H 351 -8.02 -50.98 -42.34
C PHE H 351 -6.56 -50.56 -42.26
N THR H 352 -5.86 -50.65 -43.39
CA THR H 352 -4.42 -50.40 -43.43
C THR H 352 -4.09 -49.06 -42.81
N PRO H 353 -3.05 -49.02 -41.97
CA PRO H 353 -2.63 -47.79 -41.32
C PRO H 353 -1.53 -47.07 -42.11
N TYR H 354 -1.58 -45.74 -42.12
CA TYR H 354 -0.36 -44.95 -42.27
C TYR H 354 -0.33 -43.72 -41.35
N ALA H 355 0.44 -42.71 -41.77
CA ALA H 355 0.76 -41.58 -40.89
C ALA H 355 -0.33 -40.51 -40.97
N ASN H 356 -0.62 -39.91 -39.82
CA ASN H 356 -1.57 -38.80 -39.76
C ASN H 356 -1.41 -37.94 -38.51
N TYR H 357 -2.00 -36.75 -38.56
CA TYR H 357 -1.87 -35.78 -37.46
C TYR H 357 -2.46 -36.33 -36.17
N MSE H 358 -1.87 -35.92 -35.04
CA MSE H 358 -2.41 -36.27 -33.73
C MSE H 358 -2.33 -35.09 -32.77
O MSE H 358 -1.25 -34.54 -32.54
CB MSE H 358 -1.66 -37.47 -33.15
CG MSE H 358 -2.20 -37.96 -31.80
SE MSE H 358 -3.98 -38.74 -31.92
CE MSE H 358 -3.70 -40.29 -30.75
N PRO H 359 -3.49 -34.68 -32.22
CA PRO H 359 -3.60 -33.54 -31.32
C PRO H 359 -2.61 -33.62 -30.16
N GLY H 360 -1.86 -32.53 -29.96
CA GLY H 360 -0.90 -32.47 -28.87
C GLY H 360 0.53 -32.62 -29.34
N TYR H 361 0.85 -33.78 -29.90
CA TYR H 361 2.23 -34.12 -30.26
C TYR H 361 2.58 -33.60 -31.65
N GLU H 362 3.86 -33.28 -31.84
CA GLU H 362 4.30 -32.61 -33.05
C GLU H 362 4.50 -33.59 -34.21
N ASP H 363 5.13 -34.72 -33.90
CA ASP H 363 5.32 -35.76 -34.90
C ASP H 363 4.01 -36.50 -35.16
N ASP H 364 3.85 -36.98 -36.39
CA ASP H 364 2.72 -37.81 -36.75
C ASP H 364 2.75 -39.11 -35.96
N VAL H 365 1.72 -39.93 -36.13
CA VAL H 365 1.69 -41.27 -35.55
C VAL H 365 1.52 -42.35 -36.61
N ILE H 366 1.94 -43.56 -36.27
CA ILE H 366 1.58 -44.75 -37.04
C ILE H 366 1.06 -45.83 -36.10
N MSE H 367 -0.26 -45.92 -35.99
CA MSE H 367 -0.89 -46.85 -35.06
C MSE H 367 -1.56 -48.00 -35.80
O MSE H 367 -2.15 -47.81 -36.86
CB MSE H 367 -1.90 -46.14 -34.17
CG MSE H 367 -1.33 -44.95 -33.40
SE MSE H 367 -2.69 -43.93 -32.45
CE MSE H 367 -2.34 -44.56 -30.64
N ALA H 368 -1.43 -49.20 -35.25
CA ALA H 368 -2.09 -50.37 -35.82
C ALA H 368 -2.77 -51.20 -34.75
N ALA H 369 -4.11 -51.25 -34.80
CA ALA H 369 -4.89 -51.96 -33.80
C ALA H 369 -5.85 -52.95 -34.45
N GLY H 370 -5.56 -54.24 -34.32
CA GLY H 370 -6.49 -55.29 -34.71
C GLY H 370 -7.00 -56.04 -33.49
N THR H 371 -7.87 -55.39 -32.73
CA THR H 371 -8.34 -55.93 -31.47
C THR H 371 -9.81 -56.33 -31.53
N PHE H 372 -10.22 -57.22 -30.64
CA PHE H 372 -11.63 -57.55 -30.48
C PHE H 372 -12.36 -56.47 -29.70
N ILE H 373 -11.66 -55.86 -28.74
CA ILE H 373 -12.23 -54.81 -27.90
C ILE H 373 -11.50 -53.50 -28.11
N GLN H 374 -12.21 -52.49 -28.61
CA GLN H 374 -11.60 -51.18 -28.84
C GLN H 374 -10.66 -50.81 -27.70
N GLY H 375 -9.37 -50.77 -28.01
CA GLY H 375 -8.38 -50.15 -27.13
C GLY H 375 -7.77 -51.12 -26.14
N ALA H 376 -8.23 -52.37 -26.18
CA ALA H 376 -7.75 -53.39 -25.26
C ALA H 376 -6.30 -53.75 -25.56
N SER H 377 -5.37 -53.17 -24.83
CA SER H 377 -3.95 -53.24 -25.18
C SER H 377 -3.27 -54.47 -24.58
N ILE H 378 -4.07 -55.43 -24.11
CA ILE H 378 -3.57 -56.76 -23.79
C ILE H 378 -3.48 -57.62 -25.05
N GLU H 379 -3.82 -57.03 -26.18
CA GLU H 379 -3.63 -57.67 -27.48
C GLU H 379 -2.47 -57.04 -28.23
N LEU H 380 -1.99 -57.71 -29.27
CA LEU H 380 -0.87 -57.22 -30.06
C LEU H 380 -1.23 -55.94 -30.81
N SER H 381 -0.37 -54.94 -30.71
CA SER H 381 -0.58 -53.67 -31.41
C SER H 381 0.74 -53.00 -31.76
N ALA H 382 0.68 -52.00 -32.64
CA ALA H 382 1.87 -51.30 -33.10
C ALA H 382 1.60 -49.80 -33.27
N ASP H 383 2.51 -48.98 -32.74
CA ASP H 383 2.32 -47.54 -32.76
C ASP H 383 3.59 -46.81 -32.28
N GLY H 384 3.77 -45.59 -32.77
CA GLY H 384 4.89 -44.76 -32.35
C GLY H 384 5.04 -43.50 -33.18
N PRO H 385 5.60 -42.43 -32.58
CA PRO H 385 5.80 -41.16 -33.26
C PRO H 385 6.80 -41.29 -34.41
N ILE H 386 6.53 -40.60 -35.51
CA ILE H 386 7.41 -40.64 -36.67
C ILE H 386 8.58 -39.68 -36.53
N ARG H 387 9.47 -40.00 -35.59
CA ARG H 387 10.65 -39.19 -35.32
C ARG H 387 11.86 -40.09 -35.06
N PRO H 388 13.04 -39.66 -35.53
CA PRO H 388 14.27 -40.40 -35.32
C PRO H 388 14.52 -40.73 -33.85
N PRO H 389 14.97 -41.95 -33.56
CA PRO H 389 15.32 -42.95 -34.57
C PRO H 389 14.14 -43.85 -34.93
N TYR H 390 12.95 -43.25 -35.03
CA TYR H 390 11.77 -43.98 -35.50
C TYR H 390 11.55 -45.26 -34.72
N VAL H 391 11.33 -45.11 -33.42
CA VAL H 391 11.02 -46.23 -32.54
C VAL H 391 9.52 -46.51 -32.55
N ALA H 392 9.16 -47.78 -32.49
CA ALA H 392 7.76 -48.18 -32.40
C ALA H 392 7.53 -49.16 -31.25
N TYR H 393 6.29 -49.20 -30.76
CA TYR H 393 5.93 -50.09 -29.67
C TYR H 393 5.16 -51.31 -30.17
N VAL H 394 5.65 -52.50 -29.85
CA VAL H 394 5.08 -53.74 -30.34
C VAL H 394 4.88 -54.72 -29.17
N GLN H 395 3.67 -54.71 -28.61
CA GLN H 395 3.44 -55.33 -27.31
C GLN H 395 2.07 -56.01 -27.24
N GLY H 396 1.91 -56.88 -26.25
CA GLY H 396 0.64 -57.54 -26.02
C GLY H 396 0.42 -58.73 -26.93
N GLY H 397 -0.73 -59.39 -26.76
CA GLY H 397 -1.08 -60.54 -27.60
C GLY H 397 -1.79 -61.61 -26.80
N LEU H 398 -2.98 -62.00 -27.27
CA LEU H 398 -3.82 -62.95 -26.54
C LEU H 398 -3.16 -64.32 -26.44
N THR H 399 -2.49 -64.72 -27.51
CA THR H 399 -1.73 -65.97 -27.52
C THR H 399 -0.34 -65.73 -28.09
N TYR H 400 0.68 -66.27 -27.41
CA TYR H 400 2.04 -66.21 -27.91
C TYR H 400 2.09 -66.50 -29.41
N SER H 401 1.58 -67.67 -29.79
CA SER H 401 1.54 -68.07 -31.19
C SER H 401 1.20 -66.89 -32.09
N HIS H 402 0.25 -66.06 -31.66
CA HIS H 402 -0.15 -64.90 -32.45
C HIS H 402 0.99 -63.91 -32.62
N VAL H 403 1.68 -63.59 -31.53
CA VAL H 403 2.78 -62.65 -31.59
C VAL H 403 3.86 -63.19 -32.53
N LYS H 404 4.11 -64.50 -32.44
CA LYS H 404 5.10 -65.14 -33.31
C LYS H 404 4.69 -65.02 -34.78
N ILE H 405 3.47 -65.43 -35.10
CA ILE H 405 2.99 -65.35 -36.46
C ILE H 405 3.07 -63.92 -36.99
N ALA H 406 2.49 -62.99 -36.22
CA ALA H 406 2.30 -61.63 -36.69
C ALA H 406 3.63 -60.99 -37.10
N ILE H 407 4.46 -60.69 -36.12
CA ILE H 407 5.75 -60.03 -36.38
C ILE H 407 6.52 -60.75 -37.47
N CYS H 408 6.59 -62.07 -37.36
CA CYS H 408 7.17 -62.91 -38.40
C CYS H 408 6.60 -62.57 -39.78
N SER H 409 5.30 -62.36 -39.84
CA SER H 409 4.64 -61.93 -41.07
C SER H 409 4.96 -60.47 -41.40
N ALA H 410 5.50 -59.75 -40.42
CA ALA H 410 5.88 -58.35 -40.61
C ALA H 410 7.31 -58.23 -41.12
N ILE H 411 8.22 -58.94 -40.46
CA ILE H 411 9.61 -58.99 -40.89
C ILE H 411 9.73 -59.51 -42.33
N ASP H 412 8.61 -60.03 -42.84
CA ASP H 412 8.59 -60.69 -44.13
C ASP H 412 8.54 -59.68 -45.28
N GLU H 413 8.86 -58.43 -45.00
CA GLU H 413 8.53 -57.34 -45.92
C GLU H 413 9.59 -56.25 -46.09
N LEU H 414 9.89 -55.51 -45.01
CA LEU H 414 10.51 -54.19 -45.14
C LEU H 414 12.03 -54.22 -45.39
N ILE H 415 12.74 -54.98 -44.56
CA ILE H 415 14.21 -54.91 -44.51
C ILE H 415 14.84 -54.93 -45.90
#